data_4DF9
#
_entry.id   4DF9
#
_cell.length_a   238.730
_cell.length_b   92.820
_cell.length_c   173.890
_cell.angle_alpha   90.000
_cell.angle_beta   125.260
_cell.angle_gamma   90.000
#
_symmetry.space_group_name_H-M   'C 1 2 1'
#
loop_
_entity.id
_entity.type
_entity.pdbx_description
1 polymer 'putative peptidase'
2 non-polymer 'SODIUM ION'
3 non-polymer 'ZINC ION'
4 non-polymer 'NONAETHYLENE GLYCOL'
5 non-polymer 'PHOSPHATE ION'
6 non-polymer GLYCEROL
7 non-polymer 'CHLORIDE ION'
8 water water
#
_entity_poly.entity_id   1
_entity_poly.type   'polypeptide(L)'
_entity_poly.pdbx_seq_one_letter_code
;GAQNFSDYFTNKTLRIDYLFTGNADKQSICLDELSELPVWAGRRHHLSELPLEGNGQIV(MSE)RDVASGKVIYTTSFSS
LFQEWLETDEAKEVTKGFENTYLLPYPIKPAEVEITLRNNKREVSANLKHVVKPDDILIHKKGLTHITPHKYLLKSGNEE
QCIDVAILAEGYTTSE(MSE)ETFYKDAAIACEALFSHEPFQS(MSE)KNRFNIVAVASPSADSGVSAPKQGAWKHTAFG
SHFDTFYSDRYLTTSRVKAINDALAGIPYEHIIILANTEQYGGGGIYNAFTLTTAHHPNFRPVVVHEFGHSFGGLADEYF
YDEDV(MSE)NGLYPLNIEPWEQNITTRINFASKWED(MSE)LTKTTPVPTPVADKAKYPIGVYEGGGYSAKGIYRPAFD
CR(MSE)RTNEYPTFCPVCQRAIQRIIEFYTGK
;
_entity_poly.pdbx_strand_id   A,B,C,D,E,F
#
loop_
_chem_comp.id
_chem_comp.type
_chem_comp.name
_chem_comp.formula
2PE non-polymer 'NONAETHYLENE GLYCOL' 'C18 H38 O10'
CL non-polymer 'CHLORIDE ION' 'Cl -1'
GOL non-polymer GLYCEROL 'C3 H8 O3'
NA non-polymer 'SODIUM ION' 'Na 1'
PO4 non-polymer 'PHOSPHATE ION' 'O4 P -3'
ZN non-polymer 'ZINC ION' 'Zn 2'
#
# COMPACT_ATOMS: atom_id res chain seq x y z
N ASN A 4 -22.33 43.92 -17.33
CA ASN A 4 -22.02 43.21 -18.58
C ASN A 4 -20.83 42.25 -18.37
N PHE A 5 -20.71 41.23 -19.25
CA PHE A 5 -19.61 40.25 -19.25
C PHE A 5 -18.27 40.98 -19.49
N SER A 6 -18.26 41.88 -20.50
CA SER A 6 -17.11 42.69 -20.90
C SER A 6 -16.61 43.64 -19.81
N ASP A 7 -17.42 43.90 -18.76
CA ASP A 7 -16.99 44.78 -17.67
C ASP A 7 -15.93 44.12 -16.79
N TYR A 8 -15.94 42.79 -16.69
CA TYR A 8 -15.01 42.07 -15.80
C TYR A 8 -14.19 40.99 -16.49
N PHE A 9 -14.62 40.55 -17.67
CA PHE A 9 -13.94 39.42 -18.31
C PHE A 9 -13.50 39.66 -19.73
N THR A 10 -12.54 38.83 -20.13
CA THR A 10 -12.00 38.79 -21.48
C THR A 10 -12.51 37.47 -22.10
N ASN A 11 -12.41 37.32 -23.44
CA ASN A 11 -12.89 36.10 -24.10
C ASN A 11 -11.85 35.00 -23.96
N LYS A 12 -11.63 34.58 -22.72
CA LYS A 12 -10.67 33.55 -22.34
C LYS A 12 -11.20 32.79 -21.15
N THR A 13 -10.63 31.60 -20.91
CA THR A 13 -11.02 30.81 -19.77
C THR A 13 -9.91 30.75 -18.75
N LEU A 14 -10.30 30.92 -17.45
CA LEU A 14 -9.45 30.67 -16.31
C LEU A 14 -9.80 29.27 -15.83
N ARG A 15 -8.93 28.31 -16.14
CA ARG A 15 -9.14 26.94 -15.69
C ARG A 15 -8.47 26.77 -14.33
N ILE A 16 -9.22 26.28 -13.34
CA ILE A 16 -8.68 26.08 -12.00
C ILE A 16 -8.74 24.59 -11.65
N ASP A 17 -7.58 24.03 -11.34
CA ASP A 17 -7.47 22.64 -10.93
C ASP A 17 -7.30 22.63 -9.40
N TYR A 18 -8.20 21.92 -8.72
CA TYR A 18 -8.15 21.79 -7.26
C TYR A 18 -7.91 20.36 -6.87
N LEU A 19 -7.52 20.17 -5.62
CA LEU A 19 -7.43 18.86 -5.03
C LEU A 19 -8.36 18.87 -3.84
N PHE A 20 -9.27 17.92 -3.80
CA PHE A 20 -10.20 17.75 -2.68
C PHE A 20 -9.63 16.61 -1.89
N THR A 21 -9.34 16.86 -0.61
CA THR A 21 -8.71 15.83 0.20
C THR A 21 -9.42 15.65 1.51
N GLY A 22 -9.26 14.49 2.09
CA GLY A 22 -9.82 14.23 3.40
C GLY A 22 -10.29 12.82 3.61
N ASN A 23 -11.12 12.69 4.62
CA ASN A 23 -11.72 11.43 5.04
C ASN A 23 -13.16 11.76 5.48
N ALA A 24 -13.89 10.78 6.02
CA ALA A 24 -15.26 10.94 6.46
C ALA A 24 -15.40 12.00 7.58
N ASP A 25 -14.35 12.19 8.40
CA ASP A 25 -14.37 13.15 9.50
C ASP A 25 -14.08 14.59 9.06
N LYS A 26 -13.05 14.83 8.23
CA LYS A 26 -12.68 16.18 7.81
C LYS A 26 -12.27 16.24 6.34
N GLN A 27 -12.65 17.33 5.65
CA GLN A 27 -12.32 17.55 4.26
C GLN A 27 -11.65 18.90 4.06
N SER A 28 -10.83 19.01 3.02
CA SER A 28 -10.10 20.22 2.68
CA SER A 28 -10.11 20.23 2.69
C SER A 28 -10.02 20.40 1.17
N ILE A 29 -9.78 21.64 0.74
CA ILE A 29 -9.61 22.00 -0.66
C ILE A 29 -8.27 22.72 -0.75
N CYS A 30 -7.48 22.40 -1.75
CA CYS A 30 -6.26 23.16 -2.01
C CYS A 30 -6.15 23.37 -3.51
N LEU A 31 -5.43 24.42 -3.88
CA LEU A 31 -5.20 24.75 -5.27
C LEU A 31 -4.11 23.85 -5.85
N ASP A 32 -4.34 23.34 -7.05
CA ASP A 32 -3.35 22.53 -7.73
C ASP A 32 -2.62 23.42 -8.77
N GLU A 33 -3.36 23.98 -9.73
CA GLU A 33 -2.82 24.80 -10.80
C GLU A 33 -3.87 25.70 -11.41
N LEU A 34 -3.42 26.85 -11.92
CA LEU A 34 -4.20 27.82 -12.69
C LEU A 34 -3.75 27.75 -14.14
N SER A 35 -4.68 27.71 -15.08
CA SER A 35 -4.38 27.68 -16.50
C SER A 35 -5.25 28.67 -17.25
N GLU A 36 -4.84 29.02 -18.47
CA GLU A 36 -5.60 29.88 -19.36
C GLU A 36 -5.91 29.14 -20.66
N LEU A 37 -7.18 29.17 -21.09
CA LEU A 37 -7.63 28.55 -22.35
C LEU A 37 -8.00 29.68 -23.33
N PRO A 38 -7.80 29.49 -24.66
CA PRO A 38 -7.96 30.61 -25.62
C PRO A 38 -9.34 31.26 -25.76
N VAL A 39 -10.46 30.59 -25.43
CA VAL A 39 -11.80 31.23 -25.56
C VAL A 39 -12.62 30.93 -24.31
N TRP A 40 -13.67 31.74 -24.07
CA TRP A 40 -14.65 31.46 -23.03
C TRP A 40 -15.86 30.84 -23.74
N ALA A 41 -16.11 29.53 -23.52
CA ALA A 41 -17.23 28.84 -24.17
C ALA A 41 -18.52 28.84 -23.33
N GLY A 42 -18.44 29.35 -22.09
CA GLY A 42 -19.59 29.40 -21.18
C GLY A 42 -20.56 30.53 -21.42
N ARG A 43 -21.48 30.75 -20.45
CA ARG A 43 -22.53 31.74 -20.54
C ARG A 43 -22.00 33.17 -20.37
N ARG A 44 -22.79 34.14 -20.86
CA ARG A 44 -22.44 35.56 -20.78
C ARG A 44 -23.55 36.36 -20.08
N HIS A 45 -24.57 35.66 -19.55
CA HIS A 45 -25.70 36.23 -18.83
C HIS A 45 -25.97 35.42 -17.58
N HIS A 46 -26.75 35.95 -16.62
CA HIS A 46 -27.08 35.31 -15.33
C HIS A 46 -25.77 34.89 -14.64
N LEU A 47 -24.76 35.76 -14.71
CA LEU A 47 -23.41 35.47 -14.24
C LEU A 47 -23.33 35.31 -12.72
N SER A 48 -24.23 35.97 -11.96
CA SER A 48 -24.25 35.90 -10.51
C SER A 48 -25.36 34.97 -9.98
N GLU A 49 -26.00 34.19 -10.87
CA GLU A 49 -27.07 33.25 -10.51
C GLU A 49 -26.66 31.82 -10.78
N LEU A 50 -27.25 30.89 -10.02
CA LEU A 50 -27.04 29.48 -10.17
C LEU A 50 -28.28 28.82 -10.75
N PRO A 51 -28.17 27.91 -11.76
CA PRO A 51 -29.38 27.21 -12.24
C PRO A 51 -29.84 26.14 -11.23
N LEU A 52 -28.87 25.57 -10.47
CA LEU A 52 -29.03 24.50 -9.46
C LEU A 52 -28.03 24.71 -8.36
N GLU A 53 -28.34 24.22 -7.14
CA GLU A 53 -27.43 24.41 -6.00
C GLU A 53 -26.14 23.58 -6.13
N GLY A 54 -26.26 22.32 -6.57
CA GLY A 54 -25.14 21.39 -6.62
C GLY A 54 -24.74 20.95 -5.22
N ASN A 55 -23.78 20.02 -5.11
CA ASN A 55 -23.23 19.59 -3.82
C ASN A 55 -22.03 20.51 -3.42
N GLY A 56 -21.63 21.35 -4.36
CA GLY A 56 -20.54 22.30 -4.20
C GLY A 56 -20.76 23.52 -5.05
N GLN A 57 -20.24 24.69 -4.62
CA GLN A 57 -20.43 25.96 -5.33
C GLN A 57 -19.11 26.74 -5.46
N ILE A 58 -18.99 27.52 -6.55
CA ILE A 58 -17.86 28.42 -6.79
C ILE A 58 -18.41 29.82 -6.96
N VAL A 59 -17.83 30.79 -6.26
CA VAL A 59 -18.23 32.18 -6.36
C VAL A 59 -16.99 32.99 -6.64
N MSE A 60 -17.04 33.76 -7.74
CA MSE A 60 -15.93 34.64 -8.13
C MSE A 60 -16.37 36.07 -7.85
O MSE A 60 -17.47 36.49 -8.26
CB MSE A 60 -15.56 34.42 -9.60
CG MSE A 60 -14.38 35.23 -10.06
SE MSE A 60 -14.03 34.82 -11.91
CE MSE A 60 -12.20 34.59 -11.73
N ARG A 61 -15.54 36.80 -7.12
CA ARG A 61 -15.81 38.19 -6.76
C ARG A 61 -14.72 39.11 -7.27
N ASP A 62 -15.10 40.31 -7.69
CA ASP A 62 -14.13 41.32 -8.09
C ASP A 62 -13.44 41.81 -6.80
N VAL A 63 -12.09 41.76 -6.72
CA VAL A 63 -11.35 42.16 -5.52
C VAL A 63 -11.65 43.62 -5.13
N ALA A 64 -11.57 44.57 -6.09
CA ALA A 64 -11.79 46.00 -5.82
C ALA A 64 -13.18 46.33 -5.24
N SER A 65 -14.26 45.80 -5.86
CA SER A 65 -15.63 46.10 -5.43
C SER A 65 -16.24 45.07 -4.48
N GLY A 66 -15.71 43.84 -4.49
CA GLY A 66 -16.25 42.74 -3.68
C GLY A 66 -17.52 42.14 -4.26
N LYS A 67 -17.94 42.60 -5.46
CA LYS A 67 -19.14 42.17 -6.16
C LYS A 67 -18.98 40.78 -6.79
N VAL A 68 -20.06 39.96 -6.76
CA VAL A 68 -20.09 38.63 -7.40
C VAL A 68 -20.07 38.88 -8.89
N ILE A 69 -19.09 38.29 -9.60
CA ILE A 69 -18.98 38.49 -11.05
C ILE A 69 -19.20 37.16 -11.81
N TYR A 70 -19.07 36.02 -11.13
CA TYR A 70 -19.34 34.71 -11.72
C TYR A 70 -19.62 33.69 -10.66
N THR A 71 -20.49 32.72 -10.99
CA THR A 71 -20.79 31.61 -10.11
C THR A 71 -21.17 30.39 -10.91
N THR A 72 -20.79 29.21 -10.39
CA THR A 72 -21.16 27.91 -10.94
C THR A 72 -21.28 26.92 -9.78
N SER A 73 -21.92 25.78 -10.02
CA SER A 73 -22.11 24.74 -9.02
C SER A 73 -21.91 23.38 -9.68
N PHE A 74 -21.75 22.35 -8.85
CA PHE A 74 -21.33 21.03 -9.31
C PHE A 74 -21.51 20.00 -8.21
N SER A 75 -21.15 18.76 -8.53
CA SER A 75 -21.01 17.63 -7.60
C SER A 75 -19.67 16.99 -7.94
N SER A 76 -19.19 16.01 -7.14
CA SER A 76 -17.87 15.42 -7.38
C SER A 76 -17.79 13.95 -6.96
N LEU A 77 -16.82 13.22 -7.56
CA LEU A 77 -16.55 11.83 -7.22
C LEU A 77 -16.06 11.76 -5.76
N PHE A 78 -15.30 12.78 -5.32
CA PHE A 78 -14.80 12.88 -3.95
C PHE A 78 -15.94 12.80 -2.93
N GLN A 79 -17.03 13.58 -3.13
CA GLN A 79 -18.17 13.62 -2.23
C GLN A 79 -18.88 12.25 -2.15
N GLU A 80 -18.80 11.43 -3.22
CA GLU A 80 -19.32 10.05 -3.22
C GLU A 80 -18.38 9.13 -2.45
N TRP A 81 -17.05 9.30 -2.63
CA TRP A 81 -16.04 8.50 -1.94
C TRP A 81 -16.16 8.68 -0.41
N LEU A 82 -16.56 9.89 0.04
CA LEU A 82 -16.74 10.22 1.47
C LEU A 82 -17.77 9.32 2.13
N GLU A 83 -18.68 8.76 1.34
CA GLU A 83 -19.76 7.89 1.81
C GLU A 83 -19.32 6.41 1.82
N THR A 84 -18.07 6.08 1.41
CA THR A 84 -17.59 4.70 1.39
C THR A 84 -16.86 4.33 2.69
N ASP A 85 -16.67 3.02 2.97
CA ASP A 85 -16.00 2.50 4.16
C ASP A 85 -14.54 2.93 4.21
N GLU A 86 -13.89 3.04 3.01
CA GLU A 86 -12.48 3.44 2.91
CA GLU A 86 -12.48 3.46 2.89
C GLU A 86 -12.26 4.82 3.54
N ALA A 87 -13.25 5.76 3.39
CA ALA A 87 -13.17 7.15 3.92
C ALA A 87 -13.14 7.18 5.46
N LYS A 88 -13.46 6.06 6.13
CA LYS A 88 -13.40 5.95 7.58
C LYS A 88 -12.03 5.45 8.03
N GLU A 89 -11.19 4.97 7.09
CA GLU A 89 -9.89 4.36 7.38
C GLU A 89 -8.69 5.13 6.84
N VAL A 90 -8.87 5.90 5.75
CA VAL A 90 -7.73 6.62 5.17
C VAL A 90 -8.16 7.97 4.60
N THR A 91 -7.18 8.87 4.46
CA THR A 91 -7.30 10.18 3.88
C THR A 91 -6.82 10.06 2.42
N LYS A 92 -7.69 10.46 1.45
CA LYS A 92 -7.44 10.41 0.00
CA LYS A 92 -7.38 10.41 0.01
C LYS A 92 -7.64 11.77 -0.67
N GLY A 93 -7.04 11.94 -1.84
CA GLY A 93 -7.10 13.15 -2.64
C GLY A 93 -7.67 12.92 -4.02
N PHE A 94 -8.39 13.90 -4.54
CA PHE A 94 -9.06 13.81 -5.84
C PHE A 94 -8.87 15.08 -6.62
N GLU A 95 -8.60 14.93 -7.93
CA GLU A 95 -8.47 16.05 -8.86
C GLU A 95 -9.86 16.52 -9.27
N ASN A 96 -10.06 17.85 -9.34
CA ASN A 96 -11.31 18.49 -9.76
C ASN A 96 -10.95 19.76 -10.52
N THR A 97 -11.57 19.96 -11.68
CA THR A 97 -11.29 21.10 -12.56
C THR A 97 -12.55 21.92 -12.78
N TYR A 98 -12.41 23.25 -12.78
CA TYR A 98 -13.52 24.17 -13.00
C TYR A 98 -13.09 25.24 -13.98
N LEU A 99 -14.00 25.60 -14.89
CA LEU A 99 -13.76 26.62 -15.92
C LEU A 99 -14.50 27.88 -15.53
N LEU A 100 -13.78 28.98 -15.44
CA LEU A 100 -14.34 30.29 -15.11
C LEU A 100 -13.97 31.28 -16.19
N PRO A 101 -14.75 32.36 -16.42
CA PRO A 101 -14.31 33.37 -17.42
C PRO A 101 -13.05 34.09 -16.90
N TYR A 102 -12.09 34.41 -17.79
CA TYR A 102 -10.82 35.00 -17.40
C TYR A 102 -11.00 36.47 -17.00
N PRO A 103 -10.64 36.85 -15.75
CA PRO A 103 -10.89 38.23 -15.31
C PRO A 103 -9.87 39.25 -15.86
N ILE A 104 -10.31 40.50 -16.03
CA ILE A 104 -9.44 41.61 -16.48
C ILE A 104 -8.59 42.08 -15.29
N LYS A 105 -9.21 42.16 -14.11
CA LYS A 105 -8.59 42.63 -12.87
C LYS A 105 -8.56 41.50 -11.81
N PRO A 106 -7.75 41.61 -10.72
CA PRO A 106 -7.73 40.54 -9.71
C PRO A 106 -9.13 40.14 -9.23
N ALA A 107 -9.32 38.84 -9.08
CA ALA A 107 -10.58 38.28 -8.62
C ALA A 107 -10.34 37.33 -7.48
N GLU A 108 -11.30 37.27 -6.56
CA GLU A 108 -11.23 36.35 -5.44
C GLU A 108 -12.17 35.19 -5.73
N VAL A 109 -11.62 33.98 -5.73
CA VAL A 109 -12.39 32.78 -6.00
C VAL A 109 -12.67 32.07 -4.68
N GLU A 110 -13.92 31.72 -4.43
CA GLU A 110 -14.28 30.98 -3.25
C GLU A 110 -14.99 29.70 -3.67
N ILE A 111 -14.41 28.54 -3.32
CA ILE A 111 -14.99 27.24 -3.63
C ILE A 111 -15.45 26.62 -2.30
N THR A 112 -16.69 26.11 -2.27
CA THR A 112 -17.32 25.53 -1.10
C THR A 112 -17.89 24.15 -1.39
N LEU A 113 -17.66 23.19 -0.49
CA LEU A 113 -18.28 21.87 -0.54
C LEU A 113 -19.29 21.80 0.57
N ARG A 114 -20.42 21.14 0.31
CA ARG A 114 -21.47 20.95 1.30
C ARG A 114 -21.68 19.48 1.57
N ASN A 115 -22.09 19.14 2.80
CA ASN A 115 -22.37 17.77 3.20
C ASN A 115 -23.86 17.47 2.94
N ASN A 116 -24.32 16.27 3.30
CA ASN A 116 -25.72 15.83 3.08
C ASN A 116 -26.76 16.69 3.86
N LYS A 117 -26.33 17.40 4.92
CA LYS A 117 -27.17 18.29 5.71
C LYS A 117 -27.18 19.72 5.10
N ARG A 118 -26.59 19.85 3.90
CA ARG A 118 -26.45 21.04 3.04
C ARG A 118 -25.69 22.15 3.78
N GLU A 119 -24.81 21.76 4.69
CA GLU A 119 -23.98 22.70 5.42
C GLU A 119 -22.53 22.59 4.93
N VAL A 120 -21.76 23.69 5.06
CA VAL A 120 -20.40 23.83 4.57
C VAL A 120 -19.47 22.77 5.20
N SER A 121 -18.80 21.95 4.35
CA SER A 121 -17.92 20.89 4.83
C SER A 121 -16.45 21.15 4.50
N ALA A 122 -16.19 22.04 3.52
CA ALA A 122 -14.86 22.47 3.08
C ALA A 122 -14.99 23.79 2.31
N ASN A 123 -13.99 24.65 2.46
CA ASN A 123 -14.00 25.97 1.85
C ASN A 123 -12.58 26.40 1.52
N LEU A 124 -12.41 27.10 0.39
CA LEU A 124 -11.14 27.70 0.02
C LEU A 124 -11.41 29.02 -0.66
N LYS A 125 -10.77 30.08 -0.18
CA LYS A 125 -10.84 31.42 -0.72
C LYS A 125 -9.43 31.80 -1.16
N HIS A 126 -9.23 32.20 -2.43
CA HIS A 126 -7.92 32.58 -2.94
C HIS A 126 -8.05 33.64 -4.02
N VAL A 127 -7.04 34.49 -4.13
CA VAL A 127 -7.02 35.58 -5.11
C VAL A 127 -6.28 35.12 -6.36
N VAL A 128 -6.86 35.41 -7.51
CA VAL A 128 -6.27 35.14 -8.80
C VAL A 128 -5.91 36.49 -9.44
N LYS A 129 -4.62 36.69 -9.73
CA LYS A 129 -4.13 37.90 -10.38
C LYS A 129 -3.98 37.54 -11.86
N PRO A 130 -4.74 38.20 -12.78
CA PRO A 130 -4.69 37.80 -14.21
C PRO A 130 -3.32 37.90 -14.89
N ASP A 131 -2.39 38.71 -14.36
CA ASP A 131 -1.05 38.87 -14.95
C ASP A 131 0.01 37.96 -14.28
N ASP A 132 -0.43 37.02 -13.41
CA ASP A 132 0.46 36.06 -12.73
C ASP A 132 1.17 35.20 -13.81
N ILE A 133 2.52 35.24 -13.84
CA ILE A 133 3.32 34.53 -14.86
C ILE A 133 3.18 33.00 -14.76
N LEU A 134 2.76 32.48 -13.58
CA LEU A 134 2.64 31.04 -13.35
C LEU A 134 1.24 30.50 -13.74
N ILE A 135 0.38 31.34 -14.36
CA ILE A 135 -0.87 30.86 -14.95
C ILE A 135 -0.45 30.18 -16.27
N HIS A 136 -0.56 28.84 -16.33
CA HIS A 136 -0.15 28.01 -17.45
C HIS A 136 -1.01 28.24 -18.71
N LYS A 137 -0.41 28.74 -19.81
CA LYS A 137 -1.14 28.97 -21.06
C LYS A 137 -1.29 27.64 -21.81
N LYS A 138 -2.55 27.21 -22.06
CA LYS A 138 -2.85 25.93 -22.72
C LYS A 138 -3.73 26.11 -23.96
N GLY A 139 -3.87 25.05 -24.73
CA GLY A 139 -4.73 24.97 -25.92
C GLY A 139 -4.34 25.81 -27.12
N LEU A 140 -3.04 26.08 -27.29
CA LEU A 140 -2.55 26.85 -28.43
C LEU A 140 -1.96 25.92 -29.50
N THR A 141 -1.34 24.80 -29.07
CA THR A 141 -0.69 23.81 -29.92
C THR A 141 -1.08 22.38 -29.50
N HIS A 142 -0.78 21.41 -30.37
CA HIS A 142 -1.01 19.98 -30.16
C HIS A 142 -2.47 19.71 -29.75
N ILE A 143 -3.43 20.40 -30.42
CA ILE A 143 -4.84 20.24 -30.11
C ILE A 143 -5.26 18.86 -30.58
N THR A 144 -5.89 18.08 -29.68
CA THR A 144 -6.30 16.70 -29.97
C THR A 144 -7.16 16.62 -31.23
N PRO A 145 -6.87 15.66 -32.17
CA PRO A 145 -7.70 15.52 -33.37
C PRO A 145 -9.17 15.35 -32.96
N HIS A 146 -10.05 16.04 -33.67
CA HIS A 146 -11.46 16.06 -33.36
C HIS A 146 -12.29 16.33 -34.61
N LYS A 147 -13.60 16.08 -34.52
CA LYS A 147 -14.57 16.36 -35.59
C LYS A 147 -15.85 16.84 -34.96
N TYR A 148 -16.48 17.86 -35.55
CA TYR A 148 -17.78 18.30 -35.09
C TYR A 148 -18.86 17.38 -35.63
N LEU A 149 -19.67 16.81 -34.74
CA LEU A 149 -20.79 15.97 -35.16
C LEU A 149 -22.00 16.85 -35.39
N LEU A 150 -22.01 18.01 -34.71
CA LEU A 150 -23.07 18.99 -34.80
C LEU A 150 -22.52 20.37 -34.52
N LYS A 151 -22.76 21.35 -35.40
CA LYS A 151 -22.35 22.72 -35.11
C LYS A 151 -23.52 23.66 -35.42
N SER A 152 -24.26 24.07 -34.39
CA SER A 152 -25.44 24.92 -34.53
C SER A 152 -25.09 26.40 -34.56
N GLY A 153 -23.94 26.76 -33.99
CA GLY A 153 -23.46 28.14 -33.94
C GLY A 153 -22.12 28.24 -33.27
N ASN A 154 -21.70 29.48 -32.92
CA ASN A 154 -20.40 29.64 -32.27
C ASN A 154 -20.52 29.27 -30.78
N GLU A 155 -19.37 29.08 -30.11
CA GLU A 155 -19.27 28.70 -28.70
C GLU A 155 -19.96 29.70 -27.74
N GLU A 156 -20.17 30.94 -28.18
CA GLU A 156 -20.79 31.97 -27.35
C GLU A 156 -22.32 31.90 -27.35
N GLN A 157 -22.93 31.27 -28.38
CA GLN A 157 -24.39 31.19 -28.44
C GLN A 157 -24.95 29.77 -28.22
N CYS A 158 -24.11 28.72 -28.36
CA CYS A 158 -24.55 27.33 -28.21
C CYS A 158 -23.87 26.64 -27.03
N ILE A 159 -24.50 25.57 -26.50
CA ILE A 159 -23.96 24.71 -25.44
C ILE A 159 -22.94 23.78 -26.10
N ASP A 160 -21.66 23.85 -25.71
CA ASP A 160 -20.62 22.99 -26.29
C ASP A 160 -20.43 21.72 -25.48
N VAL A 161 -20.69 20.58 -26.11
CA VAL A 161 -20.57 19.27 -25.50
C VAL A 161 -19.44 18.54 -26.19
N ALA A 162 -18.46 18.07 -25.42
CA ALA A 162 -17.35 17.33 -25.99
C ALA A 162 -17.47 15.86 -25.64
N ILE A 163 -17.26 14.98 -26.62
CA ILE A 163 -17.28 13.52 -26.47
C ILE A 163 -15.86 13.03 -26.63
N LEU A 164 -15.28 12.44 -25.57
CA LEU A 164 -13.89 11.95 -25.54
C LEU A 164 -13.80 10.44 -25.70
N ALA A 165 -12.66 9.97 -26.27
CA ALA A 165 -12.36 8.56 -26.49
C ALA A 165 -11.50 8.01 -25.35
N GLU A 166 -11.96 6.93 -24.72
CA GLU A 166 -11.24 6.23 -23.66
C GLU A 166 -11.07 4.75 -24.06
N GLY A 167 -9.84 4.27 -24.08
CA GLY A 167 -9.55 2.88 -24.44
C GLY A 167 -9.59 2.58 -25.93
N TYR A 168 -9.53 3.63 -26.77
CA TYR A 168 -9.47 3.50 -28.24
C TYR A 168 -8.07 3.83 -28.68
N THR A 169 -7.43 2.90 -29.40
CA THR A 169 -6.10 3.18 -29.96
C THR A 169 -6.31 4.04 -31.22
N THR A 170 -5.24 4.58 -31.81
CA THR A 170 -5.30 5.39 -33.04
C THR A 170 -5.96 4.63 -34.22
N SER A 171 -5.84 3.30 -34.24
CA SER A 171 -6.43 2.48 -35.29
C SER A 171 -7.91 2.15 -35.04
N GLU A 172 -8.47 2.57 -33.90
CA GLU A 172 -9.88 2.30 -33.58
C GLU A 172 -10.73 3.56 -33.57
N MSE A 173 -10.22 4.68 -34.12
CA MSE A 173 -10.91 5.96 -34.07
C MSE A 173 -12.14 6.01 -34.94
O MSE A 173 -13.06 6.78 -34.61
CB MSE A 173 -9.98 7.13 -34.38
CG MSE A 173 -9.07 7.47 -33.20
SE MSE A 173 -9.98 7.50 -31.45
CE MSE A 173 -8.44 7.57 -30.42
N GLU A 174 -12.20 5.21 -36.03
CA GLU A 174 -13.39 5.17 -36.86
C GLU A 174 -14.56 4.56 -36.06
N THR A 175 -14.28 3.59 -35.20
CA THR A 175 -15.28 3.00 -34.28
C THR A 175 -15.71 4.06 -33.27
N PHE A 176 -14.74 4.82 -32.72
CA PHE A 176 -15.02 5.89 -31.75
C PHE A 176 -16.01 6.91 -32.34
N TYR A 177 -15.72 7.46 -33.52
CA TYR A 177 -16.57 8.43 -34.19
C TYR A 177 -17.96 7.86 -34.48
N LYS A 178 -18.06 6.53 -34.75
CA LYS A 178 -19.36 5.87 -34.94
C LYS A 178 -20.12 5.84 -33.62
N ASP A 179 -19.41 5.49 -32.51
CA ASP A 179 -19.96 5.43 -31.14
C ASP A 179 -20.44 6.78 -30.68
N ALA A 180 -19.68 7.84 -31.02
CA ALA A 180 -20.01 9.24 -30.68
C ALA A 180 -21.27 9.68 -31.43
N ALA A 181 -21.41 9.25 -32.69
CA ALA A 181 -22.60 9.53 -33.51
C ALA A 181 -23.83 8.83 -32.91
N ILE A 182 -23.66 7.59 -32.37
CA ILE A 182 -24.75 6.83 -31.73
C ILE A 182 -25.19 7.55 -30.44
N ALA A 183 -24.23 8.04 -29.61
CA ALA A 183 -24.54 8.79 -28.38
C ALA A 183 -25.36 10.05 -28.71
N CYS A 184 -24.93 10.77 -29.75
CA CYS A 184 -25.54 12.00 -30.23
CA CYS A 184 -25.57 11.99 -30.26
C CYS A 184 -26.99 11.73 -30.67
N GLU A 185 -27.19 10.66 -31.45
CA GLU A 185 -28.48 10.22 -31.99
C GLU A 185 -29.40 9.82 -30.82
N ALA A 186 -28.86 9.10 -29.81
CA ALA A 186 -29.63 8.71 -28.62
C ALA A 186 -30.09 9.95 -27.84
N LEU A 187 -29.17 10.91 -27.63
CA LEU A 187 -29.46 12.13 -26.89
C LEU A 187 -30.52 12.98 -27.59
N PHE A 188 -30.38 13.22 -28.92
CA PHE A 188 -31.31 14.08 -29.63
C PHE A 188 -32.56 13.34 -30.11
N SER A 189 -32.81 12.13 -29.61
CA SER A 189 -34.07 11.42 -29.86
C SER A 189 -34.94 11.54 -28.59
N HIS A 190 -34.44 12.24 -27.56
CA HIS A 190 -35.16 12.50 -26.32
C HIS A 190 -35.56 13.96 -26.21
N GLU A 191 -36.85 14.22 -25.90
CA GLU A 191 -37.28 15.57 -25.58
C GLU A 191 -36.73 15.93 -24.16
N PRO A 192 -36.33 17.20 -23.89
CA PRO A 192 -36.43 18.39 -24.76
C PRO A 192 -35.22 18.57 -25.68
N PHE A 193 -34.17 17.70 -25.58
CA PHE A 193 -32.98 17.80 -26.42
C PHE A 193 -33.35 17.81 -27.90
N GLN A 194 -34.29 16.94 -28.31
CA GLN A 194 -34.75 16.79 -29.69
C GLN A 194 -35.23 18.13 -30.31
N SER A 195 -36.11 18.86 -29.60
CA SER A 195 -36.65 20.14 -30.07
C SER A 195 -35.66 21.30 -29.93
N MSE A 196 -34.65 21.12 -29.06
CA MSE A 196 -33.65 22.13 -28.72
CA MSE A 196 -33.68 22.19 -28.80
C MSE A 196 -32.28 21.84 -29.32
O MSE A 196 -31.29 22.41 -28.87
CB MSE A 196 -33.53 22.22 -27.18
CB MSE A 196 -33.67 22.49 -27.30
CG MSE A 196 -34.81 22.69 -26.48
CG MSE A 196 -34.99 23.09 -26.84
SE MSE A 196 -35.21 24.54 -26.91
SE MSE A 196 -35.14 23.26 -24.93
CE MSE A 196 -34.89 25.29 -25.15
CE MSE A 196 -35.10 25.19 -24.82
N LYS A 197 -32.22 20.93 -30.32
CA LYS A 197 -30.98 20.48 -30.96
C LYS A 197 -30.14 21.66 -31.50
N ASN A 198 -30.80 22.72 -32.00
CA ASN A 198 -30.14 23.91 -32.56
C ASN A 198 -29.48 24.79 -31.47
N ARG A 199 -29.54 24.39 -30.18
CA ARG A 199 -28.90 25.11 -29.09
C ARG A 199 -27.56 24.48 -28.72
N PHE A 200 -27.17 23.39 -29.42
CA PHE A 200 -25.97 22.61 -29.08
C PHE A 200 -24.94 22.50 -30.18
N ASN A 201 -23.67 22.39 -29.74
CA ASN A 201 -22.51 22.04 -30.56
C ASN A 201 -21.99 20.74 -29.97
N ILE A 202 -21.76 19.73 -30.81
CA ILE A 202 -21.23 18.45 -30.34
C ILE A 202 -19.92 18.19 -31.06
N VAL A 203 -18.82 18.04 -30.30
CA VAL A 203 -17.52 17.76 -30.88
C VAL A 203 -17.03 16.41 -30.34
N ALA A 204 -16.58 15.53 -31.25
CA ALA A 204 -16.03 14.22 -30.92
C ALA A 204 -14.53 14.37 -30.95
N VAL A 205 -13.88 14.09 -29.81
CA VAL A 205 -12.44 14.30 -29.62
C VAL A 205 -11.73 12.96 -29.51
N ALA A 206 -10.90 12.65 -30.52
CA ALA A 206 -10.18 11.40 -30.64
C ALA A 206 -8.91 11.36 -29.78
N SER A 207 -9.09 11.38 -28.45
CA SER A 207 -8.00 11.30 -27.48
C SER A 207 -7.46 9.85 -27.51
N PRO A 208 -6.19 9.64 -27.94
CA PRO A 208 -5.72 8.26 -28.12
C PRO A 208 -5.31 7.56 -26.82
N SER A 209 -5.40 6.24 -26.84
CA SER A 209 -4.97 5.35 -25.76
C SER A 209 -3.91 4.42 -26.30
N ALA A 210 -2.86 4.08 -25.51
CA ALA A 210 -1.82 3.13 -25.95
C ALA A 210 -2.42 1.71 -26.05
N ASP A 211 -3.38 1.40 -25.18
CA ASP A 211 -4.06 0.09 -25.15
C ASP A 211 -5.53 0.20 -25.47
N SER A 212 -6.07 -0.91 -25.99
CA SER A 212 -7.47 -1.06 -26.34
C SER A 212 -8.23 -1.58 -25.12
N GLY A 213 -9.33 -0.93 -24.77
CA GLY A 213 -10.14 -1.37 -23.64
C GLY A 213 -9.87 -0.59 -22.37
N VAL A 214 -10.31 -1.11 -21.21
CA VAL A 214 -10.12 -0.39 -19.95
C VAL A 214 -9.55 -1.33 -18.86
N SER A 215 -9.03 -0.74 -17.78
CA SER A 215 -8.42 -1.52 -16.69
C SER A 215 -9.43 -2.28 -15.86
N ALA A 216 -9.06 -3.51 -15.52
CA ALA A 216 -9.87 -4.41 -14.72
C ALA A 216 -9.05 -4.88 -13.51
N PRO A 217 -9.02 -4.06 -12.43
CA PRO A 217 -8.16 -4.36 -11.26
C PRO A 217 -8.33 -5.76 -10.65
N LYS A 218 -9.58 -6.24 -10.47
CA LYS A 218 -9.85 -7.55 -9.89
C LYS A 218 -9.24 -8.68 -10.70
N GLN A 219 -9.15 -8.54 -12.03
CA GLN A 219 -8.54 -9.56 -12.88
C GLN A 219 -7.04 -9.32 -13.09
N GLY A 220 -6.51 -8.26 -12.48
CA GLY A 220 -5.11 -7.86 -12.57
C GLY A 220 -4.72 -7.40 -13.96
N ALA A 221 -5.71 -6.90 -14.76
CA ALA A 221 -5.52 -6.45 -16.11
C ALA A 221 -5.53 -4.92 -16.17
N TRP A 222 -4.35 -4.32 -15.93
CA TRP A 222 -4.16 -2.88 -15.97
C TRP A 222 -3.77 -2.50 -17.40
N LYS A 223 -4.35 -1.42 -17.93
CA LYS A 223 -4.10 -0.97 -19.30
C LYS A 223 -3.61 0.47 -19.33
N HIS A 224 -2.86 0.84 -20.37
CA HIS A 224 -2.38 2.20 -20.58
C HIS A 224 -3.41 2.91 -21.43
N THR A 225 -4.23 3.77 -20.81
CA THR A 225 -5.30 4.44 -21.57
C THR A 225 -5.26 5.93 -21.33
N ALA A 226 -5.92 6.70 -22.21
CA ALA A 226 -5.95 8.16 -22.17
C ALA A 226 -6.25 8.71 -20.78
N PHE A 227 -7.24 8.15 -20.06
CA PHE A 227 -7.68 8.69 -18.79
C PHE A 227 -7.66 7.67 -17.64
N GLY A 228 -6.99 6.54 -17.84
CA GLY A 228 -6.83 5.50 -16.82
C GLY A 228 -8.12 5.08 -16.11
N SER A 229 -9.23 4.97 -16.87
CA SER A 229 -10.48 4.52 -16.28
C SER A 229 -10.32 3.05 -15.84
N HIS A 230 -11.01 2.66 -14.76
CA HIS A 230 -10.91 1.29 -14.26
C HIS A 230 -12.20 0.84 -13.58
N PHE A 231 -12.44 -0.49 -13.56
CA PHE A 231 -13.54 -1.10 -12.79
C PHE A 231 -13.10 -1.20 -11.32
N ASP A 232 -13.94 -1.78 -10.43
CA ASP A 232 -13.64 -1.96 -9.00
C ASP A 232 -13.42 -0.62 -8.26
N THR A 233 -14.05 0.48 -8.72
CA THR A 233 -13.95 1.78 -8.02
C THR A 233 -14.65 1.62 -6.68
N PHE A 234 -13.98 2.04 -5.58
CA PHE A 234 -14.50 1.93 -4.21
C PHE A 234 -14.75 0.45 -3.87
N TYR A 235 -14.04 -0.48 -4.57
CA TYR A 235 -14.15 -1.94 -4.44
C TYR A 235 -15.55 -2.46 -4.86
N SER A 236 -16.24 -1.68 -5.71
CA SER A 236 -17.50 -2.06 -6.31
C SER A 236 -17.19 -2.50 -7.74
N ASP A 237 -17.16 -3.82 -7.96
CA ASP A 237 -16.81 -4.53 -9.18
C ASP A 237 -17.19 -3.85 -10.50
N ARG A 238 -18.45 -3.45 -10.68
CA ARG A 238 -18.91 -2.85 -11.94
C ARG A 238 -18.86 -1.33 -11.94
N TYR A 239 -18.22 -0.71 -10.91
CA TYR A 239 -18.16 0.74 -10.90
C TYR A 239 -16.92 1.17 -11.69
N LEU A 240 -17.18 1.70 -12.90
CA LEU A 240 -16.17 2.19 -13.84
C LEU A 240 -16.03 3.69 -13.70
N THR A 241 -14.87 4.17 -13.27
CA THR A 241 -14.59 5.61 -13.14
C THR A 241 -13.19 5.97 -13.58
N THR A 242 -12.96 7.29 -13.68
CA THR A 242 -11.66 7.90 -13.87
C THR A 242 -11.53 9.06 -12.90
N SER A 243 -10.35 9.13 -12.28
CA SER A 243 -10.04 10.22 -11.37
C SER A 243 -8.96 11.10 -11.99
N ARG A 244 -8.64 10.85 -13.27
CA ARG A 244 -7.62 11.62 -14.00
C ARG A 244 -8.29 12.84 -14.66
N VAL A 245 -8.80 13.75 -13.82
CA VAL A 245 -9.56 14.94 -14.24
C VAL A 245 -8.66 15.95 -14.95
N LYS A 246 -7.39 16.08 -14.55
CA LYS A 246 -6.45 16.97 -15.25
C LYS A 246 -6.17 16.47 -16.66
N ALA A 247 -6.01 15.13 -16.83
CA ALA A 247 -5.77 14.54 -18.13
C ALA A 247 -6.99 14.72 -19.07
N ILE A 248 -8.22 14.62 -18.52
CA ILE A 248 -9.46 14.79 -19.28
C ILE A 248 -9.53 16.20 -19.86
N ASN A 249 -9.27 17.21 -19.02
CA ASN A 249 -9.31 18.62 -19.41
C ASN A 249 -8.13 18.98 -20.28
N ASP A 250 -6.94 18.38 -20.05
CA ASP A 250 -5.78 18.62 -20.93
C ASP A 250 -6.06 18.14 -22.36
N ALA A 251 -6.76 16.99 -22.51
CA ALA A 251 -7.10 16.45 -23.84
C ALA A 251 -8.01 17.42 -24.61
N LEU A 252 -8.80 18.24 -23.89
CA LEU A 252 -9.76 19.17 -24.50
C LEU A 252 -9.23 20.59 -24.65
N ALA A 253 -8.04 20.92 -24.08
CA ALA A 253 -7.49 22.28 -24.16
C ALA A 253 -7.40 22.75 -25.63
N GLY A 254 -8.00 23.91 -25.91
CA GLY A 254 -8.03 24.46 -27.26
C GLY A 254 -9.32 24.20 -28.02
N ILE A 255 -10.10 23.23 -27.57
CA ILE A 255 -11.41 22.88 -28.13
C ILE A 255 -12.47 23.50 -27.20
N PRO A 256 -13.43 24.33 -27.68
CA PRO A 256 -14.43 24.91 -26.76
C PRO A 256 -15.34 23.83 -26.17
N TYR A 257 -15.50 23.84 -24.83
CA TYR A 257 -16.32 22.85 -24.15
C TYR A 257 -16.89 23.40 -22.87
N GLU A 258 -18.07 22.91 -22.52
CA GLU A 258 -18.77 23.22 -21.27
C GLU A 258 -19.14 21.92 -20.58
N HIS A 259 -19.41 20.85 -21.35
CA HIS A 259 -19.85 19.55 -20.82
C HIS A 259 -19.06 18.44 -21.45
N ILE A 260 -18.81 17.35 -20.69
CA ILE A 260 -17.99 16.24 -21.16
C ILE A 260 -18.72 14.91 -21.06
N ILE A 261 -18.61 14.12 -22.14
CA ILE A 261 -19.07 12.75 -22.25
C ILE A 261 -17.84 11.92 -22.62
N ILE A 262 -17.55 10.89 -21.84
CA ILE A 262 -16.42 10.01 -22.13
C ILE A 262 -16.95 8.65 -22.53
N LEU A 263 -16.54 8.14 -23.72
CA LEU A 263 -16.94 6.82 -24.20
C LEU A 263 -15.82 5.84 -23.98
N ALA A 264 -16.09 4.74 -23.29
CA ALA A 264 -15.09 3.70 -23.02
C ALA A 264 -15.26 2.56 -24.01
N ASN A 265 -14.15 2.16 -24.65
CA ASN A 265 -14.13 1.11 -25.65
C ASN A 265 -14.16 -0.28 -24.98
N THR A 266 -15.35 -0.69 -24.50
CA THR A 266 -15.55 -1.99 -23.85
C THR A 266 -17.05 -2.38 -23.96
N GLU A 267 -17.30 -3.70 -23.90
CA GLU A 267 -18.65 -4.28 -23.91
C GLU A 267 -19.14 -4.46 -22.48
N GLN A 268 -18.25 -4.39 -21.48
CA GLN A 268 -18.61 -4.57 -20.08
C GLN A 268 -19.52 -3.43 -19.63
N TYR A 269 -20.47 -3.72 -18.73
CA TYR A 269 -21.40 -2.73 -18.23
C TYR A 269 -20.71 -1.86 -17.18
N GLY A 270 -20.90 -0.56 -17.30
CA GLY A 270 -20.30 0.38 -16.36
C GLY A 270 -20.31 1.82 -16.81
N GLY A 271 -20.16 2.71 -15.83
CA GLY A 271 -20.17 4.15 -16.02
C GLY A 271 -20.82 4.92 -14.89
N GLY A 272 -20.89 6.23 -15.08
CA GLY A 272 -21.41 7.17 -14.10
C GLY A 272 -21.53 8.54 -14.74
N GLY A 273 -22.26 9.41 -14.04
CA GLY A 273 -22.50 10.78 -14.45
C GLY A 273 -22.56 11.61 -13.20
N ILE A 274 -21.75 12.67 -13.13
CA ILE A 274 -21.72 13.54 -11.96
C ILE A 274 -21.88 14.97 -12.45
N TYR A 275 -22.84 15.70 -11.83
CA TYR A 275 -23.23 17.07 -12.16
C TYR A 275 -22.03 18.01 -12.32
N ASN A 276 -21.91 18.55 -13.54
CA ASN A 276 -20.89 19.48 -14.00
C ASN A 276 -19.47 18.96 -13.71
N ALA A 277 -19.28 17.65 -13.82
CA ALA A 277 -17.99 16.97 -13.76
C ALA A 277 -17.85 16.32 -15.17
N PHE A 278 -18.48 15.13 -15.35
CA PHE A 278 -18.54 14.46 -16.65
C PHE A 278 -19.41 13.23 -16.57
N THR A 279 -19.74 12.69 -17.75
CA THR A 279 -20.39 11.41 -17.96
C THR A 279 -19.29 10.46 -18.46
N LEU A 280 -19.26 9.24 -17.95
CA LEU A 280 -18.37 8.19 -18.43
C LEU A 280 -19.25 6.98 -18.64
N THR A 281 -19.18 6.35 -19.81
CA THR A 281 -19.99 5.19 -20.06
C THR A 281 -19.31 4.31 -21.12
N THR A 282 -19.69 3.01 -21.14
CA THR A 282 -19.17 2.01 -22.05
C THR A 282 -19.99 2.04 -23.33
N ALA A 283 -19.31 2.19 -24.47
CA ALA A 283 -19.93 2.33 -25.77
C ALA A 283 -20.41 1.02 -26.38
N HIS A 284 -19.93 -0.14 -25.94
CA HIS A 284 -20.32 -1.35 -26.67
C HIS A 284 -21.17 -2.30 -25.88
N HIS A 285 -21.64 -1.91 -24.70
CA HIS A 285 -22.61 -2.70 -23.96
C HIS A 285 -24.00 -2.46 -24.64
N PRO A 286 -24.93 -3.45 -24.76
CA PRO A 286 -26.21 -3.17 -25.46
C PRO A 286 -27.07 -2.04 -24.83
N ASN A 287 -26.84 -1.72 -23.56
CA ASN A 287 -27.61 -0.65 -22.89
C ASN A 287 -26.99 0.74 -23.09
N PHE A 288 -25.99 0.88 -23.97
CA PHE A 288 -25.31 2.15 -24.24
C PHE A 288 -26.28 3.34 -24.47
N ARG A 289 -27.23 3.20 -25.42
CA ARG A 289 -28.16 4.29 -25.78
CA ARG A 289 -28.18 4.26 -25.79
C ARG A 289 -28.94 4.82 -24.56
N PRO A 290 -29.74 4.03 -23.78
CA PRO A 290 -30.42 4.66 -22.62
C PRO A 290 -29.46 5.08 -21.51
N VAL A 291 -28.33 4.35 -21.33
CA VAL A 291 -27.37 4.63 -20.27
C VAL A 291 -26.66 5.97 -20.47
N VAL A 292 -26.17 6.27 -21.69
CA VAL A 292 -25.46 7.54 -21.93
C VAL A 292 -26.41 8.73 -21.68
N VAL A 293 -27.71 8.58 -22.01
CA VAL A 293 -28.72 9.63 -21.85
C VAL A 293 -29.03 9.78 -20.33
N HIS A 294 -29.17 8.65 -19.61
CA HIS A 294 -29.40 8.65 -18.15
C HIS A 294 -28.24 9.37 -17.43
N GLU A 295 -26.99 9.00 -17.76
CA GLU A 295 -25.79 9.63 -17.14
C GLU A 295 -25.71 11.12 -17.48
N PHE A 296 -26.06 11.51 -18.74
CA PHE A 296 -26.06 12.93 -19.13
C PHE A 296 -27.17 13.69 -18.35
N GLY A 297 -28.24 12.99 -17.96
CA GLY A 297 -29.30 13.51 -17.09
C GLY A 297 -28.69 13.99 -15.78
N HIS A 298 -27.69 13.23 -15.25
CA HIS A 298 -26.94 13.64 -14.07
C HIS A 298 -25.94 14.76 -14.39
N SER A 299 -24.98 14.49 -15.32
CA SER A 299 -23.85 15.39 -15.56
C SER A 299 -24.25 16.76 -16.15
N PHE A 300 -25.25 16.78 -17.06
CA PHE A 300 -25.73 18.04 -17.63
C PHE A 300 -26.96 18.56 -16.85
N GLY A 301 -27.95 17.69 -16.64
CA GLY A 301 -29.22 18.06 -16.03
C GLY A 301 -29.24 18.26 -14.53
N GLY A 302 -28.27 17.68 -13.82
CA GLY A 302 -28.22 17.73 -12.37
C GLY A 302 -29.37 16.95 -11.76
N LEU A 303 -29.95 16.03 -12.53
CA LEU A 303 -31.08 15.23 -12.09
C LEU A 303 -30.65 14.13 -11.14
N ALA A 304 -31.53 13.77 -10.21
CA ALA A 304 -31.29 12.67 -9.26
C ALA A 304 -31.77 11.37 -9.87
N ASP A 305 -31.31 10.26 -9.30
CA ASP A 305 -31.81 8.94 -9.69
C ASP A 305 -33.20 8.79 -9.10
N GLU A 306 -34.13 8.22 -9.89
CA GLU A 306 -35.50 8.03 -9.44
C GLU A 306 -35.73 6.58 -9.02
N TYR A 307 -34.72 5.71 -9.18
CA TYR A 307 -34.86 4.32 -8.76
C TYR A 307 -34.58 4.20 -7.27
N PHE A 308 -34.96 3.07 -6.69
CA PHE A 308 -34.87 2.84 -5.26
C PHE A 308 -34.73 1.37 -4.95
N TYR A 309 -34.24 1.07 -3.75
CA TYR A 309 -34.06 -0.29 -3.26
C TYR A 309 -35.01 -0.52 -2.09
N ASP A 310 -35.34 -1.80 -1.79
CA ASP A 310 -36.20 -2.15 -0.65
C ASP A 310 -35.48 -1.91 0.68
N GLU A 311 -34.19 -2.35 0.76
CA GLU A 311 -33.34 -2.27 1.95
C GLU A 311 -32.78 -0.86 2.19
N ASP A 312 -32.52 -0.52 3.47
CA ASP A 312 -31.95 0.77 3.90
C ASP A 312 -30.47 0.86 3.54
N GLY A 316 -29.32 7.58 3.88
CA GLY A 316 -28.75 8.77 4.52
C GLY A 316 -28.16 9.81 3.59
N LEU A 317 -28.22 9.55 2.25
CA LEU A 317 -27.70 10.47 1.22
C LEU A 317 -28.64 11.67 1.10
N TYR A 318 -29.93 11.45 1.37
CA TYR A 318 -30.96 12.48 1.33
C TYR A 318 -31.69 12.51 2.66
N PRO A 319 -31.26 13.33 3.64
CA PRO A 319 -32.01 13.39 4.92
C PRO A 319 -33.47 13.78 4.64
N LEU A 320 -34.41 13.08 5.31
CA LEU A 320 -35.83 13.26 5.04
C LEU A 320 -36.40 14.60 5.55
N ASN A 321 -35.64 15.34 6.36
CA ASN A 321 -36.11 16.63 6.86
C ASN A 321 -35.59 17.80 5.99
N ILE A 322 -34.88 17.49 4.90
CA ILE A 322 -34.31 18.49 4.01
C ILE A 322 -34.90 18.31 2.60
N GLU A 323 -35.31 19.42 1.97
CA GLU A 323 -35.75 19.35 0.58
C GLU A 323 -34.54 19.19 -0.33
N PRO A 324 -34.44 18.10 -1.14
CA PRO A 324 -33.27 17.95 -2.02
C PRO A 324 -33.15 19.12 -2.99
N TRP A 325 -31.91 19.47 -3.38
CA TRP A 325 -31.76 20.57 -4.34
C TRP A 325 -32.12 20.07 -5.77
N GLU A 326 -32.07 18.73 -6.02
CA GLU A 326 -32.43 18.12 -7.31
C GLU A 326 -33.90 18.33 -7.60
N GLN A 327 -34.22 18.57 -8.86
CA GLN A 327 -35.54 18.99 -9.30
C GLN A 327 -36.57 17.89 -9.54
N ASN A 328 -36.13 16.63 -9.66
CA ASN A 328 -37.04 15.52 -9.99
C ASN A 328 -37.27 14.57 -8.79
N ILE A 329 -36.87 14.98 -7.57
CA ILE A 329 -37.18 14.20 -6.36
C ILE A 329 -37.63 15.18 -5.29
N THR A 330 -38.43 14.71 -4.34
CA THR A 330 -38.89 15.54 -3.23
C THR A 330 -39.01 14.70 -1.95
N THR A 331 -38.85 15.35 -0.80
CA THR A 331 -39.06 14.78 0.54
C THR A 331 -40.32 15.43 1.11
N ARG A 332 -41.00 16.25 0.27
CA ARG A 332 -42.24 17.00 0.58
C ARG A 332 -42.00 18.02 1.72
N ILE A 333 -40.75 18.55 1.82
CA ILE A 333 -40.37 19.57 2.80
C ILE A 333 -40.67 20.93 2.15
N ASN A 334 -40.33 21.08 0.87
CA ASN A 334 -40.65 22.27 0.09
C ASN A 334 -41.03 21.83 -1.33
N PHE A 335 -42.15 21.09 -1.42
CA PHE A 335 -42.67 20.55 -2.67
C PHE A 335 -43.14 21.68 -3.60
N ALA A 336 -43.57 22.84 -3.04
CA ALA A 336 -43.99 24.01 -3.83
C ALA A 336 -42.86 24.52 -4.75
N SER A 337 -41.58 24.35 -4.34
CA SER A 337 -40.41 24.73 -5.13
C SER A 337 -40.12 23.69 -6.23
N LYS A 338 -40.86 22.56 -6.23
CA LYS A 338 -40.65 21.49 -7.20
C LYS A 338 -41.73 21.45 -8.30
N TRP A 339 -42.48 20.34 -8.46
CA TRP A 339 -43.45 20.20 -9.56
C TRP A 339 -44.90 20.22 -9.11
N GLU A 340 -45.17 20.83 -7.94
CA GLU A 340 -46.55 20.98 -7.44
C GLU A 340 -47.41 21.74 -8.47
N ASP A 341 -46.82 22.78 -9.11
CA ASP A 341 -47.49 23.61 -10.12
C ASP A 341 -47.81 22.83 -11.42
N MSE A 342 -47.36 21.56 -11.54
CA MSE A 342 -47.65 20.74 -12.72
C MSE A 342 -48.75 19.70 -12.44
O MSE A 342 -49.20 19.01 -13.38
CB MSE A 342 -46.38 20.06 -13.22
CG MSE A 342 -45.40 21.05 -13.80
SE MSE A 342 -43.87 20.16 -14.51
CE MSE A 342 -44.58 19.51 -16.14
N LEU A 343 -49.18 19.57 -11.18
CA LEU A 343 -50.24 18.62 -10.82
C LEU A 343 -51.61 19.22 -11.08
N THR A 344 -52.61 18.36 -11.31
CA THR A 344 -54.00 18.80 -11.45
C THR A 344 -54.52 19.01 -10.04
N LYS A 345 -55.60 19.80 -9.86
CA LYS A 345 -56.18 20.10 -8.53
C LYS A 345 -56.61 18.82 -7.77
N THR A 346 -56.98 17.74 -8.50
CA THR A 346 -57.47 16.50 -7.91
C THR A 346 -56.42 15.36 -7.87
N THR A 347 -55.14 15.64 -8.20
CA THR A 347 -54.11 14.60 -8.15
C THR A 347 -53.85 14.22 -6.68
N PRO A 348 -54.00 12.92 -6.30
CA PRO A 348 -53.71 12.54 -4.91
C PRO A 348 -52.21 12.57 -4.62
N VAL A 349 -51.84 13.08 -3.43
CA VAL A 349 -50.47 13.21 -2.95
C VAL A 349 -50.37 12.48 -1.59
N PRO A 350 -49.62 11.35 -1.48
CA PRO A 350 -48.87 10.67 -2.55
C PRO A 350 -49.82 10.00 -3.55
N THR A 351 -49.31 9.69 -4.74
CA THR A 351 -50.11 9.09 -5.77
C THR A 351 -50.01 7.57 -5.65
N PRO A 352 -51.13 6.86 -5.41
CA PRO A 352 -51.05 5.39 -5.33
C PRO A 352 -50.59 4.79 -6.64
N VAL A 353 -49.79 3.72 -6.57
CA VAL A 353 -49.25 3.00 -7.73
C VAL A 353 -50.39 2.45 -8.63
N ALA A 354 -51.57 2.09 -8.07
CA ALA A 354 -52.73 1.64 -8.85
C ALA A 354 -53.21 2.71 -9.82
N ASP A 355 -52.98 4.02 -9.49
CA ASP A 355 -53.42 5.16 -10.30
C ASP A 355 -52.35 5.71 -11.23
N LYS A 356 -51.30 4.95 -11.49
CA LYS A 356 -50.18 5.39 -12.33
C LYS A 356 -50.59 5.87 -13.74
N ALA A 357 -51.61 5.24 -14.35
CA ALA A 357 -52.06 5.60 -15.68
C ALA A 357 -52.95 6.83 -15.66
N LYS A 358 -53.66 7.04 -14.54
CA LYS A 358 -54.58 8.17 -14.39
C LYS A 358 -53.79 9.47 -14.22
N TYR A 359 -52.60 9.40 -13.61
CA TYR A 359 -51.78 10.58 -13.33
C TYR A 359 -50.36 10.44 -13.89
N PRO A 360 -50.14 10.84 -15.18
CA PRO A 360 -48.77 10.80 -15.75
C PRO A 360 -47.76 11.59 -14.90
N ILE A 361 -48.23 12.68 -14.25
CA ILE A 361 -47.44 13.46 -13.29
C ILE A 361 -48.10 13.28 -11.94
N GLY A 362 -47.33 12.83 -10.95
CA GLY A 362 -47.84 12.63 -9.60
C GLY A 362 -46.73 12.78 -8.57
N VAL A 363 -46.97 12.24 -7.37
CA VAL A 363 -46.00 12.24 -6.28
C VAL A 363 -45.88 10.76 -5.87
N TYR A 364 -45.02 10.02 -6.58
CA TYR A 364 -44.89 8.58 -6.40
C TYR A 364 -43.81 8.25 -5.40
N GLU A 365 -44.19 7.51 -4.33
CA GLU A 365 -43.22 7.16 -3.28
C GLU A 365 -42.16 6.20 -3.82
N GLY A 366 -40.91 6.55 -3.55
CA GLY A 366 -39.74 5.82 -4.00
C GLY A 366 -38.94 6.69 -4.94
N GLY A 367 -37.71 7.01 -4.53
CA GLY A 367 -36.81 7.85 -5.29
C GLY A 367 -35.51 8.10 -4.56
N GLY A 368 -34.47 8.52 -5.29
CA GLY A 368 -33.20 8.83 -4.66
C GLY A 368 -32.67 7.74 -3.77
N TYR A 369 -32.78 6.47 -4.25
CA TYR A 369 -32.33 5.20 -3.66
C TYR A 369 -33.22 4.68 -2.54
N SER A 370 -34.14 5.49 -1.98
CA SER A 370 -35.01 5.04 -0.88
C SER A 370 -36.41 4.75 -1.33
N ALA A 371 -36.94 3.62 -0.85
CA ALA A 371 -38.31 3.20 -1.12
C ALA A 371 -39.31 4.07 -0.35
N LYS A 372 -38.88 4.66 0.77
CA LYS A 372 -39.77 5.45 1.64
C LYS A 372 -39.27 6.85 1.89
N GLY A 373 -40.19 7.82 1.95
CA GLY A 373 -39.87 9.20 2.29
C GLY A 373 -39.38 10.11 1.20
N ILE A 374 -38.96 9.54 0.06
CA ILE A 374 -38.51 10.28 -1.12
C ILE A 374 -39.51 9.96 -2.22
N TYR A 375 -39.91 10.97 -3.03
CA TYR A 375 -40.92 10.81 -4.07
C TYR A 375 -40.41 11.29 -5.40
N ARG A 376 -40.89 10.65 -6.46
CA ARG A 376 -40.51 10.94 -7.84
C ARG A 376 -41.76 11.46 -8.62
N PRO A 377 -41.58 12.12 -9.79
CA PRO A 377 -42.72 12.78 -10.45
C PRO A 377 -43.62 11.90 -11.32
N ALA A 378 -43.16 10.69 -11.69
CA ALA A 378 -43.95 9.79 -12.54
C ALA A 378 -43.65 8.37 -12.11
N PHE A 379 -44.51 7.41 -12.47
CA PHE A 379 -44.27 6.00 -12.08
C PHE A 379 -42.95 5.51 -12.65
N ASP A 380 -42.67 5.85 -13.93
CA ASP A 380 -41.43 5.45 -14.58
C ASP A 380 -40.84 6.64 -15.35
N CYS A 381 -39.53 6.56 -15.66
CA CYS A 381 -38.73 7.62 -16.28
C CYS A 381 -37.41 7.06 -16.70
N ARG A 382 -36.72 7.76 -17.62
CA ARG A 382 -35.33 7.45 -18.02
C ARG A 382 -34.43 7.51 -16.78
N MSE A 383 -34.79 8.34 -15.78
CA MSE A 383 -33.97 8.46 -14.55
C MSE A 383 -34.25 7.34 -13.55
O MSE A 383 -33.57 7.25 -12.53
CB MSE A 383 -34.15 9.85 -13.89
CG MSE A 383 -33.58 11.02 -14.76
SE MSE A 383 -31.82 10.69 -15.53
CE MSE A 383 -30.76 10.68 -13.97
N ARG A 384 -35.23 6.48 -13.85
CA ARG A 384 -35.55 5.32 -13.02
C ARG A 384 -35.12 3.97 -13.68
N THR A 385 -35.42 3.77 -14.96
CA THR A 385 -35.08 2.53 -15.65
C THR A 385 -34.51 2.79 -17.05
N ASN A 386 -33.77 1.81 -17.60
CA ASN A 386 -33.22 1.82 -18.95
C ASN A 386 -34.27 1.48 -20.00
N GLU A 387 -35.26 0.68 -19.63
CA GLU A 387 -36.32 0.17 -20.54
C GLU A 387 -37.36 1.23 -20.86
N TYR A 388 -37.59 2.20 -19.95
CA TYR A 388 -38.56 3.26 -20.18
C TYR A 388 -38.03 4.19 -21.28
N PRO A 389 -38.85 4.59 -22.25
CA PRO A 389 -38.30 5.31 -23.41
C PRO A 389 -38.01 6.79 -23.26
N THR A 390 -38.61 7.48 -22.28
CA THR A 390 -38.43 8.94 -22.20
C THR A 390 -38.17 9.46 -20.81
N PHE A 391 -37.74 10.75 -20.73
CA PHE A 391 -37.68 11.49 -19.45
C PHE A 391 -39.10 11.79 -19.08
N CYS A 392 -39.43 11.74 -17.79
CA CYS A 392 -40.77 12.10 -17.33
C CYS A 392 -41.02 13.61 -17.60
N PRO A 393 -42.28 14.11 -17.59
CA PRO A 393 -42.50 15.54 -17.89
C PRO A 393 -41.76 16.51 -16.96
N VAL A 394 -41.50 16.11 -15.72
CA VAL A 394 -40.80 16.98 -14.78
C VAL A 394 -39.29 17.05 -15.11
N CYS A 395 -38.68 15.91 -15.50
CA CYS A 395 -37.28 15.88 -15.91
C CYS A 395 -37.12 16.72 -17.18
N GLN A 396 -38.10 16.63 -18.11
CA GLN A 396 -38.09 17.38 -19.36
C GLN A 396 -38.13 18.90 -19.07
N ARG A 397 -38.99 19.36 -18.14
CA ARG A 397 -39.03 20.77 -17.77
C ARG A 397 -37.71 21.21 -17.12
N ALA A 398 -37.15 20.36 -16.23
CA ALA A 398 -35.89 20.64 -15.54
C ALA A 398 -34.74 20.80 -16.55
N ILE A 399 -34.64 19.89 -17.55
CA ILE A 399 -33.62 19.95 -18.59
C ILE A 399 -33.82 21.23 -19.45
N GLN A 400 -35.08 21.53 -19.85
CA GLN A 400 -35.39 22.72 -20.63
C GLN A 400 -34.95 24.01 -19.91
N ARG A 401 -35.18 24.08 -18.57
CA ARG A 401 -34.77 25.22 -17.75
C ARG A 401 -33.23 25.38 -17.77
N ILE A 402 -32.48 24.27 -17.78
CA ILE A 402 -31.01 24.30 -17.87
C ILE A 402 -30.61 24.85 -19.25
N ILE A 403 -31.22 24.32 -20.35
CA ILE A 403 -30.91 24.77 -21.72
C ILE A 403 -31.19 26.29 -21.86
N GLU A 404 -32.36 26.74 -21.36
CA GLU A 404 -32.76 28.15 -21.42
C GLU A 404 -31.87 29.05 -20.55
N PHE A 405 -31.36 28.53 -19.40
CA PHE A 405 -30.46 29.29 -18.52
C PHE A 405 -29.17 29.68 -19.29
N TYR A 406 -28.64 28.74 -20.06
CA TYR A 406 -27.40 28.92 -20.81
C TYR A 406 -27.59 29.54 -22.22
N THR A 407 -28.79 29.47 -22.82
CA THR A 407 -28.96 29.97 -24.20
C THR A 407 -30.18 30.87 -24.42
N GLY A 408 -30.95 31.16 -23.37
CA GLY A 408 -32.16 32.00 -23.47
C GLY A 408 -33.45 31.24 -23.72
N LYS A 409 -34.60 31.93 -23.49
CA LYS A 409 -35.95 31.37 -23.68
C LYS A 409 -36.28 31.13 -25.18
N ASN B 4 16.74 -11.44 6.57
CA ASN B 4 16.40 -10.06 6.96
C ASN B 4 15.69 -9.28 5.82
N PHE B 5 15.98 -9.60 4.52
CA PHE B 5 15.26 -8.95 3.43
C PHE B 5 14.14 -9.91 2.99
N SER B 6 14.52 -11.18 2.68
CA SER B 6 13.62 -12.24 2.24
C SER B 6 12.55 -12.64 3.27
N ASP B 7 12.73 -12.28 4.55
CA ASP B 7 11.75 -12.58 5.59
C ASP B 7 10.50 -11.73 5.47
N TYR B 8 10.62 -10.52 4.89
CA TYR B 8 9.48 -9.60 4.82
C TYR B 8 9.14 -9.14 3.42
N PHE B 9 10.09 -9.27 2.49
CA PHE B 9 9.89 -8.69 1.18
C PHE B 9 10.10 -9.66 0.02
N THR B 10 9.48 -9.29 -1.09
CA THR B 10 9.67 -9.96 -2.37
CA THR B 10 9.61 -9.93 -2.41
C THR B 10 10.55 -9.03 -3.23
N ASN B 11 11.16 -9.55 -4.30
CA ASN B 11 12.03 -8.73 -5.16
CA ASN B 11 12.03 -8.75 -5.17
C ASN B 11 11.16 -7.85 -6.08
N LYS B 12 10.26 -7.06 -5.46
CA LYS B 12 9.37 -6.16 -6.20
C LYS B 12 9.33 -4.82 -5.43
N THR B 13 8.83 -3.75 -6.06
CA THR B 13 8.70 -2.42 -5.43
C THR B 13 7.24 -2.07 -5.16
N LEU B 14 7.00 -1.53 -3.97
CA LEU B 14 5.74 -0.90 -3.60
C LEU B 14 5.96 0.59 -3.78
N ARG B 15 5.41 1.15 -4.87
CA ARG B 15 5.49 2.58 -5.11
C ARG B 15 4.27 3.26 -4.45
N ILE B 16 4.53 4.28 -3.65
CA ILE B 16 3.46 5.02 -2.97
C ILE B 16 3.47 6.47 -3.43
N ASP B 17 2.34 6.93 -3.97
CA ASP B 17 2.14 8.31 -4.40
C ASP B 17 1.35 9.03 -3.34
N TYR B 18 1.87 10.14 -2.81
CA TYR B 18 1.18 10.94 -1.80
C TYR B 18 0.89 12.33 -2.32
N LEU B 19 0.00 13.03 -1.64
CA LEU B 19 -0.23 14.44 -1.88
C LEU B 19 0.08 15.16 -0.58
N PHE B 20 0.96 16.14 -0.65
CA PHE B 20 1.30 16.99 0.50
C PHE B 20 0.54 18.28 0.29
N THR B 21 -0.28 18.65 1.25
CA THR B 21 -1.09 19.84 1.09
C THR B 21 -0.98 20.76 2.27
N GLY B 22 -1.27 22.02 2.03
CA GLY B 22 -1.28 23.01 3.10
C GLY B 22 -0.81 24.38 2.72
N ASN B 23 -0.49 25.13 3.75
CA ASN B 23 -0.02 26.51 3.68
C ASN B 23 1.03 26.67 4.77
N ALA B 24 1.52 27.90 4.98
CA ALA B 24 2.54 28.21 6.00
C ALA B 24 2.06 27.86 7.42
N ASP B 25 0.74 27.91 7.67
CA ASP B 25 0.18 27.63 9.01
C ASP B 25 -0.03 26.15 9.30
N LYS B 26 -0.59 25.37 8.35
CA LYS B 26 -0.88 23.96 8.58
C LYS B 26 -0.60 23.09 7.36
N GLN B 27 -0.10 21.86 7.59
CA GLN B 27 0.23 20.91 6.52
C GLN B 27 -0.38 19.55 6.81
N SER B 28 -0.74 18.82 5.76
CA SER B 28 -1.35 17.49 5.81
C SER B 28 -0.78 16.60 4.72
N ILE B 29 -0.89 15.28 4.90
CA ILE B 29 -0.48 14.26 3.93
C ILE B 29 -1.68 13.37 3.64
N CYS B 30 -1.94 13.05 2.38
CA CYS B 30 -2.96 12.07 2.05
C CYS B 30 -2.42 11.12 0.97
N LEU B 31 -2.95 9.90 0.97
CA LEU B 31 -2.57 8.89 -0.01
C LEU B 31 -3.21 9.20 -1.35
N ASP B 32 -2.42 9.09 -2.42
CA ASP B 32 -2.92 9.29 -3.77
C ASP B 32 -3.18 7.91 -4.39
N GLU B 33 -2.12 7.09 -4.53
CA GLU B 33 -2.22 5.78 -5.16
C GLU B 33 -1.08 4.87 -4.74
N LEU B 34 -1.34 3.57 -4.73
CA LEU B 34 -0.36 2.52 -4.49
C LEU B 34 -0.11 1.80 -5.81
N SER B 35 1.15 1.47 -6.11
CA SER B 35 1.52 0.77 -7.33
CA SER B 35 1.45 0.72 -7.31
C SER B 35 2.57 -0.31 -7.05
N GLU B 36 2.69 -1.26 -7.96
CA GLU B 36 3.70 -2.29 -7.87
C GLU B 36 4.62 -2.19 -9.09
N LEU B 37 5.96 -2.22 -8.86
CA LEU B 37 6.97 -2.21 -9.91
C LEU B 37 7.66 -3.60 -9.93
N PRO B 38 8.15 -4.06 -11.09
CA PRO B 38 8.61 -5.46 -11.17
C PRO B 38 9.85 -5.85 -10.36
N VAL B 39 10.76 -4.93 -10.01
CA VAL B 39 11.94 -5.32 -9.22
C VAL B 39 12.20 -4.32 -8.10
N TRP B 40 12.93 -4.76 -7.05
CA TRP B 40 13.38 -3.89 -5.98
C TRP B 40 14.83 -3.53 -6.30
N ALA B 41 15.07 -2.25 -6.66
CA ALA B 41 16.41 -1.79 -7.02
C ALA B 41 17.18 -1.17 -5.82
N GLY B 42 16.52 -1.05 -4.68
CA GLY B 42 17.11 -0.46 -3.48
C GLY B 42 17.99 -1.39 -2.66
N ARG B 43 18.32 -0.96 -1.45
CA ARG B 43 19.23 -1.68 -0.57
C ARG B 43 18.57 -2.92 0.06
N ARG B 44 19.43 -3.83 0.55
CA ARG B 44 19.03 -5.10 1.18
CA ARG B 44 18.97 -5.06 1.21
C ARG B 44 19.60 -5.20 2.60
N HIS B 45 20.32 -4.14 3.05
CA HIS B 45 20.96 -4.05 4.37
C HIS B 45 20.68 -2.70 4.99
N HIS B 46 20.91 -2.53 6.32
CA HIS B 46 20.64 -1.31 7.08
C HIS B 46 19.21 -0.86 6.82
N LEU B 47 18.28 -1.83 6.78
CA LEU B 47 16.87 -1.61 6.40
C LEU B 47 16.11 -0.75 7.40
N SER B 48 16.52 -0.77 8.67
CA SER B 48 15.86 0.00 9.72
C SER B 48 16.68 1.25 10.12
N GLU B 49 17.72 1.61 9.32
CA GLU B 49 18.57 2.78 9.57
C GLU B 49 18.46 3.81 8.46
N LEU B 50 18.71 5.08 8.81
CA LEU B 50 18.72 6.19 7.85
C LEU B 50 20.16 6.70 7.64
N PRO B 51 20.58 6.99 6.39
CA PRO B 51 21.92 7.60 6.19
C PRO B 51 21.95 9.09 6.55
N LEU B 52 20.79 9.76 6.44
CA LEU B 52 20.55 11.20 6.70
C LEU B 52 19.16 11.35 7.22
N GLU B 53 18.90 12.43 7.98
CA GLU B 53 17.57 12.63 8.51
C GLU B 53 16.53 13.01 7.44
N GLY B 54 16.92 13.91 6.53
CA GLY B 54 16.02 14.44 5.53
C GLY B 54 15.05 15.43 6.17
N ASN B 55 14.23 16.08 5.35
CA ASN B 55 13.19 16.99 5.83
C ASN B 55 11.91 16.20 6.11
N GLY B 56 11.90 14.94 5.66
CA GLY B 56 10.78 14.02 5.86
C GLY B 56 11.28 12.58 5.92
N GLN B 57 10.54 11.71 6.63
CA GLN B 57 10.92 10.31 6.81
C GLN B 57 9.76 9.37 6.56
N ILE B 58 10.06 8.15 6.10
CA ILE B 58 9.09 7.06 5.91
C ILE B 58 9.55 5.86 6.71
N VAL B 59 8.65 5.28 7.50
CA VAL B 59 8.94 4.09 8.30
C VAL B 59 7.88 3.05 7.95
N MSE B 60 8.34 1.86 7.55
CA MSE B 60 7.49 0.74 7.25
C MSE B 60 7.64 -0.30 8.37
O MSE B 60 8.77 -0.66 8.75
CB MSE B 60 7.85 0.14 5.88
CG MSE B 60 6.93 -1.01 5.46
SE MSE B 60 7.45 -1.70 3.72
CE MSE B 60 5.82 -1.59 2.99
N ARG B 61 6.49 -0.72 8.93
CA ARG B 61 6.46 -1.71 10.00
CA ARG B 61 6.47 -1.71 10.00
C ARG B 61 5.66 -2.94 9.58
N ASP B 62 6.09 -4.13 10.04
CA ASP B 62 5.37 -5.37 9.81
C ASP B 62 4.14 -5.31 10.72
N VAL B 63 2.90 -5.46 10.19
CA VAL B 63 1.70 -5.39 11.01
C VAL B 63 1.69 -6.48 12.14
N ALA B 64 2.01 -7.75 11.81
CA ALA B 64 1.98 -8.86 12.77
C ALA B 64 2.93 -8.66 13.96
N SER B 65 4.19 -8.27 13.70
CA SER B 65 5.17 -8.09 14.78
C SER B 65 5.30 -6.64 15.28
N GLY B 66 4.91 -5.65 14.45
CA GLY B 66 5.06 -4.22 14.77
C GLY B 66 6.47 -3.70 14.59
N LYS B 67 7.37 -4.56 14.10
CA LYS B 67 8.79 -4.25 13.89
C LYS B 67 9.04 -3.41 12.66
N VAL B 68 10.04 -2.49 12.73
CA VAL B 68 10.48 -1.68 11.58
C VAL B 68 11.13 -2.63 10.58
N ILE B 69 10.65 -2.60 9.34
CA ILE B 69 11.20 -3.49 8.31
C ILE B 69 11.88 -2.68 7.18
N TYR B 70 11.55 -1.39 7.08
CA TYR B 70 12.16 -0.50 6.09
C TYR B 70 12.00 0.94 6.48
N THR B 71 13.00 1.77 6.11
CA THR B 71 12.95 3.21 6.33
C THR B 71 13.76 3.94 5.28
N THR B 72 13.27 5.13 4.89
CA THR B 72 13.97 6.03 3.97
C THR B 72 13.63 7.48 4.39
N SER B 73 14.39 8.44 3.88
CA SER B 73 14.18 9.85 4.17
C SER B 73 14.37 10.65 2.89
N PHE B 74 13.92 11.90 2.91
CA PHE B 74 13.87 12.73 1.71
C PHE B 74 13.63 14.18 2.07
N SER B 75 13.56 15.02 1.05
CA SER B 75 13.11 16.41 1.10
C SER B 75 12.10 16.57 -0.03
N SER B 76 11.41 17.70 -0.10
CA SER B 76 10.35 17.87 -1.13
C SER B 76 10.22 19.32 -1.59
N LEU B 77 9.68 19.49 -2.80
CA LEU B 77 9.42 20.82 -3.36
C LEU B 77 8.36 21.52 -2.49
N PHE B 78 7.40 20.76 -1.97
CA PHE B 78 6.36 21.27 -1.08
C PHE B 78 6.95 22.02 0.12
N GLN B 79 7.93 21.41 0.81
CA GLN B 79 8.55 21.97 2.02
C GLN B 79 9.32 23.25 1.69
N GLU B 80 9.82 23.39 0.47
CA GLU B 80 10.46 24.63 0.01
C GLU B 80 9.40 25.69 -0.26
N TRP B 81 8.28 25.30 -0.89
CA TRP B 81 7.17 26.20 -1.21
C TRP B 81 6.59 26.82 0.08
N LEU B 82 6.58 26.06 1.19
CA LEU B 82 6.09 26.51 2.49
C LEU B 82 6.83 27.73 2.99
N GLU B 83 8.06 27.94 2.51
CA GLU B 83 8.92 29.05 2.90
C GLU B 83 8.71 30.28 2.00
N THR B 84 7.84 30.18 0.97
CA THR B 84 7.59 31.29 0.04
C THR B 84 6.41 32.15 0.51
N ASP B 85 6.30 33.37 -0.04
CA ASP B 85 5.22 34.32 0.26
C ASP B 85 3.83 33.77 -0.11
N GLU B 86 3.76 32.97 -1.19
CA GLU B 86 2.49 32.41 -1.66
C GLU B 86 1.86 31.47 -0.60
N ALA B 87 2.69 30.77 0.19
CA ALA B 87 2.22 29.85 1.24
C ALA B 87 1.49 30.59 2.39
N LYS B 88 1.62 31.93 2.45
CA LYS B 88 0.92 32.77 3.43
C LYS B 88 -0.45 33.22 2.89
N GLU B 89 -0.70 33.02 1.57
CA GLU B 89 -1.91 33.50 0.88
C GLU B 89 -2.81 32.40 0.35
N VAL B 90 -2.28 31.18 0.09
CA VAL B 90 -3.11 30.12 -0.48
C VAL B 90 -2.64 28.74 0.04
N THR B 91 -3.55 27.76 -0.02
CA THR B 91 -3.32 26.36 0.29
C THR B 91 -3.11 25.66 -1.06
N LYS B 92 -1.99 24.92 -1.17
CA LYS B 92 -1.61 24.18 -2.39
C LYS B 92 -1.31 22.72 -2.09
N GLY B 93 -1.37 21.90 -3.13
CA GLY B 93 -1.12 20.47 -3.07
C GLY B 93 -0.01 20.08 -3.99
N PHE B 94 0.82 19.11 -3.57
CA PHE B 94 1.98 18.66 -4.34
C PHE B 94 2.07 17.15 -4.38
N GLU B 95 2.48 16.61 -5.53
CA GLU B 95 2.68 15.18 -5.75
C GLU B 95 4.05 14.78 -5.23
N ASN B 96 4.12 13.62 -4.56
CA ASN B 96 5.36 13.06 -4.02
C ASN B 96 5.29 11.55 -4.12
N THR B 97 6.36 10.91 -4.61
CA THR B 97 6.43 9.45 -4.82
C THR B 97 7.59 8.85 -4.03
N TYR B 98 7.35 7.68 -3.42
CA TYR B 98 8.37 6.97 -2.65
C TYR B 98 8.35 5.50 -3.02
N LEU B 99 9.54 4.91 -3.11
CA LEU B 99 9.74 3.50 -3.46
C LEU B 99 10.13 2.72 -2.23
N LEU B 100 9.36 1.68 -1.92
CA LEU B 100 9.60 0.81 -0.78
C LEU B 100 9.68 -0.64 -1.26
N PRO B 101 10.40 -1.54 -0.55
CA PRO B 101 10.36 -2.96 -0.98
C PRO B 101 8.94 -3.54 -0.77
N TYR B 102 8.47 -4.38 -1.70
CA TYR B 102 7.09 -4.92 -1.65
C TYR B 102 6.95 -5.97 -0.53
N PRO B 103 6.02 -5.76 0.43
CA PRO B 103 5.92 -6.71 1.55
C PRO B 103 5.16 -7.98 1.20
N ILE B 104 5.52 -9.10 1.87
CA ILE B 104 4.85 -10.39 1.72
C ILE B 104 3.52 -10.36 2.50
N LYS B 105 3.55 -9.74 3.70
CA LYS B 105 2.39 -9.67 4.58
C LYS B 105 1.98 -8.21 4.80
N PRO B 106 0.76 -7.90 5.33
CA PRO B 106 0.38 -6.49 5.54
C PRO B 106 1.45 -5.69 6.29
N ALA B 107 1.66 -4.46 5.85
CA ALA B 107 2.63 -3.56 6.44
C ALA B 107 1.98 -2.21 6.73
N GLU B 108 2.42 -1.56 7.78
CA GLU B 108 1.92 -0.23 8.13
C GLU B 108 3.01 0.78 7.75
N VAL B 109 2.63 1.75 6.93
CA VAL B 109 3.52 2.77 6.45
C VAL B 109 3.22 4.08 7.20
N GLU B 110 4.27 4.72 7.72
CA GLU B 110 4.12 6.00 8.37
C GLU B 110 5.05 7.01 7.72
N ILE B 111 4.47 8.08 7.17
CA ILE B 111 5.23 9.15 6.53
C ILE B 111 5.11 10.40 7.41
N THR B 112 6.26 11.07 7.67
CA THR B 112 6.36 12.23 8.54
C THR B 112 7.09 13.37 7.84
N LEU B 113 6.56 14.61 7.98
CA LEU B 113 7.25 15.82 7.52
C LEU B 113 7.73 16.58 8.72
N ARG B 114 8.90 17.22 8.61
CA ARG B 114 9.46 18.04 9.69
C ARG B 114 9.62 19.46 9.22
N ASN B 115 9.55 20.42 10.18
CA ASN B 115 9.75 21.84 9.87
C ASN B 115 11.25 22.19 10.03
N ASN B 116 11.62 23.48 9.89
CA ASN B 116 13.01 23.92 9.98
CA ASN B 116 13.02 23.92 9.97
C ASN B 116 13.61 23.80 11.40
N LYS B 117 12.76 23.58 12.40
CA LYS B 117 13.17 23.38 13.80
C LYS B 117 13.34 21.87 14.06
N ARG B 118 13.23 21.06 12.96
CA ARG B 118 13.35 19.59 12.90
C ARG B 118 12.27 18.91 13.79
N GLU B 119 11.14 19.59 13.96
CA GLU B 119 9.95 19.10 14.67
C GLU B 119 8.95 18.53 13.67
N VAL B 120 8.11 17.56 14.08
CA VAL B 120 7.03 16.94 13.24
C VAL B 120 6.01 18.02 12.86
N SER B 121 5.78 18.24 11.53
CA SER B 121 4.83 19.23 11.04
C SER B 121 3.59 18.59 10.34
N ALA B 122 3.70 17.31 9.92
CA ALA B 122 2.64 16.51 9.27
C ALA B 122 2.98 15.02 9.39
N ASN B 123 1.94 14.18 9.47
CA ASN B 123 2.10 12.74 9.66
C ASN B 123 0.93 11.97 9.03
N LEU B 124 1.20 10.80 8.44
CA LEU B 124 0.16 9.92 7.93
C LEU B 124 0.58 8.48 8.16
N LYS B 125 -0.30 7.70 8.78
CA LYS B 125 -0.11 6.28 9.05
C LYS B 125 -1.18 5.52 8.30
N HIS B 126 -0.83 4.51 7.46
CA HIS B 126 -1.82 3.73 6.72
C HIS B 126 -1.32 2.30 6.52
N VAL B 127 -2.24 1.35 6.39
CA VAL B 127 -1.92 -0.07 6.23
C VAL B 127 -1.99 -0.43 4.77
N VAL B 128 -0.96 -1.15 4.31
CA VAL B 128 -0.86 -1.63 2.95
C VAL B 128 -1.02 -3.15 2.99
N LYS B 129 -2.05 -3.65 2.31
CA LYS B 129 -2.33 -5.08 2.20
CA LYS B 129 -2.30 -5.08 2.22
C LYS B 129 -1.76 -5.53 0.85
N PRO B 130 -0.72 -6.42 0.81
CA PRO B 130 -0.11 -6.77 -0.49
C PRO B 130 -1.04 -7.37 -1.55
N ASP B 131 -2.20 -7.93 -1.15
CA ASP B 131 -3.12 -8.54 -2.11
C ASP B 131 -4.27 -7.59 -2.53
N ASP B 132 -4.22 -6.30 -2.09
CA ASP B 132 -5.20 -5.26 -2.43
C ASP B 132 -5.27 -5.13 -3.97
N ILE B 133 -6.48 -5.37 -4.56
CA ILE B 133 -6.68 -5.35 -6.01
C ILE B 133 -6.45 -3.96 -6.62
N LEU B 134 -6.54 -2.90 -5.81
CA LEU B 134 -6.37 -1.55 -6.33
C LEU B 134 -4.92 -1.08 -6.30
N ILE B 135 -3.97 -2.00 -5.97
CA ILE B 135 -2.54 -1.71 -6.11
C ILE B 135 -2.29 -1.83 -7.62
N HIS B 136 -2.06 -0.69 -8.26
CA HIS B 136 -1.89 -0.58 -9.71
C HIS B 136 -0.58 -1.28 -10.15
N LYS B 137 -0.68 -2.32 -10.97
CA LYS B 137 0.51 -3.02 -11.47
C LYS B 137 1.09 -2.20 -12.61
N LYS B 138 2.34 -1.75 -12.47
CA LYS B 138 3.01 -0.90 -13.46
C LYS B 138 4.32 -1.53 -13.94
N GLY B 139 4.85 -0.97 -15.02
CA GLY B 139 6.11 -1.38 -15.60
C GLY B 139 6.15 -2.73 -16.26
N LEU B 140 5.00 -3.22 -16.77
CA LEU B 140 4.93 -4.51 -17.46
C LEU B 140 4.94 -4.34 -18.98
N THR B 141 4.31 -3.27 -19.48
CA THR B 141 4.20 -2.99 -20.92
C THR B 141 4.51 -1.54 -21.21
N HIS B 142 4.74 -1.22 -22.50
CA HIS B 142 5.02 0.13 -23.01
C HIS B 142 6.13 0.82 -22.17
N ILE B 143 7.19 0.07 -21.85
CA ILE B 143 8.31 0.61 -21.05
C ILE B 143 9.05 1.61 -21.93
N THR B 144 9.28 2.82 -21.39
CA THR B 144 9.95 3.89 -22.13
C THR B 144 11.28 3.41 -22.74
N PRO B 145 11.54 3.75 -24.02
CA PRO B 145 12.83 3.41 -24.64
C PRO B 145 13.98 3.92 -23.77
N HIS B 146 15.00 3.09 -23.60
CA HIS B 146 16.14 3.43 -22.75
C HIS B 146 17.38 2.65 -23.14
N LYS B 147 18.56 3.10 -22.69
CA LYS B 147 19.79 2.38 -22.88
C LYS B 147 20.70 2.60 -21.68
N TYR B 148 21.42 1.54 -21.32
CA TYR B 148 22.40 1.66 -20.25
C TYR B 148 23.63 2.36 -20.77
N LEU B 149 24.03 3.42 -20.08
CA LEU B 149 25.29 4.12 -20.40
C LEU B 149 26.42 3.45 -19.67
N LEU B 150 26.09 2.87 -18.51
CA LEU B 150 27.03 2.20 -17.62
C LEU B 150 26.33 1.08 -16.89
N LYS B 151 26.85 -0.15 -16.95
CA LYS B 151 26.27 -1.21 -16.16
C LYS B 151 27.39 -1.93 -15.43
N SER B 152 27.54 -1.64 -14.13
CA SER B 152 28.60 -2.23 -13.29
C SER B 152 28.17 -3.59 -12.72
N GLY B 153 26.87 -3.80 -12.57
CA GLY B 153 26.31 -5.02 -11.99
C GLY B 153 24.79 -5.02 -12.01
N ASN B 154 24.17 -6.00 -11.33
CA ASN B 154 22.70 -6.05 -11.31
C ASN B 154 22.18 -4.97 -10.33
N GLU B 155 20.87 -4.67 -10.39
CA GLU B 155 20.20 -3.64 -9.59
C GLU B 155 20.31 -3.89 -8.06
N GLU B 156 20.60 -5.12 -7.66
CA GLU B 156 20.73 -5.47 -6.25
C GLU B 156 22.11 -5.17 -5.69
N GLN B 157 23.16 -5.06 -6.54
CA GLN B 157 24.50 -4.80 -6.02
C GLN B 157 25.03 -3.36 -6.29
N CYS B 158 24.43 -2.66 -7.26
CA CYS B 158 24.84 -1.31 -7.65
C CYS B 158 23.75 -0.29 -7.42
N ILE B 159 24.14 1.00 -7.34
CA ILE B 159 23.26 2.17 -7.21
C ILE B 159 22.71 2.45 -8.60
N ASP B 160 21.39 2.41 -8.77
CA ASP B 160 20.78 2.64 -10.09
C ASP B 160 20.37 4.10 -10.23
N VAL B 161 20.98 4.78 -11.19
CA VAL B 161 20.68 6.18 -11.48
C VAL B 161 20.02 6.22 -12.84
N ALA B 162 18.84 6.83 -12.92
CA ALA B 162 18.15 7.00 -14.19
C ALA B 162 18.23 8.46 -14.62
N ILE B 163 18.56 8.68 -15.90
CA ILE B 163 18.63 9.99 -16.53
C ILE B 163 17.46 10.09 -17.50
N LEU B 164 16.55 11.05 -17.27
CA LEU B 164 15.35 11.26 -18.07
C LEU B 164 15.49 12.45 -19.02
N ALA B 165 14.79 12.38 -20.17
CA ALA B 165 14.73 13.42 -21.18
C ALA B 165 13.52 14.33 -20.98
N GLU B 166 13.77 15.63 -20.89
CA GLU B 166 12.75 16.66 -20.73
C GLU B 166 12.93 17.70 -21.84
N GLY B 167 11.87 17.90 -22.62
CA GLY B 167 11.90 18.84 -23.74
C GLY B 167 12.59 18.33 -24.99
N TYR B 168 12.80 17.01 -25.10
CA TYR B 168 13.36 16.36 -26.29
C TYR B 168 12.24 15.62 -27.00
N THR B 169 12.04 15.89 -28.29
CA THR B 169 11.06 15.14 -29.06
C THR B 169 11.71 13.78 -29.42
N THR B 170 10.93 12.83 -29.97
CA THR B 170 11.41 11.50 -30.39
C THR B 170 12.56 11.59 -31.40
N SER B 171 12.60 12.66 -32.19
CA SER B 171 13.65 12.83 -33.19
C SER B 171 14.92 13.48 -32.63
N GLU B 172 14.90 13.90 -31.35
CA GLU B 172 16.09 14.55 -30.72
C GLU B 172 16.76 13.65 -29.70
N MSE B 173 16.44 12.36 -29.71
CA MSE B 173 16.95 11.42 -28.71
C MSE B 173 18.43 11.15 -28.84
O MSE B 173 19.04 10.87 -27.83
CB MSE B 173 16.13 10.12 -28.67
CG MSE B 173 14.77 10.33 -27.98
SE MSE B 173 14.85 11.38 -26.29
CE MSE B 173 12.99 11.65 -26.13
N GLU B 174 19.01 11.29 -30.04
CA GLU B 174 20.48 11.08 -30.17
C GLU B 174 21.23 12.20 -29.47
N THR B 175 20.68 13.42 -29.46
CA THR B 175 21.24 14.57 -28.71
C THR B 175 21.10 14.28 -27.21
N PHE B 176 19.92 13.78 -26.79
CA PHE B 176 19.66 13.43 -25.39
C PHE B 176 20.71 12.43 -24.88
N TYR B 177 20.92 11.29 -25.61
CA TYR B 177 21.87 10.28 -25.21
C TYR B 177 23.29 10.84 -25.16
N LYS B 178 23.64 11.83 -26.02
CA LYS B 178 24.94 12.49 -25.97
C LYS B 178 25.03 13.34 -24.70
N ASP B 179 23.94 14.11 -24.38
CA ASP B 179 23.82 14.94 -23.16
C ASP B 179 23.94 14.10 -21.88
N ALA B 180 23.32 12.90 -21.89
CA ALA B 180 23.35 11.97 -20.77
C ALA B 180 24.80 11.44 -20.56
N ALA B 181 25.52 11.19 -21.65
CA ALA B 181 26.91 10.75 -21.60
C ALA B 181 27.80 11.87 -21.00
N ILE B 182 27.49 13.15 -21.32
CA ILE B 182 28.22 14.33 -20.78
C ILE B 182 27.96 14.45 -19.27
N ALA B 183 26.71 14.24 -18.81
CA ALA B 183 26.36 14.30 -17.37
C ALA B 183 27.14 13.23 -16.60
N CYS B 184 27.22 12.01 -17.18
CA CYS B 184 27.89 10.83 -16.65
CA CYS B 184 27.93 10.84 -16.67
C CYS B 184 29.40 11.15 -16.50
N GLU B 185 30.01 11.71 -17.54
CA GLU B 185 31.41 12.11 -17.59
C GLU B 185 31.69 13.21 -16.52
N ALA B 186 30.78 14.20 -16.37
CA ALA B 186 30.92 15.26 -15.37
C ALA B 186 30.86 14.68 -13.95
N LEU B 187 29.88 13.80 -13.71
CA LEU B 187 29.70 13.14 -12.41
C LEU B 187 30.92 12.28 -12.02
N PHE B 188 31.42 11.42 -12.94
CA PHE B 188 32.50 10.52 -12.62
C PHE B 188 33.88 11.14 -12.80
N SER B 189 33.95 12.46 -12.93
CA SER B 189 35.21 13.19 -12.95
C SER B 189 35.38 13.87 -11.59
N HIS B 190 34.40 13.66 -10.68
CA HIS B 190 34.44 14.20 -9.31
C HIS B 190 34.62 13.09 -8.32
N GLU B 191 35.57 13.24 -7.40
CA GLU B 191 35.71 12.34 -6.26
C GLU B 191 34.55 12.64 -5.28
N PRO B 192 33.98 11.63 -4.60
CA PRO B 192 34.37 10.20 -4.58
C PRO B 192 33.72 9.35 -5.68
N PHE B 193 32.82 9.95 -6.52
CA PHE B 193 32.15 9.22 -7.60
C PHE B 193 33.17 8.56 -8.54
N GLN B 194 34.25 9.27 -8.87
CA GLN B 194 35.31 8.80 -9.77
C GLN B 194 35.91 7.44 -9.34
N SER B 195 36.31 7.32 -8.07
CA SER B 195 36.90 6.09 -7.54
C SER B 195 35.87 5.00 -7.26
N MSE B 196 34.60 5.38 -7.17
CA MSE B 196 33.48 4.51 -6.82
CA MSE B 196 33.53 4.44 -6.85
C MSE B 196 32.58 4.22 -8.02
O MSE B 196 31.46 3.75 -7.82
CB MSE B 196 32.65 5.19 -5.70
CB MSE B 196 32.80 4.92 -5.59
CG MSE B 196 33.42 5.37 -4.39
CG MSE B 196 33.72 4.91 -4.35
SE MSE B 196 33.78 3.67 -3.54
SE MSE B 196 32.96 5.74 -2.80
CE MSE B 196 32.71 3.94 -1.98
CE MSE B 196 32.77 4.23 -1.71
N LYS B 197 33.04 4.50 -9.25
CA LYS B 197 32.27 4.33 -10.48
C LYS B 197 31.69 2.90 -10.65
N ASN B 198 32.43 1.88 -10.20
CA ASN B 198 32.02 0.47 -10.31
C ASN B 198 30.88 0.12 -9.34
N ARG B 199 30.38 1.09 -8.54
CA ARG B 199 29.24 0.89 -7.62
C ARG B 199 27.93 1.35 -8.26
N PHE B 200 28.00 1.89 -9.53
CA PHE B 200 26.84 2.51 -10.19
C PHE B 200 26.43 1.89 -11.51
N ASN B 201 25.12 1.97 -11.76
CA ASN B 201 24.49 1.68 -13.04
C ASN B 201 23.87 2.97 -13.48
N ILE B 202 24.10 3.36 -14.74
CA ILE B 202 23.49 4.57 -15.28
C ILE B 202 22.63 4.17 -16.47
N VAL B 203 21.32 4.48 -16.41
CA VAL B 203 20.42 4.19 -17.52
C VAL B 203 19.85 5.53 -18.03
N ALA B 204 19.90 5.73 -19.35
CA ALA B 204 19.39 6.93 -20.00
C ALA B 204 18.05 6.56 -20.57
N VAL B 205 17.00 7.26 -20.14
CA VAL B 205 15.61 6.97 -20.48
C VAL B 205 15.05 8.06 -21.40
N ALA B 206 14.74 7.64 -22.63
CA ALA B 206 14.29 8.51 -23.71
C ALA B 206 12.78 8.78 -23.58
N SER B 207 12.39 9.53 -22.53
CA SER B 207 10.99 9.94 -22.27
C SER B 207 10.64 11.07 -23.23
N PRO B 208 9.68 10.86 -24.15
CA PRO B 208 9.43 11.86 -25.19
C PRO B 208 8.58 13.06 -24.75
N SER B 209 8.83 14.18 -25.41
CA SER B 209 8.08 15.43 -25.24
C SER B 209 7.43 15.79 -26.58
N ALA B 210 6.22 16.40 -26.55
CA ALA B 210 5.54 16.81 -27.78
C ALA B 210 6.25 17.99 -28.40
N ASP B 211 6.85 18.85 -27.55
CA ASP B 211 7.58 20.04 -27.95
C ASP B 211 9.04 19.97 -27.57
N SER B 212 9.85 20.68 -28.34
CA SER B 212 11.27 20.84 -28.14
C SER B 212 11.49 22.06 -27.20
N GLY B 213 12.24 21.89 -26.13
CA GLY B 213 12.51 22.95 -25.16
C GLY B 213 11.67 22.86 -23.89
N VAL B 214 11.69 23.90 -23.04
CA VAL B 214 10.94 23.86 -21.79
C VAL B 214 10.14 25.14 -21.61
N SER B 215 9.15 25.11 -20.72
CA SER B 215 8.28 26.26 -20.46
C SER B 215 9.03 27.40 -19.76
N ALA B 216 8.86 28.62 -20.29
CA ALA B 216 9.48 29.84 -19.80
C ALA B 216 8.36 30.80 -19.40
N PRO B 217 7.81 30.63 -18.16
CA PRO B 217 6.64 31.44 -17.75
C PRO B 217 6.82 32.95 -17.88
N LYS B 218 7.99 33.52 -17.47
CA LYS B 218 8.27 34.96 -17.55
C LYS B 218 8.13 35.50 -18.96
N GLN B 219 8.51 34.71 -19.99
CA GLN B 219 8.41 35.11 -21.40
C GLN B 219 7.08 34.71 -22.02
N GLY B 220 6.22 34.04 -21.25
CA GLY B 220 4.91 33.57 -21.69
C GLY B 220 5.00 32.46 -22.71
N ALA B 221 6.12 31.71 -22.71
CA ALA B 221 6.37 30.64 -23.66
C ALA B 221 6.21 29.26 -22.98
N TRP B 222 5.00 28.75 -22.98
CA TRP B 222 4.64 27.46 -22.40
C TRP B 222 4.78 26.38 -23.47
N LYS B 223 5.29 25.22 -23.10
CA LYS B 223 5.50 24.11 -24.03
C LYS B 223 4.91 22.81 -23.51
N HIS B 224 4.57 21.87 -24.41
CA HIS B 224 4.04 20.56 -24.06
C HIS B 224 5.20 19.61 -23.90
N THR B 225 5.58 19.30 -22.65
CA THR B 225 6.75 18.45 -22.45
C THR B 225 6.43 17.29 -21.52
N ALA B 226 7.29 16.25 -21.53
CA ALA B 226 7.13 15.02 -20.74
C ALA B 226 6.78 15.32 -19.29
N PHE B 227 7.46 16.29 -18.65
CA PHE B 227 7.24 16.52 -17.21
C PHE B 227 6.82 17.93 -16.87
N GLY B 228 6.42 18.73 -17.86
CA GLY B 228 5.99 20.12 -17.67
C GLY B 228 6.90 20.95 -16.78
N SER B 229 8.22 20.78 -16.94
CA SER B 229 9.19 21.58 -16.18
C SER B 229 9.09 23.04 -16.64
N HIS B 230 9.39 23.96 -15.74
CA HIS B 230 9.31 25.38 -16.04
C HIS B 230 10.31 26.14 -15.20
N PHE B 231 10.75 27.27 -15.73
CA PHE B 231 11.58 28.23 -15.01
C PHE B 231 10.64 29.02 -14.13
N ASP B 232 11.18 30.00 -13.40
CA ASP B 232 10.40 30.92 -12.57
C ASP B 232 9.63 30.19 -11.45
N THR B 233 10.19 29.04 -10.94
CA THR B 233 9.57 28.33 -9.82
C THR B 233 9.65 29.23 -8.61
N PHE B 234 8.49 29.44 -7.93
CA PHE B 234 8.42 30.34 -6.76
C PHE B 234 8.85 31.77 -7.12
N TYR B 235 8.70 32.12 -8.42
CA TYR B 235 9.02 33.42 -9.03
C TYR B 235 10.54 33.70 -8.96
N SER B 236 11.34 32.64 -8.88
CA SER B 236 12.80 32.68 -8.91
C SER B 236 13.20 32.24 -10.33
N ASP B 237 13.54 33.23 -11.17
CA ASP B 237 13.85 33.12 -12.60
C ASP B 237 14.58 31.84 -13.04
N ARG B 238 15.72 31.55 -12.41
CA ARG B 238 16.58 30.43 -12.76
C ARG B 238 16.19 29.11 -12.06
N TYR B 239 15.10 29.12 -11.25
CA TYR B 239 14.70 27.90 -10.55
C TYR B 239 13.84 27.07 -11.51
N LEU B 240 14.48 26.06 -12.11
CA LEU B 240 13.85 25.18 -13.07
C LEU B 240 13.47 23.88 -12.36
N THR B 241 12.15 23.65 -12.18
CA THR B 241 11.61 22.47 -11.50
C THR B 241 10.40 21.90 -12.26
N THR B 242 9.91 20.81 -11.72
CA THR B 242 8.67 20.15 -12.13
C THR B 242 7.98 19.67 -10.87
N SER B 243 6.68 19.76 -10.90
CA SER B 243 5.83 19.29 -9.84
C SER B 243 5.05 18.04 -10.34
N ARG B 244 5.39 17.56 -11.58
CA ARG B 244 4.72 16.39 -12.18
C ARG B 244 5.47 15.10 -11.79
N VAL B 245 5.48 14.82 -10.49
CA VAL B 245 6.21 13.72 -9.89
C VAL B 245 5.61 12.36 -10.29
N LYS B 246 4.30 12.26 -10.43
CA LYS B 246 3.69 11.01 -10.89
C LYS B 246 4.11 10.69 -12.32
N ALA B 247 4.16 11.72 -13.21
CA ALA B 247 4.58 11.55 -14.61
C ALA B 247 6.06 11.12 -14.70
N ILE B 248 6.94 11.67 -13.83
CA ILE B 248 8.37 11.34 -13.77
C ILE B 248 8.55 9.84 -13.46
N ASN B 249 7.83 9.36 -12.44
CA ASN B 249 7.92 7.98 -12.00
C ASN B 249 7.21 7.05 -12.97
N ASP B 250 6.10 7.50 -13.62
CA ASP B 250 5.41 6.68 -14.64
C ASP B 250 6.33 6.43 -15.83
N ALA B 251 7.15 7.44 -16.22
CA ALA B 251 8.10 7.29 -17.33
C ALA B 251 9.17 6.24 -17.01
N LEU B 252 9.48 6.03 -15.72
CA LEU B 252 10.51 5.07 -15.31
C LEU B 252 9.98 3.70 -14.93
N ALA B 253 8.65 3.51 -14.87
CA ALA B 253 8.05 2.23 -14.47
C ALA B 253 8.58 1.09 -15.35
N GLY B 254 9.13 0.05 -14.74
CA GLY B 254 9.69 -1.09 -15.48
C GLY B 254 11.19 -1.05 -15.63
N ILE B 255 11.78 0.12 -15.38
CA ILE B 255 13.25 0.34 -15.41
C ILE B 255 13.74 0.42 -13.96
N PRO B 256 14.75 -0.36 -13.53
CA PRO B 256 15.22 -0.25 -12.12
C PRO B 256 15.85 1.13 -11.85
N TYR B 257 15.45 1.80 -10.78
CA TYR B 257 15.98 3.13 -10.44
C TYR B 257 15.88 3.38 -8.96
N GLU B 258 16.80 4.19 -8.45
CA GLU B 258 16.86 4.64 -7.07
C GLU B 258 16.97 6.15 -7.06
N HIS B 259 17.64 6.74 -8.09
CA HIS B 259 17.92 8.17 -8.18
C HIS B 259 17.59 8.68 -9.55
N ILE B 260 17.10 9.92 -9.63
CA ILE B 260 16.66 10.51 -10.88
C ILE B 260 17.39 11.80 -11.20
N ILE B 261 17.87 11.89 -12.45
CA ILE B 261 18.46 13.08 -13.04
C ILE B 261 17.61 13.40 -14.27
N ILE B 262 17.12 14.63 -14.37
CA ILE B 262 16.32 15.05 -15.50
C ILE B 262 17.12 16.08 -16.29
N LEU B 263 17.32 15.83 -17.60
CA LEU B 263 18.02 16.75 -18.49
C LEU B 263 17.03 17.54 -19.31
N ALA B 264 17.12 18.87 -19.25
CA ALA B 264 16.21 19.76 -19.97
C ALA B 264 16.86 20.23 -21.24
N ASN B 265 16.16 20.07 -22.38
CA ASN B 265 16.66 20.45 -23.68
C ASN B 265 16.50 21.96 -23.89
N THR B 266 17.37 22.75 -23.25
CA THR B 266 17.39 24.21 -23.37
C THR B 266 18.79 24.77 -23.12
N GLU B 267 19.07 25.96 -23.64
CA GLU B 267 20.33 26.69 -23.47
C GLU B 267 20.21 27.67 -22.31
N GLN B 268 18.98 27.96 -21.85
CA GLN B 268 18.77 28.88 -20.72
C GLN B 268 19.33 28.27 -19.45
N TYR B 269 19.89 29.12 -18.58
CA TYR B 269 20.48 28.70 -17.32
C TYR B 269 19.40 28.33 -16.30
N GLY B 270 19.55 27.17 -15.66
CA GLY B 270 18.60 26.76 -14.64
C GLY B 270 18.76 25.34 -14.14
N GLY B 271 18.18 25.10 -12.98
CA GLY B 271 18.21 23.80 -12.37
C GLY B 271 17.59 23.74 -10.99
N GLY B 272 17.48 22.52 -10.48
CA GLY B 272 16.96 22.23 -9.15
C GLY B 272 17.40 20.85 -8.71
N GLY B 273 17.49 20.65 -7.41
CA GLY B 273 17.93 19.40 -6.82
C GLY B 273 17.37 19.24 -5.44
N ILE B 274 16.59 18.17 -5.22
CA ILE B 274 15.95 17.95 -3.93
C ILE B 274 16.23 16.53 -3.49
N TYR B 275 16.70 16.37 -2.24
CA TYR B 275 17.11 15.11 -1.62
C TYR B 275 16.07 13.99 -1.76
N ASN B 276 16.49 12.93 -2.45
CA ASN B 276 15.77 11.72 -2.78
C ASN B 276 14.44 12.02 -3.47
N ALA B 277 14.41 13.10 -4.27
CA ALA B 277 13.27 13.47 -5.12
C ALA B 277 13.81 13.39 -6.56
N PHE B 278 14.61 14.39 -6.99
CA PHE B 278 15.29 14.36 -8.28
C PHE B 278 16.16 15.59 -8.47
N THR B 279 17.01 15.52 -9.49
CA THR B 279 17.79 16.60 -10.05
C THR B 279 17.15 16.97 -11.36
N LEU B 280 17.14 18.26 -11.68
CA LEU B 280 16.69 18.81 -12.93
C LEU B 280 17.75 19.83 -13.35
N THR B 281 18.17 19.83 -14.61
CA THR B 281 19.21 20.75 -15.06
C THR B 281 19.09 21.05 -16.57
N THR B 282 19.53 22.24 -16.94
CA THR B 282 19.73 22.68 -18.33
C THR B 282 20.82 21.78 -18.95
N ALA B 283 20.65 21.29 -20.18
CA ALA B 283 21.70 20.43 -20.76
C ALA B 283 22.56 21.19 -21.78
N HIS B 284 22.05 22.35 -22.27
CA HIS B 284 22.77 23.05 -23.31
C HIS B 284 23.30 24.40 -22.90
N HIS B 285 23.17 24.77 -21.64
CA HIS B 285 23.85 25.98 -21.15
C HIS B 285 25.32 25.57 -20.92
N PRO B 286 26.35 26.43 -21.13
CA PRO B 286 27.75 25.97 -20.92
C PRO B 286 28.06 25.51 -19.48
N ASN B 287 27.25 25.92 -18.47
CA ASN B 287 27.46 25.52 -17.08
C ASN B 287 26.75 24.19 -16.71
N PHE B 288 26.27 23.44 -17.70
CA PHE B 288 25.61 22.14 -17.50
C PHE B 288 26.44 21.20 -16.59
N ARG B 289 27.73 20.99 -16.92
CA ARG B 289 28.59 20.06 -16.20
C ARG B 289 28.67 20.41 -14.70
N PRO B 290 29.07 21.62 -14.20
CA PRO B 290 29.10 21.80 -12.73
C PRO B 290 27.70 21.88 -12.11
N VAL B 291 26.71 22.38 -12.88
CA VAL B 291 25.34 22.48 -12.38
C VAL B 291 24.72 21.10 -12.11
N VAL B 292 24.81 20.15 -13.04
CA VAL B 292 24.22 18.82 -12.85
C VAL B 292 24.85 18.13 -11.62
N VAL B 293 26.16 18.34 -11.41
CA VAL B 293 26.90 17.72 -10.29
C VAL B 293 26.48 18.40 -8.96
N HIS B 294 26.32 19.74 -8.96
CA HIS B 294 25.88 20.51 -7.79
C HIS B 294 24.50 20.02 -7.36
N GLU B 295 23.55 19.91 -8.33
CA GLU B 295 22.19 19.46 -8.05
C GLU B 295 22.19 18.01 -7.55
N PHE B 296 23.03 17.13 -8.13
CA PHE B 296 23.13 15.74 -7.67
C PHE B 296 23.69 15.71 -6.21
N GLY B 297 24.48 16.72 -5.83
CA GLY B 297 24.99 16.92 -4.48
C GLY B 297 23.80 17.04 -3.53
N HIS B 298 22.75 17.77 -3.95
CA HIS B 298 21.50 17.85 -3.18
C HIS B 298 20.68 16.55 -3.27
N SER B 299 20.31 16.12 -4.49
CA SER B 299 19.37 15.01 -4.69
C SER B 299 19.91 13.64 -4.26
N PHE B 300 21.20 13.37 -4.50
CA PHE B 300 21.80 12.10 -4.06
C PHE B 300 22.49 12.28 -2.68
N GLY B 301 23.29 13.32 -2.54
CA GLY B 301 24.10 13.57 -1.35
C GLY B 301 23.40 14.16 -0.12
N GLY B 302 22.27 14.83 -0.33
CA GLY B 302 21.54 15.49 0.75
C GLY B 302 22.33 16.67 1.30
N LEU B 303 23.23 17.19 0.49
CA LEU B 303 24.09 18.32 0.87
C LEU B 303 23.33 19.65 0.80
N ALA B 304 23.71 20.59 1.68
CA ALA B 304 23.14 21.93 1.68
C ALA B 304 23.93 22.83 0.73
N ASP B 305 23.33 23.96 0.32
CA ASP B 305 24.07 24.96 -0.46
C ASP B 305 25.04 25.65 0.48
N GLU B 306 26.27 25.91 0.00
CA GLU B 306 27.29 26.55 0.82
C GLU B 306 27.42 28.05 0.47
N TYR B 307 26.66 28.51 -0.54
CA TYR B 307 26.72 29.92 -0.92
C TYR B 307 25.81 30.71 0.00
N PHE B 308 25.93 32.03 -0.03
CA PHE B 308 25.18 32.93 0.83
C PHE B 308 25.04 34.30 0.19
N TYR B 309 24.09 35.06 0.71
CA TYR B 309 23.82 36.42 0.26
C TYR B 309 24.12 37.41 1.38
N ASP B 310 24.32 38.69 1.05
CA ASP B 310 24.55 39.74 2.07
C ASP B 310 23.27 40.05 2.85
N GLU B 311 22.13 40.18 2.13
CA GLU B 311 20.80 40.51 2.68
C GLU B 311 20.14 39.33 3.43
N ASP B 312 19.47 39.65 4.57
CA ASP B 312 18.77 38.69 5.43
C ASP B 312 17.40 38.32 4.83
N GLY B 316 15.95 32.75 7.09
CA GLY B 316 15.23 32.06 8.17
C GLY B 316 14.95 30.58 7.93
N LEU B 317 15.68 29.97 6.98
CA LEU B 317 15.53 28.58 6.58
C LEU B 317 16.28 27.63 7.50
N TYR B 318 17.33 28.17 8.15
CA TYR B 318 18.14 27.43 9.10
C TYR B 318 18.17 28.20 10.42
N PRO B 319 17.23 27.97 11.36
CA PRO B 319 17.28 28.68 12.65
C PRO B 319 18.62 28.46 13.35
N LEU B 320 19.21 29.52 13.88
CA LEU B 320 20.55 29.47 14.47
C LEU B 320 20.62 28.72 15.80
N ASN B 321 19.46 28.49 16.45
CA ASN B 321 19.29 27.74 17.70
C ASN B 321 19.30 26.17 17.44
N ILE B 322 19.21 25.73 16.16
CA ILE B 322 19.12 24.31 15.72
C ILE B 322 20.35 23.88 14.91
N GLU B 323 20.95 22.69 15.22
CA GLU B 323 22.02 22.15 14.36
C GLU B 323 21.35 21.60 13.09
N PRO B 324 21.74 22.06 11.87
CA PRO B 324 21.12 21.49 10.65
C PRO B 324 21.41 19.98 10.53
N TRP B 325 20.48 19.19 9.93
CA TRP B 325 20.77 17.76 9.73
C TRP B 325 21.81 17.56 8.60
N GLU B 326 21.94 18.56 7.66
CA GLU B 326 22.87 18.53 6.53
C GLU B 326 24.29 18.51 7.03
N GLN B 327 25.14 17.75 6.36
CA GLN B 327 26.48 17.41 6.80
C GLN B 327 27.57 18.43 6.49
N ASN B 328 27.34 19.35 5.55
CA ASN B 328 28.36 20.29 5.10
C ASN B 328 28.08 21.72 5.55
N ILE B 329 27.14 21.92 6.52
CA ILE B 329 26.89 23.24 7.11
C ILE B 329 26.72 23.05 8.61
N THR B 330 27.00 24.09 9.38
CA THR B 330 26.84 24.05 10.82
C THR B 330 26.41 25.41 11.37
N THR B 331 25.67 25.40 12.48
CA THR B 331 25.28 26.60 13.25
C THR B 331 26.10 26.61 14.54
N ARG B 332 27.04 25.65 14.64
CA ARG B 332 27.94 25.43 15.79
C ARG B 332 27.13 25.10 17.07
N ILE B 333 26.01 24.37 16.95
CA ILE B 333 25.25 23.92 18.11
C ILE B 333 25.81 22.52 18.43
N ASN B 334 25.95 21.71 17.39
CA ASN B 334 26.51 20.38 17.56
C ASN B 334 27.52 20.14 16.42
N PHE B 335 28.58 20.96 16.43
CA PHE B 335 29.65 20.87 15.46
C PHE B 335 30.43 19.52 15.57
N ALA B 336 30.49 18.90 16.78
CA ALA B 336 31.17 17.60 16.97
C ALA B 336 30.55 16.52 16.08
N SER B 337 29.23 16.62 15.77
CA SER B 337 28.53 15.66 14.91
C SER B 337 28.84 15.92 13.42
N LYS B 338 29.58 17.01 13.12
CA LYS B 338 29.89 17.40 11.75
C LYS B 338 31.35 17.08 11.39
N TRP B 339 32.16 18.09 11.02
CA TRP B 339 33.54 17.84 10.54
C TRP B 339 34.61 18.35 11.51
N GLU B 340 34.28 18.48 12.79
CA GLU B 340 35.24 18.85 13.81
C GLU B 340 36.44 17.85 13.81
N ASP B 341 36.13 16.54 13.63
CA ASP B 341 37.12 15.46 13.60
C ASP B 341 38.03 15.54 12.36
N MSE B 342 37.77 16.48 11.43
CA MSE B 342 38.63 16.63 10.25
C MSE B 342 39.53 17.88 10.35
O MSE B 342 40.36 18.09 9.47
CB MSE B 342 37.79 16.70 8.98
CG MSE B 342 37.11 15.35 8.67
SE MSE B 342 36.14 15.43 7.02
CE MSE B 342 37.60 15.36 5.83
N LEU B 343 39.39 18.68 11.43
CA LEU B 343 40.22 19.88 11.62
C LEU B 343 41.55 19.52 12.28
N THR B 344 42.58 20.35 12.05
CA THR B 344 43.86 20.20 12.76
C THR B 344 43.66 20.79 14.16
N LYS B 345 44.50 20.41 15.14
CA LYS B 345 44.37 20.88 16.53
C LYS B 345 44.48 22.42 16.66
N THR B 346 45.18 23.08 15.71
CA THR B 346 45.40 24.52 15.76
C THR B 346 44.49 25.33 14.81
N THR B 347 43.49 24.69 14.14
CA THR B 347 42.61 25.41 13.24
C THR B 347 41.68 26.36 14.06
N PRO B 348 41.69 27.68 13.78
CA PRO B 348 40.79 28.59 14.50
C PRO B 348 39.33 28.38 14.04
N VAL B 349 38.41 28.45 15.04
CA VAL B 349 36.97 28.32 14.83
C VAL B 349 36.30 29.60 15.42
N PRO B 350 35.68 30.48 14.58
CA PRO B 350 35.58 30.40 13.11
C PRO B 350 36.93 30.65 12.46
N THR B 351 37.08 30.24 11.20
CA THR B 351 38.30 30.43 10.46
C THR B 351 38.27 31.77 9.74
N PRO B 352 39.17 32.74 10.07
CA PRO B 352 39.13 34.04 9.37
C PRO B 352 39.43 33.86 7.89
N VAL B 353 38.73 34.61 7.03
CA VAL B 353 38.90 34.58 5.57
C VAL B 353 40.38 34.92 5.18
N ALA B 354 41.08 35.77 5.97
CA ALA B 354 42.47 36.12 5.72
C ALA B 354 43.40 34.88 5.78
N ASP B 355 43.02 33.84 6.57
CA ASP B 355 43.78 32.57 6.74
C ASP B 355 43.26 31.42 5.88
N LYS B 356 42.44 31.70 4.84
CA LYS B 356 41.86 30.67 3.98
C LYS B 356 42.90 29.69 3.42
N ALA B 357 44.09 30.17 3.02
CA ALA B 357 45.13 29.32 2.41
C ALA B 357 45.84 28.44 3.45
N LYS B 358 45.88 28.89 4.69
CA LYS B 358 46.48 28.15 5.78
C LYS B 358 45.62 26.96 6.18
N TYR B 359 44.27 27.06 6.00
CA TYR B 359 43.35 26.02 6.44
C TYR B 359 42.40 25.55 5.34
N PRO B 360 42.81 24.54 4.53
CA PRO B 360 41.91 23.99 3.48
C PRO B 360 40.55 23.54 4.03
N ILE B 361 40.55 23.01 5.27
CA ILE B 361 39.32 22.65 5.98
C ILE B 361 39.24 23.57 7.18
N GLY B 362 38.12 24.26 7.34
CA GLY B 362 37.91 25.14 8.47
C GLY B 362 36.43 25.29 8.81
N VAL B 363 36.11 26.37 9.51
CA VAL B 363 34.72 26.71 9.88
C VAL B 363 34.53 28.14 9.36
N TYR B 364 34.17 28.23 8.07
CA TYR B 364 34.07 29.51 7.37
C TYR B 364 32.69 30.07 7.46
N GLU B 365 32.56 31.30 7.98
CA GLU B 365 31.25 31.93 8.15
C GLU B 365 30.65 32.25 6.80
N GLY B 366 29.39 31.86 6.64
CA GLY B 366 28.61 32.01 5.43
C GLY B 366 28.30 30.66 4.86
N GLY B 367 27.02 30.39 4.67
CA GLY B 367 26.55 29.09 4.19
C GLY B 367 25.06 29.02 4.33
N GLY B 368 24.45 28.05 3.67
CA GLY B 368 23.01 27.84 3.78
C GLY B 368 22.20 29.11 3.57
N TYR B 369 22.63 29.97 2.59
CA TYR B 369 22.05 31.26 2.13
C TYR B 369 22.33 32.45 3.07
N SER B 370 22.81 32.21 4.31
CA SER B 370 23.09 33.30 5.25
C SER B 370 24.55 33.61 5.36
N ALA B 371 24.86 34.92 5.36
CA ALA B 371 26.23 35.40 5.53
C ALA B 371 26.68 35.24 6.98
N LYS B 372 25.73 35.23 7.95
CA LYS B 372 26.08 35.15 9.37
C LYS B 372 25.42 34.01 10.09
N GLY B 373 26.16 33.40 11.03
CA GLY B 373 25.63 32.36 11.90
C GLY B 373 25.61 30.94 11.37
N ILE B 374 25.82 30.77 10.06
CA ILE B 374 25.90 29.45 9.39
C ILE B 374 27.29 29.36 8.84
N TYR B 375 27.95 28.19 8.98
CA TYR B 375 29.35 28.00 8.58
C TYR B 375 29.49 26.83 7.64
N ARG B 376 30.45 26.94 6.71
CA ARG B 376 30.74 25.93 5.68
C ARG B 376 32.18 25.35 5.92
N PRO B 377 32.51 24.19 5.34
CA PRO B 377 33.79 23.52 5.70
C PRO B 377 35.04 24.01 4.99
N ALA B 378 34.90 24.73 3.90
CA ALA B 378 36.05 25.23 3.14
C ALA B 378 35.71 26.60 2.58
N PHE B 379 36.71 27.39 2.15
CA PHE B 379 36.40 28.70 1.59
C PHE B 379 35.53 28.57 0.33
N ASP B 380 35.78 27.55 -0.51
CA ASP B 380 35.05 27.30 -1.74
C ASP B 380 34.78 25.79 -1.91
N CYS B 381 33.80 25.44 -2.76
CA CYS B 381 33.29 24.08 -2.98
C CYS B 381 32.36 24.09 -4.20
N ARG B 382 32.15 22.91 -4.80
CA ARG B 382 31.14 22.65 -5.85
C ARG B 382 29.76 23.11 -5.31
N MSE B 383 29.54 22.99 -3.97
CA MSE B 383 28.24 23.36 -3.34
C MSE B 383 28.14 24.85 -3.10
O MSE B 383 27.08 25.32 -2.69
CB MSE B 383 28.00 22.57 -2.05
CG MSE B 383 27.78 21.05 -2.28
SE MSE B 383 26.62 20.62 -3.76
CE MSE B 383 24.98 21.19 -3.08
N ARG B 384 29.20 25.61 -3.39
CA ARG B 384 29.19 27.06 -3.28
C ARG B 384 29.22 27.75 -4.66
N THR B 385 30.10 27.31 -5.57
CA THR B 385 30.23 27.96 -6.88
C THR B 385 30.38 26.95 -8.02
N ASN B 386 30.07 27.40 -9.25
CA ASN B 386 30.21 26.58 -10.45
C ASN B 386 31.65 26.48 -10.94
N GLU B 387 32.46 27.52 -10.68
CA GLU B 387 33.85 27.60 -11.17
C GLU B 387 34.79 26.70 -10.39
N TYR B 388 34.50 26.45 -9.09
CA TYR B 388 35.34 25.62 -8.26
C TYR B 388 35.33 24.17 -8.78
N PRO B 389 36.49 23.50 -8.91
CA PRO B 389 36.51 22.19 -9.59
C PRO B 389 36.02 20.98 -8.81
N THR B 390 35.97 21.04 -7.46
CA THR B 390 35.63 19.82 -6.72
C THR B 390 34.69 20.06 -5.57
N PHE B 391 34.16 18.97 -5.02
CA PHE B 391 33.47 18.97 -3.73
C PHE B 391 34.54 19.18 -2.69
N CYS B 392 34.25 19.96 -1.64
CA CYS B 392 35.23 20.16 -0.56
C CYS B 392 35.48 18.82 0.15
N PRO B 393 36.54 18.68 0.98
CA PRO B 393 36.81 17.37 1.60
C PRO B 393 35.66 16.82 2.45
N VAL B 394 34.87 17.72 3.04
CA VAL B 394 33.76 17.34 3.91
C VAL B 394 32.57 16.83 3.08
N CYS B 395 32.28 17.45 1.94
CA CYS B 395 31.23 17.00 1.01
C CYS B 395 31.61 15.63 0.45
N GLN B 396 32.91 15.44 0.14
CA GLN B 396 33.43 14.17 -0.40
C GLN B 396 33.22 13.04 0.61
N ARG B 397 33.49 13.29 1.89
CA ARG B 397 33.30 12.28 2.93
C ARG B 397 31.81 11.96 3.07
N ALA B 398 30.95 13.02 3.04
CA ALA B 398 29.51 12.87 3.18
C ALA B 398 28.95 12.01 2.01
N ILE B 399 29.41 12.28 0.76
CA ILE B 399 28.97 11.50 -0.41
C ILE B 399 29.47 10.03 -0.29
N GLN B 400 30.74 9.83 0.14
CA GLN B 400 31.30 8.49 0.28
C GLN B 400 30.50 7.67 1.29
N ARG B 401 30.07 8.31 2.42
CA ARG B 401 29.26 7.67 3.44
C ARG B 401 27.92 7.22 2.85
N ILE B 402 27.34 8.00 1.92
CA ILE B 402 26.06 7.65 1.25
C ILE B 402 26.29 6.45 0.33
N ILE B 403 27.37 6.47 -0.49
CA ILE B 403 27.69 5.36 -1.40
C ILE B 403 27.89 4.07 -0.59
N GLU B 404 28.66 4.14 0.50
CA GLU B 404 28.96 3.00 1.36
C GLU B 404 27.70 2.49 2.10
N PHE B 405 26.77 3.38 2.47
CA PHE B 405 25.52 2.99 3.11
C PHE B 405 24.72 2.05 2.20
N TYR B 406 24.66 2.37 0.90
CA TYR B 406 23.90 1.61 -0.09
C TYR B 406 24.67 0.43 -0.71
N THR B 407 26.02 0.40 -0.67
CA THR B 407 26.76 -0.67 -1.35
C THR B 407 27.88 -1.31 -0.50
N GLY B 408 28.06 -0.87 0.74
CA GLY B 408 29.12 -1.39 1.62
C GLY B 408 30.44 -0.63 1.59
N LYS B 409 31.31 -0.91 2.59
CA LYS B 409 32.62 -0.26 2.72
C LYS B 409 33.58 -0.72 1.59
N GLN C 3 -29.54 26.44 64.88
CA GLN C 3 -29.10 26.12 66.25
C GLN C 3 -28.03 25.03 66.21
N ASN C 4 -28.38 23.78 65.78
CA ASN C 4 -27.39 22.70 65.63
C ASN C 4 -26.43 23.03 64.44
N PHE C 5 -26.81 24.02 63.58
CA PHE C 5 -25.96 24.49 62.50
C PHE C 5 -24.98 25.56 63.02
N SER C 6 -25.49 26.70 63.48
CA SER C 6 -24.75 27.89 63.95
C SER C 6 -23.74 27.63 65.10
N ASP C 7 -23.99 26.62 65.91
CA ASP C 7 -23.12 26.22 67.00
C ASP C 7 -21.82 25.57 66.52
N TYR C 8 -21.82 24.98 65.31
CA TYR C 8 -20.64 24.24 64.84
C TYR C 8 -20.11 24.72 63.51
N PHE C 9 -20.90 25.44 62.73
CA PHE C 9 -20.48 25.80 61.38
C PHE C 9 -20.57 27.26 61.05
N THR C 10 -19.76 27.64 60.06
CA THR C 10 -19.72 28.97 59.47
C THR C 10 -20.31 28.85 58.07
N ASN C 11 -20.63 29.99 57.43
CA ASN C 11 -21.24 29.96 56.10
C ASN C 11 -20.15 29.80 55.03
N LYS C 12 -19.48 28.66 55.04
CA LYS C 12 -18.45 28.27 54.09
C LYS C 12 -18.57 26.79 53.87
N THR C 13 -17.94 26.34 52.81
CA THR C 13 -17.90 24.92 52.53
C THR C 13 -16.49 24.41 52.75
N LEU C 14 -16.40 23.26 53.41
CA LEU C 14 -15.19 22.47 53.51
C LEU C 14 -15.30 21.41 52.41
N ARG C 15 -14.57 21.62 51.30
CA ARG C 15 -14.53 20.65 50.22
C ARG C 15 -13.40 19.65 50.50
N ILE C 16 -13.74 18.35 50.47
CA ILE C 16 -12.76 17.30 50.72
C ILE C 16 -12.63 16.45 49.49
N ASP C 17 -11.41 16.35 48.95
CA ASP C 17 -11.09 15.52 47.80
C ASP C 17 -10.43 14.26 48.34
N TYR C 18 -11.00 13.11 48.03
CA TYR C 18 -10.44 11.81 48.42
C TYR C 18 -10.01 11.03 47.22
N LEU C 19 -9.20 10.01 47.45
CA LEU C 19 -8.87 9.03 46.45
C LEU C 19 -9.35 7.71 47.00
N PHE C 20 -10.17 7.02 46.20
CA PHE C 20 -10.62 5.68 46.52
C PHE C 20 -9.77 4.75 45.72
N THR C 21 -9.11 3.81 46.38
CA THR C 21 -8.16 2.96 45.67
C THR C 21 -8.35 1.48 46.00
N GLY C 22 -7.90 0.63 45.11
CA GLY C 22 -7.95 -0.81 45.34
C GLY C 22 -8.26 -1.65 44.14
N ASN C 23 -8.69 -2.87 44.43
CA ASN C 23 -9.06 -3.89 43.47
C ASN C 23 -10.24 -4.65 44.06
N ALA C 24 -10.67 -5.74 43.41
CA ALA C 24 -11.81 -6.57 43.85
C ALA C 24 -11.57 -7.17 45.23
N ASP C 25 -10.30 -7.44 45.61
CA ASP C 25 -9.98 -8.04 46.91
C ASP C 25 -9.95 -7.02 48.06
N LYS C 26 -9.30 -5.86 47.90
CA LYS C 26 -9.16 -4.89 48.98
C LYS C 26 -9.28 -3.43 48.48
N GLN C 27 -9.92 -2.59 49.30
CA GLN C 27 -10.13 -1.17 48.98
C GLN C 27 -9.67 -0.28 50.12
N SER C 28 -9.29 0.95 49.78
CA SER C 28 -8.81 1.93 50.75
CA SER C 28 -8.79 1.93 50.75
C SER C 28 -9.23 3.33 50.36
N ILE C 29 -9.18 4.27 51.32
CA ILE C 29 -9.51 5.67 51.13
C ILE C 29 -8.32 6.49 51.65
N CYS C 30 -7.90 7.49 50.92
CA CYS C 30 -6.88 8.41 51.42
C CYS C 30 -7.34 9.82 51.10
N LEU C 31 -6.82 10.78 51.82
CA LEU C 31 -7.10 12.18 51.60
C LEU C 31 -6.24 12.73 50.45
N ASP C 32 -6.84 13.49 49.57
CA ASP C 32 -6.11 14.11 48.46
C ASP C 32 -5.83 15.60 48.85
N GLU C 33 -6.89 16.38 49.08
CA GLU C 33 -6.76 17.80 49.40
C GLU C 33 -8.01 18.30 50.11
N LEU C 34 -7.81 19.33 50.96
CA LEU C 34 -8.86 20.06 51.65
C LEU C 34 -8.96 21.44 51.02
N SER C 35 -10.20 21.92 50.75
CA SER C 35 -10.45 23.22 50.17
CA SER C 35 -10.37 23.26 50.24
C SER C 35 -11.56 23.96 50.89
N GLU C 36 -11.59 25.27 50.73
CA GLU C 36 -12.64 26.09 51.29
C GLU C 36 -13.35 26.81 50.15
N LEU C 37 -14.70 26.78 50.14
CA LEU C 37 -15.54 27.46 49.17
C LEU C 37 -16.26 28.61 49.89
N PRO C 38 -16.56 29.73 49.20
CA PRO C 38 -17.07 30.93 49.90
C PRO C 38 -18.43 30.83 50.61
N VAL C 39 -19.33 29.92 50.25
CA VAL C 39 -20.61 29.81 50.97
C VAL C 39 -20.94 28.35 51.23
N TRP C 40 -21.85 28.07 52.19
CA TRP C 40 -22.40 26.73 52.40
C TRP C 40 -23.75 26.70 51.71
N ALA C 41 -23.87 25.94 50.58
CA ALA C 41 -25.09 25.85 49.78
C ALA C 41 -25.98 24.67 50.20
N GLY C 42 -25.53 23.84 51.15
CA GLY C 42 -26.29 22.69 51.61
C GLY C 42 -27.33 22.95 52.68
N ARG C 43 -27.82 21.87 53.31
CA ARG C 43 -28.86 21.95 54.33
C ARG C 43 -28.37 22.51 55.68
N ARG C 44 -29.33 23.01 56.48
CA ARG C 44 -29.04 23.57 57.80
C ARG C 44 -29.89 22.89 58.88
N HIS C 45 -30.61 21.79 58.51
CA HIS C 45 -31.46 20.99 59.37
C HIS C 45 -31.20 19.52 59.11
N HIS C 46 -31.63 18.62 60.02
CA HIS C 46 -31.46 17.16 59.92
C HIS C 46 -29.99 16.85 59.66
N LEU C 47 -29.11 17.58 60.34
CA LEU C 47 -27.67 17.53 60.14
C LEU C 47 -27.06 16.18 60.54
N SER C 48 -27.66 15.46 61.48
CA SER C 48 -27.15 14.15 61.93
C SER C 48 -28.00 12.98 61.36
N GLU C 49 -28.85 13.25 60.37
CA GLU C 49 -29.69 12.24 59.71
C GLU C 49 -29.35 12.09 58.24
N LEU C 50 -29.57 10.89 57.70
CA LEU C 50 -29.37 10.58 56.30
C LEU C 50 -30.72 10.44 55.59
N PRO C 51 -30.89 10.99 54.35
CA PRO C 51 -32.17 10.78 53.65
C PRO C 51 -32.21 9.37 53.02
N LEU C 52 -31.02 8.82 52.69
CA LEU C 52 -30.77 7.50 52.06
C LEU C 52 -29.45 6.96 52.57
N GLU C 53 -29.28 5.65 52.58
CA GLU C 53 -28.04 5.05 53.08
C GLU C 53 -26.84 5.30 52.14
N GLY C 54 -27.06 5.18 50.82
CA GLY C 54 -26.00 5.28 49.82
C GLY C 54 -25.12 4.04 49.86
N ASN C 55 -24.16 3.96 48.94
CA ASN C 55 -23.15 2.87 48.95
C ASN C 55 -21.95 3.27 49.83
N GLY C 56 -21.94 4.53 50.24
CA GLY C 56 -20.89 5.09 51.11
C GLY C 56 -21.45 6.20 51.96
N GLN C 57 -20.87 6.42 53.16
CA GLN C 57 -21.35 7.43 54.10
C GLN C 57 -20.21 8.28 54.66
N ILE C 58 -20.50 9.54 55.00
CA ILE C 58 -19.59 10.46 55.66
C ILE C 58 -20.23 10.89 56.95
N VAL C 59 -19.48 10.81 58.07
CA VAL C 59 -19.95 11.27 59.37
C VAL C 59 -18.91 12.27 59.89
N MSE C 60 -19.36 13.48 60.22
CA MSE C 60 -18.51 14.52 60.80
C MSE C 60 -18.88 14.67 62.27
O MSE C 60 -20.07 14.81 62.60
CB MSE C 60 -18.68 15.83 60.03
CG MSE C 60 -17.77 16.96 60.51
SE MSE C 60 -18.08 18.52 59.35
CE MSE C 60 -16.34 18.94 59.08
N ARG C 61 -17.86 14.60 63.14
CA ARG C 61 -18.03 14.72 64.58
CA ARG C 61 -18.05 14.71 64.58
C ARG C 61 -17.24 15.87 65.14
N ASP C 62 -17.78 16.53 66.15
CA ASP C 62 -17.08 17.61 66.84
C ASP C 62 -15.98 16.92 67.70
N VAL C 63 -14.71 17.32 67.54
CA VAL C 63 -13.60 16.69 68.27
C VAL C 63 -13.81 16.80 69.82
N ALA C 64 -14.11 18.00 70.32
CA ALA C 64 -14.27 18.26 71.77
C ALA C 64 -15.39 17.39 72.42
N SER C 65 -16.59 17.36 71.82
CA SER C 65 -17.72 16.62 72.39
C SER C 65 -17.90 15.20 71.85
N GLY C 66 -17.36 14.91 70.66
CA GLY C 66 -17.53 13.62 70.00
C GLY C 66 -18.90 13.45 69.33
N LYS C 67 -19.72 14.50 69.34
CA LYS C 67 -21.08 14.49 68.80
C LYS C 67 -21.10 14.59 67.28
N VAL C 68 -22.02 13.85 66.62
CA VAL C 68 -22.24 13.93 65.17
C VAL C 68 -22.79 15.32 64.86
N ILE C 69 -22.12 16.07 63.98
CA ILE C 69 -22.54 17.43 63.64
C ILE C 69 -22.96 17.51 62.15
N TYR C 70 -22.55 16.57 61.32
CA TYR C 70 -22.95 16.51 59.91
C TYR C 70 -22.81 15.10 59.36
N THR C 71 -23.69 14.75 58.41
CA THR C 71 -23.63 13.47 57.75
C THR C 71 -24.23 13.58 56.36
N THR C 72 -23.64 12.83 55.40
CA THR C 72 -24.12 12.74 54.04
C THR C 72 -23.77 11.32 53.53
N SER C 73 -24.38 10.92 52.41
CA SER C 73 -24.15 9.61 51.82
C SER C 73 -24.11 9.76 50.29
N PHE C 74 -23.63 8.72 49.60
CA PHE C 74 -23.35 8.79 48.17
C PHE C 74 -23.09 7.40 47.61
N SER C 75 -22.85 7.33 46.30
CA SER C 75 -22.37 6.18 45.57
C SER C 75 -21.21 6.67 44.71
N SER C 76 -20.47 5.78 44.06
CA SER C 76 -19.29 6.25 43.31
C SER C 76 -18.99 5.38 42.10
N LEU C 77 -18.31 5.97 41.09
CA LEU C 77 -17.87 5.24 39.91
C LEU C 77 -16.86 4.14 40.34
N PHE C 78 -16.04 4.40 41.37
CA PHE C 78 -15.09 3.42 41.91
C PHE C 78 -15.80 2.11 42.33
N GLN C 79 -16.92 2.21 43.08
CA GLN C 79 -17.67 1.05 43.58
C GLN C 79 -18.29 0.23 42.44
N GLU C 80 -18.59 0.89 41.30
CA GLU C 80 -19.06 0.20 40.10
C GLU C 80 -17.88 -0.52 39.43
N TRP C 81 -16.70 0.16 39.36
CA TRP C 81 -15.50 -0.38 38.73
C TRP C 81 -15.07 -1.69 39.44
N LEU C 82 -15.28 -1.77 40.77
CA LEU C 82 -14.94 -2.95 41.59
C LEU C 82 -15.68 -4.21 41.11
N GLU C 83 -16.81 -4.03 40.41
CA GLU C 83 -17.63 -5.13 39.91
C GLU C 83 -17.17 -5.54 38.50
N THR C 84 -16.15 -4.86 37.91
CA THR C 84 -15.68 -5.19 36.54
C THR C 84 -14.54 -6.19 36.54
N ASP C 85 -14.25 -6.82 35.37
CA ASP C 85 -13.17 -7.78 35.23
C ASP C 85 -11.79 -7.17 35.50
N GLU C 86 -11.61 -5.90 35.15
CA GLU C 86 -10.33 -5.20 35.34
C GLU C 86 -9.94 -5.15 36.83
N ALA C 87 -10.94 -5.03 37.75
CA ALA C 87 -10.70 -4.97 39.21
C ALA C 87 -10.11 -6.28 39.76
N LYS C 88 -10.15 -7.35 38.98
CA LYS C 88 -9.57 -8.64 39.35
C LYS C 88 -8.11 -8.73 38.91
N GLU C 89 -7.64 -7.78 38.06
CA GLU C 89 -6.31 -7.79 37.44
C GLU C 89 -5.42 -6.62 37.82
N VAL C 90 -5.99 -5.47 38.21
CA VAL C 90 -5.19 -4.30 38.53
C VAL C 90 -5.80 -3.51 39.69
N THR C 91 -4.96 -2.72 40.38
CA THR C 91 -5.31 -1.82 41.44
C THR C 91 -5.38 -0.44 40.80
N LYS C 92 -6.52 0.27 40.98
CA LYS C 92 -6.77 1.61 40.42
C LYS C 92 -7.18 2.59 41.51
N GLY C 93 -7.02 3.87 41.21
CA GLY C 93 -7.40 4.98 42.07
C GLY C 93 -8.38 5.89 41.37
N PHE C 94 -9.33 6.45 42.15
CA PHE C 94 -10.39 7.32 41.64
C PHE C 94 -10.57 8.53 42.51
N GLU C 95 -10.76 9.69 41.87
CA GLU C 95 -11.05 10.97 42.54
C GLU C 95 -12.50 11.02 42.96
N ASN C 96 -12.77 11.50 44.18
CA ASN C 96 -14.12 11.68 44.73
C ASN C 96 -14.11 12.91 45.61
N THR C 97 -15.09 13.79 45.42
CA THR C 97 -15.18 15.06 46.14
C THR C 97 -16.47 15.12 46.95
N TYR C 98 -16.40 15.64 48.19
CA TYR C 98 -17.56 15.80 49.07
C TYR C 98 -17.54 17.18 49.65
N LEU C 99 -18.74 17.79 49.74
CA LEU C 99 -18.94 19.13 50.28
C LEU C 99 -19.55 19.01 51.67
N LEU C 100 -18.86 19.60 52.66
CA LEU C 100 -19.32 19.58 54.04
C LEU C 100 -19.41 21.01 54.53
N PRO C 101 -20.25 21.32 55.56
CA PRO C 101 -20.23 22.70 56.10
C PRO C 101 -18.90 22.93 56.83
N TYR C 102 -18.35 24.15 56.71
CA TYR C 102 -17.04 24.48 57.29
C TYR C 102 -17.12 24.59 58.82
N PRO C 103 -16.37 23.75 59.57
CA PRO C 103 -16.51 23.80 61.05
C PRO C 103 -15.77 24.98 61.69
N ILE C 104 -16.29 25.47 62.83
CA ILE C 104 -15.68 26.56 63.60
C ILE C 104 -14.49 25.99 64.40
N LYS C 105 -14.66 24.78 64.95
CA LYS C 105 -13.66 24.12 65.78
C LYS C 105 -13.21 22.82 65.12
N PRO C 106 -12.05 22.21 65.52
CA PRO C 106 -11.64 20.95 64.88
C PRO C 106 -12.75 19.90 64.84
N ALA C 107 -12.85 19.24 63.71
CA ALA C 107 -13.84 18.21 63.48
C ALA C 107 -13.16 16.93 62.99
N GLU C 108 -13.71 15.78 63.36
CA GLU C 108 -13.22 14.50 62.89
C GLU C 108 -14.15 13.98 61.80
N VAL C 109 -13.61 13.75 60.61
CA VAL C 109 -14.38 13.29 59.48
C VAL C 109 -14.14 11.78 59.30
N GLU C 110 -15.23 11.02 59.20
CA GLU C 110 -15.10 9.59 58.96
C GLU C 110 -15.85 9.24 57.67
N ILE C 111 -15.14 8.70 56.67
CA ILE C 111 -15.75 8.30 55.41
C ILE C 111 -15.68 6.75 55.35
N THR C 112 -16.79 6.12 54.99
CA THR C 112 -16.95 4.68 54.92
C THR C 112 -17.53 4.24 53.57
N LEU C 113 -16.96 3.18 52.99
CA LEU C 113 -17.52 2.53 51.80
C LEU C 113 -18.11 1.20 52.23
N ARG C 114 -19.22 0.81 51.60
CA ARG C 114 -19.85 -0.47 51.88
C ARG C 114 -19.90 -1.29 50.61
N ASN C 115 -19.88 -2.62 50.74
CA ASN C 115 -19.99 -3.53 49.62
C ASN C 115 -21.47 -3.87 49.40
N ASN C 116 -21.77 -4.80 48.45
CA ASN C 116 -23.16 -5.21 48.14
C ASN C 116 -23.86 -5.97 49.27
N LYS C 117 -23.09 -6.47 50.25
CA LYS C 117 -23.64 -7.15 51.43
C LYS C 117 -23.90 -6.14 52.56
N ARG C 118 -23.75 -4.84 52.20
CA ARG C 118 -23.97 -3.62 53.02
C ARG C 118 -23.02 -3.62 54.23
N GLU C 119 -21.87 -4.26 54.08
CA GLU C 119 -20.88 -4.27 55.14
C GLU C 119 -19.67 -3.38 54.73
N VAL C 120 -18.96 -2.87 55.74
CA VAL C 120 -17.85 -1.93 55.60
C VAL C 120 -16.73 -2.56 54.75
N SER C 121 -16.38 -1.90 53.62
CA SER C 121 -15.34 -2.40 52.72
C SER C 121 -14.10 -1.50 52.75
N ALA C 122 -14.23 -0.23 53.20
CA ALA C 122 -13.14 0.75 53.36
C ALA C 122 -13.57 1.84 54.33
N ASN C 123 -12.63 2.37 55.09
CA ASN C 123 -12.89 3.40 56.08
C ASN C 123 -11.69 4.33 56.26
N LEU C 124 -11.95 5.62 56.48
CA LEU C 124 -10.89 6.60 56.80
C LEU C 124 -11.42 7.59 57.81
N LYS C 125 -10.69 7.79 58.90
CA LYS C 125 -11.02 8.76 59.95
C LYS C 125 -9.88 9.77 60.01
N HIS C 126 -10.18 11.08 59.87
CA HIS C 126 -9.11 12.11 59.90
C HIS C 126 -9.66 13.39 60.55
N VAL C 127 -8.77 14.18 61.17
CA VAL C 127 -9.15 15.40 61.85
C VAL C 127 -8.89 16.58 60.92
N VAL C 128 -9.86 17.48 60.85
CA VAL C 128 -9.77 18.70 60.07
C VAL C 128 -9.68 19.86 61.06
N LYS C 129 -8.59 20.63 60.97
CA LYS C 129 -8.40 21.83 61.82
C LYS C 129 -8.76 23.03 60.98
N PRO C 130 -9.81 23.80 61.34
CA PRO C 130 -10.27 24.88 60.45
C PRO C 130 -9.27 26.00 60.14
N ASP C 131 -8.23 26.17 60.97
CA ASP C 131 -7.22 27.22 60.73
C ASP C 131 -5.97 26.67 59.98
N ASP C 132 -6.02 25.41 59.48
CA ASP C 132 -4.91 24.78 58.74
C ASP C 132 -4.61 25.64 57.49
N ILE C 133 -3.38 26.19 57.38
CA ILE C 133 -2.99 27.08 56.28
C ILE C 133 -2.99 26.37 54.92
N LEU C 134 -2.93 25.02 54.91
CA LEU C 134 -2.88 24.26 53.67
C LEU C 134 -4.29 23.88 53.15
N ILE C 135 -5.34 24.42 53.80
CA ILE C 135 -6.72 24.30 53.28
C ILE C 135 -6.77 25.33 52.14
N HIS C 136 -6.82 24.84 50.90
CA HIS C 136 -6.79 25.65 49.69
C HIS C 136 -8.05 26.53 49.55
N LYS C 137 -7.91 27.84 49.57
CA LYS C 137 -9.04 28.75 49.39
C LYS C 137 -9.38 28.85 47.90
N LYS C 138 -10.64 28.48 47.54
CA LYS C 138 -11.09 28.46 46.14
C LYS C 138 -12.35 29.30 45.95
N GLY C 139 -12.71 29.52 44.70
CA GLY C 139 -13.91 30.24 44.30
C GLY C 139 -13.97 31.72 44.60
N LEU C 140 -12.80 32.38 44.66
CA LEU C 140 -12.79 33.81 44.94
C LEU C 140 -12.57 34.61 43.68
N THR C 141 -11.79 34.06 42.72
CA THR C 141 -11.44 34.71 41.45
C THR C 141 -11.62 33.76 40.29
N HIS C 142 -11.62 34.28 39.06
CA HIS C 142 -11.69 33.51 37.81
C HIS C 142 -12.85 32.52 37.82
N ILE C 143 -14.02 32.94 38.35
CA ILE C 143 -15.21 32.10 38.44
C ILE C 143 -15.70 31.84 37.02
N THR C 144 -15.95 30.57 36.68
CA THR C 144 -16.39 30.19 35.33
C THR C 144 -17.62 31.00 34.89
N PRO C 145 -17.62 31.54 33.63
CA PRO C 145 -18.81 32.23 33.14
C PRO C 145 -20.04 31.33 33.25
N HIS C 146 -21.15 31.89 33.70
CA HIS C 146 -22.38 31.13 33.96
C HIS C 146 -23.60 32.03 33.83
N LYS C 147 -24.79 31.44 33.81
CA LYS C 147 -26.07 32.15 33.81
C LYS C 147 -27.07 31.36 34.63
N TYR C 148 -27.85 32.05 35.45
CA TYR C 148 -28.94 31.38 36.16
C TYR C 148 -30.10 31.14 35.20
N LEU C 149 -30.56 29.90 35.12
CA LEU C 149 -31.74 29.62 34.31
C LEU C 149 -32.96 29.80 35.18
N LEU C 150 -32.79 29.63 36.50
CA LEU C 150 -33.83 29.67 37.51
C LEU C 150 -33.27 30.03 38.84
N LYS C 151 -33.82 31.04 39.52
CA LYS C 151 -33.39 31.35 40.87
C LYS C 151 -34.63 31.59 41.74
N SER C 152 -35.00 30.59 42.55
CA SER C 152 -36.20 30.63 43.40
C SER C 152 -35.93 31.27 44.76
N GLY C 153 -34.67 31.25 45.21
CA GLY C 153 -34.28 31.81 46.49
C GLY C 153 -32.79 31.79 46.67
N ASN C 154 -32.34 32.13 47.90
CA ASN C 154 -30.92 32.13 48.27
CA ASN C 154 -30.90 32.12 48.20
C ASN C 154 -30.42 30.68 48.32
N GLU C 155 -29.11 30.45 48.23
CA GLU C 155 -28.48 29.12 48.30
C GLU C 155 -28.81 28.38 49.61
N GLU C 156 -29.18 29.12 50.66
CA GLU C 156 -29.49 28.54 51.96
C GLU C 156 -30.90 27.95 52.03
N GLN C 157 -31.83 28.42 51.19
CA GLN C 157 -33.21 27.95 51.28
C GLN C 157 -33.62 27.04 50.10
N CYS C 158 -32.81 26.95 49.04
CA CYS C 158 -33.19 26.19 47.85
C CYS C 158 -32.16 25.16 47.51
N ILE C 159 -32.51 24.19 46.64
CA ILE C 159 -31.59 23.16 46.14
C ILE C 159 -30.85 23.75 44.94
N ASP C 160 -29.53 23.78 45.01
CA ASP C 160 -28.69 24.34 43.96
C ASP C 160 -28.21 23.27 43.02
N VAL C 161 -28.63 23.36 41.76
CA VAL C 161 -28.24 22.42 40.71
C VAL C 161 -27.43 23.16 39.67
N ALA C 162 -26.23 22.66 39.40
CA ALA C 162 -25.37 23.27 38.40
C ALA C 162 -25.31 22.36 37.18
N ILE C 163 -25.41 22.97 35.98
CA ILE C 163 -25.34 22.29 34.69
C ILE C 163 -24.05 22.74 34.04
N LEU C 164 -23.14 21.79 33.79
CA LEU C 164 -21.82 22.06 33.20
C LEU C 164 -21.76 21.68 31.73
N ALA C 165 -20.91 22.39 30.98
CA ALA C 165 -20.63 22.18 29.54
C ALA C 165 -19.40 21.25 29.36
N GLU C 166 -19.59 20.15 28.64
CA GLU C 166 -18.56 19.20 28.30
C GLU C 166 -18.51 19.04 26.77
N GLY C 167 -17.34 19.30 26.19
CA GLY C 167 -17.15 19.22 24.74
C GLY C 167 -17.70 20.39 23.94
N TYR C 168 -17.96 21.52 24.61
CA TYR C 168 -18.38 22.76 23.95
C TYR C 168 -17.22 23.73 23.97
N THR C 169 -16.85 24.26 22.79
CA THR C 169 -15.80 25.27 22.73
C THR C 169 -16.45 26.60 23.10
N THR C 170 -15.65 27.67 23.31
CA THR C 170 -16.17 29.02 23.65
C THR C 170 -17.16 29.56 22.60
N SER C 171 -16.99 29.17 21.34
CA SER C 171 -17.88 29.61 20.27
C SER C 171 -19.19 28.77 20.19
N GLU C 172 -19.34 27.72 21.01
CA GLU C 172 -20.56 26.89 20.98
C GLU C 172 -21.41 27.05 22.25
N MSE C 173 -21.14 28.09 23.05
CA MSE C 173 -21.82 28.28 24.34
C MSE C 173 -23.27 28.68 24.18
O MSE C 173 -24.05 28.37 25.09
CB MSE C 173 -21.07 29.26 25.23
CG MSE C 173 -19.84 28.64 25.84
SE MSE C 173 -20.11 26.82 26.57
CE MSE C 173 -18.26 26.48 26.86
N GLU C 174 -23.66 29.30 23.06
CA GLU C 174 -25.05 29.65 22.76
CA GLU C 174 -25.07 29.64 22.96
C GLU C 174 -25.88 28.35 22.70
N THR C 175 -25.31 27.30 22.04
CA THR C 175 -25.93 25.97 21.89
C THR C 175 -26.00 25.31 23.29
N PHE C 176 -24.91 25.43 24.10
CA PHE C 176 -24.88 24.87 25.46
C PHE C 176 -26.01 25.43 26.31
N TYR C 177 -26.17 26.77 26.37
CA TYR C 177 -27.23 27.41 27.15
C TYR C 177 -28.62 27.00 26.65
N LYS C 178 -28.78 26.75 25.33
CA LYS C 178 -30.05 26.27 24.81
C LYS C 178 -30.29 24.82 25.31
N ASP C 179 -29.24 23.97 25.27
CA ASP C 179 -29.28 22.57 25.73
C ASP C 179 -29.62 22.49 27.23
N ALA C 180 -29.04 23.43 28.04
CA ALA C 180 -29.26 23.50 29.48
C ALA C 180 -30.70 23.87 29.77
N ALA C 181 -31.25 24.78 28.98
CA ALA C 181 -32.68 25.18 29.05
C ALA C 181 -33.59 24.00 28.73
N ILE C 182 -33.20 23.14 27.74
CA ILE C 182 -33.96 21.92 27.36
C ILE C 182 -33.93 20.91 28.52
N ALA C 183 -32.75 20.71 29.17
CA ALA C 183 -32.63 19.78 30.31
C ALA C 183 -33.55 20.24 31.48
N CYS C 184 -33.54 21.55 31.75
CA CYS C 184 -34.32 22.20 32.79
CA CYS C 184 -34.37 22.20 32.77
C CYS C 184 -35.83 21.99 32.54
N GLU C 185 -36.27 22.22 31.29
CA GLU C 185 -37.63 22.07 30.83
C GLU C 185 -38.04 20.59 30.98
N ALA C 186 -37.16 19.64 30.60
CA ALA C 186 -37.46 18.21 30.70
C ALA C 186 -37.64 17.82 32.17
N LEU C 187 -36.75 18.29 33.05
CA LEU C 187 -36.79 18.01 34.48
C LEU C 187 -38.08 18.56 35.14
N PHE C 188 -38.43 19.84 34.89
CA PHE C 188 -39.57 20.46 35.53
C PHE C 188 -40.89 20.21 34.80
N SER C 189 -40.91 19.25 33.87
CA SER C 189 -42.14 18.79 33.24
C SER C 189 -42.53 17.45 33.88
N HIS C 190 -41.73 16.98 34.85
CA HIS C 190 -41.98 15.74 35.59
C HIS C 190 -42.36 16.03 37.02
N GLU C 191 -43.47 15.43 37.50
CA GLU C 191 -43.82 15.51 38.93
C GLU C 191 -42.82 14.60 39.72
N PRO C 192 -42.38 14.97 40.95
CA PRO C 192 -42.80 16.11 41.76
C PRO C 192 -41.98 17.36 41.48
N PHE C 193 -40.96 17.30 40.57
CA PHE C 193 -40.12 18.48 40.29
C PHE C 193 -41.00 19.65 39.80
N GLN C 194 -42.01 19.35 38.95
CA GLN C 194 -42.90 20.35 38.38
C GLN C 194 -43.58 21.21 39.45
N SER C 195 -44.24 20.57 40.46
CA SER C 195 -44.95 21.31 41.52
CA SER C 195 -44.95 21.32 41.50
C SER C 195 -44.00 21.89 42.55
N MSE C 196 -42.75 21.42 42.59
CA MSE C 196 -41.79 21.89 43.58
C MSE C 196 -40.63 22.67 42.96
O MSE C 196 -39.57 22.82 43.57
CB MSE C 196 -41.29 20.67 44.37
CG MSE C 196 -42.43 19.87 44.98
SE MSE C 196 -41.82 18.50 46.18
CE MSE C 196 -41.67 19.67 47.71
N LYS C 197 -40.86 23.22 41.76
CA LYS C 197 -39.91 24.05 41.00
C LYS C 197 -39.40 25.22 41.84
N ASN C 198 -40.25 25.81 42.69
CA ASN C 198 -39.92 26.94 43.56
C ASN C 198 -38.95 26.55 44.71
N ARG C 199 -38.50 25.27 44.77
CA ARG C 199 -37.51 24.83 45.78
C ARG C 199 -36.11 24.75 45.18
N PHE C 200 -35.96 25.08 43.88
CA PHE C 200 -34.70 24.92 43.15
C PHE C 200 -34.11 26.18 42.58
N ASN C 201 -32.77 26.18 42.48
CA ASN C 201 -31.96 27.16 41.77
C ASN C 201 -31.22 26.37 40.69
N ILE C 202 -31.26 26.82 39.45
CA ILE C 202 -30.58 26.14 38.35
C ILE C 202 -29.59 27.12 37.71
N VAL C 203 -28.29 26.76 37.70
CA VAL C 203 -27.27 27.61 37.08
C VAL C 203 -26.57 26.80 35.95
N ALA C 204 -26.44 27.41 34.79
CA ALA C 204 -25.77 26.83 33.63
C ALA C 204 -24.37 27.42 33.58
N VAL C 205 -23.37 26.55 33.64
CA VAL C 205 -21.96 26.94 33.77
C VAL C 205 -21.20 26.59 32.47
N ALA C 206 -20.74 27.64 31.77
CA ALA C 206 -20.06 27.53 30.47
C ALA C 206 -18.59 27.19 30.62
N SER C 207 -18.32 25.99 31.15
CA SER C 207 -16.95 25.47 31.32
C SER C 207 -16.40 25.12 29.91
N PRO C 208 -15.35 25.82 29.43
CA PRO C 208 -14.92 25.62 28.03
C PRO C 208 -14.06 24.38 27.81
N SER C 209 -14.13 23.85 26.57
CA SER C 209 -13.36 22.73 26.09
C SER C 209 -12.51 23.19 24.92
N ALA C 210 -11.25 22.69 24.79
CA ALA C 210 -10.40 23.04 23.66
C ALA C 210 -10.97 22.45 22.37
N ASP C 211 -11.59 21.25 22.45
CA ASP C 211 -12.20 20.57 21.32
C ASP C 211 -13.72 20.46 21.43
N SER C 212 -14.36 20.36 20.26
CA SER C 212 -15.79 20.16 20.13
C SER C 212 -16.08 18.63 20.13
N GLY C 213 -16.98 18.18 21.01
CA GLY C 213 -17.33 16.77 21.10
C GLY C 213 -16.67 16.06 22.27
N VAL C 214 -16.74 14.74 22.30
CA VAL C 214 -16.20 13.96 23.42
C VAL C 214 -15.39 12.80 22.87
N SER C 215 -14.50 12.27 23.72
CA SER C 215 -13.61 11.17 23.36
C SER C 215 -14.37 9.87 23.13
N ALA C 216 -14.02 9.19 22.02
CA ALA C 216 -14.60 7.94 21.59
C ALA C 216 -13.45 6.93 21.53
N PRO C 217 -13.11 6.29 22.69
CA PRO C 217 -11.94 5.38 22.74
C PRO C 217 -11.98 4.25 21.71
N LYS C 218 -13.13 3.59 21.51
CA LYS C 218 -13.27 2.48 20.56
C LYS C 218 -12.91 2.87 19.14
N GLN C 219 -13.18 4.12 18.75
CA GLN C 219 -12.86 4.64 17.41
C GLN C 219 -11.49 5.32 17.37
N GLY C 220 -10.79 5.35 18.52
CA GLY C 220 -9.48 5.98 18.68
C GLY C 220 -9.50 7.48 18.51
N ALA C 221 -10.66 8.11 18.79
CA ALA C 221 -10.87 9.54 18.63
C ALA C 221 -10.93 10.24 19.98
N TRP C 222 -9.77 10.63 20.48
CA TRP C 222 -9.62 11.30 21.76
C TRP C 222 -9.69 12.79 21.53
N LYS C 223 -10.33 13.51 22.44
CA LYS C 223 -10.48 14.96 22.32
C LYS C 223 -10.07 15.66 23.62
N HIS C 224 -9.61 16.92 23.53
CA HIS C 224 -9.22 17.74 24.67
C HIS C 224 -10.47 18.45 25.15
N THR C 225 -11.04 18.00 26.28
CA THR C 225 -12.28 18.59 26.78
C THR C 225 -12.18 18.96 28.25
N ALA C 226 -13.10 19.80 28.71
CA ALA C 226 -13.14 20.33 30.09
C ALA C 226 -12.99 19.23 31.14
N PHE C 227 -13.69 18.08 30.97
CA PHE C 227 -13.68 17.03 32.00
C PHE C 227 -13.25 15.66 31.49
N GLY C 228 -12.66 15.58 30.30
CA GLY C 228 -12.15 14.31 29.81
C GLY C 228 -13.12 13.15 29.81
N SER C 229 -14.42 13.43 29.50
CA SER C 229 -15.44 12.38 29.44
C SER C 229 -15.19 11.48 28.23
N HIS C 230 -15.58 10.23 28.36
CA HIS C 230 -15.38 9.33 27.24
C HIS C 230 -16.41 8.21 27.26
N PHE C 231 -16.63 7.63 26.10
CA PHE C 231 -17.49 6.45 25.99
C PHE C 231 -16.64 5.27 26.36
N ASP C 232 -17.20 4.05 26.25
CA ASP C 232 -16.48 2.80 26.48
C ASP C 232 -15.96 2.69 27.93
N THR C 233 -16.65 3.32 28.89
CA THR C 233 -16.28 3.18 30.32
C THR C 233 -16.49 1.72 30.71
N PHE C 234 -15.46 1.09 31.30
CA PHE C 234 -15.49 -0.32 31.70
C PHE C 234 -15.71 -1.21 30.48
N TYR C 235 -15.30 -0.71 29.28
CA TYR C 235 -15.45 -1.37 27.98
C TYR C 235 -16.94 -1.61 27.61
N SER C 236 -17.84 -0.79 28.16
CA SER C 236 -19.25 -0.77 27.85
C SER C 236 -19.46 0.47 26.93
N ASP C 237 -19.57 0.22 25.62
CA ASP C 237 -19.67 1.19 24.53
C ASP C 237 -20.41 2.48 24.85
N ARG C 238 -21.61 2.39 25.37
CA ARG C 238 -22.51 3.53 25.60
C ARG C 238 -22.41 4.07 27.01
N TYR C 239 -21.44 3.57 27.80
CA TYR C 239 -21.27 4.10 29.13
C TYR C 239 -20.32 5.32 29.05
N LEU C 240 -20.93 6.51 29.13
CA LEU C 240 -20.23 7.79 29.05
C LEU C 240 -20.06 8.33 30.44
N THR C 241 -18.78 8.41 30.86
CA THR C 241 -18.46 8.92 32.20
C THR C 241 -17.23 9.81 32.14
N THR C 242 -16.90 10.37 33.29
CA THR C 242 -15.70 11.10 33.57
C THR C 242 -15.21 10.70 34.96
N SER C 243 -13.89 10.61 35.08
CA SER C 243 -13.26 10.32 36.36
CA SER C 243 -13.21 10.32 36.34
C SER C 243 -12.49 11.59 36.84
N ARG C 244 -12.65 12.70 36.11
CA ARG C 244 -12.00 13.97 36.44
C ARG C 244 -12.86 14.80 37.40
N VAL C 245 -13.06 14.25 38.60
CA VAL C 245 -13.95 14.80 39.62
C VAL C 245 -13.38 16.11 40.21
N LYS C 246 -12.06 16.22 40.36
CA LYS C 246 -11.46 17.47 40.87
C LYS C 246 -11.69 18.59 39.87
N ALA C 247 -11.53 18.30 38.55
CA ALA C 247 -11.73 19.29 37.49
C ALA C 247 -13.20 19.76 37.44
N ILE C 248 -14.16 18.83 37.65
CA ILE C 248 -15.61 19.14 37.65
C ILE C 248 -15.91 20.16 38.77
N ASN C 249 -15.41 19.89 39.99
CA ASN C 249 -15.63 20.72 41.15
C ASN C 249 -14.83 22.01 41.05
N ASP C 250 -13.62 22.00 40.46
CA ASP C 250 -12.84 23.24 40.27
C ASP C 250 -13.58 24.22 39.33
N ALA C 251 -14.25 23.68 38.28
CA ALA C 251 -15.02 24.51 37.34
C ALA C 251 -16.19 25.21 38.04
N LEU C 252 -16.67 24.64 39.16
CA LEU C 252 -17.83 25.18 39.89
C LEU C 252 -17.45 26.02 41.09
N ALA C 253 -16.16 26.05 41.49
CA ALA C 253 -15.72 26.79 42.68
C ALA C 253 -16.17 28.27 42.57
N GLY C 254 -16.89 28.74 43.59
CA GLY C 254 -17.38 30.11 43.63
C GLY C 254 -18.84 30.22 43.29
N ILE C 255 -19.38 29.20 42.63
CA ILE C 255 -20.79 29.11 42.23
C ILE C 255 -21.47 28.16 43.25
N PRO C 256 -22.55 28.58 43.96
CA PRO C 256 -23.19 27.65 44.92
C PRO C 256 -23.78 26.43 44.18
N TYR C 257 -23.49 25.23 44.68
CA TYR C 257 -24.01 24.00 44.06
C TYR C 257 -24.09 22.88 45.07
N GLU C 258 -25.05 22.01 44.88
CA GLU C 258 -25.25 20.81 45.66
C GLU C 258 -25.29 19.60 44.75
N HIS C 259 -25.76 19.77 43.49
CA HIS C 259 -25.94 18.69 42.53
C HIS C 259 -25.40 19.11 41.17
N ILE C 260 -24.87 18.15 40.42
CA ILE C 260 -24.24 18.42 39.14
C ILE C 260 -24.84 17.60 38.01
N ILE C 261 -25.12 18.29 36.90
CA ILE C 261 -25.56 17.72 35.63
C ILE C 261 -24.52 18.15 34.60
N ILE C 262 -23.95 17.18 33.87
CA ILE C 262 -22.97 17.52 32.85
C ILE C 262 -23.56 17.23 31.48
N LEU C 263 -23.58 18.21 30.57
CA LEU C 263 -24.10 18.02 29.22
C LEU C 263 -22.95 17.84 28.27
N ALA C 264 -22.96 16.75 27.51
CA ALA C 264 -21.93 16.45 26.52
C ALA C 264 -22.37 16.86 25.13
N ASN C 265 -21.51 17.60 24.45
CA ASN C 265 -21.80 18.09 23.10
C ASN C 265 -21.55 16.99 22.05
N THR C 266 -22.48 16.03 21.96
CA THR C 266 -22.38 14.92 21.00
C THR C 266 -23.79 14.42 20.68
N GLU C 267 -23.94 13.77 19.53
CA GLU C 267 -25.18 13.13 19.09
C GLU C 267 -25.19 11.66 19.45
N GLN C 268 -24.03 11.11 19.80
CA GLN C 268 -23.89 9.69 20.15
C GLN C 268 -24.68 9.39 21.42
N TYR C 269 -25.29 8.21 21.51
CA TYR C 269 -26.06 7.83 22.67
C TYR C 269 -25.13 7.44 23.82
N GLY C 270 -25.39 7.99 25.00
CA GLY C 270 -24.63 7.68 26.20
C GLY C 270 -24.98 8.52 27.40
N GLY C 271 -24.66 8.01 28.57
CA GLY C 271 -24.95 8.69 29.81
C GLY C 271 -24.61 7.90 31.04
N GLY C 272 -24.72 8.56 32.18
CA GLY C 272 -24.44 7.97 33.49
C GLY C 272 -24.97 8.88 34.57
N GLY C 273 -25.34 8.32 35.71
CA GLY C 273 -25.90 9.02 36.85
C GLY C 273 -25.60 8.24 38.09
N ILE C 274 -24.85 8.83 39.02
CA ILE C 274 -24.44 8.16 40.26
C ILE C 274 -24.81 9.05 41.43
N TYR C 275 -25.49 8.45 42.44
CA TYR C 275 -25.99 9.12 43.64
C TYR C 275 -24.95 10.01 44.33
N ASN C 276 -25.29 11.29 44.36
CA ASN C 276 -24.53 12.38 44.96
C ASN C 276 -23.09 12.44 44.40
N ALA C 277 -22.94 12.12 43.11
CA ALA C 277 -21.69 12.25 42.37
C ALA C 277 -22.03 13.24 41.23
N PHE C 278 -22.68 12.76 40.17
CA PHE C 278 -23.14 13.64 39.10
C PHE C 278 -23.90 12.84 38.07
N THR C 279 -24.55 13.57 37.18
CA THR C 279 -25.23 13.07 35.98
C THR C 279 -24.37 13.51 34.82
N LEU C 280 -24.19 12.62 33.85
CA LEU C 280 -23.52 12.95 32.62
C LEU C 280 -24.40 12.43 31.49
N THR C 281 -24.73 13.30 30.51
CA THR C 281 -25.54 12.83 29.39
C THR C 281 -25.22 13.55 28.09
N THR C 282 -25.58 12.90 26.96
CA THR C 282 -25.40 13.50 25.65
CA THR C 282 -25.45 13.42 25.59
C THR C 282 -26.52 14.50 25.40
N ALA C 283 -26.18 15.65 24.88
CA ALA C 283 -27.16 16.72 24.71
C ALA C 283 -27.84 16.68 23.34
N HIS C 284 -27.25 16.03 22.32
CA HIS C 284 -27.80 16.09 20.97
C HIS C 284 -28.31 14.78 20.43
N HIS C 285 -28.35 13.73 21.26
CA HIS C 285 -29.03 12.50 20.85
C HIS C 285 -30.54 12.74 21.01
N PRO C 286 -31.47 12.19 20.18
CA PRO C 286 -32.91 12.48 20.39
C PRO C 286 -33.48 12.04 21.75
N ASN C 287 -32.81 11.10 22.46
CA ASN C 287 -33.26 10.63 23.76
C ASN C 287 -32.70 11.48 24.93
N PHE C 288 -32.13 12.66 24.65
CA PHE C 288 -31.58 13.55 25.67
C PHE C 288 -32.60 13.83 26.81
N ARG C 289 -33.82 14.27 26.46
CA ARG C 289 -34.85 14.65 27.41
C ARG C 289 -35.15 13.51 28.44
N PRO C 290 -35.56 12.27 28.05
CA PRO C 290 -35.80 11.26 29.09
C PRO C 290 -34.54 10.78 29.78
N VAL C 291 -33.41 10.74 29.04
CA VAL C 291 -32.16 10.24 29.61
C VAL C 291 -31.65 11.17 30.73
N VAL C 292 -31.62 12.49 30.53
CA VAL C 292 -31.11 13.42 31.55
C VAL C 292 -31.98 13.31 32.84
N VAL C 293 -33.29 13.07 32.70
CA VAL C 293 -34.23 12.96 33.83
C VAL C 293 -34.02 11.62 34.54
N HIS C 294 -33.83 10.53 33.76
CA HIS C 294 -33.54 9.19 34.30
C HIS C 294 -32.23 9.21 35.11
N GLU C 295 -31.18 9.82 34.55
CA GLU C 295 -29.89 9.90 35.23
C GLU C 295 -29.99 10.76 36.48
N PHE C 296 -30.77 11.86 36.45
CA PHE C 296 -30.97 12.72 37.63
C PHE C 296 -31.75 11.94 38.71
N GLY C 297 -32.57 10.97 38.29
CA GLY C 297 -33.26 10.06 39.20
C GLY C 297 -32.24 9.28 40.02
N HIS C 298 -31.12 8.84 39.39
CA HIS C 298 -30.00 8.22 40.09
C HIS C 298 -29.21 9.22 40.94
N SER C 299 -28.68 10.30 40.33
CA SER C 299 -27.73 11.22 40.94
C SER C 299 -28.35 12.10 42.04
N PHE C 300 -29.60 12.57 41.84
CA PHE C 300 -30.28 13.37 42.85
C PHE C 300 -31.18 12.49 43.74
N GLY C 301 -31.98 11.64 43.09
CA GLY C 301 -32.96 10.82 43.78
C GLY C 301 -32.46 9.59 44.51
N GLY C 302 -31.31 9.07 44.12
CA GLY C 302 -30.75 7.83 44.66
C GLY C 302 -31.61 6.65 44.28
N LEU C 303 -32.38 6.80 43.21
CA LEU C 303 -33.28 5.74 42.73
C LEU C 303 -32.50 4.65 41.99
N ALA C 304 -33.01 3.42 42.06
CA ALA C 304 -32.42 2.29 41.35
C ALA C 304 -33.03 2.17 39.96
N ASP C 305 -32.35 1.42 39.07
CA ASP C 305 -32.92 1.12 37.76
C ASP C 305 -34.04 0.12 37.95
N GLU C 306 -35.16 0.31 37.23
CA GLU C 306 -36.30 -0.61 37.37
C GLU C 306 -36.34 -1.59 36.19
N TYR C 307 -35.43 -1.45 35.23
CA TYR C 307 -35.38 -2.37 34.10
C TYR C 307 -34.61 -3.62 34.50
N PHE C 308 -34.72 -4.64 33.70
CA PHE C 308 -34.13 -5.96 33.97
C PHE C 308 -33.85 -6.72 32.68
N TYR C 309 -32.96 -7.70 32.80
CA TYR C 309 -32.60 -8.57 31.67
C TYR C 309 -33.06 -9.99 31.97
N ASP C 310 -33.22 -10.81 30.92
CA ASP C 310 -33.60 -12.22 31.09
C ASP C 310 -32.43 -13.03 31.69
N GLU C 311 -31.20 -12.81 31.16
CA GLU C 311 -29.97 -13.51 31.54
C GLU C 311 -29.37 -13.03 32.88
N ASP C 312 -28.70 -13.97 33.59
CA ASP C 312 -28.02 -13.69 34.87
C ASP C 312 -26.70 -12.95 34.64
N ASN C 315 -26.60 -11.70 38.96
CA ASN C 315 -25.85 -10.45 38.93
C ASN C 315 -25.01 -10.29 40.22
N GLY C 316 -25.65 -10.44 41.38
CA GLY C 316 -25.00 -10.30 42.67
C GLY C 316 -24.89 -8.85 43.14
N LEU C 317 -25.43 -7.87 42.36
CA LEU C 317 -25.38 -6.45 42.74
C LEU C 317 -26.37 -6.19 43.88
N TYR C 318 -27.47 -6.95 43.91
CA TYR C 318 -28.51 -6.87 44.94
C TYR C 318 -28.75 -8.25 45.51
N PRO C 319 -28.05 -8.66 46.61
CA PRO C 319 -28.30 -10.00 47.18
C PRO C 319 -29.78 -10.13 47.57
N LEU C 320 -30.40 -11.27 47.25
CA LEU C 320 -31.83 -11.47 47.47
C LEU C 320 -32.23 -11.62 48.93
N ASN C 321 -31.27 -11.82 49.84
CA ASN C 321 -31.57 -11.92 51.27
C ASN C 321 -31.39 -10.55 52.00
N ILE C 322 -31.12 -9.49 51.23
CA ILE C 322 -30.93 -8.15 51.79
C ILE C 322 -31.94 -7.20 51.16
N GLU C 323 -32.57 -6.37 52.00
CA GLU C 323 -33.44 -5.34 51.48
C GLU C 323 -32.58 -4.21 50.86
N PRO C 324 -32.73 -3.86 49.57
CA PRO C 324 -31.91 -2.77 49.01
C PRO C 324 -32.16 -1.45 49.73
N TRP C 325 -31.15 -0.57 49.84
CA TRP C 325 -31.36 0.70 50.50
C TRP C 325 -32.17 1.65 49.57
N GLU C 326 -32.15 1.41 48.22
CA GLU C 326 -32.90 2.20 47.22
C GLU C 326 -34.40 2.03 47.45
N GLN C 327 -35.14 3.11 47.24
CA GLN C 327 -36.55 3.21 47.62
C GLN C 327 -37.56 2.70 46.63
N ASN C 328 -37.15 2.47 45.37
CA ASN C 328 -38.09 2.05 44.32
C ASN C 328 -37.89 0.62 43.88
N ILE C 329 -37.08 -0.17 44.63
CA ILE C 329 -36.94 -1.60 44.37
C ILE C 329 -37.03 -2.33 45.70
N THR C 330 -37.45 -3.59 45.68
CA THR C 330 -37.54 -4.41 46.88
C THR C 330 -37.19 -5.86 46.56
N THR C 331 -36.67 -6.59 47.57
CA THR C 331 -36.40 -8.03 47.53
C THR C 331 -37.46 -8.69 48.44
N ARG C 332 -38.38 -7.87 48.98
CA ARG C 332 -39.46 -8.25 49.91
C ARG C 332 -38.87 -8.82 51.23
N ILE C 333 -37.70 -8.32 51.64
CA ILE C 333 -37.05 -8.69 52.91
C ILE C 333 -37.56 -7.73 53.99
N ASN C 334 -37.68 -6.44 53.65
CA ASN C 334 -38.25 -5.42 54.53
C ASN C 334 -39.08 -4.47 53.66
N PHE C 335 -40.15 -5.04 53.07
CA PHE C 335 -41.04 -4.30 52.19
C PHE C 335 -41.83 -3.23 52.97
N ALA C 336 -42.07 -3.43 54.29
CA ALA C 336 -42.77 -2.44 55.13
C ALA C 336 -42.03 -1.10 55.16
N SER C 337 -40.68 -1.10 55.02
CA SER C 337 -39.85 0.11 54.95
C SER C 337 -39.94 0.78 53.55
N LYS C 338 -40.61 0.12 52.59
CA LYS C 338 -40.72 0.63 51.22
C LYS C 338 -42.12 1.20 50.95
N TRP C 339 -42.84 0.71 49.91
CA TRP C 339 -44.12 1.28 49.51
C TRP C 339 -45.34 0.42 49.86
N GLU C 340 -45.20 -0.46 50.86
CA GLU C 340 -46.32 -1.27 51.34
C GLU C 340 -47.50 -0.39 51.79
N ASP C 341 -47.19 0.74 52.46
CA ASP C 341 -48.19 1.71 52.94
C ASP C 341 -48.90 2.46 51.79
N MSE C 342 -48.50 2.23 50.53
CA MSE C 342 -49.16 2.88 49.39
C MSE C 342 -50.06 1.89 48.64
O MSE C 342 -50.78 2.29 47.72
CB MSE C 342 -48.13 3.48 48.44
CG MSE C 342 -47.36 4.65 49.05
SE MSE C 342 -46.11 5.41 47.80
CE MSE C 342 -47.37 6.32 46.71
N LEU C 343 -50.04 0.61 49.02
CA LEU C 343 -50.90 -0.39 48.38
C LEU C 343 -52.30 -0.38 48.97
N THR C 344 -53.31 -0.78 48.17
CA THR C 344 -54.69 -0.94 48.66
C THR C 344 -54.72 -2.29 49.37
N LYS C 345 -55.69 -2.51 50.26
CA LYS C 345 -55.81 -3.75 51.05
C LYS C 345 -55.90 -5.03 50.16
N THR C 346 -56.47 -4.88 48.95
CA THR C 346 -56.70 -5.98 48.02
C THR C 346 -55.66 -6.08 46.89
N THR C 347 -54.59 -5.27 46.90
CA THR C 347 -53.55 -5.35 45.85
C THR C 347 -52.75 -6.65 45.99
N PRO C 348 -52.73 -7.52 44.96
CA PRO C 348 -51.98 -8.79 45.07
C PRO C 348 -50.47 -8.55 45.06
N VAL C 349 -49.75 -9.29 45.91
CA VAL C 349 -48.29 -9.22 46.05
C VAL C 349 -47.73 -10.65 45.85
N PRO C 350 -46.97 -10.93 44.75
CA PRO C 350 -46.60 -10.01 43.65
C PRO C 350 -47.82 -9.69 42.78
N THR C 351 -47.75 -8.60 42.02
CA THR C 351 -48.85 -8.16 41.19
C THR C 351 -48.70 -8.79 39.79
N PRO C 352 -49.70 -9.58 39.33
CA PRO C 352 -49.59 -10.17 37.97
C PRO C 352 -49.55 -9.06 36.91
N VAL C 353 -48.75 -9.28 35.86
CA VAL C 353 -48.60 -8.35 34.73
C VAL C 353 -49.97 -8.07 34.04
N ALA C 354 -50.88 -9.05 34.03
CA ALA C 354 -52.23 -8.90 33.43
C ALA C 354 -53.04 -7.79 34.14
N ASP C 355 -52.73 -7.53 35.44
CA ASP C 355 -53.43 -6.56 36.28
C ASP C 355 -52.73 -5.20 36.35
N LYS C 356 -51.80 -4.92 35.44
CA LYS C 356 -51.01 -3.69 35.45
C LYS C 356 -51.87 -2.39 35.47
N ALA C 357 -53.02 -2.36 34.77
CA ALA C 357 -53.86 -1.15 34.76
C ALA C 357 -54.74 -1.07 35.98
N LYS C 358 -55.07 -2.21 36.60
CA LYS C 358 -55.90 -2.26 37.81
C LYS C 358 -55.12 -1.70 39.01
N TYR C 359 -53.80 -1.92 39.03
CA TYR C 359 -52.95 -1.49 40.15
C TYR C 359 -51.79 -0.62 39.67
N PRO C 360 -52.01 0.72 39.59
CA PRO C 360 -50.92 1.64 39.21
C PRO C 360 -49.70 1.45 40.11
N ILE C 361 -49.95 1.10 41.40
CA ILE C 361 -48.91 0.79 42.38
C ILE C 361 -49.06 -0.68 42.74
N GLY C 362 -48.01 -1.44 42.59
CA GLY C 362 -48.04 -2.85 42.93
C GLY C 362 -46.65 -3.34 43.31
N VAL C 363 -46.45 -4.64 43.23
CA VAL C 363 -45.15 -5.29 43.50
C VAL C 363 -44.88 -6.14 42.27
N TYR C 364 -44.31 -5.51 41.23
CA TYR C 364 -44.08 -6.14 39.93
C TYR C 364 -42.71 -6.78 39.85
N GLU C 365 -42.68 -8.10 39.57
CA GLU C 365 -41.41 -8.82 39.50
C GLU C 365 -40.57 -8.34 38.32
N GLY C 366 -39.31 -8.08 38.61
CA GLY C 366 -38.36 -7.56 37.64
C GLY C 366 -37.93 -6.16 38.06
N GLY C 367 -36.62 -5.97 38.25
CA GLY C 367 -36.04 -4.68 38.61
C GLY C 367 -34.62 -4.84 39.04
N GLY C 368 -33.92 -3.72 39.20
CA GLY C 368 -32.51 -3.74 39.60
C GLY C 368 -31.68 -4.73 38.83
N TYR C 369 -31.92 -4.81 37.50
CA TYR C 369 -31.27 -5.65 36.45
C TYR C 369 -31.70 -7.11 36.47
N SER C 370 -32.40 -7.60 37.52
CA SER C 370 -32.83 -9.01 37.58
C SER C 370 -34.28 -9.19 37.27
N ALA C 371 -34.59 -10.21 36.45
CA ALA C 371 -35.95 -10.57 36.09
C ALA C 371 -36.65 -11.24 37.26
N LYS C 372 -35.89 -11.88 38.17
CA LYS C 372 -36.48 -12.63 39.29
C LYS C 372 -35.94 -12.17 40.66
N GLY C 373 -36.80 -12.17 41.65
CA GLY C 373 -36.42 -11.88 43.03
C GLY C 373 -36.35 -10.44 43.44
N ILE C 374 -36.32 -9.52 42.46
CA ILE C 374 -36.31 -8.06 42.70
C ILE C 374 -37.61 -7.53 42.09
N TYR C 375 -38.27 -6.60 42.81
CA TYR C 375 -39.59 -6.08 42.40
C TYR C 375 -39.58 -4.58 42.33
N ARG C 376 -40.39 -4.04 41.40
CA ARG C 376 -40.50 -2.61 41.16
C ARG C 376 -41.96 -2.15 41.52
N PRO C 377 -42.20 -0.83 41.71
CA PRO C 377 -43.51 -0.39 42.20
C PRO C 377 -44.64 -0.25 41.18
N ALA C 378 -44.32 -0.21 39.89
CA ALA C 378 -45.31 -0.07 38.81
C ALA C 378 -44.86 -0.85 37.61
N PHE C 379 -45.76 -1.14 36.67
CA PHE C 379 -45.39 -1.90 35.46
C PHE C 379 -44.34 -1.15 34.66
N ASP C 380 -44.49 0.18 34.52
CA ASP C 380 -43.56 1.02 33.79
C ASP C 380 -43.29 2.30 34.57
N CYS C 381 -42.18 2.96 34.24
CA CYS C 381 -41.65 4.14 34.94
C CYS C 381 -40.52 4.74 34.13
N ARG C 382 -40.23 6.05 34.33
CA ARG C 382 -39.03 6.76 33.83
C ARG C 382 -37.76 5.95 34.19
N MSE C 383 -37.78 5.24 35.34
CA MSE C 383 -36.60 4.49 35.82
C MSE C 383 -36.50 3.13 35.16
O MSE C 383 -35.51 2.42 35.34
CB MSE C 383 -36.61 4.36 37.37
CG MSE C 383 -36.41 5.72 38.09
SE MSE C 383 -34.97 6.86 37.36
CE MSE C 383 -33.47 5.81 37.80
N ARG C 384 -37.50 2.77 34.34
CA ARG C 384 -37.48 1.51 33.60
C ARG C 384 -37.25 1.73 32.10
N THR C 385 -37.98 2.66 31.49
CA THR C 385 -37.84 2.90 30.05
C THR C 385 -37.76 4.40 29.74
N ASN C 386 -37.22 4.74 28.56
CA ASN C 386 -37.16 6.13 28.06
C ASN C 386 -38.49 6.58 27.49
N GLU C 387 -39.30 5.64 26.99
CA GLU C 387 -40.58 5.93 26.31
C GLU C 387 -41.67 6.30 27.28
N TYR C 388 -41.63 5.76 28.51
CA TYR C 388 -42.65 6.06 29.51
C TYR C 388 -42.53 7.53 29.96
N PRO C 389 -43.65 8.27 30.05
CA PRO C 389 -43.57 9.71 30.28
C PRO C 389 -43.31 10.17 31.71
N THR C 390 -43.60 9.36 32.75
CA THR C 390 -43.47 9.88 34.12
C THR C 390 -42.75 8.93 35.06
N PHE C 391 -42.35 9.44 36.22
CA PHE C 391 -41.88 8.64 37.34
C PHE C 391 -43.11 7.95 37.90
N CYS C 392 -42.99 6.71 38.31
CA CYS C 392 -44.08 5.98 38.94
C CYS C 392 -44.45 6.67 40.28
N PRO C 393 -45.62 6.39 40.91
CA PRO C 393 -45.98 7.10 42.15
C PRO C 393 -44.99 6.91 43.29
N VAL C 394 -44.27 5.78 43.33
CA VAL C 394 -43.32 5.50 44.40
C VAL C 394 -42.07 6.31 44.20
N CYS C 395 -41.57 6.44 42.95
CA CYS C 395 -40.40 7.28 42.63
C CYS C 395 -40.74 8.73 42.94
N GLN C 396 -41.97 9.16 42.62
CA GLN C 396 -42.43 10.52 42.90
C GLN C 396 -42.40 10.81 44.42
N ARG C 397 -42.93 9.90 45.25
CA ARG C 397 -42.87 10.07 46.71
C ARG C 397 -41.40 10.09 47.20
N ALA C 398 -40.56 9.20 46.66
CA ALA C 398 -39.13 9.12 47.04
C ALA C 398 -38.41 10.43 46.70
N ILE C 399 -38.65 11.01 45.50
CA ILE C 399 -38.06 12.29 45.09
C ILE C 399 -38.59 13.43 45.98
N GLN C 400 -39.91 13.45 46.27
CA GLN C 400 -40.52 14.47 47.14
C GLN C 400 -39.88 14.44 48.53
N ARG C 401 -39.63 13.24 49.09
CA ARG C 401 -38.97 13.07 50.38
C ARG C 401 -37.57 13.65 50.36
N ILE C 402 -36.82 13.49 49.23
CA ILE C 402 -35.47 14.06 49.09
C ILE C 402 -35.59 15.61 49.08
N ILE C 403 -36.52 16.18 48.27
CA ILE C 403 -36.72 17.63 48.18
C ILE C 403 -37.06 18.18 49.58
N GLU C 404 -38.00 17.53 50.30
CA GLU C 404 -38.45 17.96 51.63
C GLU C 404 -37.34 17.82 52.67
N PHE C 405 -36.45 16.81 52.53
CA PHE C 405 -35.33 16.63 53.45
C PHE C 405 -34.39 17.85 53.43
N TYR C 406 -34.12 18.36 52.22
CA TYR C 406 -33.23 19.48 52.00
C TYR C 406 -33.90 20.86 52.08
N THR C 407 -35.23 20.98 51.97
CA THR C 407 -35.89 22.30 51.98
C THR C 407 -37.13 22.41 52.89
N GLY C 408 -37.49 21.34 53.60
CA GLY C 408 -38.68 21.33 54.46
C GLY C 408 -39.98 20.82 53.82
N LYS C 409 -40.98 20.52 54.66
CA LYS C 409 -42.30 20.03 54.20
C LYS C 409 -43.11 21.14 53.49
N ALA D 2 20.32 -0.87 17.45
CA ALA D 2 19.58 -1.12 18.69
C ALA D 2 18.53 -2.23 18.48
N GLN D 3 19.02 -3.50 18.38
CA GLN D 3 18.22 -4.73 18.21
C GLN D 3 17.26 -4.89 19.40
N ASN D 4 17.76 -4.79 20.66
CA ASN D 4 16.91 -4.88 21.85
C ASN D 4 15.83 -3.76 21.90
N PHE D 5 16.00 -2.62 21.18
CA PHE D 5 14.93 -1.62 21.19
C PHE D 5 13.82 -2.02 20.20
N SER D 6 14.21 -2.17 18.92
CA SER D 6 13.37 -2.47 17.77
CA SER D 6 13.40 -2.50 17.76
C SER D 6 12.55 -3.77 17.93
N ASP D 7 13.05 -4.72 18.68
CA ASP D 7 12.36 -5.99 18.88
C ASP D 7 11.14 -5.91 19.81
N TYR D 8 11.09 -4.88 20.68
CA TYR D 8 10.04 -4.79 21.67
C TYR D 8 9.27 -3.49 21.67
N PHE D 9 9.84 -2.44 21.06
CA PHE D 9 9.21 -1.15 21.13
C PHE D 9 9.05 -0.45 19.80
N THR D 10 8.11 0.50 19.80
CA THR D 10 7.83 1.38 18.68
C THR D 10 8.30 2.78 19.09
N ASN D 11 8.42 3.71 18.11
CA ASN D 11 8.84 5.08 18.40
C ASN D 11 7.66 5.90 18.97
N LYS D 12 7.20 5.52 20.18
CA LYS D 12 6.08 6.12 20.90
C LYS D 12 6.34 5.99 22.39
N THR D 13 5.67 6.78 23.19
CA THR D 13 5.79 6.73 24.64
C THR D 13 4.51 6.19 25.27
N LEU D 14 4.69 5.26 26.22
CA LEU D 14 3.65 4.76 27.09
C LEU D 14 3.78 5.57 28.38
N ARG D 15 2.90 6.56 28.55
CA ARG D 15 2.91 7.37 29.75
C ARG D 15 1.99 6.70 30.78
N ILE D 16 2.53 6.47 32.00
CA ILE D 16 1.77 5.83 33.06
C ILE D 16 1.65 6.78 34.23
N ASP D 17 0.40 7.10 34.60
CA ASP D 17 0.09 7.94 35.73
C ASP D 17 -0.29 7.04 36.89
N TYR D 18 0.42 7.16 38.02
CA TYR D 18 0.13 6.36 39.23
C TYR D 18 -0.30 7.26 40.35
N LEU D 19 -0.91 6.66 41.36
CA LEU D 19 -1.18 7.33 42.61
C LEU D 19 -0.43 6.58 43.69
N PHE D 20 0.40 7.30 44.44
CA PHE D 20 1.11 6.74 45.58
C PHE D 20 0.34 7.15 46.80
N THR D 21 -0.08 6.19 47.61
CA THR D 21 -0.91 6.53 48.77
C THR D 21 -0.38 5.86 50.03
N GLY D 22 -0.72 6.42 51.18
CA GLY D 22 -0.39 5.84 52.45
C GLY D 22 -0.10 6.82 53.54
N ASN D 23 0.52 6.29 54.57
CA ASN D 23 0.93 7.03 55.77
C ASN D 23 2.33 6.50 56.13
N ALA D 24 2.87 6.94 57.28
CA ALA D 24 4.19 6.55 57.74
C ALA D 24 4.29 5.03 57.97
N ASP D 25 3.17 4.36 58.32
CA ASP D 25 3.15 2.93 58.59
C ASP D 25 3.02 2.05 57.34
N LYS D 26 2.13 2.40 56.39
CA LYS D 26 1.94 1.56 55.21
C LYS D 26 1.73 2.40 53.94
N GLN D 27 2.30 1.93 52.80
CA GLN D 27 2.18 2.62 51.52
C GLN D 27 1.70 1.66 50.44
N SER D 28 1.04 2.20 49.41
CA SER D 28 0.52 1.46 48.25
C SER D 28 0.65 2.24 46.98
N ILE D 29 0.60 1.54 45.85
CA ILE D 29 0.65 2.11 44.51
C ILE D 29 -0.58 1.64 43.78
N CYS D 30 -1.24 2.53 43.04
CA CYS D 30 -2.33 2.11 42.20
C CYS D 30 -2.24 2.87 40.88
N LEU D 31 -2.78 2.27 39.84
CA LEU D 31 -2.79 2.86 38.50
C LEU D 31 -3.86 3.97 38.42
N ASP D 32 -3.51 5.09 37.80
CA ASP D 32 -4.45 6.18 37.59
C ASP D 32 -4.92 6.10 36.12
N GLU D 33 -3.99 6.25 35.16
CA GLU D 33 -4.31 6.23 33.73
C GLU D 33 -3.10 5.89 32.90
N LEU D 34 -3.34 5.30 31.73
CA LEU D 34 -2.36 4.98 30.69
C LEU D 34 -2.60 5.93 29.51
N SER D 35 -1.50 6.47 28.93
CA SER D 35 -1.58 7.38 27.79
CA SER D 35 -1.63 7.35 27.77
C SER D 35 -0.52 7.05 26.77
N GLU D 36 -0.66 7.59 25.55
CA GLU D 36 0.26 7.38 24.46
C GLU D 36 0.73 8.73 23.96
N LEU D 37 2.06 8.92 23.85
CA LEU D 37 2.66 10.15 23.34
C LEU D 37 3.27 9.81 21.98
N PRO D 38 3.32 10.79 21.04
CA PRO D 38 3.73 10.46 19.65
C PRO D 38 5.18 10.05 19.40
N VAL D 39 6.15 10.31 20.28
CA VAL D 39 7.53 9.81 20.02
C VAL D 39 8.12 9.24 21.31
N TRP D 40 9.18 8.43 21.19
CA TRP D 40 9.95 7.98 22.36
C TRP D 40 11.20 8.84 22.40
N ALA D 41 11.31 9.75 23.41
CA ALA D 41 12.45 10.65 23.53
C ALA D 41 13.55 10.10 24.45
N GLY D 42 13.36 8.93 25.04
CA GLY D 42 14.34 8.32 25.95
C GLY D 42 15.41 7.50 25.27
N ARG D 43 16.18 6.73 26.07
CA ARG D 43 17.30 5.95 25.59
C ARG D 43 16.88 4.71 24.80
N ARG D 44 17.83 4.19 23.97
CA ARG D 44 17.62 3.01 23.12
CA ARG D 44 17.57 2.98 23.17
C ARG D 44 18.63 1.91 23.46
N HIS D 45 19.50 2.16 24.47
CA HIS D 45 20.56 1.24 24.90
C HIS D 45 20.54 1.12 26.41
N HIS D 46 21.22 0.11 26.98
CA HIS D 46 21.27 -0.15 28.43
C HIS D 46 19.85 -0.20 28.98
N LEU D 47 18.95 -0.85 28.23
CA LEU D 47 17.53 -0.88 28.50
C LEU D 47 17.19 -1.67 29.76
N SER D 48 18.02 -2.63 30.15
CA SER D 48 17.78 -3.43 31.35
C SER D 48 18.70 -3.02 32.53
N GLU D 49 19.41 -1.89 32.39
CA GLU D 49 20.30 -1.38 33.45
C GLU D 49 19.79 -0.05 34.00
N LEU D 50 20.13 0.24 35.26
CA LEU D 50 19.81 1.50 35.93
C LEU D 50 21.07 2.33 36.10
N PRO D 51 21.05 3.65 35.85
CA PRO D 51 22.26 4.46 36.13
C PRO D 51 22.43 4.74 37.64
N LEU D 52 21.30 4.73 38.39
CA LEU D 52 21.17 5.02 39.82
C LEU D 52 20.03 4.23 40.37
N GLU D 53 20.08 3.92 41.67
CA GLU D 53 19.00 3.14 42.27
C GLU D 53 17.68 3.92 42.37
N GLY D 54 17.74 5.19 42.81
CA GLY D 54 16.57 6.02 43.04
C GLY D 54 15.88 5.58 44.31
N ASN D 55 14.85 6.30 44.72
CA ASN D 55 14.04 5.90 45.88
C ASN D 55 12.93 4.96 45.43
N GLY D 56 12.78 4.81 44.12
CA GLY D 56 11.79 3.93 43.51
C GLY D 56 12.27 3.47 42.16
N GLN D 57 11.82 2.27 41.71
CA GLN D 57 12.25 1.67 40.45
C GLN D 57 11.07 1.16 39.63
N ILE D 58 11.21 1.15 38.30
CA ILE D 58 10.22 0.57 37.38
C ILE D 58 10.92 -0.46 36.54
N VAL D 59 10.32 -1.63 36.39
CA VAL D 59 10.84 -2.72 35.55
C VAL D 59 9.72 -3.14 34.60
N MSE D 60 10.02 -3.14 33.30
CA MSE D 60 9.08 -3.57 32.27
C MSE D 60 9.56 -4.90 31.72
O MSE D 60 10.74 -5.03 31.38
CB MSE D 60 8.95 -2.50 31.18
CG MSE D 60 7.93 -2.82 30.12
SE MSE D 60 7.79 -1.24 28.91
CE MSE D 60 6.01 -1.20 28.84
N ARG D 61 8.66 -5.89 31.69
CA ARG D 61 8.98 -7.23 31.17
CA ARG D 61 8.99 -7.23 31.18
C ARG D 61 8.09 -7.59 30.00
N ASP D 62 8.63 -8.32 29.03
CA ASP D 62 7.86 -8.81 27.89
C ASP D 62 6.98 -9.95 28.45
N VAL D 63 5.67 -9.91 28.28
CA VAL D 63 4.77 -10.96 28.81
C VAL D 63 5.12 -12.36 28.25
N ALA D 64 5.29 -12.48 26.91
CA ALA D 64 5.58 -13.79 26.27
C ALA D 64 6.86 -14.46 26.79
N SER D 65 7.99 -13.71 26.86
CA SER D 65 9.28 -14.28 27.30
C SER D 65 9.61 -14.06 28.79
N GLY D 66 8.97 -13.09 29.42
CA GLY D 66 9.23 -12.74 30.83
C GLY D 66 10.51 -11.97 31.04
N LYS D 67 11.18 -11.59 29.95
CA LYS D 67 12.45 -10.89 29.94
C LYS D 67 12.29 -9.40 30.23
N VAL D 68 13.26 -8.82 30.97
CA VAL D 68 13.30 -7.37 31.25
C VAL D 68 13.58 -6.67 29.92
N ILE D 69 12.71 -5.74 29.52
CA ILE D 69 12.87 -5.02 28.27
C ILE D 69 13.13 -3.52 28.53
N TYR D 70 12.79 -3.01 29.72
CA TYR D 70 13.04 -1.61 30.07
C TYR D 70 13.07 -1.44 31.56
N THR D 71 13.86 -0.48 32.05
CA THR D 71 13.90 -0.12 33.46
C THR D 71 14.29 1.34 33.63
N THR D 72 13.72 2.00 34.66
CA THR D 72 14.07 3.37 35.04
C THR D 72 13.90 3.51 36.57
N SER D 73 14.43 4.59 37.14
CA SER D 73 14.34 4.82 38.59
C SER D 73 14.09 6.30 38.82
N PHE D 74 13.71 6.65 40.05
CA PHE D 74 13.25 8.00 40.38
C PHE D 74 13.13 8.17 41.88
N SER D 75 12.71 9.37 42.28
CA SER D 75 12.33 9.74 43.64
C SER D 75 11.02 10.48 43.53
N SER D 76 10.34 10.77 44.67
CA SER D 76 9.03 11.41 44.62
C SER D 76 8.77 12.32 45.82
N LEU D 77 7.86 13.31 45.63
CA LEU D 77 7.40 14.18 46.69
C LEU D 77 6.70 13.34 47.78
N PHE D 78 5.95 12.28 47.38
CA PHE D 78 5.30 11.39 48.31
C PHE D 78 6.25 10.81 49.33
N GLN D 79 7.41 10.32 48.87
CA GLN D 79 8.40 9.66 49.75
C GLN D 79 9.01 10.66 50.75
N GLU D 80 9.06 11.96 50.38
CA GLU D 80 9.48 13.01 51.29
C GLU D 80 8.37 13.29 52.31
N TRP D 81 7.09 13.30 51.85
CA TRP D 81 5.93 13.55 52.73
C TRP D 81 5.86 12.48 53.83
N LEU D 82 6.26 11.24 53.52
CA LEU D 82 6.26 10.09 54.45
C LEU D 82 7.11 10.35 55.67
N GLU D 83 8.09 11.26 55.54
CA GLU D 83 9.03 11.60 56.60
C GLU D 83 8.49 12.76 57.44
N THR D 84 7.28 13.33 57.12
CA THR D 84 6.73 14.47 57.88
C THR D 84 5.80 14.01 58.98
N ASP D 85 5.51 14.90 59.98
CA ASP D 85 4.61 14.61 61.09
C ASP D 85 3.18 14.29 60.64
N GLU D 86 2.71 14.93 59.53
CA GLU D 86 1.38 14.70 59.00
C GLU D 86 1.18 13.22 58.60
N ALA D 87 2.24 12.54 58.11
CA ALA D 87 2.18 11.13 57.68
C ALA D 87 1.91 10.16 58.86
N LYS D 88 2.04 10.66 60.11
CA LYS D 88 1.75 9.89 61.32
C LYS D 88 0.28 10.05 61.73
N GLU D 89 -0.43 11.01 61.12
CA GLU D 89 -1.82 11.35 61.47
C GLU D 89 -2.85 11.08 60.38
N VAL D 90 -2.44 11.09 59.09
CA VAL D 90 -3.41 10.92 58.02
C VAL D 90 -2.79 10.15 56.85
N THR D 91 -3.66 9.53 56.05
CA THR D 91 -3.32 8.81 54.83
C THR D 91 -3.60 9.78 53.66
N LYS D 92 -2.60 10.00 52.79
CA LYS D 92 -2.66 10.90 51.64
C LYS D 92 -2.27 10.20 50.35
N GLY D 93 -2.68 10.78 49.23
CA GLY D 93 -2.42 10.30 47.88
C GLY D 93 -1.73 11.35 47.04
N PHE D 94 -0.81 10.90 46.16
CA PHE D 94 0.01 11.78 45.32
C PHE D 94 0.09 11.28 43.91
N GLU D 95 0.02 12.19 42.94
CA GLU D 95 0.15 11.90 41.50
C GLU D 95 1.62 11.74 41.14
N ASN D 96 1.94 10.75 40.31
CA ASN D 96 3.28 10.45 39.82
C ASN D 96 3.17 9.91 38.40
N THR D 97 3.97 10.43 37.48
CA THR D 97 3.95 10.07 36.07
C THR D 97 5.32 9.54 35.62
N TYR D 98 5.30 8.48 34.81
CA TYR D 98 6.51 7.85 34.29
C TYR D 98 6.34 7.63 32.80
N LEU D 99 7.41 7.84 32.06
CA LEU D 99 7.47 7.67 30.61
C LEU D 99 8.28 6.41 30.30
N LEU D 100 7.65 5.50 29.57
CA LEU D 100 8.25 4.24 29.17
C LEU D 100 8.17 4.12 27.66
N PRO D 101 9.07 3.34 26.98
CA PRO D 101 8.89 3.15 25.53
C PRO D 101 7.62 2.31 25.28
N TYR D 102 6.86 2.64 24.22
CA TYR D 102 5.60 1.97 23.92
C TYR D 102 5.84 0.56 23.39
N PRO D 103 5.32 -0.47 24.09
CA PRO D 103 5.62 -1.85 23.65
C PRO D 103 4.78 -2.28 22.46
N ILE D 104 5.36 -3.17 21.63
CA ILE D 104 4.64 -3.70 20.47
CA ILE D 104 4.70 -3.75 20.47
C ILE D 104 3.70 -4.82 20.92
N LYS D 105 4.12 -5.61 21.91
CA LYS D 105 3.33 -6.74 22.43
C LYS D 105 3.03 -6.50 23.91
N PRO D 106 2.06 -7.24 24.53
CA PRO D 106 1.77 -7.01 25.96
C PRO D 106 3.01 -7.02 26.83
N ALA D 107 3.07 -6.07 27.77
CA ALA D 107 4.19 -5.94 28.69
C ALA D 107 3.68 -5.89 30.10
N GLU D 108 4.47 -6.43 31.03
CA GLU D 108 4.13 -6.38 32.45
C GLU D 108 5.02 -5.31 33.10
N VAL D 109 4.39 -4.35 33.73
CA VAL D 109 5.09 -3.24 34.38
C VAL D 109 5.10 -3.49 35.89
N GLU D 110 6.28 -3.38 36.51
CA GLU D 110 6.38 -3.50 37.96
C GLU D 110 7.03 -2.25 38.52
N ILE D 111 6.32 -1.55 39.40
CA ILE D 111 6.82 -0.34 40.02
C ILE D 111 7.01 -0.66 41.53
N THR D 112 8.16 -0.25 42.07
CA THR D 112 8.55 -0.49 43.45
C THR D 112 8.99 0.80 44.13
N LEU D 113 8.57 1.00 45.39
CA LEU D 113 9.05 2.09 46.23
C LEU D 113 9.93 1.51 47.32
N ARG D 114 10.96 2.25 47.71
CA ARG D 114 11.86 1.84 48.78
C ARG D 114 11.83 2.89 49.87
N ASN D 115 12.10 2.48 51.12
CA ASN D 115 12.15 3.43 52.24
C ASN D 115 13.62 3.93 52.41
N ASN D 116 13.92 4.70 53.46
CA ASN D 116 15.28 5.24 53.63
C ASN D 116 16.30 4.18 54.14
N LYS D 117 15.86 2.93 54.36
CA LYS D 117 16.76 1.82 54.66
C LYS D 117 17.00 1.05 53.36
N ARG D 118 16.50 1.58 52.23
CA ARG D 118 16.58 1.01 50.88
CA ARG D 118 16.59 1.00 50.88
C ARG D 118 15.86 -0.36 50.82
N GLU D 119 14.81 -0.53 51.65
CA GLU D 119 13.94 -1.73 51.67
C GLU D 119 12.72 -1.49 50.79
N VAL D 120 12.12 -2.55 50.24
CA VAL D 120 10.84 -2.43 49.46
C VAL D 120 9.74 -2.01 50.43
N SER D 121 9.04 -0.90 50.12
CA SER D 121 7.98 -0.37 51.01
C SER D 121 6.62 -0.40 50.32
N ALA D 122 6.58 -0.54 48.98
CA ALA D 122 5.36 -0.62 48.15
C ALA D 122 5.71 -1.23 46.79
N ASN D 123 4.78 -1.98 46.22
CA ASN D 123 4.99 -2.65 44.94
C ASN D 123 3.67 -2.81 44.17
N LEU D 124 3.71 -2.66 42.83
CA LEU D 124 2.55 -2.88 41.97
C LEU D 124 3.04 -3.54 40.69
N LYS D 125 2.41 -4.62 40.29
CA LYS D 125 2.66 -5.35 39.03
C LYS D 125 1.37 -5.32 38.21
N HIS D 126 1.42 -4.84 36.94
CA HIS D 126 0.22 -4.79 36.10
C HIS D 126 0.60 -5.00 34.63
N VAL D 127 -0.34 -5.59 33.85
CA VAL D 127 -0.10 -5.87 32.44
C VAL D 127 -0.68 -4.74 31.60
N VAL D 128 0.10 -4.29 30.62
CA VAL D 128 -0.29 -3.27 29.67
C VAL D 128 -0.42 -3.94 28.31
N LYS D 129 -1.60 -3.88 27.72
CA LYS D 129 -1.85 -4.42 26.38
C LYS D 129 -1.80 -3.23 25.41
N PRO D 130 -0.84 -3.19 24.47
CA PRO D 130 -0.70 -1.99 23.61
C PRO D 130 -1.91 -1.62 22.75
N ASP D 131 -2.83 -2.55 22.48
CA ASP D 131 -4.03 -2.27 21.67
C ASP D 131 -5.28 -1.96 22.56
N ASP D 132 -5.09 -1.80 23.89
CA ASP D 132 -6.18 -1.44 24.84
C ASP D 132 -6.77 -0.07 24.39
N ILE D 133 -8.08 -0.04 24.07
CA ILE D 133 -8.76 1.15 23.57
C ILE D 133 -8.78 2.31 24.59
N LEU D 134 -8.62 1.98 25.89
CA LEU D 134 -8.67 2.99 26.95
C LEU D 134 -7.29 3.64 27.24
N ILE D 135 -6.27 3.32 26.42
CA ILE D 135 -5.00 4.04 26.48
C ILE D 135 -5.28 5.40 25.78
N HIS D 136 -5.33 6.47 26.57
CA HIS D 136 -5.63 7.83 26.13
C HIS D 136 -4.55 8.38 25.15
N LYS D 137 -4.92 8.68 23.89
CA LYS D 137 -3.98 9.26 22.92
C LYS D 137 -3.80 10.76 23.20
N LYS D 138 -2.54 11.19 23.47
CA LYS D 138 -2.22 12.59 23.80
C LYS D 138 -1.15 13.16 22.88
N GLY D 139 -0.97 14.47 22.93
CA GLY D 139 0.07 15.17 22.19
C GLY D 139 -0.05 15.24 20.68
N LEU D 140 -1.28 15.18 20.16
CA LEU D 140 -1.51 15.24 18.71
C LEU D 140 -1.97 16.63 18.29
N THR D 141 -2.76 17.29 19.15
CA THR D 141 -3.31 18.62 18.89
C THR D 141 -3.13 19.53 20.10
N HIS D 142 -3.34 20.82 19.92
CA HIS D 142 -3.26 21.86 20.94
C HIS D 142 -1.96 21.80 21.73
N ILE D 143 -0.83 21.59 21.04
CA ILE D 143 0.49 21.49 21.66
C ILE D 143 0.87 22.88 22.21
N THR D 144 1.26 22.94 23.47
CA THR D 144 1.62 24.19 24.14
C THR D 144 2.66 24.99 23.34
N PRO D 145 2.45 26.32 23.14
CA PRO D 145 3.47 27.13 22.45
C PRO D 145 4.83 26.98 23.13
N HIS D 146 5.88 26.84 22.33
CA HIS D 146 7.22 26.57 22.81
C HIS D 146 8.26 27.07 21.81
N LYS D 147 9.52 27.15 22.26
CA LYS D 147 10.66 27.53 21.44
C LYS D 147 11.84 26.71 21.85
N TYR D 148 12.61 26.22 20.86
CA TYR D 148 13.85 25.53 21.21
C TYR D 148 14.94 26.56 21.54
N LEU D 149 15.55 26.44 22.69
CA LEU D 149 16.66 27.34 23.04
C LEU D 149 17.92 26.74 22.44
N LEU D 150 17.93 25.38 22.31
CA LEU D 150 19.05 24.66 21.76
CA LEU D 150 19.05 24.62 21.74
C LEU D 150 18.57 23.32 21.21
N LYS D 151 19.01 22.99 19.98
CA LYS D 151 18.67 21.69 19.42
C LYS D 151 19.92 21.11 18.79
N SER D 152 20.56 20.18 19.52
CA SER D 152 21.83 19.56 19.12
C SER D 152 21.62 18.38 18.16
N GLY D 153 20.45 17.75 18.24
CA GLY D 153 20.10 16.60 17.42
C GLY D 153 18.69 16.15 17.61
N ASN D 154 18.36 14.97 17.07
CA ASN D 154 17.00 14.48 17.23
C ASN D 154 16.84 13.90 18.67
N GLU D 155 15.60 13.71 19.08
CA GLU D 155 15.21 13.22 20.42
C GLU D 155 15.80 11.83 20.73
N GLU D 156 16.22 11.09 19.71
CA GLU D 156 16.79 9.75 19.90
C GLU D 156 18.29 9.78 20.22
N GLN D 157 19.01 10.86 19.88
CA GLN D 157 20.45 10.92 20.13
C GLN D 157 20.86 11.90 21.22
N CYS D 158 19.98 12.81 21.63
CA CYS D 158 20.25 13.84 22.64
C CYS D 158 19.28 13.71 23.82
N ILE D 159 19.66 14.33 24.95
CA ILE D 159 18.87 14.42 26.19
C ILE D 159 17.91 15.59 26.03
N ASP D 160 16.59 15.36 26.09
CA ASP D 160 15.59 16.43 25.90
C ASP D 160 15.16 16.99 27.24
N VAL D 161 15.45 18.29 27.46
CA VAL D 161 15.10 18.97 28.70
C VAL D 161 14.04 20.01 28.36
N ALA D 162 12.91 19.98 29.04
CA ALA D 162 11.83 20.95 28.87
C ALA D 162 11.79 21.89 30.06
N ILE D 163 11.69 23.19 29.76
CA ILE D 163 11.61 24.27 30.75
C ILE D 163 10.17 24.80 30.67
N LEU D 164 9.41 24.69 31.80
CA LEU D 164 8.00 25.10 31.88
C LEU D 164 7.82 26.39 32.62
N ALA D 165 6.78 27.17 32.22
CA ALA D 165 6.40 28.45 32.83
C ALA D 165 5.30 28.22 33.92
N GLU D 166 5.56 28.69 35.13
CA GLU D 166 4.66 28.64 36.28
C GLU D 166 4.47 30.05 36.83
N GLY D 167 3.24 30.49 36.89
CA GLY D 167 2.91 31.82 37.37
C GLY D 167 3.16 32.95 36.38
N TYR D 168 3.31 32.61 35.08
CA TYR D 168 3.44 33.61 34.01
C TYR D 168 2.15 33.66 33.23
N THR D 169 1.56 34.84 33.10
CA THR D 169 0.36 35.00 32.28
C THR D 169 0.83 35.06 30.80
N THR D 170 -0.10 35.03 29.83
CA THR D 170 0.21 35.11 28.40
C THR D 170 0.97 36.40 28.04
N SER D 171 0.77 37.48 28.81
CA SER D 171 1.46 38.74 28.55
C SER D 171 2.86 38.80 29.18
N GLU D 172 3.27 37.77 29.94
CA GLU D 172 4.59 37.77 30.58
C GLU D 172 5.53 36.74 29.94
N MSE D 173 5.18 36.18 28.76
CA MSE D 173 5.96 35.11 28.14
C MSE D 173 7.33 35.55 27.61
O MSE D 173 8.23 34.74 27.58
CB MSE D 173 5.18 34.36 27.06
CG MSE D 173 4.12 33.43 27.66
SE MSE D 173 4.76 32.33 29.17
CE MSE D 173 3.05 31.72 29.65
N GLU D 174 7.49 36.84 27.27
CA GLU D 174 8.79 37.34 26.84
C GLU D 174 9.78 37.28 28.00
N THR D 175 9.30 37.55 29.25
CA THR D 175 10.09 37.46 30.46
C THR D 175 10.42 35.99 30.71
N PHE D 176 9.43 35.08 30.51
CA PHE D 176 9.64 33.65 30.71
C PHE D 176 10.77 33.14 29.82
N TYR D 177 10.74 33.44 28.52
CA TYR D 177 11.74 33.01 27.56
C TYR D 177 13.12 33.57 27.91
N LYS D 178 13.17 34.81 28.45
CA LYS D 178 14.42 35.40 28.93
C LYS D 178 14.91 34.62 30.14
N ASP D 179 13.99 34.29 31.05
CA ASP D 179 14.32 33.51 32.26
C ASP D 179 14.79 32.09 31.90
N ALA D 180 14.20 31.45 30.86
CA ALA D 180 14.61 30.11 30.42
C ALA D 180 16.06 30.17 29.81
N ALA D 181 16.35 31.22 28.99
CA ALA D 181 17.68 31.44 28.40
C ALA D 181 18.76 31.61 29.53
N ILE D 182 18.40 32.28 30.65
CA ILE D 182 19.28 32.46 31.82
C ILE D 182 19.55 31.12 32.56
N ALA D 183 18.53 30.26 32.68
CA ALA D 183 18.70 28.97 33.33
C ALA D 183 19.66 28.07 32.50
N CYS D 184 19.46 28.09 31.18
CA CYS D 184 20.22 27.35 30.19
C CYS D 184 21.71 27.80 30.20
N GLU D 185 21.95 29.11 30.25
CA GLU D 185 23.27 29.71 30.31
C GLU D 185 23.97 29.31 31.63
N ALA D 186 23.22 29.33 32.76
CA ALA D 186 23.77 28.95 34.06
C ALA D 186 24.16 27.46 34.04
N LEU D 187 23.28 26.60 33.49
CA LEU D 187 23.53 25.16 33.43
C LEU D 187 24.77 24.83 32.58
N PHE D 188 24.88 25.44 31.36
CA PHE D 188 26.00 25.14 30.47
C PHE D 188 27.26 25.97 30.77
N SER D 189 27.31 26.63 31.93
CA SER D 189 28.54 27.28 32.40
C SER D 189 29.17 26.38 33.50
N HIS D 190 28.55 25.23 33.76
CA HIS D 190 29.05 24.26 34.75
C HIS D 190 29.54 22.99 34.09
N GLU D 191 30.76 22.54 34.40
CA GLU D 191 31.25 21.26 33.93
C GLU D 191 30.51 20.15 34.72
N PRO D 192 30.15 19.01 34.12
CA PRO D 192 30.50 18.57 32.76
C PRO D 192 29.48 19.01 31.73
N PHE D 193 28.38 19.68 32.13
CA PHE D 193 27.35 20.16 31.17
C PHE D 193 27.96 21.04 30.07
N GLN D 194 28.90 21.93 30.44
CA GLN D 194 29.56 22.85 29.52
C GLN D 194 30.25 22.13 28.33
N SER D 195 31.07 21.09 28.60
CA SER D 195 31.76 20.38 27.53
CA SER D 195 31.76 20.40 27.52
C SER D 195 30.85 19.39 26.82
N MSE D 196 29.69 19.05 27.43
CA MSE D 196 28.71 18.07 26.93
CA MSE D 196 28.76 18.08 26.85
C MSE D 196 27.45 18.74 26.40
O MSE D 196 26.44 18.06 26.20
CB MSE D 196 28.34 17.10 28.06
CB MSE D 196 28.51 16.95 27.84
CG MSE D 196 29.50 16.26 28.59
CG MSE D 196 29.78 16.14 28.12
SE MSE D 196 30.12 14.98 27.33
SE MSE D 196 29.62 14.86 29.54
CE MSE D 196 29.60 13.40 28.19
CE MSE D 196 29.77 13.27 28.51
N LYS D 197 27.48 20.05 26.14
CA LYS D 197 26.32 20.84 25.66
C LYS D 197 25.70 20.28 24.35
N ASN D 198 26.53 19.71 23.47
CA ASN D 198 26.10 19.12 22.19
C ASN D 198 25.37 17.78 22.37
N ARG D 199 25.14 17.33 23.64
CA ARG D 199 24.40 16.09 23.93
C ARG D 199 22.94 16.42 24.33
N PHE D 200 22.59 17.71 24.38
CA PHE D 200 21.29 18.17 24.87
C PHE D 200 20.45 18.94 23.87
N ASN D 201 19.12 18.83 24.06
CA ASN D 201 18.09 19.64 23.42
C ASN D 201 17.37 20.36 24.54
N ILE D 202 17.23 21.67 24.43
CA ILE D 202 16.54 22.47 25.46
C ILE D 202 15.34 23.16 24.83
N VAL D 203 14.12 22.87 25.35
CA VAL D 203 12.90 23.49 24.81
C VAL D 203 12.22 24.29 25.96
N ALA D 204 11.86 25.54 25.68
CA ALA D 204 11.18 26.41 26.63
C ALA D 204 9.70 26.37 26.25
N VAL D 205 8.86 25.96 27.18
CA VAL D 205 7.43 25.72 26.95
C VAL D 205 6.59 26.75 27.72
N ALA D 206 5.91 27.62 26.96
CA ALA D 206 5.12 28.74 27.50
C ALA D 206 3.72 28.28 27.97
N SER D 207 3.71 27.49 29.03
CA SER D 207 2.48 26.99 29.67
C SER D 207 1.83 28.17 30.42
N PRO D 208 0.63 28.64 30.01
CA PRO D 208 0.08 29.86 30.61
C PRO D 208 -0.58 29.64 31.98
N SER D 209 -0.56 30.70 32.79
CA SER D 209 -1.21 30.75 34.10
C SER D 209 -2.25 31.85 34.08
N ALA D 210 -3.41 31.67 34.78
CA ALA D 210 -4.46 32.72 34.82
C ALA D 210 -3.96 33.89 35.67
N ASP D 211 -3.14 33.60 36.71
CA ASP D 211 -2.58 34.60 37.62
C ASP D 211 -1.05 34.68 37.52
N SER D 212 -0.54 35.86 37.86
CA SER D 212 0.88 36.18 37.89
C SER D 212 1.42 35.85 39.30
N GLY D 213 2.48 35.05 39.38
CA GLY D 213 3.08 34.66 40.66
C GLY D 213 2.68 33.28 41.12
N VAL D 214 2.91 32.94 42.39
CA VAL D 214 2.59 31.61 42.91
C VAL D 214 1.85 31.73 44.26
N SER D 215 1.12 30.67 44.67
CA SER D 215 0.35 30.64 45.91
C SER D 215 1.24 30.69 47.15
N ALA D 216 0.79 31.47 48.14
CA ALA D 216 1.46 31.67 49.42
C ALA D 216 0.47 31.29 50.53
N PRO D 217 0.37 29.97 50.86
CA PRO D 217 -0.63 29.52 51.85
C PRO D 217 -0.60 30.25 53.21
N LYS D 218 0.62 30.50 53.78
CA LYS D 218 0.76 31.16 55.09
C LYS D 218 0.14 32.56 55.08
N GLN D 219 0.22 33.28 53.94
CA GLN D 219 -0.37 34.61 53.81
C GLN D 219 -1.83 34.56 53.31
N GLY D 220 -2.33 33.36 53.06
CA GLY D 220 -3.68 33.12 52.54
C GLY D 220 -3.89 33.65 51.14
N ALA D 221 -2.81 33.72 50.36
CA ALA D 221 -2.82 34.23 48.99
C ALA D 221 -2.67 33.10 47.97
N TRP D 222 -3.81 32.50 47.61
CA TRP D 222 -3.86 31.41 46.65
C TRP D 222 -4.09 31.98 45.27
N LYS D 223 -3.37 31.46 44.27
CA LYS D 223 -3.44 31.94 42.88
C LYS D 223 -3.82 30.79 41.94
N HIS D 224 -4.38 31.15 40.78
CA HIS D 224 -4.74 30.21 39.71
C HIS D 224 -3.56 30.14 38.77
N THR D 225 -2.77 29.06 38.87
CA THR D 225 -1.60 28.96 38.02
C THR D 225 -1.58 27.64 37.29
N ALA D 226 -0.74 27.55 36.24
CA ALA D 226 -0.63 26.35 35.40
C ALA D 226 -0.50 25.06 36.22
N PHE D 227 0.34 25.06 37.28
CA PHE D 227 0.62 23.84 38.03
C PHE D 227 0.35 23.93 39.53
N GLY D 228 -0.39 24.96 39.97
CA GLY D 228 -0.75 25.13 41.38
C GLY D 228 0.40 25.00 42.36
N SER D 229 1.59 25.52 42.01
CA SER D 229 2.72 25.48 42.93
C SER D 229 2.41 26.39 44.14
N HIS D 230 2.94 26.04 45.31
CA HIS D 230 2.71 26.81 46.52
C HIS D 230 3.91 26.69 47.49
N PHE D 231 4.12 27.73 48.31
CA PHE D 231 5.10 27.71 49.39
C PHE D 231 4.46 26.91 50.53
N ASP D 232 5.15 26.81 51.68
CA ASP D 232 4.67 26.15 52.90
C ASP D 232 4.38 24.66 52.70
N THR D 233 5.09 24.00 51.74
CA THR D 233 4.95 22.56 51.52
C THR D 233 5.45 21.86 52.78
N PHE D 234 4.63 20.95 53.35
CA PHE D 234 4.95 20.22 54.58
C PHE D 234 5.13 21.20 55.73
N TYR D 235 4.51 22.40 55.63
CA TYR D 235 4.56 23.49 56.60
C TYR D 235 6.00 24.04 56.75
N SER D 236 6.82 23.87 55.70
CA SER D 236 8.15 24.44 55.60
C SER D 236 8.02 25.65 54.66
N ASP D 237 7.99 26.85 55.26
CA ASP D 237 7.77 28.17 54.64
C ASP D 237 8.33 28.34 53.23
N ARG D 238 9.61 28.04 53.01
CA ARG D 238 10.31 28.26 51.74
C ARG D 238 10.32 27.00 50.86
N TYR D 239 9.52 25.98 51.23
CA TYR D 239 9.50 24.80 50.38
C TYR D 239 8.39 25.00 49.35
N LEU D 240 8.82 25.33 48.12
CA LEU D 240 7.95 25.59 46.98
C LEU D 240 7.87 24.35 46.15
N THR D 241 6.66 23.75 46.08
CA THR D 241 6.43 22.54 45.29
C THR D 241 5.12 22.58 44.57
N THR D 242 4.91 21.57 43.73
CA THR D 242 3.66 21.27 43.05
C THR D 242 3.43 19.77 43.11
N SER D 243 2.16 19.41 43.33
CA SER D 243 1.74 18.02 43.36
CA SER D 243 1.69 18.03 43.37
C SER D 243 0.86 17.74 42.11
N ARG D 244 0.79 18.72 41.20
CA ARG D 244 -0.02 18.60 39.98
C ARG D 244 0.79 18.02 38.83
N VAL D 245 1.22 16.77 39.01
CA VAL D 245 2.08 16.08 38.06
C VAL D 245 1.36 15.75 36.75
N LYS D 246 0.06 15.40 36.82
CA LYS D 246 -0.67 15.13 35.59
C LYS D 246 -0.73 16.40 34.74
N ALA D 247 -0.96 17.57 35.37
CA ALA D 247 -1.03 18.85 34.68
C ALA D 247 0.34 19.23 34.05
N ILE D 248 1.45 18.95 34.76
CA ILE D 248 2.82 19.22 34.27
C ILE D 248 3.07 18.43 32.98
N ASN D 249 2.75 17.13 33.00
CA ASN D 249 2.96 16.25 31.87
C ASN D 249 1.97 16.52 30.74
N ASP D 250 0.71 16.90 31.08
CA ASP D 250 -0.27 17.26 30.04
C ASP D 250 0.18 18.51 29.25
N ALA D 251 0.83 19.49 29.95
CA ALA D 251 1.36 20.71 29.29
C ALA D 251 2.47 20.36 28.26
N LEU D 252 3.18 19.28 28.48
CA LEU D 252 4.29 18.86 27.61
C LEU D 252 3.91 17.83 26.54
N ALA D 253 2.70 17.24 26.62
CA ALA D 253 2.27 16.21 25.65
C ALA D 253 2.47 16.73 24.19
N GLY D 254 3.22 15.97 23.39
CA GLY D 254 3.49 16.31 22.01
C GLY D 254 4.86 16.92 21.79
N ILE D 255 5.48 17.43 22.89
CA ILE D 255 6.84 17.99 22.88
C ILE D 255 7.77 16.89 23.42
N PRO D 256 8.84 16.45 22.70
CA PRO D 256 9.73 15.42 23.26
C PRO D 256 10.43 15.91 24.54
N TYR D 257 10.37 15.12 25.62
CA TYR D 257 11.00 15.49 26.90
C TYR D 257 11.38 14.26 27.67
N GLU D 258 12.43 14.40 28.46
CA GLU D 258 12.92 13.37 29.38
C GLU D 258 13.06 13.98 30.76
N HIS D 259 13.37 15.30 30.84
CA HIS D 259 13.63 16.00 32.10
C HIS D 259 12.88 17.31 32.12
N ILE D 260 12.41 17.71 33.31
CA ILE D 260 11.61 18.92 33.47
C ILE D 260 12.21 19.90 34.45
N ILE D 261 12.24 21.16 34.05
CA ILE D 261 12.63 22.33 34.85
C ILE D 261 11.42 23.26 34.84
N ILE D 262 10.91 23.61 36.01
CA ILE D 262 9.76 24.52 36.10
C ILE D 262 10.26 25.85 36.69
N LEU D 263 10.02 26.96 35.97
CA LEU D 263 10.41 28.30 36.44
C LEU D 263 9.19 29.00 37.02
N ALA D 264 9.28 29.45 38.27
CA ALA D 264 8.19 30.17 38.92
C ALA D 264 8.46 31.66 38.84
N ASN D 265 7.44 32.40 38.39
CA ASN D 265 7.49 33.85 38.24
C ASN D 265 7.31 34.55 39.59
N THR D 266 8.37 34.57 40.40
CA THR D 266 8.39 35.20 41.72
C THR D 266 9.86 35.53 42.13
N GLU D 267 10.01 36.51 43.02
CA GLU D 267 11.29 36.94 43.56
C GLU D 267 11.57 36.23 44.86
N GLN D 268 10.53 35.62 45.46
CA GLN D 268 10.69 34.90 46.74
C GLN D 268 11.62 33.71 46.57
N TYR D 269 12.42 33.42 47.60
CA TYR D 269 13.35 32.31 47.61
C TYR D 269 12.59 31.02 47.89
N GLY D 270 12.91 30.00 47.13
CA GLY D 270 12.21 28.73 47.26
C GLY D 270 12.36 27.84 46.05
N GLY D 271 12.18 26.55 46.29
CA GLY D 271 12.32 25.59 45.21
C GLY D 271 12.65 24.20 45.69
N GLY D 272 12.83 23.32 44.72
CA GLY D 272 13.14 21.92 44.96
C GLY D 272 13.47 21.21 43.69
N GLY D 273 14.09 20.06 43.83
CA GLY D 273 14.45 19.18 42.73
C GLY D 273 14.35 17.76 43.22
N ILE D 274 13.61 16.93 42.51
CA ILE D 274 13.40 15.53 42.90
C ILE D 274 13.80 14.67 41.69
N TYR D 275 14.68 13.70 41.93
CA TYR D 275 15.26 12.80 40.92
C TYR D 275 14.20 12.18 39.99
N ASN D 276 14.35 12.49 38.70
CA ASN D 276 13.52 12.08 37.57
C ASN D 276 12.04 12.38 37.79
N ALA D 277 11.75 13.50 38.48
CA ALA D 277 10.41 14.03 38.69
C ALA D 277 10.44 15.40 38.06
N PHE D 278 11.07 16.41 38.72
CA PHE D 278 11.25 17.74 38.15
C PHE D 278 12.04 18.62 39.08
N THR D 279 12.52 19.73 38.54
CA THR D 279 13.12 20.84 39.27
C THR D 279 12.04 21.96 39.26
N LEU D 280 11.86 22.66 40.36
CA LEU D 280 11.00 23.87 40.48
C LEU D 280 11.80 24.93 41.23
N THR D 281 11.94 26.09 40.63
CA THR D 281 12.67 27.15 41.28
C THR D 281 12.11 28.50 40.87
N THR D 282 12.38 29.52 41.70
CA THR D 282 11.92 30.88 41.45
C THR D 282 12.93 31.56 40.51
N ALA D 283 12.41 32.18 39.45
CA ALA D 283 13.21 32.76 38.39
C ALA D 283 13.74 34.15 38.72
N HIS D 284 13.13 34.89 39.66
CA HIS D 284 13.54 36.26 39.87
C HIS D 284 14.22 36.51 41.19
N HIS D 285 14.55 35.45 41.95
CA HIS D 285 15.36 35.63 43.15
C HIS D 285 16.84 35.86 42.67
N PRO D 286 17.69 36.69 43.34
CA PRO D 286 19.07 36.90 42.81
C PRO D 286 19.93 35.63 42.78
N ASN D 287 19.58 34.59 43.56
CA ASN D 287 20.31 33.32 43.60
C ASN D 287 19.79 32.29 42.58
N PHE D 288 18.93 32.73 41.65
CA PHE D 288 18.37 31.84 40.63
C PHE D 288 19.44 31.02 39.89
N ARG D 289 20.51 31.65 39.37
CA ARG D 289 21.52 30.94 38.57
C ARG D 289 22.14 29.73 39.34
N PRO D 290 22.75 29.86 40.56
CA PRO D 290 23.28 28.66 41.22
C PRO D 290 22.18 27.73 41.73
N VAL D 291 21.01 28.28 42.08
CA VAL D 291 19.93 27.46 42.65
C VAL D 291 19.30 26.52 41.59
N VAL D 292 18.99 27.03 40.36
CA VAL D 292 18.42 26.18 39.31
C VAL D 292 19.40 25.02 38.96
N VAL D 293 20.71 25.27 39.02
CA VAL D 293 21.73 24.27 38.71
C VAL D 293 21.83 23.25 39.86
N HIS D 294 21.77 23.72 41.12
CA HIS D 294 21.75 22.88 42.32
C HIS D 294 20.54 21.94 42.27
N GLU D 295 19.35 22.48 41.98
CA GLU D 295 18.12 21.66 41.91
C GLU D 295 18.22 20.65 40.76
N PHE D 296 18.79 21.04 39.60
CA PHE D 296 18.97 20.11 38.47
C PHE D 296 19.97 19.00 38.86
N GLY D 297 20.90 19.31 39.79
CA GLY D 297 21.84 18.34 40.37
C GLY D 297 21.03 17.23 41.05
N HIS D 298 19.90 17.57 41.71
CA HIS D 298 18.98 16.58 42.27
C HIS D 298 18.14 15.89 41.18
N SER D 299 17.35 16.68 40.43
CA SER D 299 16.37 16.14 39.50
C SER D 299 16.97 15.42 38.29
N PHE D 300 18.12 15.87 37.76
CA PHE D 300 18.79 15.15 36.64
C PHE D 300 19.92 14.24 37.16
N GLY D 301 20.77 14.78 38.05
CA GLY D 301 21.93 14.06 38.56
C GLY D 301 21.70 13.02 39.65
N GLY D 302 20.57 13.12 40.37
CA GLY D 302 20.27 12.23 41.48
C GLY D 302 21.23 12.46 42.64
N LEU D 303 21.85 13.64 42.68
CA LEU D 303 22.81 13.99 43.72
C LEU D 303 22.14 14.37 45.04
N ALA D 304 22.81 14.11 46.14
CA ALA D 304 22.33 14.49 47.47
C ALA D 304 22.81 15.88 47.83
N ASP D 305 22.18 16.48 48.85
CA ASP D 305 22.63 17.75 49.37
C ASP D 305 23.89 17.51 50.17
N GLU D 306 24.91 18.37 50.01
CA GLU D 306 26.16 18.21 50.75
C GLU D 306 26.23 19.16 51.94
N TYR D 307 25.19 19.99 52.12
CA TYR D 307 25.18 20.90 53.26
C TYR D 307 24.65 20.17 54.48
N PHE D 308 24.84 20.78 55.65
CA PHE D 308 24.46 20.18 56.92
C PHE D 308 24.17 21.25 57.96
N TYR D 309 23.46 20.85 59.01
CA TYR D 309 23.13 21.72 60.14
C TYR D 309 23.85 21.23 61.39
N ASP D 310 24.06 22.09 62.39
CA ASP D 310 24.73 21.73 63.66
C ASP D 310 23.97 20.64 64.47
N GLU D 311 22.61 20.64 64.44
CA GLU D 311 21.76 19.68 65.13
C GLU D 311 20.55 19.33 64.29
N GLY D 316 17.74 12.02 60.38
CA GLY D 316 17.19 10.67 60.27
C GLY D 316 16.80 10.23 58.86
N LEU D 317 17.05 11.10 57.86
CA LEU D 317 16.73 10.85 56.44
C LEU D 317 17.72 9.87 55.83
N TYR D 318 18.93 9.83 56.38
CA TYR D 318 19.96 8.92 55.98
C TYR D 318 20.41 8.13 57.21
N PRO D 319 19.83 6.94 57.49
CA PRO D 319 20.32 6.12 58.63
C PRO D 319 21.82 5.86 58.47
N LEU D 320 22.58 6.01 59.55
CA LEU D 320 24.04 5.91 59.51
C LEU D 320 24.56 4.50 59.28
N ASN D 321 23.72 3.50 59.39
CA ASN D 321 24.17 2.13 59.18
C ASN D 321 23.81 1.65 57.75
N ILE D 322 23.31 2.59 56.91
CA ILE D 322 22.93 2.33 55.51
C ILE D 322 23.84 3.13 54.58
N GLU D 323 24.46 2.48 53.57
CA GLU D 323 25.18 3.28 52.56
C GLU D 323 24.13 3.98 51.70
N PRO D 324 24.15 5.32 51.58
CA PRO D 324 23.18 5.96 50.67
C PRO D 324 23.35 5.47 49.21
N TRP D 325 22.26 5.43 48.40
CA TRP D 325 22.46 5.09 46.99
C TRP D 325 23.06 6.29 46.21
N GLU D 326 22.92 7.54 46.78
CA GLU D 326 23.43 8.78 46.16
C GLU D 326 24.95 8.71 46.10
N GLN D 327 25.52 9.25 45.01
CA GLN D 327 26.90 9.11 44.65
C GLN D 327 27.85 10.10 45.31
N ASN D 328 27.35 11.20 45.85
CA ASN D 328 28.21 12.26 46.39
C ASN D 328 28.16 12.37 47.92
N ILE D 329 27.57 11.37 48.59
CA ILE D 329 27.58 11.31 50.06
C ILE D 329 27.89 9.88 50.46
N THR D 330 28.46 9.71 51.66
CA THR D 330 28.76 8.38 52.18
C THR D 330 28.57 8.35 53.68
N THR D 331 28.20 7.17 54.22
CA THR D 331 28.12 6.92 55.68
C THR D 331 29.29 5.99 56.03
N ARG D 332 30.20 5.77 55.03
CA ARG D 332 31.38 4.89 55.11
C ARG D 332 30.98 3.44 55.45
N ILE D 333 29.83 3.01 54.95
CA ILE D 333 29.35 1.63 55.09
C ILE D 333 29.90 0.88 53.86
N ASN D 334 29.77 1.49 52.67
CA ASN D 334 30.33 0.93 51.43
C ASN D 334 30.91 2.09 50.62
N PHE D 335 31.96 2.69 51.17
CA PHE D 335 32.68 3.79 50.54
C PHE D 335 33.40 3.33 49.23
N ALA D 336 33.80 2.06 49.13
CA ALA D 336 34.44 1.54 47.91
C ALA D 336 33.54 1.69 46.68
N SER D 337 32.21 1.65 46.88
CA SER D 337 31.24 1.83 45.78
C SER D 337 31.11 3.30 45.39
N LYS D 338 31.76 4.23 46.15
CA LYS D 338 31.64 5.65 45.92
C LYS D 338 32.90 6.23 45.24
N TRP D 339 33.59 7.21 45.87
CA TRP D 339 34.72 7.87 45.26
C TRP D 339 36.06 7.51 45.88
N GLU D 340 36.15 6.34 46.54
CA GLU D 340 37.41 5.83 47.10
C GLU D 340 38.49 5.73 46.00
N ASP D 341 38.08 5.30 44.80
CA ASP D 341 38.96 5.15 43.63
C ASP D 341 39.45 6.50 43.08
N MSE D 342 38.99 7.63 43.64
CA MSE D 342 39.44 8.95 43.19
C MSE D 342 40.43 9.57 44.20
O MSE D 342 40.99 10.64 43.92
CB MSE D 342 38.26 9.88 42.96
CG MSE D 342 37.43 9.46 41.74
SE MSE D 342 36.03 10.73 41.40
CE MSE D 342 37.01 12.11 40.53
N LEU D 343 40.64 8.91 45.34
CA LEU D 343 41.56 9.40 46.36
C LEU D 343 42.99 8.99 46.07
N THR D 344 43.96 9.74 46.60
CA THR D 344 45.40 9.36 46.53
C THR D 344 45.62 8.29 47.61
N LYS D 345 46.67 7.46 47.48
CA LYS D 345 46.94 6.37 48.44
C LYS D 345 47.11 6.88 49.90
N THR D 346 47.58 8.13 50.08
CA THR D 346 47.83 8.71 51.40
C THR D 346 46.75 9.71 51.86
N THR D 347 45.59 9.77 51.19
CA THR D 347 44.51 10.68 51.62
C THR D 347 43.92 10.17 52.94
N PRO D 348 43.91 11.01 54.00
CA PRO D 348 43.33 10.57 55.27
C PRO D 348 41.81 10.48 55.20
N VAL D 349 41.26 9.42 55.80
CA VAL D 349 39.81 9.15 55.86
C VAL D 349 39.42 9.00 57.35
N PRO D 350 38.61 9.93 57.93
CA PRO D 350 38.06 11.14 57.32
C PRO D 350 39.16 12.17 57.07
N THR D 351 38.91 13.13 56.17
CA THR D 351 39.87 14.17 55.85
C THR D 351 39.66 15.33 56.81
N PRO D 352 40.68 15.69 57.63
CA PRO D 352 40.52 16.86 58.51
C PRO D 352 40.27 18.13 57.68
N VAL D 353 39.38 19.01 58.16
CA VAL D 353 39.05 20.30 57.53
C VAL D 353 40.34 21.16 57.32
N ALA D 354 41.35 21.05 58.22
CA ALA D 354 42.62 21.79 58.10
C ALA D 354 43.36 21.43 56.81
N ASP D 355 43.13 20.20 56.27
CA ASP D 355 43.80 19.69 55.08
C ASP D 355 42.98 19.86 53.80
N LYS D 356 41.96 20.72 53.82
CA LYS D 356 41.06 20.92 52.69
C LYS D 356 41.79 21.29 51.38
N ALA D 357 42.89 22.09 51.44
CA ALA D 357 43.59 22.49 50.21
C ALA D 357 44.53 21.40 49.72
N LYS D 358 45.03 20.54 50.65
CA LYS D 358 45.93 19.44 50.30
C LYS D 358 45.15 18.33 49.54
N TYR D 359 43.86 18.17 49.87
CA TYR D 359 43.05 17.10 49.26
C TYR D 359 41.78 17.67 48.63
N PRO D 360 41.83 18.13 47.35
CA PRO D 360 40.59 18.64 46.69
C PRO D 360 39.46 17.60 46.73
N ILE D 361 39.81 16.30 46.70
CA ILE D 361 38.88 15.19 46.86
C ILE D 361 39.27 14.49 48.18
N GLY D 362 38.32 14.35 49.10
CA GLY D 362 38.55 13.69 50.38
C GLY D 362 37.28 13.10 50.91
N VAL D 363 37.23 12.86 52.21
CA VAL D 363 36.06 12.30 52.92
C VAL D 363 35.79 13.29 54.06
N TYR D 364 35.06 14.36 53.74
CA TYR D 364 34.82 15.48 54.66
C TYR D 364 33.57 15.28 55.45
N GLU D 365 33.69 15.26 56.81
CA GLU D 365 32.53 15.04 57.67
C GLU D 365 31.56 16.22 57.58
N GLY D 366 30.31 15.86 57.35
CA GLY D 366 29.21 16.80 57.19
C GLY D 366 28.64 16.64 55.80
N GLY D 367 27.36 16.32 55.71
CA GLY D 367 26.67 16.09 54.43
C GLY D 367 25.30 15.53 54.69
N GLY D 368 24.45 15.52 53.65
CA GLY D 368 23.09 14.98 53.73
C GLY D 368 22.33 15.41 54.97
N TYR D 369 22.45 16.73 55.32
CA TYR D 369 21.81 17.48 56.43
C TYR D 369 22.46 17.24 57.79
N SER D 370 23.32 16.23 57.95
CA SER D 370 23.94 15.92 59.25
C SER D 370 25.38 16.37 59.33
N ALA D 371 25.73 16.99 60.45
CA ALA D 371 27.10 17.40 60.72
C ALA D 371 28.01 16.20 61.05
N LYS D 372 27.41 15.09 61.54
CA LYS D 372 28.16 13.91 61.94
C LYS D 372 27.71 12.65 61.28
N GLY D 373 28.65 11.78 60.95
CA GLY D 373 28.34 10.46 60.41
C GLY D 373 28.09 10.35 58.92
N ILE D 374 27.88 11.47 58.23
CA ILE D 374 27.69 11.54 56.78
C ILE D 374 28.86 12.38 56.26
N TYR D 375 29.44 11.97 55.11
CA TYR D 375 30.62 12.61 54.55
C TYR D 375 30.40 12.99 53.11
N ARG D 376 31.04 14.10 52.69
CA ARG D 376 30.95 14.66 51.34
C ARG D 376 32.35 14.59 50.66
N PRO D 377 32.41 14.72 49.32
CA PRO D 377 33.70 14.48 48.62
C PRO D 377 34.70 15.62 48.59
N ALA D 378 34.27 16.84 48.86
CA ALA D 378 35.15 18.00 48.83
C ALA D 378 34.70 18.94 49.92
N PHE D 379 35.58 19.89 50.33
CA PHE D 379 35.20 20.84 51.36
C PHE D 379 33.99 21.66 50.93
N ASP D 380 33.94 22.08 49.63
CA ASP D 380 32.80 22.86 49.11
C ASP D 380 32.40 22.37 47.73
N CYS D 381 31.16 22.73 47.30
CA CYS D 381 30.53 22.24 46.06
C CYS D 381 29.26 23.04 45.79
N ARG D 382 28.79 23.03 44.54
CA ARG D 382 27.46 23.58 44.14
C ARG D 382 26.35 22.88 44.98
N MSE D 383 26.60 21.60 45.38
CA MSE D 383 25.61 20.81 46.14
C MSE D 383 25.64 21.17 47.62
O MSE D 383 24.76 20.68 48.36
CB MSE D 383 25.77 19.31 45.93
CG MSE D 383 25.41 18.84 44.46
SE MSE D 383 23.81 19.65 43.71
CE MSE D 383 22.50 18.80 44.75
N ARG D 384 26.61 22.02 48.05
CA ARG D 384 26.71 22.49 49.44
CA ARG D 384 26.70 22.48 49.44
C ARG D 384 26.33 23.96 49.55
N THR D 385 26.88 24.84 48.69
CA THR D 385 26.62 26.28 48.78
C THR D 385 26.32 26.91 47.42
N ASN D 386 25.65 28.06 47.44
CA ASN D 386 25.32 28.83 46.23
C ASN D 386 26.50 29.66 45.73
N GLU D 387 27.42 30.03 46.62
CA GLU D 387 28.56 30.90 46.29
C GLU D 387 29.68 30.14 45.62
N TYR D 388 29.81 28.83 45.90
CA TYR D 388 30.88 28.03 45.30
C TYR D 388 30.61 27.91 43.78
N PRO D 389 31.64 28.11 42.92
CA PRO D 389 31.36 28.20 41.48
C PRO D 389 31.11 26.90 40.72
N THR D 390 31.53 25.75 41.25
CA THR D 390 31.40 24.52 40.46
C THR D 390 30.90 23.33 41.26
N PHE D 391 30.52 22.25 40.53
CA PHE D 391 30.30 20.94 41.12
C PHE D 391 31.67 20.40 41.53
N CYS D 392 31.76 19.72 42.66
CA CYS D 392 33.02 19.10 43.10
C CYS D 392 33.43 18.02 42.07
N PRO D 393 34.69 17.52 42.08
CA PRO D 393 35.07 16.52 41.06
C PRO D 393 34.24 15.25 41.07
N VAL D 394 33.68 14.86 42.25
CA VAL D 394 32.90 13.64 42.38
C VAL D 394 31.51 13.86 41.77
N CYS D 395 30.90 15.03 42.01
CA CYS D 395 29.59 15.36 41.40
C CYS D 395 29.76 15.43 39.87
N GLN D 396 30.87 16.00 39.39
CA GLN D 396 31.16 16.09 37.96
C GLN D 396 31.25 14.71 37.32
N ARG D 397 31.99 13.74 37.97
CA ARG D 397 32.05 12.38 37.45
C ARG D 397 30.65 11.71 37.46
N ALA D 398 29.88 11.93 38.54
CA ALA D 398 28.55 11.34 38.69
C ALA D 398 27.62 11.87 37.57
N ILE D 399 27.67 13.18 37.28
CA ILE D 399 26.83 13.78 36.23
C ILE D 399 27.28 13.27 34.85
N GLN D 400 28.59 13.19 34.62
CA GLN D 400 29.14 12.70 33.34
C GLN D 400 28.69 11.25 33.08
N ARG D 401 28.67 10.38 34.13
CA ARG D 401 28.21 9.01 34.03
C ARG D 401 26.74 8.98 33.62
N ILE D 402 25.91 9.92 34.12
CA ILE D 402 24.48 10.02 33.75
C ILE D 402 24.38 10.42 32.27
N ILE D 403 25.12 11.47 31.84
CA ILE D 403 25.10 11.94 30.44
C ILE D 403 25.53 10.82 29.48
N GLU D 404 26.63 10.10 29.82
CA GLU D 404 27.14 9.00 29.03
C GLU D 404 26.17 7.80 29.00
N PHE D 405 25.45 7.55 30.10
CA PHE D 405 24.48 6.46 30.15
C PHE D 405 23.39 6.65 29.10
N TYR D 406 22.91 7.90 28.94
CA TYR D 406 21.86 8.23 28.01
C TYR D 406 22.34 8.55 26.58
N THR D 407 23.60 8.91 26.38
CA THR D 407 24.05 9.31 25.03
C THR D 407 25.38 8.66 24.55
N GLY D 408 25.96 7.77 25.36
CA GLY D 408 27.23 7.12 25.03
C GLY D 408 28.49 7.83 25.52
N LYS D 409 29.63 7.10 25.49
CA LYS D 409 30.94 7.63 25.92
C LYS D 409 31.47 8.74 24.97
N ASN E 4 12.86 -26.20 3.88
CA ASN E 4 12.78 -25.07 2.93
C ASN E 4 12.45 -25.56 1.50
N PHE E 5 13.03 -26.70 1.06
CA PHE E 5 12.67 -27.27 -0.25
C PHE E 5 11.27 -27.88 -0.12
N SER E 6 11.08 -28.69 0.96
CA SER E 6 9.83 -29.39 1.29
C SER E 6 8.67 -28.43 1.57
N ASP E 7 8.94 -27.13 1.84
CA ASP E 7 7.87 -26.15 2.09
C ASP E 7 7.09 -25.82 0.82
N TYR E 8 7.74 -25.91 -0.35
CA TYR E 8 7.09 -25.53 -1.61
C TYR E 8 7.09 -26.59 -2.67
N PHE E 9 7.97 -27.60 -2.54
CA PHE E 9 8.12 -28.58 -3.60
C PHE E 9 8.00 -30.01 -3.20
N THR E 10 7.70 -30.86 -4.20
CA THR E 10 7.66 -32.30 -4.07
CA THR E 10 7.62 -32.31 -4.12
C THR E 10 8.88 -32.86 -4.82
N ASN E 11 9.25 -34.15 -4.59
CA ASN E 11 10.43 -34.73 -5.27
C ASN E 11 10.06 -35.14 -6.69
N LYS E 12 9.76 -34.14 -7.50
CA LYS E 12 9.36 -34.28 -8.89
C LYS E 12 9.83 -33.09 -9.68
N THR E 13 9.92 -33.24 -11.00
CA THR E 13 10.35 -32.14 -11.85
C THR E 13 9.19 -31.63 -12.68
N LEU E 14 9.08 -30.30 -12.74
CA LEU E 14 8.17 -29.60 -13.65
C LEU E 14 9.04 -29.20 -14.86
N ARG E 15 8.92 -29.94 -15.96
CA ARG E 15 9.66 -29.64 -17.18
C ARG E 15 8.79 -28.67 -18.03
N ILE E 16 9.41 -27.54 -18.41
CA ILE E 16 8.73 -26.54 -19.22
C ILE E 16 9.45 -26.40 -20.56
N ASP E 17 8.68 -26.61 -21.66
CA ASP E 17 9.20 -26.45 -23.02
C ASP E 17 8.67 -25.14 -23.55
N TYR E 18 9.58 -24.26 -24.00
CA TYR E 18 9.23 -22.97 -24.59
C TYR E 18 9.65 -22.88 -26.04
N LEU E 19 9.08 -21.94 -26.76
CA LEU E 19 9.53 -21.61 -28.12
C LEU E 19 9.97 -20.16 -28.10
N PHE E 20 11.21 -19.89 -28.53
CA PHE E 20 11.76 -18.54 -28.63
C PHE E 20 11.67 -18.18 -30.11
N THR E 21 10.91 -17.14 -30.48
CA THR E 21 10.77 -16.76 -31.90
C THR E 21 11.15 -15.29 -32.09
N GLY E 22 11.60 -14.95 -33.28
CA GLY E 22 11.94 -13.58 -33.62
C GLY E 22 13.06 -13.37 -34.61
N ASN E 23 13.57 -12.14 -34.62
CA ASN E 23 14.64 -11.66 -35.49
C ASN E 23 15.45 -10.68 -34.67
N ALA E 24 16.43 -10.00 -35.28
CA ALA E 24 17.29 -9.02 -34.59
C ALA E 24 16.51 -7.83 -34.04
N ASP E 25 15.36 -7.49 -34.63
CA ASP E 25 14.55 -6.37 -34.18
C ASP E 25 13.63 -6.72 -33.01
N LYS E 26 12.92 -7.86 -33.05
CA LYS E 26 11.98 -8.23 -31.98
C LYS E 26 12.03 -9.72 -31.65
N GLN E 27 11.90 -10.05 -30.35
CA GLN E 27 11.90 -11.41 -29.85
C GLN E 27 10.69 -11.65 -28.94
N SER E 28 10.20 -12.90 -28.95
CA SER E 28 9.04 -13.31 -28.15
CA SER E 28 9.03 -13.32 -28.16
C SER E 28 9.24 -14.71 -27.59
N ILE E 29 8.56 -15.02 -26.48
CA ILE E 29 8.56 -16.33 -25.83
C ILE E 29 7.13 -16.83 -25.76
N CYS E 30 6.92 -18.10 -26.08
CA CYS E 30 5.60 -18.70 -25.88
C CYS E 30 5.80 -20.09 -25.28
N LEU E 31 4.79 -20.55 -24.55
CA LEU E 31 4.78 -21.86 -23.93
C LEU E 31 4.48 -22.91 -24.97
N ASP E 32 5.26 -23.99 -24.96
CA ASP E 32 5.04 -25.10 -25.85
C ASP E 32 4.28 -26.20 -25.09
N GLU E 33 4.88 -26.72 -23.97
CA GLU E 33 4.27 -27.78 -23.16
C GLU E 33 4.82 -27.81 -21.76
N LEU E 34 3.97 -28.27 -20.81
CA LEU E 34 4.27 -28.55 -19.41
C LEU E 34 4.29 -30.06 -19.22
N SER E 35 5.34 -30.54 -18.57
CA SER E 35 5.52 -31.97 -18.32
CA SER E 35 5.47 -31.97 -18.30
C SER E 35 6.00 -32.22 -16.89
N GLU E 36 5.84 -33.46 -16.41
CA GLU E 36 6.29 -33.88 -15.09
C GLU E 36 7.26 -35.08 -15.24
N LEU E 37 8.39 -35.03 -14.53
CA LEU E 37 9.39 -36.08 -14.49
C LEU E 37 9.37 -36.71 -13.09
N PRO E 38 9.65 -38.03 -12.96
CA PRO E 38 9.45 -38.70 -11.66
C PRO E 38 10.31 -38.23 -10.47
N VAL E 39 11.47 -37.59 -10.65
CA VAL E 39 12.27 -37.11 -9.50
C VAL E 39 12.79 -35.70 -9.76
N TRP E 40 13.17 -34.98 -8.69
CA TRP E 40 13.86 -33.70 -8.82
C TRP E 40 15.36 -33.99 -8.62
N ALA E 41 16.17 -33.85 -9.69
CA ALA E 41 17.60 -34.12 -9.62
C ALA E 41 18.44 -32.86 -9.32
N GLY E 42 17.79 -31.70 -9.25
CA GLY E 42 18.48 -30.44 -9.00
C GLY E 42 18.79 -30.14 -7.54
N ARG E 43 19.18 -28.89 -7.26
CA ARG E 43 19.58 -28.46 -5.92
C ARG E 43 18.37 -28.31 -4.97
N ARG E 44 18.67 -28.31 -3.65
CA ARG E 44 17.67 -28.18 -2.61
C ARG E 44 18.00 -27.02 -1.67
N HIS E 45 19.03 -26.25 -2.00
CA HIS E 45 19.50 -25.08 -1.24
C HIS E 45 19.77 -23.94 -2.19
N HIS E 46 19.88 -22.70 -1.69
CA HIS E 46 20.13 -21.48 -2.49
C HIS E 46 19.09 -21.40 -3.61
N LEU E 47 17.84 -21.73 -3.27
CA LEU E 47 16.75 -21.84 -4.21
C LEU E 47 16.35 -20.50 -4.84
N SER E 48 16.55 -19.38 -4.12
CA SER E 48 16.21 -18.05 -4.64
C SER E 48 17.46 -17.26 -5.11
N GLU E 49 18.61 -17.94 -5.22
CA GLU E 49 19.87 -17.32 -5.67
C GLU E 49 20.33 -17.91 -7.00
N LEU E 50 21.05 -17.10 -7.76
CA LEU E 50 21.64 -17.53 -9.03
C LEU E 50 23.17 -17.67 -8.88
N PRO E 51 23.80 -18.74 -9.42
CA PRO E 51 25.27 -18.82 -9.35
C PRO E 51 25.93 -17.87 -10.39
N LEU E 52 25.21 -17.60 -11.51
CA LEU E 52 25.60 -16.78 -12.65
C LEU E 52 24.36 -16.13 -13.21
N GLU E 53 24.51 -14.99 -13.88
CA GLU E 53 23.36 -14.31 -14.43
C GLU E 53 22.75 -15.05 -15.65
N GLY E 54 23.62 -15.52 -16.55
CA GLY E 54 23.18 -16.15 -17.80
C GLY E 54 22.69 -15.09 -18.76
N ASN E 55 22.36 -15.51 -19.99
CA ASN E 55 21.78 -14.61 -20.99
C ASN E 55 20.25 -14.56 -20.82
N GLY E 56 19.74 -15.47 -20.01
CA GLY E 56 18.31 -15.59 -19.70
C GLY E 56 18.10 -16.15 -18.32
N GLN E 57 16.98 -15.79 -17.69
CA GLN E 57 16.69 -16.21 -16.32
C GLN E 57 15.26 -16.70 -16.19
N ILE E 58 15.05 -17.62 -15.24
CA ILE E 58 13.73 -18.15 -14.89
C ILE E 58 13.54 -17.90 -13.42
N VAL E 59 12.39 -17.32 -13.05
CA VAL E 59 12.07 -17.07 -11.66
C VAL E 59 10.70 -17.72 -11.42
N MSE E 60 10.62 -18.58 -10.40
CA MSE E 60 9.39 -19.20 -9.99
C MSE E 60 8.96 -18.58 -8.66
O MSE E 60 9.76 -18.50 -7.72
CB MSE E 60 9.56 -20.72 -9.86
CG MSE E 60 8.29 -21.45 -9.48
SE MSE E 60 8.66 -23.34 -9.47
CE MSE E 60 7.27 -23.82 -10.48
N ARG E 61 7.72 -18.08 -8.59
CA ARG E 61 7.17 -17.46 -7.38
C ARG E 61 5.96 -18.20 -6.89
N ASP E 62 5.79 -18.27 -5.56
CA ASP E 62 4.60 -18.86 -4.95
C ASP E 62 3.46 -17.86 -5.21
N VAL E 63 2.35 -18.29 -5.82
CA VAL E 63 1.23 -17.40 -6.13
C VAL E 63 0.66 -16.72 -4.84
N ALA E 64 0.38 -17.51 -3.78
CA ALA E 64 -0.20 -17.00 -2.52
C ALA E 64 0.64 -15.92 -1.85
N SER E 65 1.96 -16.16 -1.67
CA SER E 65 2.85 -15.22 -0.97
C SER E 65 3.60 -14.26 -1.88
N GLY E 66 3.76 -14.62 -3.16
CA GLY E 66 4.52 -13.82 -4.12
C GLY E 66 6.03 -13.96 -3.97
N LYS E 67 6.47 -14.85 -3.05
CA LYS E 67 7.87 -15.11 -2.75
C LYS E 67 8.55 -15.93 -3.83
N VAL E 68 9.82 -15.60 -4.15
CA VAL E 68 10.64 -16.38 -5.08
C VAL E 68 10.90 -17.71 -4.41
N ILE E 69 10.55 -18.83 -5.09
CA ILE E 69 10.75 -20.15 -4.50
C ILE E 69 11.80 -20.96 -5.30
N TYR E 70 12.07 -20.56 -6.54
CA TYR E 70 13.10 -21.19 -7.36
C TYR E 70 13.57 -20.25 -8.45
N THR E 71 14.85 -20.36 -8.80
CA THR E 71 15.43 -19.59 -9.88
C THR E 71 16.60 -20.35 -10.53
N THR E 72 16.73 -20.19 -11.83
CA THR E 72 17.82 -20.74 -12.62
C THR E 72 18.10 -19.78 -13.77
N SER E 73 19.25 -19.94 -14.42
CA SER E 73 19.66 -19.09 -15.51
C SER E 73 20.34 -19.96 -16.57
N PHE E 74 20.50 -19.40 -17.76
CA PHE E 74 20.95 -20.13 -18.93
C PHE E 74 21.33 -19.18 -20.05
N SER E 75 21.75 -19.78 -21.17
CA SER E 75 21.96 -19.13 -22.45
C SER E 75 21.24 -20.01 -23.47
N SER E 76 21.12 -19.57 -24.72
CA SER E 76 20.40 -20.37 -25.71
C SER E 76 20.98 -20.19 -27.11
N LEU E 77 20.76 -21.18 -27.99
CA LEU E 77 21.20 -21.10 -29.38
C LEU E 77 20.47 -19.93 -30.05
N PHE E 78 19.22 -19.68 -29.68
CA PHE E 78 18.41 -18.58 -30.24
C PHE E 78 19.14 -17.24 -30.05
N GLN E 79 19.60 -16.96 -28.83
CA GLN E 79 20.28 -15.70 -28.52
C GLN E 79 21.60 -15.52 -29.28
N GLU E 80 22.28 -16.62 -29.65
CA GLU E 80 23.46 -16.59 -30.52
C GLU E 80 23.05 -16.29 -31.96
N TRP E 81 21.98 -16.91 -32.41
CA TRP E 81 21.46 -16.72 -33.76
C TRP E 81 21.07 -15.23 -34.00
N LEU E 82 20.57 -14.56 -32.96
CA LEU E 82 20.18 -13.15 -33.00
C LEU E 82 21.33 -12.23 -33.38
N GLU E 83 22.57 -12.70 -33.14
CA GLU E 83 23.80 -11.96 -33.43
C GLU E 83 24.30 -12.21 -34.85
N THR E 84 23.63 -13.08 -35.63
CA THR E 84 24.07 -13.38 -36.99
C THR E 84 23.39 -12.45 -38.01
N ASP E 85 23.94 -12.36 -39.23
CA ASP E 85 23.38 -11.56 -40.33
C ASP E 85 21.99 -12.07 -40.75
N GLU E 86 21.75 -13.40 -40.65
CA GLU E 86 20.46 -14.01 -41.02
C GLU E 86 19.30 -13.44 -40.16
N ALA E 87 19.57 -13.11 -38.86
CA ALA E 87 18.56 -12.56 -37.95
C ALA E 87 18.10 -11.14 -38.37
N LYS E 88 18.83 -10.48 -39.28
CA LYS E 88 18.46 -9.17 -39.82
C LYS E 88 17.54 -9.33 -41.03
N GLU E 89 17.42 -10.55 -41.59
CA GLU E 89 16.67 -10.84 -42.82
C GLU E 89 15.45 -11.75 -42.64
N VAL E 90 15.45 -12.62 -41.62
CA VAL E 90 14.35 -13.57 -41.45
C VAL E 90 14.02 -13.79 -39.97
N THR E 91 12.81 -14.24 -39.69
CA THR E 91 12.29 -14.59 -38.38
C THR E 91 12.39 -16.14 -38.27
N LYS E 92 12.97 -16.63 -37.16
CA LYS E 92 13.12 -18.06 -36.86
C LYS E 92 12.60 -18.40 -35.45
N GLY E 93 12.25 -19.68 -35.25
CA GLY E 93 11.76 -20.22 -33.98
C GLY E 93 12.65 -21.32 -33.45
N PHE E 94 12.82 -21.40 -32.12
CA PHE E 94 13.72 -22.38 -31.49
C PHE E 94 13.09 -23.01 -30.25
N GLU E 95 13.25 -24.32 -30.10
CA GLU E 95 12.80 -25.09 -28.91
C GLU E 95 13.81 -24.90 -27.77
N ASN E 96 13.33 -24.75 -26.55
CA ASN E 96 14.11 -24.57 -25.32
C ASN E 96 13.39 -25.25 -24.16
N THR E 97 14.13 -26.01 -23.35
CA THR E 97 13.56 -26.77 -22.23
C THR E 97 14.24 -26.39 -20.91
N TYR E 98 13.44 -26.26 -19.83
CA TYR E 98 13.94 -25.92 -18.50
C TYR E 98 13.30 -26.84 -17.47
N LEU E 99 14.11 -27.25 -16.49
CA LEU E 99 13.69 -28.15 -15.41
C LEU E 99 13.56 -27.37 -14.13
N LEU E 100 12.38 -27.42 -13.53
CA LEU E 100 12.09 -26.73 -12.28
C LEU E 100 11.59 -27.74 -11.25
N PRO E 101 11.75 -27.50 -9.92
CA PRO E 101 11.15 -28.45 -8.96
C PRO E 101 9.63 -28.31 -9.02
N TYR E 102 8.90 -29.44 -8.88
CA TYR E 102 7.45 -29.47 -9.01
C TYR E 102 6.79 -28.82 -7.78
N PRO E 103 5.96 -27.76 -7.96
CA PRO E 103 5.37 -27.08 -6.79
C PRO E 103 4.19 -27.81 -6.17
N ILE E 104 3.98 -27.63 -4.85
CA ILE E 104 2.85 -28.18 -4.10
C ILE E 104 1.58 -27.36 -4.40
N LYS E 105 1.75 -26.03 -4.44
CA LYS E 105 0.66 -25.07 -4.67
C LYS E 105 0.92 -24.28 -5.96
N PRO E 106 -0.10 -23.57 -6.54
CA PRO E 106 0.13 -22.80 -7.78
C PRO E 106 1.33 -21.89 -7.70
N ALA E 107 2.09 -21.87 -8.80
CA ALA E 107 3.28 -21.07 -8.91
C ALA E 107 3.24 -20.24 -10.17
N GLU E 108 3.82 -19.03 -10.12
CA GLU E 108 3.94 -18.19 -11.30
C GLU E 108 5.37 -18.31 -11.82
N VAL E 109 5.52 -18.71 -13.09
CA VAL E 109 6.81 -18.85 -13.73
C VAL E 109 7.06 -17.65 -14.63
N GLU E 110 8.22 -17.01 -14.46
CA GLU E 110 8.57 -15.90 -15.33
C GLU E 110 9.91 -16.19 -15.99
N ILE E 111 9.93 -16.20 -17.31
CA ILE E 111 11.15 -16.42 -18.09
C ILE E 111 11.50 -15.11 -18.81
N THR E 112 12.76 -14.72 -18.70
CA THR E 112 13.27 -13.46 -19.25
C THR E 112 14.53 -13.70 -20.10
N LEU E 113 14.58 -13.08 -21.28
CA LEU E 113 15.77 -13.08 -22.13
C LEU E 113 16.38 -11.69 -22.04
N ARG E 114 17.71 -11.63 -22.03
CA ARG E 114 18.42 -10.37 -22.00
C ARG E 114 19.30 -10.25 -23.25
N ASN E 115 19.56 -9.02 -23.68
CA ASN E 115 20.43 -8.72 -24.80
C ASN E 115 21.90 -8.53 -24.28
N ASN E 116 22.80 -8.13 -25.17
CA ASN E 116 24.23 -7.89 -24.89
C ASN E 116 24.48 -6.74 -23.89
N LYS E 117 23.48 -5.85 -23.68
CA LYS E 117 23.59 -4.74 -22.73
C LYS E 117 23.02 -5.18 -21.37
N ARG E 118 22.72 -6.52 -21.24
CA ARG E 118 22.17 -7.18 -20.05
CA ARG E 118 22.17 -7.17 -20.04
C ARG E 118 20.79 -6.58 -19.69
N GLU E 119 20.06 -6.07 -20.72
CA GLU E 119 18.73 -5.52 -20.49
C GLU E 119 17.68 -6.48 -21.11
N VAL E 120 16.46 -6.48 -20.54
CA VAL E 120 15.34 -7.38 -20.93
C VAL E 120 14.96 -7.21 -22.42
N SER E 121 15.02 -8.33 -23.19
CA SER E 121 14.70 -8.32 -24.63
C SER E 121 13.41 -9.12 -24.96
N ALA E 122 13.00 -10.03 -24.06
CA ALA E 122 11.79 -10.87 -24.15
C ALA E 122 11.41 -11.36 -22.75
N ASN E 123 10.11 -11.52 -22.50
CA ASN E 123 9.60 -11.93 -21.20
C ASN E 123 8.29 -12.70 -21.35
N LEU E 124 8.08 -13.71 -20.50
CA LEU E 124 6.80 -14.44 -20.44
C LEU E 124 6.52 -14.82 -19.00
N LYS E 125 5.31 -14.45 -18.54
CA LYS E 125 4.84 -14.73 -17.19
CA LYS E 125 4.80 -14.75 -17.18
C LYS E 125 3.62 -15.64 -17.31
N HIS E 126 3.60 -16.80 -16.63
CA HIS E 126 2.43 -17.71 -16.70
C HIS E 126 2.29 -18.48 -15.39
N VAL E 127 1.05 -18.86 -15.06
CA VAL E 127 0.75 -19.57 -13.80
C VAL E 127 0.66 -21.05 -14.09
N VAL E 128 1.33 -21.84 -13.25
CA VAL E 128 1.33 -23.29 -13.33
C VAL E 128 0.57 -23.79 -12.10
N LYS E 129 -0.53 -24.50 -12.35
CA LYS E 129 -1.35 -25.11 -11.30
C LYS E 129 -0.91 -26.57 -11.22
N PRO E 130 -0.34 -27.04 -10.08
CA PRO E 130 0.20 -28.42 -10.03
C PRO E 130 -0.81 -29.54 -10.29
N ASP E 131 -2.11 -29.30 -10.11
CA ASP E 131 -3.16 -30.31 -10.35
C ASP E 131 -3.76 -30.19 -11.78
N ASP E 132 -3.16 -29.36 -12.68
CA ASP E 132 -3.59 -29.21 -14.08
C ASP E 132 -3.46 -30.58 -14.76
N ILE E 133 -4.61 -31.12 -15.26
CA ILE E 133 -4.65 -32.46 -15.85
C ILE E 133 -3.83 -32.55 -17.14
N LEU E 134 -3.57 -31.41 -17.78
CA LEU E 134 -2.85 -31.38 -19.07
C LEU E 134 -1.31 -31.31 -18.91
N ILE E 135 -0.80 -31.40 -17.65
CA ILE E 135 0.64 -31.49 -17.42
C ILE E 135 0.99 -32.95 -17.78
N HIS E 136 1.75 -33.13 -18.89
CA HIS E 136 2.14 -34.43 -19.47
C HIS E 136 3.10 -35.21 -18.54
N LYS E 137 2.67 -36.37 -18.03
CA LYS E 137 3.56 -37.18 -17.19
C LYS E 137 4.48 -37.99 -18.09
N LYS E 138 5.81 -37.85 -17.89
CA LYS E 138 6.86 -38.51 -18.70
C LYS E 138 7.83 -39.34 -17.84
N GLY E 139 8.66 -40.16 -18.50
CA GLY E 139 9.70 -41.01 -17.90
C GLY E 139 9.22 -42.13 -17.00
N LEU E 140 8.09 -42.74 -17.38
CA LEU E 140 7.50 -43.83 -16.59
C LEU E 140 7.80 -45.20 -17.16
N THR E 141 7.90 -45.31 -18.48
CA THR E 141 8.13 -46.59 -19.14
C THR E 141 9.17 -46.43 -20.23
N HIS E 142 9.73 -47.58 -20.71
CA HIS E 142 10.68 -47.66 -21.82
C HIS E 142 11.75 -46.55 -21.76
N ILE E 143 12.35 -46.41 -20.57
CA ILE E 143 13.43 -45.47 -20.28
C ILE E 143 14.63 -45.88 -21.13
N THR E 144 15.22 -44.92 -21.85
CA THR E 144 16.34 -45.19 -22.77
C THR E 144 17.44 -46.04 -22.09
N PRO E 145 17.94 -47.11 -22.76
CA PRO E 145 19.03 -47.90 -22.17
C PRO E 145 20.22 -47.00 -21.84
N HIS E 146 20.81 -47.22 -20.68
CA HIS E 146 21.86 -46.36 -20.15
C HIS E 146 22.76 -47.15 -19.19
N LYS E 147 23.94 -46.59 -18.89
CA LYS E 147 24.88 -47.14 -17.93
C LYS E 147 25.53 -46.02 -17.18
N TYR E 148 25.69 -46.19 -15.87
CA TYR E 148 26.40 -45.22 -15.07
C TYR E 148 27.90 -45.43 -15.24
N LEU E 149 28.61 -44.38 -15.67
CA LEU E 149 30.06 -44.45 -15.80
C LEU E 149 30.68 -44.09 -14.45
N LEU E 150 29.93 -43.32 -13.66
CA LEU E 150 30.31 -42.86 -12.32
C LEU E 150 29.07 -42.61 -11.48
N LYS E 151 28.99 -43.19 -10.28
CA LYS E 151 27.89 -42.88 -9.37
C LYS E 151 28.46 -42.60 -7.98
N SER E 152 28.57 -41.32 -7.63
CA SER E 152 29.14 -40.90 -6.34
C SER E 152 28.09 -40.84 -5.22
N GLY E 153 26.82 -40.76 -5.58
CA GLY E 153 25.72 -40.71 -4.61
C GLY E 153 24.37 -40.63 -5.30
N ASN E 154 23.30 -40.34 -4.53
CA ASN E 154 21.97 -40.22 -5.13
C ASN E 154 21.86 -38.86 -5.84
N GLU E 155 20.83 -38.70 -6.69
CA GLU E 155 20.57 -37.50 -7.49
C GLU E 155 20.40 -36.23 -6.64
N GLU E 156 20.08 -36.37 -5.35
CA GLU E 156 19.87 -35.23 -4.46
C GLU E 156 21.18 -34.70 -3.88
N GLN E 157 22.24 -35.50 -3.84
CA GLN E 157 23.50 -35.03 -3.25
C GLN E 157 24.64 -34.78 -4.27
N CYS E 158 24.50 -35.26 -5.52
CA CYS E 158 25.53 -35.13 -6.55
C CYS E 158 25.00 -34.45 -7.78
N ILE E 159 25.91 -33.87 -8.60
CA ILE E 159 25.59 -33.23 -9.89
C ILE E 159 25.41 -34.34 -10.92
N ASP E 160 24.21 -34.45 -11.54
CA ASP E 160 23.92 -35.52 -12.51
C ASP E 160 24.15 -35.06 -13.96
N VAL E 161 25.18 -35.62 -14.61
CA VAL E 161 25.55 -35.27 -15.98
C VAL E 161 25.19 -36.45 -16.86
N ALA E 162 24.40 -36.19 -17.89
CA ALA E 162 23.99 -37.21 -18.83
C ALA E 162 24.73 -37.02 -20.14
N ILE E 163 25.27 -38.12 -20.70
CA ILE E 163 25.96 -38.14 -21.98
C ILE E 163 25.06 -38.91 -22.94
N LEU E 164 24.59 -38.24 -24.02
CA LEU E 164 23.71 -38.82 -25.03
C LEU E 164 24.44 -39.21 -26.32
N ALA E 165 23.91 -40.22 -27.02
CA ALA E 165 24.42 -40.75 -28.29
C ALA E 165 23.69 -40.11 -29.47
N GLU E 166 24.47 -39.51 -30.40
CA GLU E 166 23.97 -38.87 -31.61
C GLU E 166 24.63 -39.49 -32.85
N GLY E 167 23.81 -40.04 -33.75
CA GLY E 167 24.34 -40.68 -34.94
C GLY E 167 24.96 -42.04 -34.74
N TYR E 168 24.63 -42.71 -33.62
CA TYR E 168 25.05 -44.08 -33.33
C TYR E 168 23.87 -45.00 -33.50
N THR E 169 24.00 -46.02 -34.35
CA THR E 169 22.94 -47.02 -34.50
C THR E 169 23.02 -47.98 -33.30
N THR E 170 22.04 -48.89 -33.15
CA THR E 170 22.01 -49.89 -32.08
C THR E 170 23.25 -50.80 -32.07
N SER E 171 23.87 -51.00 -33.24
CA SER E 171 25.07 -51.84 -33.36
C SER E 171 26.36 -51.06 -33.08
N GLU E 172 26.28 -49.75 -32.82
CA GLU E 172 27.47 -48.93 -32.55
C GLU E 172 27.52 -48.45 -31.11
N MSE E 173 26.68 -49.01 -30.22
CA MSE E 173 26.59 -48.54 -28.83
C MSE E 173 27.83 -48.88 -28.00
O MSE E 173 28.14 -48.13 -27.08
CB MSE E 173 25.31 -49.03 -28.15
CG MSE E 173 24.09 -48.27 -28.63
SE MSE E 173 24.35 -46.34 -28.69
CE MSE E 173 22.78 -45.97 -29.64
N GLU E 174 28.57 -49.94 -28.35
CA GLU E 174 29.82 -50.25 -27.64
C GLU E 174 30.86 -49.15 -27.90
N THR E 175 30.81 -48.55 -29.13
CA THR E 175 31.69 -47.45 -29.54
C THR E 175 31.28 -46.20 -28.76
N PHE E 176 29.95 -45.98 -28.61
CA PHE E 176 29.41 -44.84 -27.89
C PHE E 176 29.86 -44.87 -26.44
N TYR E 177 29.68 -46.01 -25.74
CA TYR E 177 30.09 -46.14 -24.34
C TYR E 177 31.59 -45.95 -24.16
N LYS E 178 32.40 -46.34 -25.15
CA LYS E 178 33.84 -46.10 -25.12
C LYS E 178 34.12 -44.59 -25.22
N ASP E 179 33.42 -43.90 -26.15
CA ASP E 179 33.55 -42.46 -26.39
C ASP E 179 33.12 -41.65 -25.16
N ALA E 180 32.06 -42.10 -24.47
CA ALA E 180 31.53 -41.49 -23.27
C ALA E 180 32.55 -41.62 -22.12
N ALA E 181 33.23 -42.79 -22.05
CA ALA E 181 34.28 -43.05 -21.06
C ALA E 181 35.48 -42.12 -21.31
N ILE E 182 35.81 -41.86 -22.60
CA ILE E 182 36.92 -40.96 -22.99
C ILE E 182 36.59 -39.52 -22.56
N ALA E 183 35.34 -39.06 -22.77
CA ALA E 183 34.89 -37.71 -22.40
C ALA E 183 35.01 -37.52 -20.88
N CYS E 184 34.56 -38.55 -20.14
CA CYS E 184 34.58 -38.61 -18.68
CA CYS E 184 34.62 -38.62 -18.66
C CYS E 184 36.03 -38.52 -18.15
N GLU E 185 36.93 -39.29 -18.75
CA GLU E 185 38.35 -39.34 -18.42
C GLU E 185 39.00 -37.98 -18.69
N ALA E 186 38.65 -37.33 -19.82
CA ALA E 186 39.18 -36.02 -20.20
C ALA E 186 38.72 -34.96 -19.19
N LEU E 187 37.43 -35.00 -18.82
CA LEU E 187 36.85 -34.06 -17.86
C LEU E 187 37.49 -34.20 -16.47
N PHE E 188 37.61 -35.44 -15.94
CA PHE E 188 38.14 -35.63 -14.60
C PHE E 188 39.67 -35.68 -14.54
N SER E 189 40.34 -35.27 -15.63
CA SER E 189 41.80 -35.12 -15.64
C SER E 189 42.12 -33.61 -15.54
N HIS E 190 41.07 -32.76 -15.44
CA HIS E 190 41.19 -31.32 -15.29
C HIS E 190 40.75 -30.88 -13.94
N GLU E 191 41.56 -30.04 -13.26
CA GLU E 191 41.16 -29.40 -12.01
C GLU E 191 40.14 -28.29 -12.36
N PRO E 192 39.09 -28.04 -11.55
CA PRO E 192 38.81 -28.64 -10.23
C PRO E 192 37.98 -29.92 -10.30
N PHE E 193 37.55 -30.36 -11.51
CA PHE E 193 36.75 -31.58 -11.66
C PHE E 193 37.46 -32.79 -11.05
N GLN E 194 38.78 -32.91 -11.28
CA GLN E 194 39.60 -34.00 -10.79
C GLN E 194 39.49 -34.20 -9.26
N SER E 195 39.65 -33.12 -8.46
CA SER E 195 39.57 -33.19 -7.01
C SER E 195 38.14 -33.28 -6.49
N MSE E 196 37.17 -32.89 -7.32
CA MSE E 196 35.74 -32.83 -6.99
CA MSE E 196 35.76 -32.89 -6.92
C MSE E 196 34.94 -33.95 -7.66
O MSE E 196 33.71 -33.86 -7.70
CB MSE E 196 35.18 -31.48 -7.44
CB MSE E 196 35.19 -31.49 -7.11
CG MSE E 196 35.80 -30.28 -6.71
CG MSE E 196 35.86 -30.47 -6.20
SE MSE E 196 35.37 -30.22 -4.83
SE MSE E 196 35.40 -28.64 -6.55
CE MSE E 196 34.23 -28.69 -4.87
CE MSE E 196 34.36 -28.32 -4.95
N LYS E 197 35.61 -35.00 -8.14
CA LYS E 197 35.00 -36.14 -8.86
C LYS E 197 33.86 -36.80 -8.03
N ASN E 198 34.01 -36.86 -6.70
CA ASN E 198 33.01 -37.46 -5.80
C ASN E 198 31.73 -36.61 -5.65
N ARG E 199 31.62 -35.48 -6.37
CA ARG E 199 30.44 -34.63 -6.35
C ARG E 199 29.56 -34.87 -7.58
N PHE E 200 29.98 -35.80 -8.46
CA PHE E 200 29.30 -36.04 -9.73
C PHE E 200 28.80 -37.46 -9.94
N ASN E 201 27.70 -37.56 -10.70
CA ASN E 201 27.15 -38.79 -11.26
C ASN E 201 27.23 -38.62 -12.76
N ILE E 202 27.78 -39.60 -13.47
CA ILE E 202 27.86 -39.56 -14.92
C ILE E 202 27.11 -40.75 -15.48
N VAL E 203 26.09 -40.49 -16.32
CA VAL E 203 25.30 -41.55 -16.93
C VAL E 203 25.43 -41.43 -18.46
N ALA E 204 25.75 -42.53 -19.12
CA ALA E 204 25.85 -42.60 -20.58
C ALA E 204 24.56 -43.21 -21.06
N VAL E 205 23.84 -42.47 -21.92
CA VAL E 205 22.51 -42.83 -22.39
C VAL E 205 22.56 -43.17 -23.88
N ALA E 206 22.30 -44.44 -24.18
CA ALA E 206 22.37 -45.02 -25.53
C ALA E 206 21.11 -44.73 -26.34
N SER E 207 20.88 -43.44 -26.64
CA SER E 207 19.75 -42.99 -27.46
C SER E 207 20.04 -43.41 -28.92
N PRO E 208 19.22 -44.32 -29.50
CA PRO E 208 19.56 -44.84 -30.84
C PRO E 208 19.17 -43.93 -31.99
N SER E 209 19.92 -44.07 -33.09
CA SER E 209 19.73 -43.37 -34.35
C SER E 209 19.49 -44.41 -35.42
N ALA E 210 18.58 -44.14 -36.38
CA ALA E 210 18.34 -45.09 -37.48
C ALA E 210 19.57 -45.12 -38.41
N ASP E 211 20.26 -43.99 -38.55
CA ASP E 211 21.45 -43.85 -39.41
C ASP E 211 22.71 -43.53 -38.60
N SER E 212 23.84 -43.92 -39.19
CA SER E 212 25.16 -43.70 -38.63
C SER E 212 25.68 -42.33 -39.12
N GLY E 213 26.17 -41.50 -38.21
CA GLY E 213 26.70 -40.18 -38.55
C GLY E 213 25.76 -39.01 -38.36
N VAL E 214 26.09 -37.84 -38.96
CA VAL E 214 25.30 -36.59 -38.88
C VAL E 214 24.85 -36.11 -40.30
N SER E 215 23.82 -35.26 -40.37
CA SER E 215 23.34 -34.69 -41.65
C SER E 215 24.29 -33.61 -42.22
N ALA E 216 24.42 -33.58 -43.54
CA ALA E 216 25.30 -32.67 -44.28
C ALA E 216 24.47 -32.04 -45.43
N PRO E 217 23.68 -30.97 -45.12
CA PRO E 217 22.78 -30.38 -46.14
C PRO E 217 23.46 -29.97 -47.46
N LYS E 218 24.67 -29.37 -47.43
CA LYS E 218 25.40 -28.94 -48.65
C LYS E 218 25.70 -30.10 -49.58
N GLN E 219 25.97 -31.30 -49.02
CA GLN E 219 26.23 -32.51 -49.81
C GLN E 219 24.95 -33.29 -50.14
N GLY E 220 23.81 -32.78 -49.66
CA GLY E 220 22.51 -33.40 -49.86
C GLY E 220 22.36 -34.72 -49.11
N ALA E 221 23.13 -34.87 -48.01
CA ALA E 221 23.13 -36.09 -47.22
C ALA E 221 22.41 -35.87 -45.89
N TRP E 222 21.09 -36.06 -45.93
CA TRP E 222 20.21 -35.92 -44.76
C TRP E 222 20.13 -37.29 -44.11
N LYS E 223 20.26 -37.37 -42.79
CA LYS E 223 20.25 -38.66 -42.09
C LYS E 223 19.16 -38.69 -41.04
N HIS E 224 18.68 -39.89 -40.71
CA HIS E 224 17.67 -40.10 -39.67
C HIS E 224 18.41 -40.39 -38.39
N THR E 225 18.53 -39.38 -37.52
CA THR E 225 19.29 -39.56 -36.28
C THR E 225 18.45 -39.16 -35.08
N ALA E 226 18.90 -39.58 -33.89
CA ALA E 226 18.19 -39.34 -32.64
C ALA E 226 17.77 -37.87 -32.47
N PHE E 227 18.68 -36.92 -32.76
CA PHE E 227 18.40 -35.50 -32.51
C PHE E 227 18.57 -34.61 -33.76
N GLY E 228 18.63 -35.21 -34.95
CA GLY E 228 18.73 -34.49 -36.22
C GLY E 228 19.83 -33.45 -36.35
N SER E 229 21.00 -33.68 -35.73
CA SER E 229 22.13 -32.73 -35.82
C SER E 229 22.59 -32.61 -37.27
N HIS E 230 23.04 -31.41 -37.66
CA HIS E 230 23.40 -31.11 -39.04
C HIS E 230 24.42 -30.03 -39.15
N PHE E 231 25.22 -30.10 -40.22
CA PHE E 231 26.17 -29.04 -40.58
C PHE E 231 25.42 -27.95 -41.36
N ASP E 232 26.13 -26.88 -41.78
CA ASP E 232 25.51 -25.76 -42.54
C ASP E 232 24.42 -25.05 -41.72
N THR E 233 24.57 -25.04 -40.37
CA THR E 233 23.66 -24.34 -39.47
C THR E 233 23.79 -22.85 -39.76
N PHE E 234 22.64 -22.20 -40.14
CA PHE E 234 22.53 -20.77 -40.50
C PHE E 234 23.39 -20.47 -41.73
N TYR E 235 23.54 -21.49 -42.60
CA TYR E 235 24.35 -21.46 -43.82
C TYR E 235 25.88 -21.31 -43.55
N SER E 236 26.35 -21.67 -42.33
CA SER E 236 27.76 -21.74 -41.94
C SER E 236 28.19 -23.20 -42.09
N ASP E 237 28.92 -23.51 -43.18
CA ASP E 237 29.37 -24.83 -43.61
C ASP E 237 29.78 -25.80 -42.50
N ARG E 238 30.71 -25.40 -41.63
CA ARG E 238 31.22 -26.27 -40.58
C ARG E 238 30.51 -26.09 -39.22
N TYR E 239 29.35 -25.41 -39.20
CA TYR E 239 28.60 -25.19 -37.94
C TYR E 239 27.59 -26.34 -37.72
N LEU E 240 27.88 -27.21 -36.73
CA LEU E 240 27.06 -28.37 -36.39
C LEU E 240 26.20 -28.08 -35.17
N THR E 241 24.89 -28.20 -35.33
CA THR E 241 23.96 -28.00 -34.21
C THR E 241 22.82 -28.98 -34.26
N THR E 242 22.09 -29.04 -33.16
CA THR E 242 20.81 -29.71 -33.04
C THR E 242 19.86 -28.73 -32.33
N SER E 243 18.70 -28.55 -32.95
CA SER E 243 17.64 -27.67 -32.46
C SER E 243 16.43 -28.54 -32.00
N ARG E 244 16.59 -29.86 -31.96
CA ARG E 244 15.57 -30.80 -31.50
C ARG E 244 15.68 -30.98 -29.97
N VAL E 245 15.46 -29.88 -29.22
CA VAL E 245 15.61 -29.80 -27.78
C VAL E 245 14.55 -30.64 -27.05
N LYS E 246 13.33 -30.70 -27.56
CA LYS E 246 12.30 -31.55 -26.98
C LYS E 246 12.68 -33.03 -27.09
N ALA E 247 13.24 -33.44 -28.22
CA ALA E 247 13.65 -34.84 -28.41
C ALA E 247 14.83 -35.19 -27.48
N ILE E 248 15.78 -34.27 -27.29
CA ILE E 248 16.94 -34.46 -26.42
C ILE E 248 16.46 -34.78 -24.99
N ASN E 249 15.52 -33.96 -24.48
CA ASN E 249 14.97 -34.11 -23.14
C ASN E 249 14.06 -35.30 -23.04
N ASP E 250 13.30 -35.63 -24.11
CA ASP E 250 12.45 -36.83 -24.12
C ASP E 250 13.32 -38.10 -24.01
N ALA E 251 14.52 -38.13 -24.62
CA ALA E 251 15.42 -39.28 -24.52
C ALA E 251 15.90 -39.52 -23.09
N LEU E 252 15.95 -38.46 -22.29
CA LEU E 252 16.41 -38.52 -20.91
C LEU E 252 15.29 -38.67 -19.86
N ALA E 253 14.02 -38.56 -20.27
CA ALA E 253 12.90 -38.65 -19.33
C ALA E 253 12.97 -39.99 -18.53
N GLY E 254 12.93 -39.86 -17.21
CA GLY E 254 13.02 -41.02 -16.32
C GLY E 254 14.40 -41.24 -15.74
N ILE E 255 15.44 -40.65 -16.37
CA ILE E 255 16.84 -40.71 -15.92
C ILE E 255 17.14 -39.38 -15.22
N PRO E 256 17.65 -39.37 -13.97
CA PRO E 256 17.98 -38.08 -13.33
C PRO E 256 19.10 -37.34 -14.08
N TYR E 257 18.87 -36.06 -14.40
CA TYR E 257 19.89 -35.26 -15.10
C TYR E 257 19.73 -33.78 -14.79
N GLU E 258 20.85 -33.07 -14.83
CA GLU E 258 20.93 -31.64 -14.65
C GLU E 258 21.69 -31.00 -15.80
N HIS E 259 22.65 -31.75 -16.39
CA HIS E 259 23.51 -31.26 -17.46
C HIS E 259 23.58 -32.27 -18.55
N ILE E 260 23.73 -31.80 -19.80
CA ILE E 260 23.75 -32.70 -20.96
C ILE E 260 25.02 -32.49 -21.81
N ILE E 261 25.63 -33.61 -22.19
CA ILE E 261 26.73 -33.70 -23.15
C ILE E 261 26.21 -34.61 -24.26
N ILE E 262 26.25 -34.15 -25.50
CA ILE E 262 25.85 -34.99 -26.63
C ILE E 262 27.09 -35.34 -27.46
N LEU E 263 27.32 -36.65 -27.69
CA LEU E 263 28.44 -37.09 -28.51
C LEU E 263 27.92 -37.46 -29.88
N ALA E 264 28.47 -36.82 -30.93
CA ALA E 264 28.07 -37.12 -32.30
C ALA E 264 29.06 -38.08 -32.93
N ASN E 265 28.55 -39.14 -33.56
CA ASN E 265 29.36 -40.19 -34.20
C ASN E 265 29.89 -39.76 -35.59
N THR E 266 30.94 -38.94 -35.60
CA THR E 266 31.64 -38.50 -36.82
C THR E 266 33.09 -38.04 -36.47
N GLU E 267 33.94 -38.02 -37.48
CA GLU E 267 35.35 -37.58 -37.39
C GLU E 267 35.47 -36.10 -37.73
N GLN E 268 34.42 -35.54 -38.38
CA GLN E 268 34.37 -34.13 -38.76
CA GLN E 268 34.43 -34.13 -38.77
C GLN E 268 34.43 -33.24 -37.52
N TYR E 269 35.08 -32.10 -37.58
CA TYR E 269 35.13 -31.16 -36.48
C TYR E 269 33.79 -30.46 -36.39
N GLY E 270 33.31 -30.19 -35.19
CA GLY E 270 32.05 -29.49 -35.03
C GLY E 270 31.39 -29.63 -33.69
N GLY E 271 30.55 -28.65 -33.39
CA GLY E 271 29.78 -28.61 -32.18
C GLY E 271 29.89 -27.30 -31.46
N GLY E 272 29.65 -27.37 -30.16
CA GLY E 272 29.63 -26.22 -29.27
C GLY E 272 28.96 -26.55 -27.96
N GLY E 273 28.96 -25.58 -27.06
CA GLY E 273 28.36 -25.71 -25.74
C GLY E 273 27.75 -24.39 -25.36
N ILE E 274 26.53 -24.45 -24.78
CA ILE E 274 25.75 -23.29 -24.37
C ILE E 274 25.30 -23.49 -22.93
N TYR E 275 25.51 -22.46 -22.10
CA TYR E 275 25.25 -22.45 -20.67
C TYR E 275 23.85 -22.95 -20.31
N ASN E 276 23.84 -24.04 -19.53
CA ASN E 276 22.68 -24.75 -19.02
C ASN E 276 21.67 -25.12 -20.13
N ALA E 277 22.22 -25.42 -21.33
CA ALA E 277 21.45 -25.93 -22.47
C ALA E 277 22.03 -27.31 -22.71
N PHE E 278 23.20 -27.40 -23.37
CA PHE E 278 23.95 -28.64 -23.57
C PHE E 278 25.24 -28.38 -24.26
N THR E 279 26.11 -29.38 -24.27
CA THR E 279 27.34 -29.46 -25.04
C THR E 279 27.04 -30.46 -26.19
N LEU E 280 27.47 -30.16 -27.42
CA LEU E 280 27.39 -31.06 -28.57
C LEU E 280 28.80 -31.11 -29.21
N THR E 281 29.42 -32.29 -29.28
CA THR E 281 30.76 -32.38 -29.87
C THR E 281 30.87 -33.69 -30.64
N THR E 282 31.78 -33.72 -31.62
CA THR E 282 32.04 -34.92 -32.42
C THR E 282 33.12 -35.74 -31.69
N ALA E 283 32.81 -37.01 -31.43
CA ALA E 283 33.61 -37.98 -30.67
C ALA E 283 34.86 -38.51 -31.38
N HIS E 284 34.92 -38.50 -32.71
CA HIS E 284 36.03 -39.16 -33.38
C HIS E 284 37.02 -38.23 -34.05
N HIS E 285 36.88 -36.92 -33.82
CA HIS E 285 37.88 -35.96 -34.29
C HIS E 285 39.10 -36.07 -33.33
N PRO E 286 40.37 -35.93 -33.79
CA PRO E 286 41.51 -36.10 -32.85
C PRO E 286 41.54 -35.10 -31.67
N ASN E 287 40.87 -33.95 -31.80
CA ASN E 287 40.86 -32.94 -30.73
C ASN E 287 39.68 -33.13 -29.74
N PHE E 288 38.99 -34.28 -29.76
CA PHE E 288 37.83 -34.57 -28.94
C PHE E 288 38.05 -34.26 -27.45
N ARG E 289 39.13 -34.81 -26.85
CA ARG E 289 39.40 -34.64 -25.42
C ARG E 289 39.47 -33.14 -25.00
N PRO E 290 40.35 -32.25 -25.54
CA PRO E 290 40.32 -30.84 -25.08
C PRO E 290 39.03 -30.12 -25.48
N VAL E 291 38.45 -30.43 -26.66
CA VAL E 291 37.24 -29.77 -27.17
C VAL E 291 36.02 -30.03 -26.27
N VAL E 292 35.73 -31.31 -25.89
CA VAL E 292 34.57 -31.61 -25.04
C VAL E 292 34.71 -30.86 -23.67
N VAL E 293 35.94 -30.70 -23.16
CA VAL E 293 36.20 -30.02 -21.88
C VAL E 293 35.98 -28.50 -22.05
N HIS E 294 36.46 -27.91 -23.16
CA HIS E 294 36.24 -26.48 -23.49
C HIS E 294 34.74 -26.19 -23.58
N GLU E 295 33.97 -27.04 -24.29
CA GLU E 295 32.53 -26.85 -24.47
C GLU E 295 31.79 -27.01 -23.15
N PHE E 296 32.24 -27.97 -22.29
CA PHE E 296 31.63 -28.15 -20.95
C PHE E 296 31.92 -26.92 -20.07
N GLY E 297 33.05 -26.21 -20.36
CA GLY E 297 33.41 -24.96 -19.71
C GLY E 297 32.31 -23.94 -19.95
N HIS E 298 31.75 -23.94 -21.18
CA HIS E 298 30.58 -23.09 -21.51
C HIS E 298 29.28 -23.63 -20.89
N SER E 299 28.90 -24.89 -21.23
CA SER E 299 27.59 -25.46 -20.87
C SER E 299 27.39 -25.67 -19.37
N PHE E 300 28.45 -26.12 -18.67
CA PHE E 300 28.35 -26.29 -17.22
C PHE E 300 28.89 -25.05 -16.46
N GLY E 301 30.08 -24.57 -16.86
CA GLY E 301 30.74 -23.46 -16.18
C GLY E 301 30.24 -22.05 -16.46
N GLY E 302 29.56 -21.86 -17.59
CA GLY E 302 29.09 -20.53 -18.01
C GLY E 302 30.25 -19.59 -18.35
N LEU E 303 31.38 -20.20 -18.69
CA LEU E 303 32.59 -19.45 -19.02
C LEU E 303 32.53 -18.88 -20.43
N ALA E 304 33.17 -17.72 -20.62
CA ALA E 304 33.25 -17.07 -21.93
C ALA E 304 34.46 -17.61 -22.67
N ASP E 305 34.51 -17.38 -23.99
CA ASP E 305 35.69 -17.72 -24.77
C ASP E 305 36.75 -16.67 -24.47
N GLU E 306 38.01 -17.11 -24.31
CA GLU E 306 39.10 -16.18 -24.02
C GLU E 306 39.93 -15.88 -25.27
N TYR E 307 39.60 -16.53 -26.40
CA TYR E 307 40.31 -16.26 -27.64
C TYR E 307 39.74 -15.01 -28.30
N PHE E 308 40.46 -14.46 -29.27
CA PHE E 308 40.11 -13.23 -29.95
C PHE E 308 40.68 -13.19 -31.37
N TYR E 309 40.11 -12.31 -32.20
CA TYR E 309 40.51 -12.10 -33.58
C TYR E 309 41.09 -10.71 -33.72
N ASP E 310 41.86 -10.46 -34.80
CA ASP E 310 42.47 -9.16 -35.09
C ASP E 310 41.40 -8.10 -35.42
N GLU E 311 40.37 -8.47 -36.23
CA GLU E 311 39.27 -7.59 -36.67
C GLU E 311 38.19 -7.42 -35.61
N ASN E 315 32.01 -8.53 -33.07
CA ASN E 315 32.18 -7.08 -32.91
C ASN E 315 31.54 -6.59 -31.56
N GLY E 316 30.27 -6.20 -31.60
CA GLY E 316 29.53 -5.69 -30.45
C GLY E 316 28.83 -6.74 -29.60
N LEU E 317 29.47 -7.93 -29.43
CA LEU E 317 28.92 -9.01 -28.62
C LEU E 317 29.07 -8.65 -27.14
N TYR E 318 30.14 -7.92 -26.78
CA TYR E 318 30.37 -7.46 -25.43
C TYR E 318 30.58 -5.94 -25.44
N PRO E 319 29.53 -5.11 -25.27
CA PRO E 319 29.72 -3.64 -25.29
C PRO E 319 30.68 -3.23 -24.20
N LEU E 320 31.61 -2.34 -24.51
CA LEU E 320 32.68 -1.96 -23.59
C LEU E 320 32.19 -1.10 -22.38
N ASN E 321 30.91 -0.64 -22.39
CA ASN E 321 30.37 0.17 -21.27
C ASN E 321 29.58 -0.73 -20.30
N ILE E 322 29.66 -2.06 -20.52
CA ILE E 322 28.93 -3.06 -19.73
C ILE E 322 29.93 -4.08 -19.19
N GLU E 323 29.85 -4.38 -17.87
CA GLU E 323 30.68 -5.46 -17.34
C GLU E 323 30.03 -6.78 -17.76
N PRO E 324 30.74 -7.72 -18.44
CA PRO E 324 30.09 -8.99 -18.80
C PRO E 324 29.69 -9.76 -17.56
N TRP E 325 28.60 -10.58 -17.64
CA TRP E 325 28.26 -11.39 -16.47
C TRP E 325 29.23 -12.59 -16.31
N GLU E 326 29.93 -13.00 -17.42
CA GLU E 326 30.88 -14.12 -17.42
C GLU E 326 32.05 -13.79 -16.53
N GLN E 327 32.54 -14.81 -15.82
CA GLN E 327 33.52 -14.66 -14.76
C GLN E 327 34.98 -14.61 -15.20
N ASN E 328 35.29 -15.03 -16.43
CA ASN E 328 36.67 -15.13 -16.89
C ASN E 328 37.02 -14.08 -17.94
N ILE E 329 36.15 -13.05 -18.13
CA ILE E 329 36.44 -11.92 -19.02
C ILE E 329 36.00 -10.65 -18.32
N THR E 330 36.63 -9.52 -18.69
CA THR E 330 36.28 -8.23 -18.12
C THR E 330 36.42 -7.12 -19.18
N THR E 331 35.61 -6.05 -19.05
CA THR E 331 35.71 -4.82 -19.85
C THR E 331 36.27 -3.71 -18.95
N ARG E 332 36.65 -4.10 -17.71
CA ARG E 332 37.18 -3.24 -16.65
C ARG E 332 36.16 -2.14 -16.26
N ILE E 333 34.87 -2.49 -16.31
CA ILE E 333 33.76 -1.62 -15.89
C ILE E 333 33.59 -1.89 -14.39
N ASN E 334 33.56 -3.18 -14.02
CA ASN E 334 33.46 -3.62 -12.63
C ASN E 334 34.37 -4.85 -12.44
N PHE E 335 35.69 -4.62 -12.60
CA PHE E 335 36.70 -5.65 -12.44
C PHE E 335 36.75 -6.18 -10.97
N ALA E 336 36.38 -5.35 -9.96
CA ALA E 336 36.33 -5.77 -8.56
C ALA E 336 35.40 -6.98 -8.34
N SER E 337 34.34 -7.10 -9.16
CA SER E 337 33.40 -8.22 -9.10
C SER E 337 33.99 -9.49 -9.75
N LYS E 338 35.15 -9.35 -10.41
CA LYS E 338 35.77 -10.48 -11.12
C LYS E 338 36.94 -11.09 -10.35
N TRP E 339 38.16 -11.14 -10.91
CA TRP E 339 39.31 -11.78 -10.28
C TRP E 339 40.36 -10.79 -9.74
N GLU E 340 39.96 -9.53 -9.48
CA GLU E 340 40.84 -8.53 -8.87
C GLU E 340 41.39 -9.05 -7.54
N ASP E 341 40.55 -9.77 -6.74
CA ASP E 341 40.94 -10.33 -5.45
C ASP E 341 41.95 -11.49 -5.58
N MSE E 342 42.30 -11.88 -6.80
CA MSE E 342 43.29 -12.94 -7.01
C MSE E 342 44.64 -12.38 -7.49
O MSE E 342 45.62 -13.12 -7.57
CB MSE E 342 42.77 -13.99 -8.00
CG MSE E 342 41.63 -14.81 -7.43
SE MSE E 342 41.07 -16.18 -8.66
CE MSE E 342 42.44 -17.37 -8.41
N LEU E 343 44.70 -11.09 -7.81
CA LEU E 343 45.92 -10.42 -8.25
C LEU E 343 46.73 -9.98 -7.06
N THR E 344 48.05 -9.81 -7.25
CA THR E 344 48.88 -9.22 -6.20
C THR E 344 48.65 -7.70 -6.29
N LYS E 345 48.89 -6.93 -5.22
CA LYS E 345 48.68 -5.48 -5.23
C LYS E 345 49.54 -4.75 -6.30
N THR E 346 50.67 -5.35 -6.71
CA THR E 346 51.59 -4.74 -7.70
C THR E 346 51.46 -5.33 -9.13
N THR E 347 50.44 -6.18 -9.39
CA THR E 347 50.25 -6.75 -10.73
C THR E 347 49.80 -5.59 -11.66
N PRO E 348 50.53 -5.33 -12.76
CA PRO E 348 50.12 -4.23 -13.66
C PRO E 348 48.82 -4.57 -14.38
N VAL E 349 47.93 -3.56 -14.46
CA VAL E 349 46.63 -3.68 -15.12
C VAL E 349 46.56 -2.57 -16.18
N PRO E 350 46.54 -2.91 -17.50
CA PRO E 350 46.61 -4.27 -18.08
C PRO E 350 47.99 -4.87 -17.92
N THR E 351 48.10 -6.20 -18.02
CA THR E 351 49.37 -6.90 -17.86
C THR E 351 50.06 -7.01 -19.22
N PRO E 352 51.26 -6.42 -19.40
CA PRO E 352 51.95 -6.55 -20.68
C PRO E 352 52.30 -8.01 -20.98
N VAL E 353 52.17 -8.43 -22.25
CA VAL E 353 52.46 -9.78 -22.73
C VAL E 353 53.91 -10.20 -22.38
N ALA E 354 54.87 -9.23 -22.36
CA ALA E 354 56.27 -9.51 -22.01
C ALA E 354 56.41 -10.05 -20.57
N ASP E 355 55.46 -9.69 -19.67
CA ASP E 355 55.46 -10.09 -18.26
C ASP E 355 54.57 -11.32 -17.98
N LYS E 356 54.20 -12.09 -19.02
CA LYS E 356 53.32 -13.25 -18.88
C LYS E 356 53.82 -14.28 -17.85
N ALA E 357 55.15 -14.48 -17.73
CA ALA E 357 55.76 -15.43 -16.80
C ALA E 357 55.79 -14.90 -15.36
N LYS E 358 55.92 -13.58 -15.20
CA LYS E 358 55.93 -12.93 -13.89
C LYS E 358 54.54 -12.97 -13.24
N TYR E 359 53.46 -12.92 -14.06
CA TYR E 359 52.11 -12.87 -13.54
C TYR E 359 51.23 -13.99 -14.13
N PRO E 360 51.20 -15.20 -13.51
CA PRO E 360 50.31 -16.28 -13.99
C PRO E 360 48.84 -15.84 -14.07
N ILE E 361 48.42 -14.95 -13.16
CA ILE E 361 47.11 -14.31 -13.13
C ILE E 361 47.35 -12.83 -13.40
N GLY E 362 46.68 -12.28 -14.40
CA GLY E 362 46.79 -10.87 -14.76
C GLY E 362 45.53 -10.37 -15.42
N VAL E 363 45.65 -9.25 -16.13
CA VAL E 363 44.56 -8.64 -16.90
C VAL E 363 45.12 -8.49 -18.31
N TYR E 364 45.04 -9.58 -19.09
CA TYR E 364 45.62 -9.67 -20.43
C TYR E 364 44.64 -9.21 -21.48
N GLU E 365 45.02 -8.17 -22.25
CA GLU E 365 44.15 -7.66 -23.30
C GLU E 365 43.94 -8.69 -24.40
N GLY E 366 42.68 -8.88 -24.73
CA GLY E 366 42.23 -9.84 -25.72
C GLY E 366 41.37 -10.90 -25.05
N GLY E 367 40.16 -11.05 -25.54
CA GLY E 367 39.21 -12.04 -25.02
C GLY E 367 37.82 -11.76 -25.52
N GLY E 368 36.91 -12.70 -25.30
CA GLY E 368 35.54 -12.55 -25.75
C GLY E 368 35.44 -12.09 -27.20
N TYR E 369 36.31 -12.65 -28.09
CA TYR E 369 36.43 -12.45 -29.55
C TYR E 369 37.10 -11.14 -29.95
N SER E 370 37.27 -10.17 -29.04
CA SER E 370 37.93 -8.89 -29.38
C SER E 370 39.34 -8.80 -28.88
N ALA E 371 40.23 -8.28 -29.75
CA ALA E 371 41.64 -8.08 -29.41
C ALA E 371 41.80 -6.89 -28.47
N LYS E 372 40.87 -5.93 -28.49
CA LYS E 372 40.95 -4.71 -27.70
C LYS E 372 39.72 -4.46 -26.83
N GLY E 373 39.96 -3.96 -25.63
CA GLY E 373 38.88 -3.57 -24.71
C GLY E 373 38.29 -4.64 -23.83
N ILE E 374 38.55 -5.92 -24.15
CA ILE E 374 38.12 -7.08 -23.37
C ILE E 374 39.40 -7.78 -22.88
N TYR E 375 39.40 -8.24 -21.62
CA TYR E 375 40.60 -8.81 -20.99
C TYR E 375 40.31 -10.16 -20.39
N ARG E 376 41.32 -11.04 -20.42
CA ARG E 376 41.25 -12.41 -19.91
C ARG E 376 42.22 -12.56 -18.68
N PRO E 377 42.06 -13.61 -17.85
CA PRO E 377 42.83 -13.70 -16.60
C PRO E 377 44.25 -14.24 -16.68
N ALA E 378 44.59 -14.92 -17.77
CA ALA E 378 45.92 -15.48 -17.94
C ALA E 378 46.31 -15.37 -19.39
N PHE E 379 47.60 -15.50 -19.72
CA PHE E 379 48.04 -15.44 -21.10
C PHE E 379 47.37 -16.55 -21.93
N ASP E 380 47.28 -17.77 -21.38
CA ASP E 380 46.67 -18.90 -22.07
C ASP E 380 45.79 -19.69 -21.08
N CYS E 381 44.86 -20.49 -21.63
CA CYS E 381 43.81 -21.22 -20.92
C CYS E 381 43.13 -22.19 -21.87
N ARG E 382 42.51 -23.25 -21.33
CA ARG E 382 41.66 -24.18 -22.08
C ARG E 382 40.49 -23.38 -22.77
N MSE E 383 40.07 -22.24 -22.17
CA MSE E 383 39.00 -21.40 -22.77
C MSE E 383 39.54 -20.51 -23.89
O MSE E 383 38.76 -19.86 -24.57
CB MSE E 383 38.29 -20.56 -21.70
CG MSE E 383 37.48 -21.43 -20.70
SE MSE E 383 36.42 -22.88 -21.52
CE MSE E 383 35.12 -21.84 -22.46
N ARG E 384 40.85 -20.48 -24.08
CA ARG E 384 41.47 -19.71 -25.17
C ARG E 384 41.91 -20.65 -26.32
N THR E 385 42.64 -21.74 -26.00
CA THR E 385 43.18 -22.67 -27.01
C THR E 385 42.92 -24.13 -26.60
N ASN E 386 42.90 -25.06 -27.56
CA ASN E 386 42.74 -26.48 -27.25
C ASN E 386 44.04 -27.12 -26.83
N GLU E 387 45.18 -26.57 -27.28
CA GLU E 387 46.52 -27.10 -27.02
C GLU E 387 46.98 -26.83 -25.59
N TYR E 388 46.47 -25.76 -24.94
CA TYR E 388 46.85 -25.45 -23.57
C TYR E 388 46.27 -26.54 -22.64
N PRO E 389 47.06 -27.09 -21.69
CA PRO E 389 46.57 -28.25 -20.93
C PRO E 389 45.56 -28.01 -19.82
N THR E 390 45.45 -26.79 -19.28
CA THR E 390 44.55 -26.60 -18.13
C THR E 390 43.67 -25.37 -18.23
N PHE E 391 42.65 -25.32 -17.34
CA PHE E 391 41.86 -24.10 -17.14
C PHE E 391 42.77 -23.15 -16.39
N CYS E 392 42.71 -21.85 -16.70
CA CYS E 392 43.50 -20.85 -15.95
C CYS E 392 43.01 -20.83 -14.47
N PRO E 393 43.76 -20.23 -13.51
CA PRO E 393 43.31 -20.27 -12.11
C PRO E 393 41.92 -19.62 -11.88
N VAL E 394 41.54 -18.65 -12.71
CA VAL E 394 40.27 -17.94 -12.56
C VAL E 394 39.11 -18.83 -13.05
N CYS E 395 39.31 -19.56 -14.16
CA CYS E 395 38.31 -20.51 -14.65
C CYS E 395 38.12 -21.64 -13.63
N GLN E 396 39.24 -22.10 -13.02
CA GLN E 396 39.20 -23.15 -11.99
C GLN E 396 38.39 -22.70 -10.77
N ARG E 397 38.58 -21.45 -10.28
CA ARG E 397 37.79 -20.92 -9.16
C ARG E 397 36.30 -20.79 -9.58
N ALA E 398 36.04 -20.31 -10.80
CA ALA E 398 34.68 -20.13 -11.30
C ALA E 398 33.95 -21.50 -11.36
N ILE E 399 34.63 -22.56 -11.87
CA ILE E 399 34.04 -23.90 -11.94
C ILE E 399 33.81 -24.45 -10.52
N GLN E 400 34.79 -24.26 -9.60
CA GLN E 400 34.67 -24.71 -8.20
C GLN E 400 33.46 -24.06 -7.51
N ARG E 401 33.22 -22.76 -7.77
CA ARG E 401 32.08 -22.03 -7.22
C ARG E 401 30.78 -22.63 -7.70
N ILE E 402 30.71 -23.09 -8.99
CA ILE E 402 29.51 -23.72 -9.54
C ILE E 402 29.30 -25.07 -8.84
N ILE E 403 30.37 -25.90 -8.69
CA ILE E 403 30.28 -27.21 -8.04
C ILE E 403 29.79 -27.03 -6.58
N GLU E 404 30.39 -26.07 -5.84
CA GLU E 404 30.03 -25.78 -4.46
C GLU E 404 28.60 -25.23 -4.33
N PHE E 405 28.12 -24.46 -5.30
CA PHE E 405 26.76 -23.89 -5.29
C PHE E 405 25.72 -25.03 -5.26
N TYR E 406 25.96 -26.08 -6.08
CA TYR E 406 25.07 -27.22 -6.21
C TYR E 406 25.32 -28.35 -5.18
N THR E 407 26.50 -28.45 -4.56
CA THR E 407 26.78 -29.57 -3.64
C THR E 407 27.41 -29.17 -2.29
N GLY E 408 27.61 -27.88 -2.03
CA GLY E 408 28.20 -27.40 -0.78
C GLY E 408 29.70 -27.21 -0.81
N LYS E 409 30.24 -26.49 0.20
CA LYS E 409 31.68 -26.22 0.33
C LYS E 409 32.49 -27.50 0.68
N GLN F 3 -3.80 -22.48 -66.32
CA GLN F 3 -2.36 -22.63 -66.54
C GLN F 3 -1.87 -24.02 -66.09
N ASN F 4 -1.16 -24.76 -67.03
CA ASN F 4 -0.59 -26.12 -66.85
CA ASN F 4 -0.65 -26.12 -66.79
C ASN F 4 0.34 -26.19 -65.62
N PHE F 5 0.28 -27.31 -64.90
CA PHE F 5 1.05 -27.62 -63.70
C PHE F 5 2.57 -27.59 -63.97
N SER F 6 2.97 -28.23 -65.08
CA SER F 6 4.35 -28.33 -65.56
C SER F 6 4.98 -26.96 -65.87
N ASP F 7 4.18 -25.88 -65.99
CA ASP F 7 4.73 -24.55 -66.27
C ASP F 7 5.50 -24.00 -65.06
N TYR F 8 5.10 -24.38 -63.83
CA TYR F 8 5.72 -23.82 -62.63
C TYR F 8 6.20 -24.85 -61.65
N PHE F 9 5.76 -26.11 -61.79
CA PHE F 9 6.09 -27.11 -60.81
C PHE F 9 6.71 -28.37 -61.38
N THR F 10 7.41 -29.08 -60.50
CA THR F 10 8.00 -30.37 -60.78
C THR F 10 7.16 -31.39 -59.98
N ASN F 11 7.31 -32.69 -60.27
CA ASN F 11 6.53 -33.72 -59.57
C ASN F 11 7.18 -34.03 -58.22
N LYS F 12 7.16 -33.05 -57.34
CA LYS F 12 7.71 -33.10 -56.00
C LYS F 12 6.87 -32.25 -55.08
N THR F 13 7.00 -32.49 -53.76
CA THR F 13 6.28 -31.70 -52.78
C THR F 13 7.23 -30.81 -52.03
N LEU F 14 6.80 -29.54 -51.85
CA LEU F 14 7.45 -28.60 -50.97
C LEU F 14 6.62 -28.63 -49.67
N ARG F 15 7.14 -29.31 -48.65
CA ARG F 15 6.46 -29.37 -47.35
C ARG F 15 6.93 -28.16 -46.52
N ILE F 16 6.00 -27.36 -46.00
CA ILE F 16 6.33 -26.20 -45.18
C ILE F 16 5.78 -26.38 -43.78
N ASP F 17 6.66 -26.32 -42.79
CA ASP F 17 6.31 -26.42 -41.38
C ASP F 17 6.35 -25.02 -40.81
N TYR F 18 5.24 -24.60 -40.19
CA TYR F 18 5.15 -23.28 -39.56
C TYR F 18 4.91 -23.40 -38.05
N LEU F 19 5.24 -22.35 -37.32
CA LEU F 19 4.88 -22.19 -35.92
C LEU F 19 3.83 -21.09 -35.86
N PHE F 20 2.63 -21.36 -35.30
CA PHE F 20 1.61 -20.34 -35.06
C PHE F 20 1.71 -20.02 -33.58
N THR F 21 1.93 -18.76 -33.25
CA THR F 21 2.08 -18.41 -31.85
C THR F 21 1.22 -17.23 -31.47
N GLY F 22 0.87 -17.15 -30.19
CA GLY F 22 0.16 -16.00 -29.68
C GLY F 22 -0.79 -16.30 -28.54
N ASN F 23 -1.69 -15.37 -28.34
CA ASN F 23 -2.73 -15.40 -27.32
C ASN F 23 -3.98 -14.79 -27.95
N ALA F 24 -5.04 -14.58 -27.16
CA ALA F 24 -6.30 -14.01 -27.63
C ALA F 24 -6.14 -12.59 -28.19
N ASP F 25 -5.12 -11.83 -27.71
CA ASP F 25 -4.89 -10.46 -28.17
C ASP F 25 -4.07 -10.37 -29.46
N LYS F 26 -2.98 -11.14 -29.60
CA LYS F 26 -2.11 -11.05 -30.77
C LYS F 26 -1.60 -12.41 -31.24
N GLN F 27 -1.51 -12.61 -32.57
CA GLN F 27 -1.04 -13.85 -33.17
C GLN F 27 0.04 -13.57 -34.23
N SER F 28 0.96 -14.52 -34.40
CA SER F 28 2.07 -14.46 -35.36
C SER F 28 2.31 -15.79 -35.99
N ILE F 29 2.95 -15.77 -37.18
CA ILE F 29 3.34 -16.95 -37.93
C ILE F 29 4.84 -16.87 -38.15
N CYS F 30 5.54 -17.97 -37.90
CA CYS F 30 6.99 -18.07 -38.07
C CYS F 30 7.34 -19.37 -38.87
N LEU F 31 8.26 -19.28 -39.84
CA LEU F 31 8.70 -20.45 -40.60
C LEU F 31 9.53 -21.35 -39.70
N ASP F 32 9.22 -22.64 -39.69
CA ASP F 32 9.94 -23.61 -38.91
C ASP F 32 10.96 -24.31 -39.82
N GLU F 33 10.48 -25.00 -40.85
CA GLU F 33 11.34 -25.73 -41.77
C GLU F 33 10.68 -25.97 -43.10
N LEU F 34 11.49 -26.06 -44.17
CA LEU F 34 11.11 -26.41 -45.52
C LEU F 34 11.64 -27.81 -45.79
N SER F 35 10.81 -28.68 -46.38
CA SER F 35 11.22 -30.04 -46.72
C SER F 35 10.80 -30.36 -48.14
N GLU F 36 11.38 -31.41 -48.72
CA GLU F 36 11.05 -31.89 -50.04
C GLU F 36 10.62 -33.35 -49.92
N LEU F 37 9.47 -33.68 -50.53
CA LEU F 37 8.94 -35.06 -50.56
C LEU F 37 9.04 -35.54 -52.01
N PRO F 38 9.29 -36.87 -52.22
CA PRO F 38 9.61 -37.34 -53.59
C PRO F 38 8.52 -37.16 -54.68
N VAL F 39 7.24 -37.05 -54.37
CA VAL F 39 6.24 -36.85 -55.43
CA VAL F 39 6.21 -36.89 -55.40
C VAL F 39 5.21 -35.80 -55.00
N TRP F 40 4.44 -35.26 -55.96
CA TRP F 40 3.35 -34.35 -55.67
C TRP F 40 2.07 -35.20 -55.77
N ALA F 41 1.41 -35.47 -54.63
CA ALA F 41 0.19 -36.29 -54.57
C ALA F 41 -1.09 -35.45 -54.69
N GLY F 42 -0.97 -34.13 -54.75
CA GLY F 42 -2.12 -33.23 -54.84
C GLY F 42 -2.68 -33.00 -56.23
N ARG F 43 -3.54 -31.98 -56.37
CA ARG F 43 -4.23 -31.69 -57.63
C ARG F 43 -3.29 -31.02 -58.66
N ARG F 44 -3.70 -31.09 -59.93
CA ARG F 44 -2.95 -30.53 -61.06
C ARG F 44 -3.82 -29.56 -61.88
N HIS F 45 -5.03 -29.26 -61.39
CA HIS F 45 -6.00 -28.34 -61.99
C HIS F 45 -6.57 -27.45 -60.92
N HIS F 46 -7.24 -26.35 -61.29
CA HIS F 46 -7.84 -25.36 -60.39
C HIS F 46 -6.79 -24.92 -59.36
N LEU F 47 -5.55 -24.71 -59.83
CA LEU F 47 -4.40 -24.42 -58.98
C LEU F 47 -4.48 -23.07 -58.30
N SER F 48 -5.18 -22.10 -58.90
CA SER F 48 -5.34 -20.75 -58.33
C SER F 48 -6.74 -20.55 -57.68
N GLU F 49 -7.51 -21.63 -57.52
CA GLU F 49 -8.86 -21.58 -56.92
C GLU F 49 -8.90 -22.38 -55.62
N LEU F 50 -9.80 -21.96 -54.72
CA LEU F 50 -10.03 -22.64 -53.46
C LEU F 50 -11.35 -23.38 -53.51
N PRO F 51 -11.45 -24.63 -53.01
CA PRO F 51 -12.79 -25.28 -52.98
C PRO F 51 -13.66 -24.73 -51.83
N LEU F 52 -13.00 -24.25 -50.75
CA LEU F 52 -13.55 -23.71 -49.50
C LEU F 52 -12.62 -22.65 -48.98
N GLU F 53 -13.13 -21.66 -48.28
CA GLU F 53 -12.30 -20.57 -47.77
C GLU F 53 -11.33 -21.01 -46.65
N GLY F 54 -11.83 -21.84 -45.72
CA GLY F 54 -11.06 -22.29 -44.57
C GLY F 54 -10.93 -21.15 -43.56
N ASN F 55 -10.33 -21.42 -42.41
CA ASN F 55 -10.06 -20.37 -41.39
C ASN F 55 -8.69 -19.72 -41.67
N GLY F 56 -7.95 -20.33 -42.59
CA GLY F 56 -6.64 -19.86 -43.01
C GLY F 56 -6.38 -20.24 -44.44
N GLN F 57 -5.57 -19.42 -45.14
CA GLN F 57 -5.28 -19.62 -46.57
C GLN F 57 -3.80 -19.53 -46.85
N ILE F 58 -3.34 -20.27 -47.86
CA ILE F 58 -1.97 -20.19 -48.37
C ILE F 58 -2.05 -19.83 -49.84
N VAL F 59 -1.26 -18.85 -50.26
CA VAL F 59 -1.19 -18.43 -51.65
C VAL F 59 0.28 -18.46 -52.05
N MSE F 60 0.58 -19.21 -53.12
CA MSE F 60 1.92 -19.27 -53.68
C MSE F 60 1.92 -18.47 -54.97
O MSE F 60 1.07 -18.68 -55.85
CB MSE F 60 2.32 -20.72 -53.90
CG MSE F 60 3.74 -20.91 -54.41
SE MSE F 60 4.13 -22.82 -54.53
CE MSE F 60 5.73 -22.78 -53.71
N ARG F 61 2.89 -17.54 -55.10
CA ARG F 61 3.05 -16.71 -56.29
C ARG F 61 4.41 -16.91 -56.94
N ASP F 62 4.45 -16.86 -58.27
CA ASP F 62 5.70 -16.91 -59.01
C ASP F 62 6.41 -15.57 -58.76
N VAL F 63 7.67 -15.58 -58.28
CA VAL F 63 8.40 -14.34 -57.98
C VAL F 63 8.54 -13.44 -59.25
N ALA F 64 8.97 -14.02 -60.39
CA ALA F 64 9.20 -13.24 -61.63
C ALA F 64 7.93 -12.52 -62.14
N SER F 65 6.79 -13.23 -62.24
CA SER F 65 5.54 -12.66 -62.77
C SER F 65 4.57 -12.12 -61.70
N GLY F 66 4.71 -12.58 -60.46
CA GLY F 66 3.82 -12.19 -59.37
C GLY F 66 2.47 -12.89 -59.41
N LYS F 67 2.28 -13.81 -60.39
CA LYS F 67 1.05 -14.59 -60.62
C LYS F 67 0.84 -15.67 -59.56
N VAL F 68 -0.44 -15.88 -59.15
CA VAL F 68 -0.83 -16.96 -58.23
C VAL F 68 -0.62 -18.27 -58.98
N ILE F 69 0.20 -19.20 -58.42
CA ILE F 69 0.48 -20.48 -59.08
C ILE F 69 -0.08 -21.66 -58.27
N TYR F 70 -0.37 -21.44 -56.99
CA TYR F 70 -0.98 -22.47 -56.13
C TYR F 70 -1.66 -21.84 -54.94
N THR F 71 -2.74 -22.47 -54.48
CA THR F 71 -3.46 -22.03 -53.30
C THR F 71 -4.16 -23.21 -52.64
N THR F 72 -4.19 -23.15 -51.30
CA THR F 72 -4.91 -24.13 -50.49
C THR F 72 -5.41 -23.41 -49.23
N SER F 73 -6.34 -24.04 -48.51
CA SER F 73 -6.94 -23.49 -47.31
C SER F 73 -7.10 -24.59 -46.28
N PHE F 74 -7.36 -24.19 -45.05
CA PHE F 74 -7.34 -25.10 -43.91
C PHE F 74 -7.97 -24.43 -42.69
N SER F 75 -7.99 -25.16 -41.60
CA SER F 75 -8.31 -24.70 -40.26
C SER F 75 -7.21 -25.27 -39.37
N SER F 76 -7.11 -24.82 -38.11
CA SER F 76 -6.02 -25.31 -37.26
C SER F 76 -6.45 -25.42 -35.82
N LEU F 77 -5.76 -26.28 -35.06
CA LEU F 77 -6.02 -26.43 -33.63
C LEU F 77 -5.69 -25.12 -32.92
N PHE F 78 -4.66 -24.38 -33.41
CA PHE F 78 -4.26 -23.09 -32.84
C PHE F 78 -5.44 -22.09 -32.83
N GLN F 79 -6.15 -21.97 -33.97
CA GLN F 79 -7.27 -21.02 -34.10
C GLN F 79 -8.44 -21.37 -33.18
N GLU F 80 -8.59 -22.67 -32.86
CA GLU F 80 -9.61 -23.12 -31.91
C GLU F 80 -9.15 -22.76 -30.50
N TRP F 81 -7.85 -22.96 -30.19
CA TRP F 81 -7.26 -22.66 -28.89
C TRP F 81 -7.43 -21.17 -28.54
N LEU F 82 -7.36 -20.29 -29.55
CA LEU F 82 -7.53 -18.84 -29.41
C LEU F 82 -8.89 -18.46 -28.81
N GLU F 83 -9.88 -19.34 -28.97
CA GLU F 83 -11.24 -19.13 -28.49
C GLU F 83 -11.40 -19.65 -27.05
N THR F 84 -10.35 -20.28 -26.46
CA THR F 84 -10.45 -20.84 -25.10
C THR F 84 -10.02 -19.83 -24.05
N ASP F 85 -10.39 -20.09 -22.79
CA ASP F 85 -10.05 -19.23 -21.64
C ASP F 85 -8.54 -19.14 -21.43
N GLU F 86 -7.80 -20.23 -21.72
CA GLU F 86 -6.34 -20.27 -21.54
C GLU F 86 -5.63 -19.23 -22.42
N ALA F 87 -6.17 -18.94 -23.64
CA ALA F 87 -5.59 -17.96 -24.58
C ALA F 87 -5.65 -16.52 -24.04
N LYS F 88 -6.45 -16.29 -22.97
CA LYS F 88 -6.53 -15.00 -22.30
C LYS F 88 -5.47 -14.89 -21.20
N GLU F 89 -4.83 -16.01 -20.82
CA GLU F 89 -3.87 -16.09 -19.70
C GLU F 89 -2.43 -16.42 -20.10
N VAL F 90 -2.21 -17.06 -21.26
CA VAL F 90 -0.85 -17.43 -21.66
C VAL F 90 -0.69 -17.34 -23.20
N THR F 91 0.56 -17.20 -23.65
CA THR F 91 0.97 -17.21 -25.05
C THR F 91 1.51 -18.64 -25.32
N LYS F 92 0.98 -19.29 -26.37
CA LYS F 92 1.35 -20.66 -26.76
C LYS F 92 1.76 -20.72 -28.24
N GLY F 93 2.51 -21.76 -28.58
CA GLY F 93 2.96 -22.05 -29.93
C GLY F 93 2.44 -23.40 -30.39
N PHE F 94 2.13 -23.50 -31.67
CA PHE F 94 1.59 -24.70 -32.29
C PHE F 94 2.27 -25.00 -33.61
N GLU F 95 2.54 -26.27 -33.86
CA GLU F 95 3.09 -26.80 -35.11
C GLU F 95 1.98 -26.95 -36.15
N ASN F 96 2.27 -26.57 -37.40
CA ASN F 96 1.34 -26.66 -38.52
C ASN F 96 2.14 -26.97 -39.78
N THR F 97 1.67 -27.93 -40.58
CA THR F 97 2.34 -28.38 -41.79
C THR F 97 1.42 -28.23 -43.00
N TYR F 98 1.99 -27.79 -44.15
CA TYR F 98 1.25 -27.63 -45.40
C TYR F 98 2.07 -28.20 -46.54
N LEU F 99 1.39 -28.87 -47.48
CA LEU F 99 2.01 -29.49 -48.64
C LEU F 99 1.68 -28.67 -49.87
N LEU F 100 2.73 -28.22 -50.58
CA LEU F 100 2.59 -27.41 -51.79
C LEU F 100 3.36 -28.08 -52.92
N PRO F 101 2.99 -27.88 -54.21
CA PRO F 101 3.80 -28.45 -55.29
C PRO F 101 5.17 -27.74 -55.34
N TYR F 102 6.25 -28.50 -55.62
CA TYR F 102 7.62 -27.98 -55.61
C TYR F 102 7.88 -27.06 -56.82
N PRO F 103 8.25 -25.79 -56.59
CA PRO F 103 8.41 -24.87 -57.74
C PRO F 103 9.72 -25.04 -58.49
N ILE F 104 9.70 -24.73 -59.80
CA ILE F 104 10.89 -24.79 -60.67
C ILE F 104 11.76 -23.55 -60.41
N LYS F 105 11.10 -22.39 -60.23
CA LYS F 105 11.75 -21.10 -60.02
C LYS F 105 11.35 -20.54 -58.66
N PRO F 106 12.08 -19.52 -58.09
CA PRO F 106 11.67 -18.96 -56.80
C PRO F 106 10.18 -18.59 -56.74
N ALA F 107 9.57 -18.91 -55.61
CA ALA F 107 8.17 -18.64 -55.37
C ALA F 107 8.00 -17.93 -54.05
N GLU F 108 7.01 -17.03 -53.98
CA GLU F 108 6.69 -16.33 -52.76
C GLU F 108 5.47 -16.97 -52.14
N VAL F 109 5.60 -17.43 -50.90
CA VAL F 109 4.51 -18.07 -50.19
C VAL F 109 3.91 -17.07 -49.19
N GLU F 110 2.59 -16.94 -49.19
CA GLU F 110 1.92 -16.10 -48.23
C GLU F 110 0.88 -16.93 -47.49
N ILE F 111 1.00 -16.99 -46.17
CA ILE F 111 0.07 -17.72 -45.32
C ILE F 111 -0.67 -16.68 -44.47
N THR F 112 -2.01 -16.80 -44.44
CA THR F 112 -2.89 -15.90 -43.71
C THR F 112 -3.83 -16.66 -42.78
N LEU F 113 -3.98 -16.16 -41.55
CA LEU F 113 -4.97 -16.65 -40.60
C LEU F 113 -6.06 -15.62 -40.47
N ARG F 114 -7.30 -16.06 -40.38
CA ARG F 114 -8.44 -15.18 -40.22
C ARG F 114 -9.14 -15.49 -38.90
N ASN F 115 -9.76 -14.47 -38.30
CA ASN F 115 -10.52 -14.61 -37.07
C ASN F 115 -12.00 -14.94 -37.43
N ASN F 116 -12.90 -15.03 -36.43
CA ASN F 116 -14.32 -15.35 -36.68
CA ASN F 116 -14.32 -15.36 -36.68
C ASN F 116 -15.07 -14.24 -37.43
N LYS F 117 -14.51 -13.02 -37.49
CA LYS F 117 -15.09 -11.90 -38.23
C LYS F 117 -14.57 -11.92 -39.69
N ARG F 118 -13.87 -13.03 -40.06
CA ARG F 118 -13.27 -13.39 -41.36
C ARG F 118 -12.28 -12.32 -41.80
N GLU F 119 -11.67 -11.63 -40.82
CA GLU F 119 -10.66 -10.65 -41.11
C GLU F 119 -9.28 -11.21 -40.72
N VAL F 120 -8.24 -10.72 -41.39
CA VAL F 120 -6.85 -11.16 -41.23
C VAL F 120 -6.39 -10.97 -39.77
N SER F 121 -5.94 -12.05 -39.12
CA SER F 121 -5.47 -12.00 -37.73
C SER F 121 -3.93 -12.24 -37.62
N ALA F 122 -3.32 -12.89 -38.63
CA ALA F 122 -1.89 -13.17 -38.74
C ALA F 122 -1.53 -13.42 -40.21
N ASN F 123 -0.34 -13.01 -40.59
CA ASN F 123 0.13 -13.11 -41.97
C ASN F 123 1.64 -13.30 -42.02
N LEU F 124 2.12 -14.12 -42.97
CA LEU F 124 3.55 -14.27 -43.21
C LEU F 124 3.79 -14.44 -44.70
N LYS F 125 4.72 -13.64 -45.23
CA LYS F 125 5.12 -13.66 -46.64
C LYS F 125 6.61 -14.01 -46.69
N HIS F 126 7.01 -15.07 -47.43
CA HIS F 126 8.42 -15.47 -47.51
C HIS F 126 8.71 -16.09 -48.86
N VAL F 127 9.97 -15.96 -49.33
CA VAL F 127 10.39 -16.48 -50.61
C VAL F 127 11.07 -17.82 -50.41
N VAL F 128 10.67 -18.79 -51.26
CA VAL F 128 11.25 -20.12 -51.29
C VAL F 128 12.06 -20.24 -52.57
N LYS F 129 13.35 -20.49 -52.43
CA LYS F 129 14.26 -20.69 -53.55
C LYS F 129 14.43 -22.21 -53.71
N PRO F 130 14.03 -22.80 -54.86
CA PRO F 130 14.06 -24.26 -55.00
C PRO F 130 15.45 -24.93 -54.83
N ASP F 131 16.55 -24.17 -54.99
CA ASP F 131 17.89 -24.73 -54.83
C ASP F 131 18.48 -24.47 -53.41
N ASP F 132 17.66 -23.97 -52.46
CA ASP F 132 18.09 -23.71 -51.07
C ASP F 132 18.60 -25.04 -50.45
N ILE F 133 19.87 -25.09 -50.01
CA ILE F 133 20.48 -26.32 -49.46
C ILE F 133 19.81 -26.78 -48.16
N LEU F 134 19.13 -25.85 -47.44
CA LEU F 134 18.50 -26.19 -46.16
C LEU F 134 17.06 -26.69 -46.33
N ILE F 135 16.63 -26.95 -47.60
CA ILE F 135 15.35 -27.64 -47.84
C ILE F 135 15.67 -29.13 -47.54
N HIS F 136 15.15 -29.63 -46.43
CA HIS F 136 15.40 -30.97 -45.91
C HIS F 136 14.77 -32.04 -46.81
N LYS F 137 15.58 -32.91 -47.42
CA LYS F 137 15.07 -33.98 -48.30
C LYS F 137 14.57 -35.12 -47.43
N LYS F 138 13.28 -35.44 -47.56
CA LYS F 138 12.60 -36.48 -46.75
C LYS F 138 11.96 -37.56 -47.64
N GLY F 139 11.56 -38.65 -47.01
CA GLY F 139 10.84 -39.74 -47.65
C GLY F 139 11.61 -40.60 -48.65
N LEU F 140 12.94 -40.68 -48.49
CA LEU F 140 13.79 -41.48 -49.38
C LEU F 140 14.17 -42.80 -48.73
N THR F 141 14.34 -42.81 -47.40
CA THR F 141 14.74 -43.98 -46.62
C THR F 141 13.89 -44.12 -45.37
N HIS F 142 13.93 -45.29 -44.73
CA HIS F 142 13.22 -45.62 -43.50
C HIS F 142 11.74 -45.22 -43.58
N ILE F 143 11.10 -45.53 -44.71
CA ILE F 143 9.68 -45.24 -44.92
C ILE F 143 8.87 -46.16 -43.98
N THR F 144 7.97 -45.57 -43.19
CA THR F 144 7.14 -46.33 -42.24
C THR F 144 6.44 -47.52 -42.91
N PRO F 145 6.47 -48.72 -42.29
CA PRO F 145 5.75 -49.87 -42.87
C PRO F 145 4.28 -49.52 -43.08
N HIS F 146 3.73 -49.94 -44.21
CA HIS F 146 2.36 -49.60 -44.61
C HIS F 146 1.80 -50.62 -45.57
N LYS F 147 0.46 -50.60 -45.77
CA LYS F 147 -0.26 -51.46 -46.71
C LYS F 147 -1.38 -50.68 -47.32
N TYR F 148 -1.61 -50.87 -48.62
CA TYR F 148 -2.75 -50.24 -49.27
C TYR F 148 -4.00 -51.05 -49.00
N LEU F 149 -5.03 -50.41 -48.48
CA LEU F 149 -6.32 -51.09 -48.26
C LEU F 149 -7.14 -50.94 -49.53
N LEU F 150 -6.87 -49.88 -50.30
CA LEU F 150 -7.56 -49.56 -51.53
C LEU F 150 -6.63 -48.80 -52.46
N LYS F 151 -6.49 -49.25 -53.71
CA LYS F 151 -5.68 -48.51 -54.67
C LYS F 151 -6.46 -48.42 -55.97
N SER F 152 -7.11 -47.27 -56.21
CA SER F 152 -7.93 -47.05 -57.40
C SER F 152 -7.11 -46.55 -58.59
N GLY F 153 -5.94 -45.97 -58.32
CA GLY F 153 -5.04 -45.45 -59.35
C GLY F 153 -3.79 -44.86 -58.76
N ASN F 154 -3.02 -44.13 -59.57
CA ASN F 154 -1.81 -43.49 -59.07
C ASN F 154 -2.17 -42.23 -58.25
N GLU F 155 -1.21 -41.71 -57.48
CA GLU F 155 -1.37 -40.53 -56.61
C GLU F 155 -1.79 -39.26 -57.37
N GLU F 156 -1.54 -39.21 -58.69
CA GLU F 156 -1.89 -38.03 -59.48
C GLU F 156 -3.35 -38.04 -59.91
N GLN F 157 -3.97 -39.21 -59.95
CA GLN F 157 -5.35 -39.35 -60.45
C GLN F 157 -6.39 -39.50 -59.34
N CYS F 158 -5.98 -39.99 -58.15
CA CYS F 158 -6.90 -40.27 -57.05
C CYS F 158 -6.55 -39.49 -55.81
N ILE F 159 -7.51 -39.37 -54.87
CA ILE F 159 -7.36 -38.71 -53.57
C ILE F 159 -6.65 -39.68 -52.65
N ASP F 160 -5.49 -39.27 -52.09
CA ASP F 160 -4.72 -40.16 -51.24
C ASP F 160 -5.02 -39.91 -49.77
N VAL F 161 -5.58 -40.92 -49.10
CA VAL F 161 -5.92 -40.82 -47.70
C VAL F 161 -5.03 -41.79 -46.94
N ALA F 162 -4.31 -41.27 -45.95
CA ALA F 162 -3.45 -42.08 -45.13
C ALA F 162 -4.08 -42.27 -43.75
N ILE F 163 -4.11 -43.52 -43.26
CA ILE F 163 -4.60 -43.90 -41.95
C ILE F 163 -3.39 -44.28 -41.11
N LEU F 164 -3.15 -43.54 -39.99
CA LEU F 164 -2.01 -43.74 -39.11
C LEU F 164 -2.42 -44.45 -37.82
N ALA F 165 -1.48 -45.19 -37.24
CA ALA F 165 -1.63 -45.91 -35.98
C ALA F 165 -1.11 -45.05 -34.81
N GLU F 166 -1.97 -44.86 -33.81
CA GLU F 166 -1.67 -44.10 -32.60
C GLU F 166 -1.99 -44.94 -31.38
N GLY F 167 -0.98 -45.17 -30.54
CA GLY F 167 -1.10 -46.02 -29.35
C GLY F 167 -1.05 -47.52 -29.60
N TYR F 168 -0.57 -47.92 -30.80
CA TYR F 168 -0.39 -49.34 -31.15
C TYR F 168 1.10 -49.65 -31.11
N THR F 169 1.49 -50.67 -30.36
CA THR F 169 2.89 -51.12 -30.34
C THR F 169 3.10 -51.97 -31.60
N THR F 170 4.36 -52.34 -31.90
CA THR F 170 4.71 -53.18 -33.08
C THR F 170 3.99 -54.53 -33.07
N SER F 171 3.67 -55.06 -31.88
CA SER F 171 2.99 -56.34 -31.74
C SER F 171 1.47 -56.21 -31.90
N GLU F 172 0.91 -54.98 -32.01
CA GLU F 172 -0.53 -54.79 -32.15
C GLU F 172 -0.95 -54.31 -33.54
N MSE F 173 -0.05 -54.41 -34.51
CA MSE F 173 -0.30 -53.91 -35.87
C MSE F 173 -1.36 -54.69 -36.63
O MSE F 173 -2.03 -54.10 -37.47
CB MSE F 173 0.99 -53.77 -36.68
CG MSE F 173 1.81 -52.57 -36.22
SE MSE F 173 0.78 -50.91 -35.98
CE MSE F 173 2.15 -49.96 -35.10
N GLU F 174 -1.55 -55.99 -36.32
CA GLU F 174 -2.61 -56.78 -36.97
C GLU F 174 -3.99 -56.23 -36.57
N THR F 175 -4.15 -55.75 -35.32
CA THR F 175 -5.37 -55.11 -34.81
C THR F 175 -5.54 -53.76 -35.54
N PHE F 176 -4.43 -53.00 -35.70
CA PHE F 176 -4.45 -51.71 -36.39
C PHE F 176 -4.98 -51.86 -37.83
N TYR F 177 -4.41 -52.79 -38.62
CA TYR F 177 -4.84 -53.04 -40.00
C TYR F 177 -6.30 -53.49 -40.06
N LYS F 178 -6.78 -54.21 -39.03
CA LYS F 178 -8.18 -54.60 -38.96
C LYS F 178 -9.05 -53.35 -38.72
N ASP F 179 -8.61 -52.46 -37.80
CA ASP F 179 -9.32 -51.21 -37.45
C ASP F 179 -9.37 -50.27 -38.62
N ALA F 180 -8.28 -50.20 -39.39
CA ALA F 180 -8.18 -49.36 -40.59
C ALA F 180 -9.16 -49.85 -41.64
N ALA F 181 -9.31 -51.19 -41.78
CA ALA F 181 -10.29 -51.81 -42.69
C ALA F 181 -11.72 -51.45 -42.25
N ILE F 182 -11.99 -51.40 -40.92
CA ILE F 182 -13.31 -51.03 -40.38
C ILE F 182 -13.60 -49.53 -40.68
N ALA F 183 -12.62 -48.63 -40.50
CA ALA F 183 -12.78 -47.18 -40.82
C ALA F 183 -13.12 -46.99 -42.31
N CYS F 184 -12.41 -47.74 -43.17
CA CYS F 184 -12.56 -47.72 -44.63
CA CYS F 184 -12.59 -47.74 -44.64
C CYS F 184 -13.98 -48.15 -45.01
N GLU F 185 -14.46 -49.25 -44.42
CA GLU F 185 -15.77 -49.82 -44.61
C GLU F 185 -16.84 -48.81 -44.15
N ALA F 186 -16.64 -48.14 -42.98
CA ALA F 186 -17.57 -47.12 -42.45
C ALA F 186 -17.67 -45.93 -43.39
N LEU F 187 -16.51 -45.44 -43.87
CA LEU F 187 -16.46 -44.31 -44.79
C LEU F 187 -17.14 -44.62 -46.13
N PHE F 188 -16.82 -45.77 -46.76
CA PHE F 188 -17.37 -46.09 -48.07
C PHE F 188 -18.75 -46.76 -48.00
N SER F 189 -19.42 -46.70 -46.84
CA SER F 189 -20.81 -47.16 -46.71
C SER F 189 -21.70 -45.90 -46.65
N HIS F 190 -21.08 -44.71 -46.77
CA HIS F 190 -21.78 -43.42 -46.77
C HIS F 190 -21.70 -42.79 -48.14
N GLU F 191 -22.84 -42.36 -48.68
CA GLU F 191 -22.87 -41.57 -49.91
C GLU F 191 -22.34 -40.14 -49.56
N PRO F 192 -21.58 -39.47 -50.45
CA PRO F 192 -21.23 -39.86 -51.84
C PRO F 192 -19.95 -40.69 -51.91
N PHE F 193 -19.25 -40.96 -50.78
CA PHE F 193 -18.02 -41.76 -50.78
C PHE F 193 -18.24 -43.12 -51.42
N GLN F 194 -19.37 -43.76 -51.11
CA GLN F 194 -19.74 -45.07 -51.61
C GLN F 194 -19.72 -45.15 -53.17
N SER F 195 -20.39 -44.21 -53.86
CA SER F 195 -20.45 -44.21 -55.32
CA SER F 195 -20.46 -44.24 -55.32
C SER F 195 -19.17 -43.67 -55.96
N MSE F 196 -18.32 -42.99 -55.17
CA MSE F 196 -17.09 -42.33 -55.61
CA MSE F 196 -17.10 -42.39 -55.69
C MSE F 196 -15.85 -43.04 -55.11
O MSE F 196 -14.77 -42.45 -55.16
CB MSE F 196 -17.08 -40.88 -55.10
CB MSE F 196 -17.11 -40.87 -55.44
CG MSE F 196 -18.19 -40.00 -55.70
CG MSE F 196 -18.21 -40.19 -56.23
SE MSE F 196 -17.98 -39.74 -57.63
SE MSE F 196 -18.48 -38.35 -55.76
CE MSE F 196 -17.53 -37.84 -57.54
CE MSE F 196 -17.80 -37.56 -57.39
N LYS F 197 -15.99 -44.29 -54.65
CA LYS F 197 -14.88 -45.09 -54.07
C LYS F 197 -13.68 -45.21 -55.03
N ASN F 198 -13.94 -45.27 -56.35
CA ASN F 198 -12.89 -45.43 -57.36
C ASN F 198 -12.06 -44.12 -57.56
N ARG F 199 -12.34 -43.05 -56.77
CA ARG F 199 -11.60 -41.78 -56.82
C ARG F 199 -10.56 -41.72 -55.69
N PHE F 200 -10.48 -42.78 -54.85
CA PHE F 200 -9.64 -42.79 -53.66
C PHE F 200 -8.60 -43.89 -53.61
N ASN F 201 -7.48 -43.58 -52.95
CA ASN F 201 -6.45 -44.51 -52.52
C ASN F 201 -6.45 -44.45 -51.01
N ILE F 202 -6.47 -45.60 -50.34
CA ILE F 202 -6.42 -45.67 -48.89
C ILE F 202 -5.19 -46.47 -48.49
N VAL F 203 -4.29 -45.84 -47.73
CA VAL F 203 -3.09 -46.52 -47.25
C VAL F 203 -3.09 -46.52 -45.71
N ALA F 204 -2.85 -47.68 -45.11
CA ALA F 204 -2.78 -47.87 -43.67
C ALA F 204 -1.31 -47.88 -43.31
N VAL F 205 -0.90 -46.96 -42.44
CA VAL F 205 0.51 -46.74 -42.09
C VAL F 205 0.74 -47.14 -40.63
N ALA F 206 1.52 -48.21 -40.43
CA ALA F 206 1.81 -48.80 -39.13
C ALA F 206 2.89 -48.05 -38.38
N SER F 207 2.58 -46.80 -37.99
CA SER F 207 3.47 -45.94 -37.22
C SER F 207 3.51 -46.49 -35.77
N PRO F 208 4.67 -46.98 -35.30
CA PRO F 208 4.70 -47.60 -33.96
C PRO F 208 4.74 -46.60 -32.78
N SER F 209 4.22 -47.07 -31.64
CA SER F 209 4.19 -46.38 -30.36
C SER F 209 4.98 -47.21 -29.34
N ALA F 210 5.61 -46.55 -28.37
CA ALA F 210 6.31 -47.25 -27.30
C ALA F 210 5.31 -47.92 -26.36
N ASP F 211 4.21 -47.22 -26.07
CA ASP F 211 3.16 -47.73 -25.17
C ASP F 211 1.90 -48.08 -25.93
N SER F 212 1.11 -49.00 -25.37
CA SER F 212 -0.21 -49.39 -25.84
C SER F 212 -1.24 -48.49 -25.15
N GLY F 213 -2.14 -47.92 -25.93
CA GLY F 213 -3.19 -47.04 -25.44
C GLY F 213 -2.89 -45.60 -25.74
N VAL F 214 -3.79 -44.68 -25.34
CA VAL F 214 -3.62 -43.25 -25.57
C VAL F 214 -3.83 -42.52 -24.23
N SER F 215 -3.16 -41.37 -24.07
CA SER F 215 -3.18 -40.57 -22.85
C SER F 215 -4.58 -40.06 -22.50
N ALA F 216 -4.97 -40.30 -21.24
CA ALA F 216 -6.24 -39.88 -20.63
C ALA F 216 -5.88 -38.92 -19.51
N PRO F 217 -5.67 -37.60 -19.85
CA PRO F 217 -5.19 -36.63 -18.85
C PRO F 217 -6.07 -36.54 -17.58
N LYS F 218 -7.42 -36.55 -17.73
CA LYS F 218 -8.35 -36.45 -16.59
C LYS F 218 -8.11 -37.57 -15.55
N GLN F 219 -7.75 -38.79 -16.00
CA GLN F 219 -7.48 -39.93 -15.12
C GLN F 219 -6.01 -40.03 -14.74
N GLY F 220 -5.19 -39.09 -15.23
CA GLY F 220 -3.75 -39.04 -15.00
C GLY F 220 -3.00 -40.22 -15.61
N ALA F 221 -3.55 -40.80 -16.69
CA ALA F 221 -2.99 -41.96 -17.37
C ALA F 221 -2.39 -41.55 -18.71
N TRP F 222 -1.11 -41.20 -18.66
CA TRP F 222 -0.33 -40.75 -19.82
C TRP F 222 0.37 -41.93 -20.44
N LYS F 223 0.48 -41.89 -21.76
CA LYS F 223 1.10 -42.94 -22.58
C LYS F 223 2.08 -42.29 -23.53
N HIS F 224 3.23 -42.90 -23.75
CA HIS F 224 4.22 -42.43 -24.71
C HIS F 224 3.87 -43.06 -26.06
N THR F 225 3.24 -42.26 -26.92
CA THR F 225 2.76 -42.79 -28.19
C THR F 225 3.43 -42.06 -29.37
N ALA F 226 3.21 -42.59 -30.59
CA ALA F 226 3.73 -42.05 -31.84
C ALA F 226 3.49 -40.54 -31.98
N PHE F 227 2.27 -40.07 -31.66
CA PHE F 227 1.90 -38.67 -31.87
C PHE F 227 1.41 -37.90 -30.63
N GLY F 228 1.65 -38.42 -29.43
CA GLY F 228 1.26 -37.73 -28.19
C GLY F 228 -0.20 -37.26 -28.17
N SER F 229 -1.10 -38.02 -28.82
CA SER F 229 -2.54 -37.67 -28.81
C SER F 229 -3.09 -37.83 -27.39
N HIS F 230 -4.09 -37.04 -27.07
CA HIS F 230 -4.68 -37.08 -25.73
C HIS F 230 -6.10 -36.56 -25.78
N PHE F 231 -6.93 -37.03 -24.86
CA PHE F 231 -8.30 -36.54 -24.65
C PHE F 231 -8.20 -35.25 -23.81
N ASP F 232 -9.35 -34.69 -23.38
CA ASP F 232 -9.39 -33.48 -22.52
C ASP F 232 -8.71 -32.28 -23.18
N THR F 233 -8.71 -32.22 -24.54
CA THR F 233 -8.15 -31.07 -25.23
C THR F 233 -9.00 -29.85 -24.87
N PHE F 234 -8.35 -28.76 -24.44
CA PHE F 234 -9.01 -27.52 -24.03
C PHE F 234 -9.97 -27.78 -22.87
N TYR F 235 -9.67 -28.85 -22.09
CA TYR F 235 -10.41 -29.33 -20.91
C TYR F 235 -11.83 -29.80 -21.30
N SER F 236 -11.99 -30.20 -22.58
CA SER F 236 -13.22 -30.78 -23.13
C SER F 236 -12.95 -32.31 -23.23
N ASP F 237 -13.48 -33.06 -22.25
CA ASP F 237 -13.29 -34.49 -22.00
C ASP F 237 -13.12 -35.37 -23.24
N ARG F 238 -14.04 -35.25 -24.22
CA ARG F 238 -14.09 -36.13 -25.38
C ARG F 238 -13.33 -35.55 -26.57
N TYR F 239 -12.71 -34.37 -26.40
CA TYR F 239 -11.97 -33.76 -27.49
C TYR F 239 -10.57 -34.42 -27.57
N LEU F 240 -10.40 -35.34 -28.58
CA LEU F 240 -9.16 -36.10 -28.81
C LEU F 240 -8.35 -35.44 -29.94
N THR F 241 -7.20 -34.86 -29.58
CA THR F 241 -6.34 -34.20 -30.56
C THR F 241 -4.86 -34.51 -30.31
N THR F 242 -4.05 -34.04 -31.25
CA THR F 242 -2.60 -34.08 -31.18
C THR F 242 -2.06 -32.75 -31.69
N SER F 243 -0.98 -32.31 -31.05
CA SER F 243 -0.28 -31.10 -31.42
CA SER F 243 -0.25 -31.09 -31.38
C SER F 243 1.11 -31.45 -32.02
N ARG F 244 1.43 -32.77 -32.12
CA ARG F 244 2.70 -33.25 -32.70
C ARG F 244 2.53 -33.38 -34.24
N VAL F 245 2.31 -32.26 -34.92
CA VAL F 245 2.01 -32.19 -36.35
C VAL F 245 3.25 -32.56 -37.18
N LYS F 246 4.44 -32.16 -36.74
CA LYS F 246 5.67 -32.49 -37.47
C LYS F 246 5.89 -34.01 -37.44
N ALA F 247 5.63 -34.66 -36.29
CA ALA F 247 5.77 -36.13 -36.12
C ALA F 247 4.77 -36.89 -37.01
N ILE F 248 3.53 -36.39 -37.13
CA ILE F 248 2.49 -36.98 -37.97
C ILE F 248 2.95 -37.02 -39.44
N ASN F 249 3.45 -35.87 -39.94
CA ASN F 249 3.91 -35.74 -41.31
C ASN F 249 5.22 -36.46 -41.54
N ASP F 250 6.13 -36.49 -40.55
CA ASP F 250 7.40 -37.26 -40.67
C ASP F 250 7.12 -38.74 -40.82
N ALA F 251 6.10 -39.29 -40.10
CA ALA F 251 5.71 -40.71 -40.19
C ALA F 251 5.22 -41.05 -41.61
N LEU F 252 4.68 -40.07 -42.35
CA LEU F 252 4.14 -40.28 -43.68
C LEU F 252 5.10 -39.94 -44.82
N ALA F 253 6.29 -39.36 -44.52
CA ALA F 253 7.22 -38.95 -45.57
C ALA F 253 7.60 -40.14 -46.46
N GLY F 254 7.42 -39.99 -47.77
CA GLY F 254 7.70 -41.05 -48.73
C GLY F 254 6.48 -41.81 -49.18
N ILE F 255 5.39 -41.70 -48.41
CA ILE F 255 4.09 -42.31 -48.74
C ILE F 255 3.20 -41.19 -49.32
N PRO F 256 2.59 -41.34 -50.52
CA PRO F 256 1.72 -40.26 -51.04
C PRO F 256 0.50 -40.03 -50.16
N TYR F 257 0.23 -38.78 -49.80
CA TYR F 257 -0.91 -38.45 -48.97
C TYR F 257 -1.36 -37.04 -49.18
N GLU F 258 -2.66 -36.85 -49.04
CA GLU F 258 -3.32 -35.55 -49.09
C GLU F 258 -4.15 -35.34 -47.83
N HIS F 259 -4.66 -36.44 -47.23
CA HIS F 259 -5.55 -36.38 -46.07
C HIS F 259 -5.11 -37.39 -45.05
N ILE F 260 -5.29 -37.06 -43.77
CA ILE F 260 -4.83 -37.93 -42.68
C ILE F 260 -5.96 -38.28 -41.72
N ILE F 261 -6.02 -39.58 -41.37
CA ILE F 261 -6.89 -40.17 -40.37
C ILE F 261 -5.98 -40.87 -39.39
N ILE F 262 -6.17 -40.62 -38.11
CA ILE F 262 -5.37 -41.24 -37.07
C ILE F 262 -6.30 -42.09 -36.21
N LEU F 263 -5.97 -43.37 -36.07
CA LEU F 263 -6.75 -44.30 -35.26
C LEU F 263 -6.05 -44.45 -33.96
N ALA F 264 -6.81 -44.21 -32.87
CA ALA F 264 -6.28 -44.25 -31.49
C ALA F 264 -6.65 -45.56 -30.83
N ASN F 265 -5.62 -46.37 -30.43
CA ASN F 265 -5.82 -47.68 -29.80
C ASN F 265 -6.36 -47.51 -28.35
N THR F 266 -7.66 -47.28 -28.22
CA THR F 266 -8.32 -47.04 -26.94
C THR F 266 -9.83 -47.33 -27.01
N GLU F 267 -10.42 -47.66 -25.85
CA GLU F 267 -11.85 -47.90 -25.71
C GLU F 267 -12.55 -46.62 -25.23
N GLN F 268 -11.77 -45.59 -24.86
CA GLN F 268 -12.29 -44.32 -24.41
C GLN F 268 -12.93 -43.58 -25.59
N TYR F 269 -14.08 -42.91 -25.34
CA TYR F 269 -14.80 -42.16 -26.35
C TYR F 269 -14.13 -40.80 -26.65
N GLY F 270 -14.02 -40.49 -27.93
CA GLY F 270 -13.51 -39.19 -28.33
C GLY F 270 -13.11 -39.14 -29.78
N GLY F 271 -12.85 -37.92 -30.22
CA GLY F 271 -12.43 -37.65 -31.58
C GLY F 271 -12.16 -36.18 -31.77
N GLY F 272 -11.67 -35.85 -32.95
CA GLY F 272 -11.34 -34.50 -33.37
C GLY F 272 -11.15 -34.52 -34.87
N GLY F 273 -11.43 -33.40 -35.50
CA GLY F 273 -11.35 -33.27 -36.94
C GLY F 273 -11.25 -31.82 -37.32
N ILE F 274 -10.17 -31.49 -38.02
CA ILE F 274 -9.90 -30.11 -38.39
C ILE F 274 -9.59 -30.08 -39.85
N TYR F 275 -10.27 -29.15 -40.58
CA TYR F 275 -10.19 -28.99 -42.04
C TYR F 275 -8.73 -28.93 -42.58
N ASN F 276 -8.36 -29.94 -43.38
CA ASN F 276 -7.07 -30.11 -44.04
C ASN F 276 -5.91 -30.11 -43.05
N ALA F 277 -6.18 -30.65 -41.85
CA ALA F 277 -5.19 -30.84 -40.80
C ALA F 277 -5.15 -32.36 -40.54
N PHE F 278 -6.13 -32.90 -39.78
CA PHE F 278 -6.23 -34.35 -39.49
C PHE F 278 -7.59 -34.70 -38.91
N THR F 279 -7.90 -36.02 -38.87
CA THR F 279 -9.01 -36.64 -38.15
C THR F 279 -8.33 -37.51 -37.11
N LEU F 280 -8.84 -37.50 -35.87
CA LEU F 280 -8.43 -38.42 -34.81
C LEU F 280 -9.68 -39.13 -34.26
N THR F 281 -9.63 -40.43 -34.11
CA THR F 281 -10.78 -41.14 -33.59
C THR F 281 -10.39 -42.25 -32.63
N THR F 282 -11.28 -42.55 -31.70
CA THR F 282 -11.18 -43.74 -30.87
C THR F 282 -11.42 -44.91 -31.83
N ALA F 283 -10.64 -46.01 -31.69
CA ALA F 283 -10.83 -47.14 -32.58
C ALA F 283 -11.58 -48.28 -31.88
N HIS F 284 -11.63 -48.29 -30.52
CA HIS F 284 -12.26 -49.41 -29.83
C HIS F 284 -13.43 -49.02 -28.98
N HIS F 285 -13.86 -47.77 -29.01
CA HIS F 285 -15.12 -47.43 -28.39
C HIS F 285 -16.20 -47.92 -29.38
N PRO F 286 -17.41 -48.38 -28.96
CA PRO F 286 -18.42 -48.79 -29.96
C PRO F 286 -18.84 -47.66 -30.94
N ASN F 287 -18.58 -46.36 -30.62
CA ASN F 287 -18.96 -45.26 -31.53
C ASN F 287 -17.84 -44.91 -32.52
N PHE F 288 -16.83 -45.76 -32.68
CA PHE F 288 -15.77 -45.54 -33.67
C PHE F 288 -16.33 -45.26 -35.12
N ARG F 289 -17.22 -46.14 -35.66
CA ARG F 289 -17.74 -46.01 -37.01
CA ARG F 289 -17.77 -46.01 -37.01
C ARG F 289 -18.42 -44.63 -37.24
N PRO F 290 -19.42 -44.14 -36.41
CA PRO F 290 -19.99 -42.80 -36.71
C PRO F 290 -19.00 -41.64 -36.46
N VAL F 291 -18.13 -41.73 -35.41
CA VAL F 291 -17.11 -40.70 -35.06
C VAL F 291 -16.08 -40.50 -36.18
N VAL F 292 -15.50 -41.59 -36.73
CA VAL F 292 -14.47 -41.43 -37.77
C VAL F 292 -15.09 -40.76 -39.05
N VAL F 293 -16.35 -41.06 -39.38
CA VAL F 293 -17.02 -40.49 -40.54
C VAL F 293 -17.38 -39.01 -40.28
N HIS F 294 -17.85 -38.70 -39.07
CA HIS F 294 -18.22 -37.34 -38.65
C HIS F 294 -16.96 -36.46 -38.69
N GLU F 295 -15.83 -36.98 -38.15
CA GLU F 295 -14.60 -36.22 -38.10
C GLU F 295 -14.03 -36.00 -39.51
N PHE F 296 -14.15 -37.03 -40.38
CA PHE F 296 -13.70 -36.90 -41.77
C PHE F 296 -14.58 -35.86 -42.52
N GLY F 297 -15.83 -35.69 -42.08
CA GLY F 297 -16.72 -34.65 -42.57
C GLY F 297 -16.09 -33.29 -42.33
N HIS F 298 -15.44 -33.10 -41.15
CA HIS F 298 -14.69 -31.87 -40.85
C HIS F 298 -13.36 -31.80 -41.60
N SER F 299 -12.48 -32.79 -41.42
CA SER F 299 -11.11 -32.77 -41.92
C SER F 299 -11.01 -32.83 -43.45
N PHE F 300 -11.86 -33.62 -44.12
CA PHE F 300 -11.87 -33.70 -45.57
C PHE F 300 -12.93 -32.75 -46.17
N GLY F 301 -14.15 -32.83 -45.64
CA GLY F 301 -15.29 -32.07 -46.18
C GLY F 301 -15.37 -30.61 -45.84
N GLY F 302 -14.70 -30.18 -44.75
CA GLY F 302 -14.76 -28.81 -44.27
C GLY F 302 -16.15 -28.46 -43.79
N LEU F 303 -16.92 -29.48 -43.40
CA LEU F 303 -18.28 -29.31 -42.93
C LEU F 303 -18.32 -28.82 -41.48
N ALA F 304 -19.34 -28.03 -41.16
CA ALA F 304 -19.54 -27.54 -39.80
C ALA F 304 -20.35 -28.53 -38.98
N ASP F 305 -20.33 -28.40 -37.68
CA ASP F 305 -21.21 -29.21 -36.82
C ASP F 305 -22.62 -28.67 -36.95
N GLU F 306 -23.61 -29.55 -37.03
CA GLU F 306 -25.01 -29.14 -37.16
C GLU F 306 -25.75 -29.23 -35.83
N TYR F 307 -25.06 -29.70 -34.77
CA TYR F 307 -25.70 -29.78 -33.46
C TYR F 307 -25.61 -28.43 -32.78
N PHE F 308 -26.39 -28.25 -31.71
CA PHE F 308 -26.49 -26.97 -31.01
C PHE F 308 -26.87 -27.19 -29.57
N TYR F 309 -26.60 -26.18 -28.74
CA TYR F 309 -26.93 -26.17 -27.32
C TYR F 309 -28.01 -25.10 -27.07
N ASP F 310 -28.74 -25.21 -25.95
CA ASP F 310 -29.78 -24.23 -25.58
C ASP F 310 -29.18 -22.86 -25.16
N ASN F 315 -21.01 -20.37 -29.37
CA ASN F 315 -21.48 -19.01 -29.08
C ASN F 315 -20.37 -17.98 -29.40
N GLY F 316 -20.66 -17.11 -30.38
CA GLY F 316 -19.74 -16.08 -30.87
C GLY F 316 -18.74 -16.60 -31.91
N LEU F 317 -18.75 -17.93 -32.15
CA LEU F 317 -17.87 -18.59 -33.11
C LEU F 317 -18.31 -18.27 -34.53
N TYR F 318 -19.62 -18.02 -34.72
CA TYR F 318 -20.22 -17.68 -36.00
C TYR F 318 -21.03 -16.40 -35.86
N PRO F 319 -20.41 -15.20 -36.08
CA PRO F 319 -21.19 -13.95 -35.98
C PRO F 319 -22.38 -13.99 -36.94
N LEU F 320 -23.56 -13.54 -36.46
CA LEU F 320 -24.79 -13.65 -37.23
C LEU F 320 -24.85 -12.69 -38.42
N ASN F 321 -23.93 -11.71 -38.51
CA ASN F 321 -23.94 -10.77 -39.64
C ASN F 321 -23.01 -11.24 -40.77
N ILE F 322 -22.38 -12.41 -40.60
CA ILE F 322 -21.44 -12.97 -41.57
C ILE F 322 -21.95 -14.33 -42.05
N GLU F 323 -21.93 -14.55 -43.37
CA GLU F 323 -22.28 -15.85 -43.93
C GLU F 323 -21.12 -16.80 -43.65
N PRO F 324 -21.32 -17.92 -42.93
CA PRO F 324 -20.20 -18.86 -42.70
C PRO F 324 -19.65 -19.38 -44.02
N TRP F 325 -18.34 -19.66 -44.08
CA TRP F 325 -17.76 -20.21 -45.30
C TRP F 325 -18.14 -21.70 -45.45
N GLU F 326 -18.51 -22.39 -44.33
CA GLU F 326 -18.94 -23.81 -44.33
C GLU F 326 -20.26 -23.93 -45.10
N GLN F 327 -20.40 -25.03 -45.83
CA GLN F 327 -21.48 -25.23 -46.78
C GLN F 327 -22.79 -25.80 -46.23
N ASN F 328 -22.76 -26.37 -45.02
CA ASN F 328 -23.94 -27.03 -44.45
C ASN F 328 -24.57 -26.22 -43.29
N ILE F 329 -24.16 -24.94 -43.11
CA ILE F 329 -24.78 -24.05 -42.13
C ILE F 329 -24.96 -22.69 -42.79
N THR F 330 -25.93 -21.91 -42.32
CA THR F 330 -26.16 -20.57 -42.85
C THR F 330 -26.64 -19.64 -41.74
N THR F 331 -26.36 -18.34 -41.89
CA THR F 331 -26.86 -17.27 -41.02
C THR F 331 -27.88 -16.46 -41.84
N ARG F 332 -28.18 -16.94 -43.05
CA ARG F 332 -29.11 -16.33 -44.02
C ARG F 332 -28.63 -14.92 -44.45
N ILE F 333 -27.30 -14.72 -44.49
CA ILE F 333 -26.65 -13.48 -44.95
C ILE F 333 -26.46 -13.61 -46.47
N ASN F 334 -26.04 -14.79 -46.92
CA ASN F 334 -25.92 -15.10 -48.33
C ASN F 334 -26.33 -16.58 -48.52
N PHE F 335 -27.62 -16.84 -48.27
CA PHE F 335 -28.18 -18.19 -48.37
C PHE F 335 -28.19 -18.67 -49.85
N ALA F 336 -28.26 -17.75 -50.83
CA ALA F 336 -28.21 -18.08 -52.26
C ALA F 336 -26.90 -18.83 -52.64
N SER F 337 -25.80 -18.55 -51.94
CA SER F 337 -24.52 -19.21 -52.12
C SER F 337 -24.51 -20.62 -51.47
N LYS F 338 -25.58 -20.98 -50.73
CA LYS F 338 -25.65 -22.24 -50.02
C LYS F 338 -26.62 -23.23 -50.71
N TRP F 339 -27.66 -23.75 -50.01
CA TRP F 339 -28.53 -24.78 -50.58
C TRP F 339 -29.94 -24.27 -50.92
N GLU F 340 -30.08 -22.97 -51.16
CA GLU F 340 -31.36 -22.37 -51.59
C GLU F 340 -31.87 -23.06 -52.87
N ASP F 341 -30.94 -23.34 -53.80
CA ASP F 341 -31.24 -23.99 -55.09
C ASP F 341 -31.67 -25.46 -54.92
N MSE F 342 -31.67 -26.00 -53.69
CA MSE F 342 -32.10 -27.38 -53.47
C MSE F 342 -33.50 -27.43 -52.81
O MSE F 342 -34.07 -28.53 -52.64
CB MSE F 342 -31.07 -28.14 -52.62
CG MSE F 342 -29.76 -28.38 -53.37
SE MSE F 342 -28.50 -29.38 -52.31
CE MSE F 342 -29.28 -31.09 -52.46
N LEU F 343 -34.06 -26.27 -52.45
CA LEU F 343 -35.38 -26.23 -51.81
C LEU F 343 -36.49 -26.23 -52.85
N THR F 344 -37.67 -26.76 -52.46
CA THR F 344 -38.85 -26.73 -53.32
C THR F 344 -39.42 -25.31 -53.19
N LYS F 345 -40.20 -24.86 -54.17
CA LYS F 345 -40.78 -23.51 -54.18
C LYS F 345 -41.66 -23.23 -52.96
N THR F 346 -42.29 -24.27 -52.39
CA THR F 346 -43.20 -24.15 -51.23
C THR F 346 -42.56 -24.50 -49.87
N THR F 347 -41.22 -24.72 -49.80
CA THR F 347 -40.56 -25.04 -48.53
C THR F 347 -40.53 -23.77 -47.67
N PRO F 348 -41.11 -23.80 -46.45
CA PRO F 348 -41.05 -22.61 -45.58
C PRO F 348 -39.63 -22.41 -45.02
N VAL F 349 -39.21 -21.14 -44.97
CA VAL F 349 -37.90 -20.74 -44.50
C VAL F 349 -38.13 -19.69 -43.38
N PRO F 350 -37.78 -19.98 -42.11
CA PRO F 350 -37.25 -21.26 -41.59
C PRO F 350 -38.30 -22.37 -41.60
N THR F 351 -37.85 -23.63 -41.59
CA THR F 351 -38.73 -24.79 -41.67
C THR F 351 -39.20 -25.22 -40.27
N PRO F 352 -40.53 -25.20 -39.97
CA PRO F 352 -40.99 -25.58 -38.62
C PRO F 352 -40.74 -27.04 -38.34
N VAL F 353 -40.27 -27.32 -37.11
CA VAL F 353 -39.93 -28.66 -36.62
C VAL F 353 -41.18 -29.58 -36.71
N ALA F 354 -42.40 -29.01 -36.46
CA ALA F 354 -43.65 -29.79 -36.53
C ALA F 354 -43.93 -30.36 -37.93
N ASP F 355 -43.49 -29.71 -39.03
CA ASP F 355 -43.69 -30.15 -40.42
C ASP F 355 -42.41 -30.76 -41.03
N LYS F 356 -41.52 -31.17 -40.16
CA LYS F 356 -40.24 -31.87 -40.34
C LYS F 356 -40.36 -32.99 -41.43
N ALA F 357 -41.35 -33.91 -41.22
CA ALA F 357 -41.59 -35.09 -42.07
C ALA F 357 -41.86 -34.75 -43.55
N LYS F 358 -42.28 -33.50 -43.83
CA LYS F 358 -42.61 -33.01 -45.16
C LYS F 358 -41.45 -32.44 -45.93
N TYR F 359 -40.41 -31.94 -45.24
CA TYR F 359 -39.28 -31.31 -45.94
C TYR F 359 -37.93 -31.94 -45.59
N PRO F 360 -37.49 -33.01 -46.32
CA PRO F 360 -36.17 -33.62 -46.03
C PRO F 360 -35.03 -32.59 -46.10
N ILE F 361 -35.14 -31.60 -47.00
CA ILE F 361 -34.23 -30.48 -47.14
C ILE F 361 -35.02 -29.22 -46.73
N GLY F 362 -34.49 -28.47 -45.78
CA GLY F 362 -35.13 -27.24 -45.33
C GLY F 362 -34.10 -26.29 -44.78
N VAL F 363 -34.59 -25.34 -43.98
CA VAL F 363 -33.76 -24.33 -43.32
C VAL F 363 -34.16 -24.45 -41.85
N TYR F 364 -33.54 -25.40 -41.15
CA TYR F 364 -33.90 -25.72 -39.77
C TYR F 364 -33.08 -24.92 -38.81
N GLU F 365 -33.76 -24.13 -37.95
CA GLU F 365 -33.04 -23.29 -37.00
C GLU F 365 -32.33 -24.16 -35.97
N GLY F 366 -31.06 -23.86 -35.77
CA GLY F 366 -30.16 -24.57 -34.87
C GLY F 366 -29.04 -25.20 -35.68
N GLY F 367 -27.81 -24.84 -35.38
CA GLY F 367 -26.62 -25.39 -36.05
C GLY F 367 -25.43 -24.59 -35.62
N GLY F 368 -24.23 -25.10 -35.89
CA GLY F 368 -22.98 -24.43 -35.55
C GLY F 368 -22.92 -24.00 -34.10
N TYR F 369 -23.42 -24.88 -33.20
CA TYR F 369 -23.46 -24.81 -31.72
C TYR F 369 -24.56 -23.88 -31.20
N SER F 370 -25.19 -23.03 -32.05
CA SER F 370 -26.24 -22.09 -31.57
C SER F 370 -27.62 -22.56 -31.92
N ALA F 371 -28.53 -22.44 -30.96
CA ALA F 371 -29.93 -22.81 -31.17
C ALA F 371 -30.65 -21.77 -32.03
N LYS F 372 -30.16 -20.53 -32.05
CA LYS F 372 -30.83 -19.42 -32.75
C LYS F 372 -29.91 -18.69 -33.70
N GLY F 373 -30.46 -18.27 -34.85
CA GLY F 373 -29.75 -17.48 -35.84
C GLY F 373 -28.87 -18.21 -36.83
N ILE F 374 -28.57 -19.47 -36.57
CA ILE F 374 -27.78 -20.36 -37.43
C ILE F 374 -28.72 -21.48 -37.83
N TYR F 375 -28.69 -21.89 -39.12
CA TYR F 375 -29.60 -22.89 -39.66
C TYR F 375 -28.88 -24.00 -40.34
N ARG F 376 -29.46 -25.22 -40.29
CA ARG F 376 -28.89 -26.44 -40.87
C ARG F 376 -29.83 -26.95 -42.00
N PRO F 377 -29.36 -27.83 -42.91
CA PRO F 377 -30.16 -28.19 -44.09
C PRO F 377 -31.22 -29.27 -43.89
N ALA F 378 -31.15 -30.03 -42.80
CA ALA F 378 -32.11 -31.11 -42.55
C ALA F 378 -32.36 -31.19 -41.06
N PHE F 379 -33.44 -31.87 -40.62
CA PHE F 379 -33.71 -31.99 -39.18
C PHE F 379 -32.57 -32.73 -38.49
N ASP F 380 -32.03 -33.77 -39.13
CA ASP F 380 -30.96 -34.58 -38.57
C ASP F 380 -29.96 -34.94 -39.67
N CYS F 381 -28.74 -35.30 -39.27
CA CYS F 381 -27.59 -35.54 -40.14
C CYS F 381 -26.49 -36.19 -39.33
N ARG F 382 -25.58 -36.89 -40.03
CA ARG F 382 -24.34 -37.41 -39.48
C ARG F 382 -23.55 -36.24 -38.80
N MSE F 383 -23.66 -35.03 -39.37
CA MSE F 383 -22.99 -33.83 -38.85
C MSE F 383 -23.68 -33.27 -37.59
O MSE F 383 -23.08 -32.44 -36.91
CB MSE F 383 -22.82 -32.76 -39.92
CG MSE F 383 -21.78 -33.16 -41.01
SE MSE F 383 -20.14 -34.02 -40.32
CE MSE F 383 -19.47 -32.56 -39.28
N ARG F 384 -24.85 -33.83 -37.22
CA ARG F 384 -25.58 -33.42 -35.99
C ARG F 384 -25.52 -34.51 -34.88
N THR F 385 -25.76 -35.77 -35.22
CA THR F 385 -25.79 -36.84 -34.21
C THR F 385 -25.07 -38.09 -34.72
N ASN F 386 -24.60 -38.94 -33.79
CA ASN F 386 -23.99 -40.24 -34.13
C ASN F 386 -25.03 -41.29 -34.54
N GLU F 387 -26.25 -41.20 -34.00
CA GLU F 387 -27.33 -42.18 -34.22
C GLU F 387 -27.98 -42.06 -35.61
N TYR F 388 -27.91 -40.87 -36.24
CA TYR F 388 -28.50 -40.69 -37.57
C TYR F 388 -27.62 -41.42 -38.59
N PRO F 389 -28.20 -42.19 -39.54
CA PRO F 389 -27.34 -43.05 -40.40
C PRO F 389 -26.58 -42.39 -41.54
N THR F 390 -27.01 -41.22 -42.02
CA THR F 390 -26.36 -40.66 -43.21
C THR F 390 -26.06 -39.18 -43.11
N PHE F 391 -25.24 -38.69 -44.07
CA PHE F 391 -25.06 -37.27 -44.31
C PHE F 391 -26.34 -36.77 -44.92
N CYS F 392 -26.81 -35.57 -44.55
CA CYS F 392 -27.99 -34.98 -45.14
C CYS F 392 -27.71 -34.70 -46.66
N PRO F 393 -28.74 -34.43 -47.51
CA PRO F 393 -28.47 -34.24 -48.95
C PRO F 393 -27.52 -33.08 -49.25
N VAL F 394 -27.48 -32.06 -48.39
CA VAL F 394 -26.63 -30.88 -48.59
C VAL F 394 -25.17 -31.22 -48.27
N CYS F 395 -24.93 -32.00 -47.21
CA CYS F 395 -23.58 -32.46 -46.86
C CYS F 395 -23.05 -33.36 -47.98
N GLN F 396 -23.92 -34.23 -48.52
CA GLN F 396 -23.57 -35.12 -49.62
C GLN F 396 -23.14 -34.31 -50.87
N ARG F 397 -23.89 -33.26 -51.23
CA ARG F 397 -23.51 -32.40 -52.37
C ARG F 397 -22.18 -31.67 -52.09
N ALA F 398 -22.01 -31.17 -50.86
CA ALA F 398 -20.79 -30.47 -50.47
C ALA F 398 -19.56 -31.41 -50.57
N ILE F 399 -19.68 -32.66 -50.08
CA ILE F 399 -18.59 -33.65 -50.16
C ILE F 399 -18.31 -34.02 -51.64
N GLN F 400 -19.38 -34.22 -52.45
CA GLN F 400 -19.22 -34.53 -53.87
C GLN F 400 -18.47 -33.41 -54.61
N ARG F 401 -18.76 -32.13 -54.28
CA ARG F 401 -18.08 -30.98 -54.87
C ARG F 401 -16.59 -31.00 -54.52
N ILE F 402 -16.23 -31.43 -53.28
CA ILE F 402 -14.81 -31.55 -52.86
C ILE F 402 -14.13 -32.68 -53.68
N ILE F 403 -14.79 -33.87 -53.80
CA ILE F 403 -14.25 -35.01 -54.57
C ILE F 403 -14.02 -34.57 -56.05
N GLU F 404 -14.99 -33.89 -56.65
CA GLU F 404 -14.94 -33.43 -58.04
C GLU F 404 -13.88 -32.33 -58.22
N PHE F 405 -13.68 -31.45 -57.23
CA PHE F 405 -12.66 -30.40 -57.28
C PHE F 405 -11.24 -31.02 -57.48
N TYR F 406 -10.97 -32.09 -56.74
CA TYR F 406 -9.67 -32.78 -56.76
C TYR F 406 -9.54 -33.87 -57.81
N THR F 407 -10.65 -34.42 -58.38
CA THR F 407 -10.53 -35.53 -59.34
C THR F 407 -11.38 -35.36 -60.63
N GLY F 408 -12.11 -34.25 -60.77
CA GLY F 408 -12.97 -34.00 -61.93
C GLY F 408 -14.41 -34.45 -61.78
N LYS F 409 -15.30 -33.96 -62.68
CA LYS F 409 -16.73 -34.30 -62.67
C LYS F 409 -16.96 -35.78 -63.02
NA NA G . -21.08 27.62 -25.32
ZN ZN H . -28.15 7.40 -12.32
ZN ZN I . -37.97 11.93 -14.35
O1 2PE J . -35.52 -3.97 -10.01
C2 2PE J . -35.62 -2.86 -9.09
C3 2PE J . -34.30 -2.65 -8.37
O4 2PE J . -33.56 -1.67 -9.11
C5 2PE J . -32.48 -1.12 -8.38
C6 2PE J . -31.80 -0.02 -9.17
O7 2PE J . -31.27 -0.50 -10.42
C8 2PE J . -30.53 0.48 -11.16
C9 2PE J . -31.41 1.14 -12.22
O10 2PE J . -30.72 1.31 -13.46
C11 2PE J . -30.48 2.68 -13.78
C12 2PE J . -29.83 2.76 -15.15
O13 2PE J . -28.76 3.68 -15.11
C14 2PE J . -27.55 3.17 -15.68
C15 2PE J . -26.46 3.17 -14.63
O16 2PE J . -25.32 2.45 -15.10
C17 2PE J . -24.14 2.62 -14.31
C18 2PE J . -23.86 1.43 -13.38
O19 2PE J . -22.89 1.77 -12.39
C20 2PE J . -23.41 1.85 -11.05
C21 2PE J . -23.01 3.19 -10.39
O22 2PE J . -23.19 3.12 -8.97
C23 2PE J . -23.73 4.32 -8.37
C24 2PE J . -25.14 4.10 -7.83
O25 2PE J . -25.26 4.50 -6.46
C26 2PE J . -26.46 3.98 -5.86
C27 2PE J . -26.18 3.08 -4.65
O28 2PE J . -26.54 3.76 -3.43
P PO4 K . 0.17 4.29 -16.40
O1 PO4 K . 1.39 4.98 -17.11
O2 PO4 K . -0.97 4.06 -17.44
O3 PO4 K . 0.67 2.96 -15.77
O4 PO4 K . -0.39 5.23 -15.29
P PO4 L . -0.08 20.46 -21.04
O1 PO4 L . 1.27 19.96 -21.62
O2 PO4 L . -0.45 21.82 -21.71
O3 PO4 L . -1.18 19.41 -21.32
O4 PO4 L . 0.06 20.66 -19.51
C1 GOL M . -26.47 39.65 -17.45
O1 GOL M . -26.92 40.01 -18.75
C2 GOL M . -27.59 39.61 -16.45
O2 GOL M . -27.06 39.29 -15.15
C3 GOL M . -28.66 38.61 -16.83
O3 GOL M . -29.54 38.34 -15.74
CL CL N . -14.16 -5.67 -23.52
NA NA O . 20.33 -0.75 -6.99
ZN ZN P . 21.81 24.55 -4.91
ZN ZN Q . 31.38 21.29 0.40
O1 2PE R . 25.76 36.70 -4.34
C2 2PE R . 26.76 35.79 -3.84
C3 2PE R . 26.64 34.40 -4.46
O4 2PE R . 25.33 34.17 -5.00
C5 2PE R . 24.96 32.80 -5.10
C6 2PE R . 24.83 32.38 -6.58
O7 2PE R . 24.44 31.01 -6.73
C8 2PE R . 25.51 30.08 -6.58
C9 2PE R . 25.78 29.31 -7.86
O10 2PE R . 25.56 27.92 -7.60
C11 2PE R . 25.28 27.19 -8.80
C12 2PE R . 24.15 26.23 -8.60
O13 2PE R . 23.24 26.33 -9.69
C14 2PE R . 21.88 26.18 -9.32
C15 2PE R . 20.95 26.75 -10.39
O16 2PE R . 20.15 27.86 -9.90
C17 2PE R . 18.88 27.50 -9.34
C18 2PE R . 18.50 28.44 -8.21
O19 2PE R . 17.57 27.76 -7.36
C20 2PE R . 17.39 28.38 -6.08
C21 2PE R . 17.25 27.32 -4.99
O22 2PE R . 16.81 27.90 -3.76
C23 2PE R . 16.01 27.00 -3.00
C24 2PE R . 15.52 27.63 -1.69
O25 2PE R . 14.10 27.49 -1.55
C26 2PE R . 13.57 28.29 -0.49
C27 2PE R . 12.38 29.14 -0.97
O28 2PE R . 12.56 30.52 -0.63
C1 GOL S . 19.88 -5.28 7.72
O1 GOL S . 18.86 -4.57 8.42
C2 GOL S . 21.14 -5.46 8.54
O2 GOL S . 21.55 -4.21 9.12
C3 GOL S . 22.27 -5.99 7.69
O3 GOL S . 21.88 -7.21 7.06
C1 GOL T . 13.13 8.56 -6.56
O1 GOL T . 14.19 8.95 -5.69
C2 GOL T . 11.81 9.17 -6.16
O2 GOL T . 10.77 8.25 -6.48
C3 GOL T . 11.60 10.49 -6.90
O3 GOL T . 10.24 10.81 -7.25
C1 GOL U . 0.45 -9.12 -5.29
O1 GOL U . 1.51 -8.72 -6.17
C2 GOL U . 0.43 -10.62 -5.07
O2 GOL U . -0.39 -10.93 -3.93
C3 GOL U . 1.77 -11.27 -4.92
O3 GOL U . 2.63 -10.55 -4.04
C1 GOL V . 19.54 19.02 1.63
O1 GOL V . 19.54 20.37 2.10
C2 GOL V . 18.19 18.62 1.06
O2 GOL V . 17.14 18.95 1.99
C3 GOL V . 17.96 19.29 -0.29
O3 GOL V . 16.69 18.98 -0.82
C1 GOL W . 31.63 34.37 17.28
O1 GOL W . 31.62 34.54 15.86
C2 GOL W . 32.65 33.35 17.71
O2 GOL W . 33.98 33.86 17.52
C3 GOL W . 32.44 32.96 19.15
O3 GOL W . 33.24 31.84 19.48
CL CL X . 16.52 27.27 -25.72
CL CL Y . 16.14 -3.25 -18.79
CL CL Z . 9.08 26.40 10.19
CL CL AA . 10.60 -10.40 19.49
CL CL BA . 30.27 20.70 19.47
NA NA CA . -28.88 25.14 48.50
ZN ZN DA . -30.40 4.01 34.96
ZN ZN EA . -40.37 4.26 39.56
O1 2PE FA . -34.91 -5.65 28.71
C2 2PE FA . -34.27 -4.41 28.36
C3 2PE FA . -33.74 -3.72 29.61
O4 2PE FA . -32.67 -2.82 29.29
C5 2PE FA . -33.12 -1.47 29.21
C6 2PE FA . -31.98 -0.47 29.35
O7 2PE FA . -32.46 0.84 29.00
C8 2PE FA . -32.99 1.61 30.08
C9 2PE FA . -33.51 2.98 29.62
O10 2PE FA . -32.88 4.03 30.35
C11 2PE FA . -31.91 4.75 29.59
C12 2PE FA . -30.78 5.23 30.50
O13 2PE FA . -29.73 5.94 29.79
C14 2PE FA . -28.78 5.12 29.11
C15 2PE FA . -27.42 5.08 29.80
O16 2PE FA . -26.71 3.92 29.38
C17 2PE FA . -25.52 3.76 30.13
C18 2PE FA . -25.26 2.29 30.48
O19 2PE FA . -24.78 2.19 31.82
C20 2PE FA . -25.40 1.13 32.56
C21 2PE FA . -25.29 1.44 34.05
O22 2PE FA . -25.96 0.42 34.81
C23 2PE FA . -25.06 -0.34 35.64
C24 2PE FA . -24.86 -1.76 35.11
O25 2PE FA . -26.02 -2.24 34.38
C26 2PE FA . -25.84 -3.52 33.76
C27 2PE FA . -25.88 -4.64 34.80
O28 2PE FA . -26.17 -5.89 34.15
P PO4 GA . -5.89 15.96 27.62
O1 PO4 GA . -7.02 16.98 27.28
O2 PO4 GA . -5.53 15.13 26.34
O3 PO4 GA . -4.64 16.73 28.12
O4 PO4 GA . -6.38 15.02 28.75
C1 GOL HA . -37.66 33.47 47.69
O1 GOL HA . -36.94 34.05 46.61
C2 GOL HA . -37.34 34.19 48.97
O2 GOL HA . -35.92 34.20 49.13
C3 GOL HA . -37.85 35.58 48.69
O3 GOL HA . -38.18 36.22 49.91
C1 GOL IA . -26.85 4.98 42.01
O1 GOL IA . -25.68 5.74 41.92
C2 GOL IA . -27.09 4.57 43.45
O2 GOL IA . -26.05 3.69 43.91
C3 GOL IA . -28.46 3.95 43.59
O3 GOL IA . -28.57 2.74 42.85
C1 GOL JA . -32.52 21.13 63.80
O1 GOL JA . -33.19 22.12 63.03
C2 GOL JA . -32.18 19.92 62.95
O2 GOL JA . -33.35 19.12 62.75
C3 GOL JA . -31.07 19.09 63.56
O3 GOL JA . -29.87 19.23 62.80
C1 GOL KA . -18.60 15.91 43.75
O1 GOL KA . -18.42 15.59 42.37
C2 GOL KA . -19.75 16.84 44.03
O2 GOL KA . -19.69 17.25 45.40
C3 GOL KA . -21.10 16.20 43.79
O3 GOL KA . -22.16 17.14 43.96
C1 GOL LA . -37.20 6.65 53.99
O1 GOL LA . -37.33 8.03 53.67
C2 GOL LA . -35.83 6.32 54.54
O2 GOL LA . -35.36 7.36 55.39
C3 GOL LA . -34.83 6.03 53.45
O3 GOL LA . -33.53 5.76 54.00
C1 GOL MA . -10.46 7.97 32.35
O1 GOL MA . -9.70 8.52 31.27
C2 GOL MA . -9.85 6.69 32.89
O2 GOL MA . -8.56 6.96 33.46
C3 GOL MA . -9.75 5.54 31.90
O3 GOL MA . -10.91 4.72 31.96
C1 GOL NA . -13.64 36.55 37.25
O1 GOL NA . -14.05 36.14 38.57
C2 GOL NA . -12.44 37.49 37.19
O2 GOL NA . -11.94 37.53 35.85
C3 GOL NA . -11.28 37.27 38.13
O3 GOL NA . -11.64 37.54 39.47
CL CL OA . -21.23 13.72 17.56
NA NA PA . 16.16 12.24 24.04
ZN ZN QA . 19.16 20.76 47.58
ZN ZN RA . 29.68 17.61 45.07
O1 2PE SA . 25.34 27.58 56.68
C2 2PE SA . 24.67 26.57 57.49
C3 2PE SA . 24.10 25.48 56.59
O4 2PE SA . 22.80 25.91 56.19
C5 2PE SA . 22.16 25.02 55.28
C6 2PE SA . 22.46 25.40 53.83
O7 2PE SA . 21.29 25.82 53.11
C8 2PE SA . 21.30 25.40 51.74
C9 2PE SA . 22.12 26.29 50.80
O10 2PE SA . 22.21 25.60 49.54
C11 2PE SA . 21.45 26.17 48.48
C12 2PE SA . 20.46 25.14 47.94
O13 2PE SA . 19.25 25.79 47.57
C14 2PE SA . 18.19 25.60 48.52
C15 2PE SA . 16.85 26.03 47.91
O16 2PE SA . 15.97 26.57 48.90
C17 2PE SA . 14.75 25.83 49.05
C18 2PE SA . 14.59 25.27 50.47
O19 2PE SA . 13.76 24.10 50.52
C20 2PE SA . 14.49 22.88 50.29
C21 2PE SA . 13.71 21.63 50.69
O22 2PE SA . 13.87 21.34 52.08
C23 2PE SA . 14.71 20.21 52.34
C24 2PE SA . 15.71 20.53 53.46
O25 2PE SA . 15.69 19.55 54.49
C26 2PE SA . 16.62 19.86 55.53
C27 2PE SA . 15.96 19.78 56.90
O28 2PE SA . 16.02 18.45 57.44
P PO4 TA . -7.56 26.12 41.01
O1 PO4 TA . -6.48 26.72 40.04
O2 PO4 TA . -8.81 25.69 40.18
O3 PO4 TA . -6.98 24.86 41.69
O4 PO4 TA . -7.97 27.17 42.08
C1 GOL UA . 22.63 -1.77 24.50
O1 GOL UA . 22.02 -2.20 23.30
C2 GOL UA . 22.62 -2.86 25.54
O2 GOL UA . 23.58 -2.54 26.57
C3 GOL UA . 21.30 -3.24 26.19
O3 GOL UA . 20.15 -2.70 25.55
C1 GOL VA . 5.34 20.89 16.96
O1 GOL VA . 4.48 21.85 17.55
C2 GOL VA . 5.15 19.54 17.63
O2 GOL VA . 5.49 18.48 16.73
C3 GOL VA . 5.90 19.42 18.95
O3 GOL VA . 7.28 19.14 18.78
C1 GOL WA . -6.15 3.42 32.13
O1 GOL WA . -6.11 4.26 30.98
C2 GOL WA . -7.35 2.49 32.15
O2 GOL WA . -7.33 1.69 33.33
C3 GOL WA . -7.49 1.59 30.94
O3 GOL WA . -6.40 0.69 30.77
C1 GOL XA . 9.39 13.28 34.99
O1 GOL XA . 10.39 13.21 33.96
C2 GOL XA . 8.01 13.23 34.41
O2 GOL XA . 7.91 12.06 33.58
C3 GOL XA . 6.93 13.16 35.46
O3 GOL XA . 6.67 14.39 36.13
C1 GOL YA . 16.56 13.56 45.12
O1 GOL YA . 15.19 13.50 44.77
C2 GOL YA . 17.20 12.20 45.01
O2 GOL YA . 16.45 11.22 45.77
C3 GOL YA . 18.63 12.26 45.48
O3 GOL YA . 18.66 12.54 46.88
C1 GOL ZA . 23.17 16.62 12.82
O1 GOL ZA . 23.40 15.31 12.30
C2 GOL ZA . 23.09 16.62 14.32
O2 GOL ZA . 22.10 17.56 14.75
C3 GOL ZA . 22.67 15.24 14.80
O3 GOL ZA . 21.43 14.87 14.20
C1 GOL AB . 36.03 0.99 52.61
O1 GOL AB . 36.97 0.45 51.67
C2 GOL AB . 34.67 0.31 52.48
O2 GOL AB . 34.10 0.64 51.23
C3 GOL AB . 33.68 0.53 53.59
O3 GOL AB . 33.23 1.87 53.64
C1 GOL BB . 33.82 8.15 34.22
O1 GOL BB . 32.75 8.45 33.34
C2 GOL BB . 33.56 6.91 35.05
O2 GOL BB . 33.10 5.84 34.23
C3 GOL BB . 34.84 6.48 35.74
O3 GOL BB . 34.67 5.20 36.37
C1 GOL CB . -4.04 22.72 17.39
O1 GOL CB . -3.81 21.40 16.92
C2 GOL CB . -2.85 23.63 17.23
O2 GOL CB . -3.29 24.99 17.39
C3 GOL CB . -1.66 23.39 18.15
O3 GOL CB . -0.96 22.17 17.87
C1 GOL DB . 15.68 19.24 47.62
O1 GOL DB . 15.22 20.31 46.83
C2 GOL DB . 14.71 18.09 47.52
O2 GOL DB . 13.62 18.29 48.43
C3 GOL DB . 15.42 16.78 47.84
O3 GOL DB . 16.24 16.40 46.75
CL CL EB . 6.93 38.06 43.70
CL CL FB . 27.11 3.82 39.29
CL CL GB . 15.66 -18.27 26.31
CL CL HB . 37.29 6.81 62.14
CL CL IB . 29.75 20.89 23.49
NA NA JB . 21.74 -33.97 -8.69
ZN ZN KB . 34.20 -21.67 -26.97
ZN ZN LB . 40.44 -19.20 -18.15
O1 2PE MB . 42.74 -17.52 -32.61
C2 2PE MB . 41.35 -17.19 -32.60
C3 2PE MB . 40.56 -18.37 -33.15
O4 2PE MB . 40.49 -19.40 -32.15
C5 2PE MB . 39.70 -20.50 -32.60
C6 2PE MB . 38.97 -21.16 -31.43
O7 2PE MB . 39.83 -22.07 -30.72
C8 2PE MB . 39.30 -22.44 -29.43
C9 2PE MB . 38.93 -23.92 -29.43
O10 2PE MB . 37.54 -24.07 -29.16
C11 2PE MB . 37.06 -25.34 -29.60
C12 2PE MB . 35.63 -25.17 -30.11
O13 2PE MB . 35.52 -25.63 -31.45
C14 2PE MB . 34.16 -25.62 -31.90
C15 2PE MB . 34.07 -25.15 -33.34
O16 2PE MB . 33.98 -26.28 -34.22
P PO4 NB . 13.72 -37.03 -39.93
O1 PO4 NB . 13.83 -35.48 -39.99
O2 PO4 NB . 14.28 -37.63 -41.25
O3 PO4 NB . 14.54 -37.56 -38.72
O4 PO4 NB . 12.21 -37.41 -39.79
C1 GOL OB . 28.98 -17.96 -21.48
O1 GOL OB . 29.29 -16.91 -22.39
C2 GOL OB . 27.69 -18.63 -21.87
O2 GOL OB . 26.73 -17.63 -22.25
C3 GOL OB . 27.91 -19.61 -23.01
O3 GOL OB . 26.69 -20.17 -23.46
C1 GOL PB . 29.25 -8.02 -12.52
O1 GOL PB . 28.75 -7.05 -13.44
C2 GOL PB . 28.26 -9.12 -12.26
O2 GOL PB . 26.95 -8.57 -12.02
C3 GOL PB . 28.68 -9.94 -11.05
O3 GOL PB . 29.80 -10.79 -11.33
C1 GOL QB . 10.89 -51.21 -19.76
O1 GOL QB . 10.77 -51.95 -20.97
C2 GOL QB . 9.53 -50.91 -19.19
O2 GOL QB . 8.77 -50.17 -20.14
C3 GOL QB . 9.57 -50.14 -17.88
O3 GOL QB . 8.27 -49.95 -17.35
C1 GOL RB . 18.44 -29.14 -21.47
O1 GOL RB . 17.71 -28.54 -22.53
C2 GOL RB . 18.35 -28.43 -20.13
O2 GOL RB . 17.00 -28.40 -19.66
C3 GOL RB . 19.18 -29.21 -19.14
O3 GOL RB . 20.40 -28.53 -18.85
C1 GOL SB . 17.92 -20.90 0.45
O1 GOL SB . 17.19 -22.12 0.26
C2 GOL SB . 19.00 -21.00 1.50
O2 GOL SB . 20.01 -20.01 1.26
C3 GOL SB . 19.66 -22.36 1.67
O3 GOL SB . 18.81 -23.24 2.39
CL CL TB . 32.09 -39.13 -40.92
NA NA UB . -3.66 -37.80 -55.07
ZN ZN VB . -18.01 -32.33 -35.16
ZN ZN WB . -25.66 -32.30 -43.02
O1 2PE XB . -28.14 -33.14 -26.88
C2 2PE XB . -28.29 -31.88 -27.54
C3 2PE XB . -26.95 -31.15 -27.57
O4 2PE XB . -25.97 -31.91 -28.28
C5 2PE XB . -24.81 -32.14 -27.46
C6 2PE XB . -23.53 -32.23 -28.28
O7 2PE XB . -23.71 -33.14 -29.37
C8 2PE XB . -22.51 -33.85 -29.74
C9 2PE XB . -22.87 -34.82 -30.86
O10 2PE XB . -21.68 -35.12 -31.58
C11 2PE XB . -21.85 -36.29 -32.38
C12 2PE XB . -20.54 -36.64 -33.09
O13 2PE XB . -19.38 -36.08 -32.48
C14 2PE XB . -18.37 -37.04 -32.21
C15 2PE XB . -17.07 -36.36 -31.83
O16 2PE XB . -16.98 -36.13 -30.43
C17 2PE XB . -15.79 -35.44 -30.07
C18 2PE XB . -16.13 -34.21 -29.21
O19 2PE XB . -15.24 -33.17 -29.63
C20 2PE XB . -15.68 -31.84 -29.34
C21 2PE XB . -15.48 -30.95 -30.57
O22 2PE XB . -15.14 -29.62 -30.19
C23 2PE XB . -16.11 -28.63 -30.56
C24 2PE XB . -17.19 -28.45 -29.48
O25 2PE XB . -17.37 -27.07 -29.14
C26 2PE XB . -18.69 -26.79 -28.68
C27 2PE XB . -18.72 -25.53 -27.83
O28 2PE XB . -18.72 -24.38 -28.68
C1 GOL YB . -15.23 -26.51 -40.15
O1 GOL YB . -16.19 -25.66 -39.57
C2 GOL YB . -13.97 -26.49 -39.32
O2 GOL YB . -13.16 -25.34 -39.65
C3 GOL YB . -13.17 -27.76 -39.50
O3 GOL YB . -11.95 -27.65 -38.80
C1 GOL ZB . -6.16 -23.68 -63.80
O1 GOL ZB . -5.20 -24.27 -62.91
C2 GOL ZB . -7.42 -24.52 -63.90
O2 GOL ZB . -8.47 -23.76 -64.52
C3 GOL ZB . -7.24 -25.82 -64.63
O3 GOL ZB . -8.46 -26.55 -64.65
C1 GOL AC . 15.89 -48.59 -45.27
O1 GOL AC . 15.62 -47.44 -46.06
C2 GOL AC . 14.70 -48.90 -44.38
O2 GOL AC . 13.58 -49.30 -45.16
C3 GOL AC . 15.04 -49.96 -43.36
O3 GOL AC . 14.31 -49.77 -42.15
CL CL BC . -8.50 -48.41 -23.27
CL CL CC . -19.86 -17.76 -48.41
#